data_5JJK
#
_entry.id   5JJK
#
_cell.length_a   68.760
_cell.length_b   199.210
_cell.length_c   112.200
_cell.angle_alpha   90.000
_cell.angle_beta   104.830
_cell.angle_gamma   90.000
#
_symmetry.space_group_name_H-M   'P 1 21 1'
#
loop_
_entity.id
_entity.type
_entity.pdbx_description
1 polymer 'Transcription termination factor Rho'
2 polymer "rA12: RNA (5'-R(P*AP*AP*AP*AP*AP*AP*A)-3')"
3 non-polymer "ADENOSINE-5'-DIPHOSPHATE"
4 non-polymer 'MAGNESIUM ION'
5 non-polymer 'BERYLLIUM TRIFLUORIDE ION'
6 water water
#
loop_
_entity_poly.entity_id
_entity_poly.type
_entity_poly.pdbx_seq_one_letter_code
_entity_poly.pdbx_strand_id
1 'polypeptide(L)'
;(MSE)GH(MSE)NLTELKNTPVSELITLGEN(MSE)GLENLAR(MSE)RKQDIIFAILKQHAKSGEDIFGDGVLEILQDG
FGFLRSADSSYLAGPDDIYVSPSQIRRFNLRTGDTISGKIRPPKEGERYFALLKVNEVNFDKPENARNKILFENLTPLHA
NSRLR(MSE)ERGNGSTEDLTARVLDLASPIGRGQRGLIVAPPKAGKT(MSE)LLQNIAQSIAYNHPDCVL(MSE)VLLI
DERPEEVTE(MSE)QRLVKGEVVASTFDEPASRHVQVAE(MSE)VIEKAKRLVEHKKDVIILLDSITRLARAYNTVVPAS
GKVLTGGVDANALHRPKRFFGAARNVEEGGSLTIIATALIDTGSK(MSE)DEVIYEEFKGTGN(MSE)ELHLSRKIAEKR
VFPAIDYNRSGTRKEELLTTQEELQK(MSE)WILRKIIHP(MSE)GEIDA(MSE)EFLINKLA(MSE)TKTNDDFFE
(MSE)(MSE)K
;
A,B,C,D,E,F
2 'polyribonucleotide' AAAAAAAAAAAA G
#
loop_
_chem_comp.id
_chem_comp.type
_chem_comp.name
_chem_comp.formula
A RNA linking ADENOSINE-5'-MONOPHOSPHATE 'C10 H14 N5 O7 P'
ADP non-polymer ADENOSINE-5'-DIPHOSPHATE 'C10 H15 N5 O10 P2'
BEF non-polymer 'BERYLLIUM TRIFLUORIDE ION' 'Be F3 -1'
MG non-polymer 'MAGNESIUM ION' 'Mg 2'
#
# COMPACT_ATOMS: atom_id res chain seq x y z
N MSE A 4 33.11 -46.93 -29.91
CA MSE A 4 31.79 -46.84 -30.50
C MSE A 4 30.77 -46.34 -29.49
O MSE A 4 30.08 -47.13 -28.84
CB MSE A 4 31.36 -48.20 -31.05
CG MSE A 4 30.14 -48.14 -31.96
SE MSE A 4 30.50 -47.16 -33.60
CE MSE A 4 28.81 -47.51 -34.51
N ASN A 5 30.67 -45.03 -29.34
CA ASN A 5 29.82 -44.41 -28.34
C ASN A 5 28.75 -43.56 -29.00
N LEU A 6 27.52 -43.65 -28.46
CA LEU A 6 26.40 -42.87 -28.99
C LEU A 6 26.69 -41.38 -28.90
N THR A 7 27.12 -40.92 -27.72
CA THR A 7 27.40 -39.50 -27.55
C THR A 7 28.58 -39.06 -28.42
N GLU A 8 29.63 -39.88 -28.48
CA GLU A 8 30.80 -39.53 -29.27
C GLU A 8 30.44 -39.32 -30.74
N LEU A 9 29.65 -40.23 -31.31
CA LEU A 9 29.23 -40.09 -32.70
C LEU A 9 28.38 -38.85 -32.91
N LYS A 10 27.59 -38.46 -31.90
CA LYS A 10 26.80 -37.25 -32.01
C LYS A 10 27.68 -36.00 -31.97
N ASN A 11 28.82 -36.07 -31.29
CA ASN A 11 29.75 -34.95 -31.25
C ASN A 11 30.70 -34.96 -32.44
N THR A 12 30.95 -36.12 -33.02
CA THR A 12 31.85 -36.21 -34.16
C THR A 12 31.24 -35.50 -35.37
N PRO A 13 32.04 -34.74 -36.13
CA PRO A 13 31.49 -34.00 -37.28
C PRO A 13 30.79 -34.92 -38.28
N VAL A 14 29.73 -34.39 -38.89
CA VAL A 14 28.91 -35.18 -39.82
C VAL A 14 29.77 -35.74 -40.95
N SER A 15 30.70 -34.94 -41.47
CA SER A 15 31.56 -35.39 -42.55
C SER A 15 32.36 -36.63 -42.15
N GLU A 16 32.69 -36.76 -40.87
CA GLU A 16 33.41 -37.93 -40.39
C GLU A 16 32.50 -39.15 -40.29
N LEU A 17 31.23 -38.94 -39.93
CA LEU A 17 30.28 -40.05 -39.84
C LEU A 17 29.98 -40.63 -41.21
N ILE A 18 29.88 -39.77 -42.23
CA ILE A 18 29.60 -40.22 -43.59
C ILE A 18 30.70 -41.16 -44.07
N THR A 19 31.96 -40.77 -43.84
CA THR A 19 33.08 -41.61 -44.26
C THR A 19 33.10 -42.94 -43.50
N LEU A 20 32.96 -42.88 -42.17
CA LEU A 20 32.96 -44.09 -41.37
C LEU A 20 31.78 -44.98 -41.73
N GLY A 21 30.60 -44.38 -41.94
CA GLY A 21 29.43 -45.16 -42.33
C GLY A 21 29.53 -45.74 -43.72
N GLU A 22 30.32 -45.11 -44.60
CA GLU A 22 30.56 -45.65 -45.94
C GLU A 22 31.51 -46.85 -45.89
N ASN A 23 32.44 -46.87 -44.92
CA ASN A 23 33.35 -47.99 -44.81
C ASN A 23 32.66 -49.25 -44.29
N MSE A 24 31.81 -49.10 -43.28
CA MSE A 24 31.13 -50.23 -42.68
C MSE A 24 30.06 -50.79 -43.63
O MSE A 24 29.74 -51.98 -43.58
CB MSE A 24 30.48 -49.83 -41.36
CG MSE A 24 31.44 -49.24 -40.35
SE MSE A 24 30.57 -48.81 -38.66
CE MSE A 24 30.02 -50.61 -38.14
N GLY A 25 29.53 -49.93 -44.49
CA GLY A 25 28.50 -50.33 -45.43
C GLY A 25 27.13 -49.80 -45.08
N ARG A 33 19.75 -37.26 -42.30
CA ARG A 33 20.25 -36.32 -41.29
C ARG A 33 21.34 -36.95 -40.45
N LYS A 34 21.70 -36.27 -39.35
CA LYS A 34 22.72 -36.79 -38.44
C LYS A 34 22.14 -37.78 -37.44
N GLN A 35 20.84 -37.69 -37.14
CA GLN A 35 20.19 -38.65 -36.25
C GLN A 35 19.89 -39.96 -36.95
N ASP A 36 19.56 -39.91 -38.25
CA ASP A 36 19.27 -41.12 -38.99
C ASP A 36 20.54 -41.85 -39.42
N ILE A 37 21.63 -41.11 -39.64
CA ILE A 37 22.88 -41.76 -40.04
C ILE A 37 23.55 -42.42 -38.84
N ILE A 38 23.46 -41.80 -37.66
CA ILE A 38 24.08 -42.40 -36.48
C ILE A 38 23.33 -43.65 -36.07
N PHE A 39 22.03 -43.72 -36.37
CA PHE A 39 21.26 -44.92 -36.08
C PHE A 39 21.62 -46.06 -37.01
N ALA A 40 21.81 -45.76 -38.30
CA ALA A 40 22.18 -46.79 -39.26
C ALA A 40 23.59 -47.31 -39.02
N ILE A 41 24.47 -46.48 -38.46
CA ILE A 41 25.83 -46.91 -38.17
C ILE A 41 25.86 -47.77 -36.90
N LEU A 42 25.04 -47.43 -35.91
CA LEU A 42 25.01 -48.21 -34.67
C LEU A 42 24.38 -49.58 -34.91
N LYS A 43 23.26 -49.63 -35.62
CA LYS A 43 22.60 -50.91 -35.88
C LYS A 43 23.47 -51.81 -36.76
N GLN A 44 24.23 -51.23 -37.69
CA GLN A 44 25.14 -52.00 -38.51
C GLN A 44 26.31 -52.53 -37.68
N HIS A 45 26.74 -51.75 -36.70
CA HIS A 45 27.75 -52.20 -35.73
C HIS A 45 27.19 -53.28 -34.80
N ALA A 46 25.87 -53.32 -34.63
CA ALA A 46 25.24 -54.36 -33.80
C ALA A 46 25.18 -55.69 -34.53
N LYS A 47 24.92 -55.66 -35.84
CA LYS A 47 24.92 -56.88 -36.64
C LYS A 47 26.30 -57.54 -36.67
N SER A 48 27.37 -56.75 -36.49
CA SER A 48 28.71 -57.33 -36.41
C SER A 48 28.93 -58.11 -35.13
N GLY A 49 28.06 -57.94 -34.13
CA GLY A 49 28.24 -58.55 -32.83
C GLY A 49 28.93 -57.67 -31.81
N GLU A 50 29.61 -56.61 -32.26
CA GLU A 50 30.31 -55.72 -31.36
C GLU A 50 29.32 -54.98 -30.46
N ASP A 51 29.87 -54.35 -29.42
CA ASP A 51 29.07 -53.67 -28.41
C ASP A 51 28.81 -52.22 -28.81
N ILE A 52 27.64 -51.72 -28.40
CA ILE A 52 27.24 -50.33 -28.60
C ILE A 52 27.15 -49.67 -27.22
N PHE A 53 27.58 -48.41 -27.13
CA PHE A 53 27.63 -47.71 -25.86
C PHE A 53 26.83 -46.41 -25.92
N GLY A 54 26.45 -45.93 -24.74
CA GLY A 54 25.69 -44.69 -24.60
C GLY A 54 25.61 -44.29 -23.15
N ASP A 55 25.16 -43.05 -22.93
CA ASP A 55 25.11 -42.50 -21.57
C ASP A 55 24.16 -41.30 -21.53
N GLY A 56 23.91 -40.83 -20.32
CA GLY A 56 23.03 -39.70 -20.08
C GLY A 56 22.58 -39.64 -18.64
N VAL A 57 21.87 -38.56 -18.31
CA VAL A 57 21.38 -38.34 -16.95
C VAL A 57 19.95 -38.88 -16.85
N LEU A 58 19.73 -39.76 -15.88
CA LEU A 58 18.46 -40.47 -15.76
C LEU A 58 17.35 -39.55 -15.25
N GLU A 59 16.14 -39.77 -15.76
CA GLU A 59 14.94 -39.08 -15.29
C GLU A 59 13.81 -40.10 -15.18
N ILE A 60 13.44 -40.44 -13.95
CA ILE A 60 12.40 -41.44 -13.72
C ILE A 60 11.03 -40.78 -13.90
N LEU A 61 10.17 -41.42 -14.68
CA LEU A 61 8.84 -40.90 -14.96
C LEU A 61 7.82 -41.51 -14.01
N GLN A 62 6.59 -40.96 -14.06
CA GLN A 62 5.53 -41.40 -13.16
C GLN A 62 5.19 -42.87 -13.36
N ASP A 63 5.27 -43.36 -14.60
CA ASP A 63 4.89 -44.74 -14.88
C ASP A 63 5.86 -45.73 -14.25
N GLY A 64 7.11 -45.35 -14.07
CA GLY A 64 8.10 -46.24 -13.49
C GLY A 64 9.41 -46.25 -14.24
N PHE A 65 9.34 -46.36 -15.57
CA PHE A 65 10.54 -46.37 -16.39
C PHE A 65 11.17 -44.98 -16.43
N GLY A 66 12.35 -44.90 -17.06
CA GLY A 66 13.08 -43.66 -17.15
C GLY A 66 13.83 -43.55 -18.45
N PHE A 67 14.37 -42.35 -18.69
CA PHE A 67 15.13 -42.03 -19.89
C PHE A 67 16.42 -41.32 -19.54
N LEU A 68 17.47 -41.60 -20.30
CA LEU A 68 18.77 -40.97 -20.12
C LEU A 68 18.79 -39.70 -20.97
N ARG A 69 18.54 -38.56 -20.33
CA ARG A 69 18.49 -37.28 -21.03
C ARG A 69 19.90 -36.85 -21.44
N SER A 70 19.96 -36.01 -22.46
CA SER A 70 21.21 -35.49 -22.99
C SER A 70 21.44 -34.06 -22.52
N ALA A 71 22.70 -33.75 -22.18
CA ALA A 71 23.05 -32.38 -21.80
C ALA A 71 22.90 -31.40 -22.96
N ASP A 72 22.83 -31.91 -24.20
CA ASP A 72 22.66 -31.03 -25.35
C ASP A 72 21.24 -30.47 -25.41
N SER A 73 20.25 -31.28 -25.04
CA SER A 73 18.86 -30.84 -25.01
C SER A 73 18.47 -30.23 -23.67
N SER A 74 19.45 -29.71 -22.91
CA SER A 74 19.21 -29.11 -21.60
C SER A 74 18.50 -30.10 -20.66
N TYR A 75 18.84 -31.38 -20.80
CA TYR A 75 18.26 -32.47 -20.00
C TYR A 75 16.76 -32.58 -20.22
N LEU A 76 16.30 -32.27 -21.42
CA LEU A 76 14.89 -32.37 -21.77
C LEU A 76 14.67 -33.57 -22.69
N ALA A 77 13.42 -33.78 -23.08
CA ALA A 77 13.06 -34.92 -23.89
C ALA A 77 13.72 -34.83 -25.26
N GLY A 78 14.46 -35.88 -25.62
CA GLY A 78 15.14 -35.93 -26.90
C GLY A 78 14.94 -37.27 -27.59
N PRO A 79 15.04 -37.28 -28.92
CA PRO A 79 14.88 -38.53 -29.66
C PRO A 79 16.05 -39.48 -29.49
N ASP A 80 17.16 -39.03 -28.91
CA ASP A 80 18.34 -39.87 -28.70
C ASP A 80 18.42 -40.43 -27.30
N ASP A 81 17.39 -40.22 -26.47
CA ASP A 81 17.39 -40.71 -25.10
C ASP A 81 17.34 -42.23 -25.06
N ILE A 82 17.85 -42.80 -23.97
CA ILE A 82 17.98 -44.24 -23.82
C ILE A 82 16.98 -44.70 -22.78
N TYR A 83 16.12 -45.65 -23.16
CA TYR A 83 15.12 -46.19 -22.25
C TYR A 83 15.79 -46.96 -21.12
N VAL A 84 15.21 -46.85 -19.92
CA VAL A 84 15.75 -47.51 -18.73
C VAL A 84 14.63 -48.34 -18.10
N SER A 85 14.86 -49.65 -17.99
CA SER A 85 13.83 -50.53 -17.47
C SER A 85 13.60 -50.29 -15.99
N PRO A 86 12.34 -50.43 -15.52
CA PRO A 86 12.09 -50.28 -14.08
C PRO A 86 12.87 -51.27 -13.23
N SER A 87 13.13 -52.48 -13.75
CA SER A 87 13.95 -53.44 -13.03
C SER A 87 15.37 -52.93 -12.84
N GLN A 88 15.90 -52.20 -13.83
CA GLN A 88 17.23 -51.62 -13.69
C GLN A 88 17.26 -50.53 -12.63
N ILE A 89 16.17 -49.76 -12.52
CA ILE A 89 16.09 -48.71 -11.51
C ILE A 89 16.05 -49.33 -10.12
N ARG A 90 15.28 -50.41 -9.95
CA ARG A 90 15.13 -51.01 -8.63
C ARG A 90 16.38 -51.78 -8.23
N ARG A 91 17.03 -52.46 -9.18
CA ARG A 91 18.17 -53.28 -8.83
C ARG A 91 19.36 -52.45 -8.38
N PHE A 92 19.54 -51.27 -8.97
CA PHE A 92 20.64 -50.39 -8.63
C PHE A 92 20.21 -49.17 -7.82
N ASN A 93 18.97 -49.15 -7.33
CA ASN A 93 18.45 -48.06 -6.51
C ASN A 93 18.66 -46.71 -7.20
N LEU A 94 18.40 -46.67 -8.50
CA LEU A 94 18.61 -45.46 -9.29
C LEU A 94 17.53 -44.43 -8.99
N ARG A 95 17.92 -43.16 -9.00
CA ARG A 95 17.00 -42.05 -8.80
C ARG A 95 17.28 -40.97 -9.85
N THR A 96 16.32 -40.05 -9.97
CA THR A 96 16.43 -38.98 -10.97
C THR A 96 17.68 -38.14 -10.73
N GLY A 97 18.54 -38.07 -11.73
CA GLY A 97 19.80 -37.36 -11.65
C GLY A 97 21.02 -38.23 -11.81
N ASP A 98 20.89 -39.54 -11.62
CA ASP A 98 22.03 -40.45 -11.74
C ASP A 98 22.53 -40.50 -13.18
N THR A 99 23.84 -40.27 -13.35
CA THR A 99 24.48 -40.40 -14.65
C THR A 99 24.78 -41.87 -14.91
N ILE A 100 24.26 -42.39 -16.02
CA ILE A 100 24.35 -43.82 -16.35
C ILE A 100 25.22 -44.00 -17.59
N SER A 101 26.11 -44.99 -17.55
CA SER A 101 26.96 -45.36 -18.67
C SER A 101 26.88 -46.87 -18.86
N GLY A 102 26.48 -47.30 -20.05
CA GLY A 102 26.37 -48.71 -20.32
C GLY A 102 26.17 -48.99 -21.79
N LYS A 103 25.90 -50.26 -22.09
CA LYS A 103 25.75 -50.72 -23.47
C LYS A 103 24.28 -50.68 -23.90
N ILE A 104 24.03 -50.15 -25.10
CA ILE A 104 22.68 -49.97 -25.62
C ILE A 104 22.53 -50.77 -26.91
N ARG A 105 21.29 -50.92 -27.36
CA ARG A 105 20.99 -51.66 -28.58
C ARG A 105 19.88 -50.97 -29.36
N PRO A 106 19.84 -51.19 -30.67
CA PRO A 106 18.81 -50.55 -31.50
C PRO A 106 17.42 -50.96 -31.05
N PRO A 107 16.44 -50.05 -31.18
CA PRO A 107 15.08 -50.36 -30.75
C PRO A 107 14.46 -51.48 -31.58
N LYS A 108 13.81 -52.41 -30.90
CA LYS A 108 13.14 -53.52 -31.58
C LYS A 108 12.03 -52.99 -32.49
N GLU A 109 11.46 -53.90 -33.26
CA GLU A 109 10.40 -53.56 -34.20
C GLU A 109 9.17 -53.11 -33.43
N GLY A 110 9.01 -51.80 -33.27
CA GLY A 110 7.89 -51.25 -32.54
C GLY A 110 8.33 -50.20 -31.53
N GLU A 111 9.63 -50.03 -31.38
CA GLU A 111 10.20 -49.05 -30.46
C GLU A 111 10.88 -47.93 -31.24
N ARG A 112 11.10 -46.81 -30.56
CA ARG A 112 11.71 -45.64 -31.17
C ARG A 112 12.93 -45.13 -30.41
N TYR A 113 13.33 -45.79 -29.32
CA TYR A 113 14.44 -45.35 -28.50
C TYR A 113 15.40 -46.50 -28.27
N PHE A 114 16.69 -46.18 -28.20
CA PHE A 114 17.69 -47.18 -27.85
C PHE A 114 17.46 -47.68 -26.42
N ALA A 115 17.68 -48.97 -26.21
CA ALA A 115 17.44 -49.60 -24.91
C ALA A 115 18.76 -49.99 -24.25
N LEU A 116 18.85 -49.70 -22.97
CA LEU A 116 20.05 -50.02 -22.19
C LEU A 116 19.98 -51.46 -21.72
N LEU A 117 20.99 -52.26 -22.10
CA LEU A 117 21.05 -53.65 -21.66
C LEU A 117 21.62 -53.76 -20.26
N LYS A 118 22.85 -53.30 -20.06
CA LYS A 118 23.56 -53.40 -18.80
C LYS A 118 24.22 -52.06 -18.48
N VAL A 119 24.23 -51.69 -17.21
CA VAL A 119 24.84 -50.45 -16.76
C VAL A 119 26.29 -50.75 -16.37
N ASN A 120 27.24 -50.20 -17.13
CA ASN A 120 28.64 -50.41 -16.81
C ASN A 120 29.13 -49.50 -15.70
N GLU A 121 28.45 -48.38 -15.46
CA GLU A 121 28.94 -47.40 -14.50
C GLU A 121 27.82 -46.40 -14.19
N VAL A 122 27.70 -46.04 -12.91
CA VAL A 122 26.69 -45.09 -12.46
C VAL A 122 27.38 -43.99 -11.66
N ASN A 123 27.16 -42.74 -12.05
CA ASN A 123 27.79 -41.59 -11.41
C ASN A 123 29.31 -41.74 -11.40
N PHE A 124 29.85 -42.30 -12.47
CA PHE A 124 31.28 -42.54 -12.65
C PHE A 124 31.84 -43.50 -11.59
N ASP A 125 30.98 -44.30 -10.97
CA ASP A 125 31.37 -45.28 -9.97
C ASP A 125 30.65 -46.58 -10.25
N LYS A 126 31.39 -47.66 -10.43
CA LYS A 126 30.77 -48.95 -10.73
C LYS A 126 29.83 -49.36 -9.61
N PRO A 127 28.64 -49.91 -9.92
CA PRO A 127 27.63 -50.36 -8.97
C PRO A 127 28.18 -51.34 -7.93
N ASN A 132 24.70 -49.26 -2.45
CA ASN A 132 25.13 -49.19 -1.07
C ASN A 132 25.74 -47.83 -0.74
N LYS A 133 25.01 -46.76 -1.08
CA LYS A 133 25.45 -45.41 -0.85
C LYS A 133 24.44 -44.66 0.03
N ILE A 134 24.95 -43.73 0.83
CA ILE A 134 24.09 -42.93 1.70
C ILE A 134 23.42 -41.83 0.88
N LEU A 135 22.12 -41.66 1.07
CA LEU A 135 21.36 -40.70 0.30
C LEU A 135 21.76 -39.27 0.64
N PHE A 136 21.43 -38.34 -0.26
CA PHE A 136 21.80 -36.95 -0.10
C PHE A 136 21.12 -36.34 1.12
N GLU A 137 19.86 -36.70 1.37
CA GLU A 137 19.13 -36.13 2.49
C GLU A 137 19.72 -36.56 3.83
N ASN A 138 20.35 -37.74 3.86
CA ASN A 138 20.95 -38.25 5.09
C ASN A 138 22.37 -37.73 5.34
N LEU A 139 23.00 -37.14 4.32
CA LEU A 139 24.36 -36.63 4.46
C LEU A 139 24.44 -35.59 5.57
N THR A 140 25.42 -35.76 6.46
CA THR A 140 25.51 -34.85 7.60
C THR A 140 26.14 -33.53 7.16
N PRO A 141 25.48 -32.40 7.38
CA PRO A 141 25.97 -31.12 6.87
C PRO A 141 27.00 -30.48 7.80
N LEU A 142 27.82 -29.62 7.22
CA LEU A 142 28.86 -28.92 7.97
C LEU A 142 29.08 -27.54 7.36
N HIS A 143 29.82 -26.71 8.10
CA HIS A 143 30.23 -25.41 7.59
C HIS A 143 31.35 -25.57 6.58
N ALA A 144 31.37 -24.68 5.59
CA ALA A 144 32.42 -24.69 4.57
C ALA A 144 33.78 -24.51 5.22
N ASN A 145 34.63 -25.53 5.09
CA ASN A 145 35.97 -25.48 5.67
C ASN A 145 37.09 -25.55 4.64
N SER A 146 36.78 -25.73 3.36
CA SER A 146 37.78 -25.80 2.30
C SER A 146 37.65 -24.56 1.42
N ARG A 147 38.68 -23.73 1.44
CA ARG A 147 38.63 -22.45 0.75
C ARG A 147 38.73 -22.63 -0.76
N LEU A 148 37.92 -21.86 -1.49
CA LEU A 148 37.93 -21.82 -2.96
C LEU A 148 38.33 -20.42 -3.38
N ARG A 149 39.63 -20.20 -3.55
CA ARG A 149 40.14 -18.87 -3.85
C ARG A 149 39.78 -18.46 -5.28
N MSE A 150 39.33 -17.22 -5.43
CA MSE A 150 38.91 -16.71 -6.72
C MSE A 150 40.04 -16.00 -7.46
O MSE A 150 40.05 -15.94 -8.69
CB MSE A 150 37.74 -15.73 -6.56
CG MSE A 150 36.50 -16.37 -5.96
SE MSE A 150 35.88 -17.88 -7.02
CE MSE A 150 34.47 -18.51 -5.84
N GLU A 151 41.02 -15.49 -6.70
CA GLU A 151 42.13 -14.76 -7.30
C GLU A 151 42.90 -15.66 -8.26
N ARG A 152 43.20 -15.12 -9.43
CA ARG A 152 44.01 -15.84 -10.42
C ARG A 152 45.48 -15.48 -10.35
N GLY A 153 45.81 -14.25 -9.91
CA GLY A 153 47.19 -13.83 -9.83
C GLY A 153 47.81 -13.38 -11.14
N ASN A 154 47.02 -13.22 -12.20
CA ASN A 154 47.56 -12.79 -13.48
C ASN A 154 47.79 -11.28 -13.53
N GLY A 155 47.22 -10.52 -12.60
CA GLY A 155 47.39 -9.08 -12.58
C GLY A 155 46.47 -8.30 -13.48
N SER A 156 45.57 -8.97 -14.20
CA SER A 156 44.65 -8.28 -15.10
C SER A 156 43.63 -7.47 -14.29
N THR A 157 42.88 -6.62 -15.01
CA THR A 157 41.82 -5.85 -14.37
C THR A 157 40.67 -6.76 -13.93
N GLU A 158 40.43 -7.86 -14.65
CA GLU A 158 39.41 -8.81 -14.24
C GLU A 158 39.74 -9.46 -12.91
N ASP A 159 41.04 -9.61 -12.61
CA ASP A 159 41.45 -10.23 -11.35
C ASP A 159 41.06 -9.37 -10.15
N LEU A 160 40.93 -8.06 -10.33
CA LEU A 160 40.53 -7.18 -9.23
C LEU A 160 39.19 -7.62 -8.62
N THR A 161 38.24 -7.99 -9.48
CA THR A 161 36.96 -8.47 -8.98
C THR A 161 37.13 -9.72 -8.13
N ALA A 162 37.99 -10.64 -8.56
CA ALA A 162 38.24 -11.85 -7.78
C ALA A 162 39.03 -11.56 -6.52
N ARG A 163 39.92 -10.57 -6.57
CA ARG A 163 40.71 -10.22 -5.38
C ARG A 163 39.85 -9.55 -4.32
N VAL A 164 38.98 -8.62 -4.73
CA VAL A 164 38.06 -7.99 -3.79
C VAL A 164 37.09 -9.01 -3.21
N LEU A 165 36.67 -9.97 -4.04
CA LEU A 165 35.74 -11.00 -3.56
C LEU A 165 36.39 -11.86 -2.48
N ASP A 166 37.68 -12.18 -2.64
CA ASP A 166 38.38 -12.96 -1.62
C ASP A 166 38.48 -12.21 -0.30
N LEU A 167 38.58 -10.88 -0.35
CA LEU A 167 38.71 -10.10 0.87
C LEU A 167 37.36 -9.80 1.50
N ALA A 168 36.30 -9.67 0.70
CA ALA A 168 34.98 -9.33 1.20
C ALA A 168 34.18 -10.58 1.59
N SER A 169 34.09 -11.55 0.70
CA SER A 169 33.26 -12.74 0.93
C SER A 169 33.98 -13.99 0.45
N PRO A 170 34.81 -14.59 1.31
CA PRO A 170 35.48 -15.84 0.93
C PRO A 170 34.48 -16.96 0.70
N ILE A 171 34.68 -17.70 -0.39
CA ILE A 171 33.77 -18.77 -0.79
C ILE A 171 34.46 -20.11 -0.59
N GLY A 172 33.78 -21.03 0.09
CA GLY A 172 34.29 -22.37 0.31
C GLY A 172 33.40 -23.43 -0.32
N ARG A 173 33.82 -24.68 -0.13
CA ARG A 173 33.09 -25.82 -0.69
C ARG A 173 31.81 -26.06 0.10
N GLY A 174 30.69 -26.20 -0.63
CA GLY A 174 29.40 -26.29 0.00
C GLY A 174 28.80 -24.97 0.40
N GLN A 175 29.29 -23.86 -0.15
CA GLN A 175 28.79 -22.54 0.18
C GLN A 175 27.40 -22.33 -0.40
N ARG A 176 26.57 -21.57 0.33
CA ARG A 176 25.19 -21.30 -0.07
C ARG A 176 25.02 -19.77 -0.06
N GLY A 177 25.52 -19.10 -1.10
CA GLY A 177 25.57 -17.66 -1.15
C GLY A 177 24.70 -17.07 -2.24
N LEU A 178 24.55 -15.74 -2.17
CA LEU A 178 23.74 -14.98 -3.09
C LEU A 178 24.47 -13.71 -3.54
N ILE A 179 24.17 -13.28 -4.77
CA ILE A 179 24.69 -12.03 -5.31
C ILE A 179 23.54 -11.05 -5.47
N VAL A 180 23.20 -10.36 -4.39
CA VAL A 180 22.02 -9.50 -4.36
C VAL A 180 22.37 -8.13 -4.92
N ALA A 181 21.55 -7.64 -5.87
CA ALA A 181 21.73 -6.31 -6.45
C ALA A 181 20.60 -5.94 -7.41
N PRO A 182 20.32 -4.65 -7.56
CA PRO A 182 19.34 -4.21 -8.56
C PRO A 182 19.84 -4.50 -9.97
N PRO A 183 19.00 -4.35 -10.99
CA PRO A 183 19.47 -4.57 -12.37
C PRO A 183 20.59 -3.61 -12.72
N LYS A 184 21.48 -4.08 -13.59
CA LYS A 184 22.61 -3.33 -14.14
C LYS A 184 23.68 -3.06 -13.10
N ALA A 185 23.62 -3.70 -11.93
CA ALA A 185 24.63 -3.48 -10.91
C ALA A 185 25.91 -4.26 -11.19
N GLY A 186 25.80 -5.38 -11.90
CA GLY A 186 26.98 -6.18 -12.22
C GLY A 186 26.92 -7.58 -11.66
N LYS A 187 25.71 -8.13 -11.52
CA LYS A 187 25.57 -9.47 -10.94
C LYS A 187 26.05 -10.54 -11.91
N THR A 188 25.64 -10.45 -13.18
CA THR A 188 25.96 -11.49 -14.14
C THR A 188 27.45 -11.59 -14.39
N MSE A 189 28.10 -10.46 -14.66
CA MSE A 189 29.54 -10.44 -14.91
C MSE A 189 30.32 -10.83 -13.65
O MSE A 189 31.42 -11.36 -13.73
CB MSE A 189 29.99 -9.08 -15.41
CG MSE A 189 29.59 -8.80 -16.85
SE MSE A 189 30.41 -7.16 -17.52
CE MSE A 189 32.28 -7.63 -17.26
N LEU A 190 29.74 -10.53 -12.49
CA LEU A 190 30.30 -11.05 -11.23
C LEU A 190 30.29 -12.57 -11.24
N LEU A 191 29.16 -13.16 -11.62
CA LEU A 191 29.07 -14.62 -11.68
C LEU A 191 29.97 -15.19 -12.77
N GLN A 192 30.07 -14.50 -13.91
CA GLN A 192 30.99 -14.92 -14.97
C GLN A 192 32.42 -14.94 -14.46
N ASN A 193 32.83 -13.89 -13.73
CA ASN A 193 34.17 -13.83 -13.18
C ASN A 193 34.43 -14.95 -12.19
N ILE A 194 33.39 -15.39 -11.48
CA ILE A 194 33.52 -16.52 -10.57
C ILE A 194 33.70 -17.82 -11.37
N ALA A 195 32.86 -18.02 -12.39
CA ALA A 195 32.94 -19.24 -13.20
C ALA A 195 34.33 -19.41 -13.79
N GLN A 196 34.95 -18.32 -14.23
CA GLN A 196 36.31 -18.41 -14.78
C GLN A 196 37.32 -18.75 -13.68
N SER A 197 37.10 -18.22 -12.47
CA SER A 197 38.01 -18.52 -11.37
C SER A 197 37.91 -19.97 -10.95
N ILE A 198 36.69 -20.53 -10.95
CA ILE A 198 36.51 -21.93 -10.58
C ILE A 198 37.15 -22.85 -11.61
N ALA A 199 37.04 -22.49 -12.90
CA ALA A 199 37.57 -23.34 -13.95
C ALA A 199 39.10 -23.26 -14.03
N TYR A 200 39.68 -22.12 -13.67
CA TYR A 200 41.13 -21.95 -13.72
C TYR A 200 41.82 -22.44 -12.45
N ASN A 201 41.22 -22.20 -11.29
CA ASN A 201 41.84 -22.59 -10.02
C ASN A 201 41.45 -23.99 -9.58
N HIS A 202 40.20 -24.39 -9.77
CA HIS A 202 39.69 -25.67 -9.27
C HIS A 202 39.03 -26.45 -10.40
N PRO A 203 39.83 -26.98 -11.33
CA PRO A 203 39.26 -27.88 -12.35
C PRO A 203 38.69 -29.15 -11.75
N ASP A 204 39.11 -29.52 -10.54
CA ASP A 204 38.61 -30.72 -9.89
C ASP A 204 37.11 -30.64 -9.61
N CYS A 205 36.60 -29.44 -9.35
CA CYS A 205 35.19 -29.26 -9.03
C CYS A 205 34.34 -29.31 -10.30
N VAL A 206 33.16 -29.91 -10.18
CA VAL A 206 32.22 -30.01 -11.29
C VAL A 206 31.49 -28.69 -11.43
N LEU A 207 31.79 -27.93 -12.48
CA LEU A 207 31.21 -26.62 -12.70
C LEU A 207 29.96 -26.73 -13.55
N MSE A 208 28.85 -26.19 -13.05
CA MSE A 208 27.60 -26.14 -13.81
C MSE A 208 26.97 -24.74 -13.73
O MSE A 208 26.58 -24.29 -12.65
CB MSE A 208 26.61 -27.18 -13.28
CG MSE A 208 27.01 -28.63 -13.54
SE MSE A 208 25.59 -29.90 -13.13
CE MSE A 208 25.38 -29.53 -11.23
N VAL A 209 26.89 -24.07 -14.88
CA VAL A 209 26.33 -22.72 -14.96
C VAL A 209 24.89 -22.83 -15.43
N LEU A 210 23.96 -22.43 -14.57
CA LEU A 210 22.53 -22.49 -14.86
C LEU A 210 22.01 -21.07 -15.05
N LEU A 211 21.48 -20.79 -16.25
CA LEU A 211 20.97 -19.46 -16.61
C LEU A 211 19.48 -19.59 -16.88
N ILE A 212 18.66 -19.00 -16.01
CA ILE A 212 17.21 -19.16 -16.07
C ILE A 212 16.58 -17.80 -16.33
N ASP A 213 15.79 -17.71 -17.39
CA ASP A 213 14.94 -16.55 -17.69
C ASP A 213 15.77 -15.27 -17.80
N GLU A 214 16.92 -15.38 -18.45
CA GLU A 214 17.84 -14.26 -18.61
C GLU A 214 18.12 -14.02 -20.09
N ARG A 215 18.99 -13.05 -20.34
CA ARG A 215 19.22 -12.57 -21.69
C ARG A 215 19.90 -13.66 -22.53
N PRO A 216 19.56 -13.76 -23.82
CA PRO A 216 20.21 -14.80 -24.63
C PRO A 216 21.66 -14.51 -24.93
N GLU A 217 22.04 -13.24 -25.05
CA GLU A 217 23.43 -12.89 -25.33
C GLU A 217 24.35 -13.38 -24.21
N GLU A 218 23.89 -13.30 -22.96
CA GLU A 218 24.67 -13.78 -21.84
C GLU A 218 24.84 -15.30 -21.88
N VAL A 219 23.91 -16.01 -22.53
CA VAL A 219 24.05 -17.45 -22.70
C VAL A 219 25.15 -17.74 -23.72
N THR A 220 25.12 -17.05 -24.86
CA THR A 220 26.17 -17.23 -25.87
C THR A 220 27.53 -16.78 -25.34
N GLU A 221 27.55 -15.72 -24.54
CA GLU A 221 28.80 -15.20 -24.01
C GLU A 221 29.42 -16.17 -23.00
N MSE A 222 28.61 -16.64 -22.04
CA MSE A 222 29.08 -17.53 -20.99
C MSE A 222 29.74 -18.79 -21.55
O MSE A 222 30.78 -19.23 -21.06
CB MSE A 222 27.92 -17.92 -20.07
CG MSE A 222 28.34 -18.78 -18.88
SE MSE A 222 29.14 -17.73 -17.44
CE MSE A 222 27.54 -16.81 -16.83
N GLN A 223 29.11 -19.37 -22.59
CA GLN A 223 29.60 -20.60 -23.17
C GLN A 223 31.00 -20.46 -23.74
N ARG A 224 31.34 -19.28 -24.26
CA ARG A 224 32.63 -19.07 -24.89
C ARG A 224 33.71 -18.64 -23.91
N LEU A 225 33.34 -18.28 -22.68
CA LEU A 225 34.29 -17.79 -21.69
C LEU A 225 34.43 -18.73 -20.50
N VAL A 226 33.73 -19.87 -20.50
CA VAL A 226 33.73 -20.78 -19.36
C VAL A 226 34.05 -22.19 -19.87
N LYS A 227 34.98 -22.86 -19.17
CA LYS A 227 35.35 -24.24 -19.48
C LYS A 227 34.52 -25.17 -18.61
N GLY A 228 33.30 -25.44 -19.06
CA GLY A 228 32.43 -26.32 -18.32
C GLY A 228 31.06 -26.43 -18.95
N GLU A 229 30.16 -27.07 -18.22
CA GLU A 229 28.79 -27.30 -18.68
C GLU A 229 27.94 -26.06 -18.45
N VAL A 230 27.22 -25.63 -19.48
CA VAL A 230 26.39 -24.42 -19.43
C VAL A 230 24.97 -24.83 -19.84
N VAL A 231 24.10 -24.97 -18.85
CA VAL A 231 22.67 -25.27 -19.07
C VAL A 231 21.90 -23.96 -18.93
N ALA A 232 21.21 -23.55 -19.99
CA ALA A 232 20.55 -22.26 -20.00
C ALA A 232 19.14 -22.37 -20.57
N SER A 233 18.27 -21.47 -20.10
CA SER A 233 16.88 -21.40 -20.56
C SER A 233 16.54 -19.92 -20.70
N THR A 234 16.61 -19.40 -21.92
CA THR A 234 16.35 -17.99 -22.21
C THR A 234 14.97 -17.59 -21.72
N PHE A 235 14.81 -16.28 -21.45
CA PHE A 235 13.50 -15.74 -21.11
C PHE A 235 12.46 -15.96 -22.21
N ASP A 236 12.89 -16.30 -23.43
CA ASP A 236 11.95 -16.70 -24.46
C ASP A 236 11.23 -17.98 -24.08
N GLU A 237 11.92 -18.88 -23.37
CA GLU A 237 11.36 -20.19 -23.07
C GLU A 237 10.25 -20.07 -22.02
N PRO A 238 9.26 -20.97 -22.06
CA PRO A 238 8.19 -20.93 -21.07
C PRO A 238 8.72 -21.21 -19.67
N ALA A 239 7.99 -20.71 -18.67
CA ALA A 239 8.36 -20.95 -17.28
C ALA A 239 8.39 -22.43 -16.94
N SER A 240 7.56 -23.23 -17.62
CA SER A 240 7.57 -24.68 -17.40
C SER A 240 8.92 -25.29 -17.78
N ARG A 241 9.54 -24.77 -18.84
CA ARG A 241 10.87 -25.25 -19.22
C ARG A 241 11.92 -24.82 -18.22
N HIS A 242 11.78 -23.64 -17.63
CA HIS A 242 12.71 -23.19 -16.60
C HIS A 242 12.73 -24.16 -15.42
N VAL A 243 11.54 -24.54 -14.94
CA VAL A 243 11.45 -25.43 -13.78
C VAL A 243 12.05 -26.78 -14.10
N GLN A 244 11.64 -27.38 -15.21
CA GLN A 244 12.09 -28.73 -15.56
C GLN A 244 13.60 -28.80 -15.67
N VAL A 245 14.21 -27.84 -16.37
CA VAL A 245 15.66 -27.81 -16.51
C VAL A 245 16.32 -27.65 -15.13
N ALA A 246 15.80 -26.74 -14.31
CA ALA A 246 16.39 -26.52 -12.99
C ALA A 246 16.27 -27.74 -12.10
N GLU A 247 15.20 -28.53 -12.27
CA GLU A 247 15.03 -29.72 -11.45
C GLU A 247 15.99 -30.82 -11.85
N MSE A 248 16.23 -30.98 -13.14
CA MSE A 248 17.16 -32.00 -13.63
C MSE A 248 18.59 -31.70 -13.16
O MSE A 248 19.36 -32.61 -12.86
CB MSE A 248 17.11 -32.09 -15.15
CG MSE A 248 15.84 -32.72 -15.69
SE MSE A 248 15.68 -34.59 -15.21
CE MSE A 248 17.29 -35.27 -16.08
N VAL A 249 18.93 -30.42 -13.12
CA VAL A 249 20.28 -30.02 -12.73
C VAL A 249 20.50 -30.26 -11.23
N ILE A 250 19.58 -29.79 -10.41
CA ILE A 250 19.75 -29.89 -8.95
C ILE A 250 19.79 -31.34 -8.52
N GLU A 251 19.07 -32.21 -9.21
CA GLU A 251 19.06 -33.62 -8.84
C GLU A 251 20.35 -34.31 -9.27
N LYS A 252 20.85 -33.98 -10.46
CA LYS A 252 22.15 -34.50 -10.89
C LYS A 252 23.24 -34.11 -9.89
N ALA A 253 23.21 -32.86 -9.41
CA ALA A 253 24.18 -32.43 -8.41
C ALA A 253 24.05 -33.25 -7.13
N LYS A 254 22.81 -33.45 -6.66
CA LYS A 254 22.60 -34.27 -5.46
C LYS A 254 23.19 -35.66 -5.63
N ARG A 255 22.97 -36.29 -6.79
CA ARG A 255 23.49 -37.63 -7.02
C ARG A 255 25.02 -37.64 -7.02
N LEU A 256 25.64 -36.62 -7.59
CA LEU A 256 27.10 -36.55 -7.60
C LEU A 256 27.65 -36.32 -6.20
N VAL A 257 27.03 -35.43 -5.43
CA VAL A 257 27.46 -35.20 -4.05
C VAL A 257 27.37 -36.48 -3.24
N GLU A 258 26.39 -37.34 -3.54
CA GLU A 258 26.31 -38.65 -2.90
C GLU A 258 27.55 -39.50 -3.17
N HIS A 259 28.26 -39.22 -4.27
CA HIS A 259 29.51 -39.89 -4.59
C HIS A 259 30.74 -39.06 -4.21
N LYS A 260 30.63 -38.26 -3.15
CA LYS A 260 31.74 -37.48 -2.62
C LYS A 260 32.31 -36.51 -3.65
N LYS A 261 31.47 -36.08 -4.59
CA LYS A 261 31.88 -35.15 -5.63
C LYS A 261 31.66 -33.71 -5.19
N ASP A 262 32.60 -32.84 -5.55
CA ASP A 262 32.51 -31.41 -5.24
C ASP A 262 31.80 -30.72 -6.41
N VAL A 263 30.54 -30.35 -6.19
CA VAL A 263 29.70 -29.76 -7.23
C VAL A 263 29.48 -28.29 -6.91
N ILE A 264 29.55 -27.44 -7.94
CA ILE A 264 29.34 -26.00 -7.82
C ILE A 264 28.34 -25.57 -8.89
N ILE A 265 27.23 -24.99 -8.47
CA ILE A 265 26.18 -24.51 -9.37
C ILE A 265 26.11 -22.99 -9.28
N LEU A 266 26.21 -22.34 -10.44
CA LEU A 266 26.14 -20.88 -10.54
C LEU A 266 24.84 -20.52 -11.26
N LEU A 267 23.84 -20.10 -10.50
CA LEU A 267 22.52 -19.80 -11.04
C LEU A 267 22.38 -18.30 -11.33
N ASP A 268 21.66 -17.99 -12.40
CA ASP A 268 21.38 -16.62 -12.79
C ASP A 268 20.09 -16.56 -13.60
N SER A 269 18.99 -16.13 -12.97
CA SER A 269 19.01 -15.75 -11.56
C SER A 269 18.05 -16.62 -10.73
N ILE A 270 18.21 -16.57 -9.41
CA ILE A 270 17.34 -17.32 -8.52
C ILE A 270 15.96 -16.66 -8.45
N THR A 271 15.90 -15.35 -8.63
CA THR A 271 14.62 -14.65 -8.60
C THR A 271 13.77 -15.01 -9.81
N ARG A 272 14.38 -15.06 -10.99
CA ARG A 272 13.66 -15.44 -12.20
C ARG A 272 13.17 -16.89 -12.11
N LEU A 273 13.97 -17.76 -11.50
CA LEU A 273 13.56 -19.15 -11.32
C LEU A 273 12.37 -19.24 -10.37
N ALA A 274 12.40 -18.46 -9.29
CA ALA A 274 11.29 -18.46 -8.35
C ALA A 274 9.98 -18.03 -9.01
N ARG A 275 10.04 -17.01 -9.87
CA ARG A 275 8.85 -16.61 -10.61
C ARG A 275 8.33 -17.75 -11.47
N ALA A 276 9.24 -18.56 -12.05
CA ALA A 276 8.81 -19.68 -12.87
C ALA A 276 8.02 -20.69 -12.05
N TYR A 277 8.49 -21.00 -10.84
CA TYR A 277 7.76 -21.90 -9.96
C TYR A 277 6.35 -21.37 -9.71
N ASN A 278 6.23 -20.07 -9.43
CA ASN A 278 4.92 -19.49 -9.16
C ASN A 278 4.00 -19.57 -10.37
N THR A 279 4.56 -19.47 -11.58
CA THR A 279 3.74 -19.51 -12.79
C THR A 279 3.27 -20.92 -13.12
N VAL A 280 4.03 -21.93 -12.73
CA VAL A 280 3.72 -23.31 -13.12
C VAL A 280 2.81 -23.98 -12.10
N VAL A 281 3.11 -23.83 -10.81
CA VAL A 281 2.45 -24.61 -9.76
C VAL A 281 0.94 -24.42 -9.84
N PRO A 282 0.16 -25.47 -9.68
CA PRO A 282 -1.30 -25.33 -9.70
C PRO A 282 -1.78 -24.50 -8.52
N ALA A 283 -2.83 -23.71 -8.77
CA ALA A 283 -3.39 -22.85 -7.75
C ALA A 283 -3.83 -23.67 -6.55
N SER A 284 -3.22 -23.42 -5.39
CA SER A 284 -3.59 -24.10 -4.16
C SER A 284 -4.87 -23.54 -3.54
N GLY A 285 -5.38 -22.42 -4.05
CA GLY A 285 -6.51 -21.74 -3.45
C GLY A 285 -6.13 -20.61 -2.51
N LYS A 286 -4.84 -20.43 -2.22
CA LYS A 286 -4.37 -19.38 -1.32
C LYS A 286 -3.22 -18.64 -1.99
N VAL A 287 -3.33 -17.31 -2.04
CA VAL A 287 -2.31 -16.46 -2.65
C VAL A 287 -1.75 -15.54 -1.57
N LEU A 288 -0.43 -15.56 -1.41
CA LEU A 288 0.24 -14.76 -0.40
C LEU A 288 0.47 -13.35 -0.91
N THR A 289 1.11 -12.53 -0.06
CA THR A 289 1.38 -11.15 -0.42
C THR A 289 2.34 -11.06 -1.60
N GLY A 290 2.04 -10.15 -2.53
CA GLY A 290 2.81 -10.01 -3.75
C GLY A 290 2.28 -10.79 -4.93
N GLY A 291 1.23 -11.57 -4.75
CA GLY A 291 0.71 -12.41 -5.81
C GLY A 291 1.43 -13.74 -5.97
N VAL A 292 2.03 -14.26 -4.91
CA VAL A 292 2.78 -15.50 -4.97
C VAL A 292 1.96 -16.61 -4.33
N ASP A 293 1.80 -17.72 -5.04
CA ASP A 293 1.03 -18.85 -4.54
C ASP A 293 1.72 -19.46 -3.33
N ALA A 294 0.90 -19.98 -2.41
CA ALA A 294 1.43 -20.52 -1.16
C ALA A 294 2.33 -21.73 -1.40
N ASN A 295 2.07 -22.50 -2.45
CA ASN A 295 2.85 -23.70 -2.70
C ASN A 295 4.22 -23.39 -3.30
N ALA A 296 4.26 -22.48 -4.28
CA ALA A 296 5.52 -22.16 -4.95
C ALA A 296 6.49 -21.41 -4.06
N LEU A 297 6.07 -20.97 -2.88
CA LEU A 297 6.92 -20.14 -2.05
C LEU A 297 8.21 -20.86 -1.64
N HIS A 298 8.11 -22.14 -1.32
CA HIS A 298 9.23 -22.89 -0.79
C HIS A 298 9.88 -23.82 -1.80
N ARG A 299 9.33 -23.92 -3.02
CA ARG A 299 10.00 -24.67 -4.07
C ARG A 299 11.39 -24.13 -4.39
N PRO A 300 11.60 -22.83 -4.62
CA PRO A 300 12.97 -22.36 -4.82
C PRO A 300 13.80 -22.41 -3.55
N LYS A 301 13.17 -22.24 -2.39
CA LYS A 301 13.88 -22.40 -1.11
C LYS A 301 14.41 -23.82 -0.95
N ARG A 302 13.73 -24.80 -1.55
CA ARG A 302 14.23 -26.18 -1.56
C ARG A 302 15.41 -26.35 -2.50
N PHE A 303 15.46 -25.55 -3.58
CA PHE A 303 16.58 -25.60 -4.52
C PHE A 303 17.82 -24.97 -3.94
N PHE A 304 17.71 -23.73 -3.47
CA PHE A 304 18.87 -23.00 -2.95
C PHE A 304 19.37 -23.61 -1.65
N GLY A 305 18.46 -24.02 -0.78
CA GLY A 305 18.85 -24.65 0.48
C GLY A 305 19.54 -25.98 0.34
N ALA A 306 19.54 -26.58 -0.85
CA ALA A 306 20.22 -27.85 -1.06
C ALA A 306 21.73 -27.72 -0.89
N ALA A 307 22.28 -26.53 -1.13
CA ALA A 307 23.71 -26.32 -0.99
C ALA A 307 24.16 -26.53 0.45
N ARG A 308 25.29 -27.23 0.61
CA ARG A 308 25.83 -27.55 1.93
C ARG A 308 27.15 -28.31 1.75
N ASN A 309 27.88 -28.43 2.86
CA ASN A 309 29.13 -29.17 2.92
C ASN A 309 28.89 -30.51 3.58
N VAL A 310 29.36 -31.59 2.94
CA VAL A 310 29.14 -32.95 3.41
C VAL A 310 30.40 -33.46 4.10
N GLU A 311 30.21 -34.10 5.25
CA GLU A 311 31.33 -34.71 5.98
C GLU A 311 31.77 -36.02 5.34
N GLU A 312 30.84 -36.79 4.77
CA GLU A 312 31.18 -38.04 4.10
C GLU A 312 32.06 -37.83 2.88
N GLY A 313 32.12 -36.60 2.36
CA GLY A 313 32.93 -36.29 1.19
C GLY A 313 32.15 -35.44 0.21
N GLY A 314 32.87 -34.65 -0.58
CA GLY A 314 32.23 -33.77 -1.54
C GLY A 314 31.40 -32.69 -0.88
N SER A 315 30.70 -31.93 -1.72
CA SER A 315 29.86 -30.83 -1.26
C SER A 315 29.10 -30.27 -2.44
N LEU A 316 28.07 -29.47 -2.14
CA LEU A 316 27.23 -28.82 -3.13
C LEU A 316 27.26 -27.31 -2.86
N THR A 317 27.93 -26.57 -3.74
CA THR A 317 28.02 -25.12 -3.65
C THR A 317 27.02 -24.49 -4.64
N ILE A 318 26.30 -23.47 -4.17
CA ILE A 318 25.30 -22.78 -5.00
C ILE A 318 25.46 -21.29 -4.81
N ILE A 319 25.82 -20.60 -5.89
CA ILE A 319 25.96 -19.14 -5.90
C ILE A 319 25.00 -18.62 -6.96
N ALA A 320 23.90 -18.00 -6.52
CA ALA A 320 22.89 -17.46 -7.41
C ALA A 320 22.79 -15.95 -7.24
N THR A 321 22.30 -15.29 -8.29
CA THR A 321 22.13 -13.84 -8.29
C THR A 321 20.69 -13.50 -7.91
N ALA A 322 20.53 -12.60 -6.94
CA ALA A 322 19.24 -12.15 -6.47
C ALA A 322 18.97 -10.72 -6.92
N LEU A 323 17.70 -10.42 -7.15
CA LEU A 323 17.26 -9.13 -7.67
C LEU A 323 16.42 -8.43 -6.62
N ILE A 324 16.65 -7.12 -6.46
CA ILE A 324 15.94 -6.31 -5.48
C ILE A 324 15.53 -4.99 -6.13
N ASP A 325 14.80 -4.17 -5.37
CA ASP A 325 14.27 -2.90 -5.84
C ASP A 325 13.44 -3.09 -7.11
N THR A 326 12.79 -4.24 -7.22
CA THR A 326 11.98 -4.53 -8.40
C THR A 326 10.63 -3.83 -8.39
N GLY A 327 10.22 -3.28 -7.24
CA GLY A 327 8.89 -2.74 -7.09
C GLY A 327 7.80 -3.78 -6.94
N SER A 328 8.11 -5.05 -7.14
CA SER A 328 7.15 -6.14 -7.02
C SER A 328 7.29 -6.78 -5.65
N LYS A 329 6.17 -6.91 -4.94
CA LYS A 329 6.22 -7.41 -3.56
C LYS A 329 6.66 -8.87 -3.51
N MSE A 330 6.27 -9.67 -4.50
CA MSE A 330 6.59 -11.10 -4.49
C MSE A 330 8.09 -11.33 -4.55
O MSE A 330 8.61 -12.23 -3.88
CB MSE A 330 5.90 -11.82 -5.66
CG MSE A 330 6.45 -11.49 -7.04
SE MSE A 330 6.25 -12.99 -8.27
CE MSE A 330 4.35 -13.26 -8.03
N ASP A 331 8.80 -10.52 -5.34
CA ASP A 331 10.25 -10.65 -5.43
C ASP A 331 10.89 -10.47 -4.06
N GLU A 332 10.36 -9.54 -3.26
CA GLU A 332 10.88 -9.35 -1.92
C GLU A 332 10.47 -10.50 -1.00
N VAL A 333 9.23 -10.97 -1.12
CA VAL A 333 8.76 -12.09 -0.29
C VAL A 333 9.63 -13.32 -0.53
N ILE A 334 9.88 -13.64 -1.79
CA ILE A 334 10.72 -14.80 -2.11
C ILE A 334 12.16 -14.57 -1.68
N TYR A 335 12.63 -13.33 -1.81
CA TYR A 335 14.00 -13.01 -1.40
C TYR A 335 14.21 -13.23 0.09
N GLU A 336 13.16 -13.07 0.89
CA GLU A 336 13.29 -13.32 2.33
C GLU A 336 13.46 -14.79 2.64
N GLU A 337 12.85 -15.67 1.82
CA GLU A 337 13.00 -17.10 2.04
C GLU A 337 14.40 -17.58 1.65
N PHE A 338 15.07 -16.86 0.74
CA PHE A 338 16.43 -17.20 0.34
C PHE A 338 17.43 -16.68 1.37
N LYS A 339 17.37 -15.38 1.67
CA LYS A 339 18.31 -14.76 2.58
C LYS A 339 18.39 -15.50 3.91
N GLY A 340 17.29 -16.08 4.36
CA GLY A 340 17.27 -16.78 5.64
C GLY A 340 18.08 -18.06 5.66
N THR A 341 18.30 -18.67 4.49
CA THR A 341 19.10 -19.89 4.40
C THR A 341 20.54 -19.62 4.02
N GLY A 342 20.79 -18.60 3.21
CA GLY A 342 22.13 -18.38 2.69
C GLY A 342 23.10 -18.04 3.81
N ASN A 343 24.35 -18.52 3.65
CA ASN A 343 25.43 -18.22 4.58
C ASN A 343 26.53 -17.39 3.93
N MSE A 344 26.30 -16.86 2.74
CA MSE A 344 27.25 -16.00 2.04
C MSE A 344 26.46 -14.95 1.26
O MSE A 344 25.42 -15.26 0.69
CB MSE A 344 28.15 -16.83 1.11
CG MSE A 344 29.18 -16.05 0.30
SE MSE A 344 28.47 -15.17 -1.29
CE MSE A 344 30.13 -14.53 -2.07
N GLU A 345 26.93 -13.70 1.26
CA GLU A 345 26.19 -12.63 0.63
C GLU A 345 27.14 -11.63 0.00
N LEU A 346 26.81 -11.18 -1.21
CA LEU A 346 27.61 -10.21 -1.95
C LEU A 346 26.68 -9.18 -2.56
N HIS A 347 26.55 -8.03 -1.91
CA HIS A 347 25.68 -6.96 -2.38
C HIS A 347 26.41 -6.05 -3.34
N LEU A 348 25.72 -5.62 -4.38
CA LEU A 348 26.27 -4.71 -5.37
C LEU A 348 25.42 -3.45 -5.42
N SER A 349 26.07 -2.30 -5.27
CA SER A 349 25.37 -1.02 -5.25
C SER A 349 25.16 -0.51 -6.66
N ARG A 350 24.08 0.25 -6.82
CA ARG A 350 23.74 0.88 -8.10
C ARG A 350 24.43 2.22 -8.28
N LYS A 351 24.61 2.97 -7.18
CA LYS A 351 25.32 4.24 -7.26
C LYS A 351 26.78 4.03 -7.63
N ILE A 352 27.41 2.97 -7.11
CA ILE A 352 28.80 2.68 -7.44
C ILE A 352 28.92 2.29 -8.91
N ALA A 353 27.97 1.51 -9.41
CA ALA A 353 28.03 1.07 -10.80
C ALA A 353 27.81 2.22 -11.77
N GLU A 354 27.00 3.22 -11.38
CA GLU A 354 26.75 4.37 -12.23
C GLU A 354 27.93 5.32 -12.31
N LYS A 355 28.88 5.23 -11.36
CA LYS A 355 30.13 5.96 -11.42
C LYS A 355 31.22 5.19 -12.16
N ARG A 356 30.88 4.06 -12.76
CA ARG A 356 31.81 3.21 -13.51
C ARG A 356 32.89 2.62 -12.60
N VAL A 357 32.58 2.44 -11.33
CA VAL A 357 33.52 1.87 -10.36
C VAL A 357 33.20 0.39 -10.23
N PHE A 358 34.05 -0.45 -10.82
CA PHE A 358 33.85 -1.90 -10.77
C PHE A 358 35.03 -2.60 -10.08
N PRO A 359 34.73 -3.63 -9.28
CA PRO A 359 33.38 -4.13 -9.01
C PRO A 359 32.60 -3.21 -8.06
N ALA A 360 31.32 -3.03 -8.36
CA ALA A 360 30.45 -2.15 -7.56
C ALA A 360 29.90 -2.92 -6.37
N ILE A 361 30.81 -3.28 -5.47
CA ILE A 361 30.49 -4.13 -4.32
C ILE A 361 30.28 -3.25 -3.09
N ASP A 362 29.20 -3.51 -2.36
CA ASP A 362 28.95 -2.88 -1.07
C ASP A 362 29.75 -3.64 -0.02
N TYR A 363 30.94 -3.13 0.29
CA TYR A 363 31.87 -3.83 1.17
C TYR A 363 31.26 -4.10 2.54
N ASN A 364 30.57 -3.10 3.10
CA ASN A 364 30.01 -3.26 4.44
C ASN A 364 28.87 -4.28 4.47
N ARG A 365 28.06 -4.32 3.41
CA ARG A 365 26.91 -5.21 3.40
C ARG A 365 27.31 -6.65 3.10
N SER A 366 28.28 -6.85 2.20
CA SER A 366 28.69 -8.18 1.82
C SER A 366 29.41 -8.88 2.98
N GLY A 367 29.56 -10.19 2.85
CA GLY A 367 30.24 -10.97 3.86
C GLY A 367 29.89 -12.44 3.75
N THR A 368 30.68 -13.25 4.45
CA THR A 368 30.51 -14.70 4.48
C THR A 368 30.58 -15.22 5.91
N ARG A 369 29.74 -16.21 6.21
CA ARG A 369 29.70 -16.80 7.53
C ARG A 369 30.77 -17.87 7.69
N LYS A 370 31.22 -18.03 8.95
CA LYS A 370 32.30 -18.96 9.28
C LYS A 370 33.52 -18.73 8.39
N GLU A 371 33.83 -17.46 8.14
CA GLU A 371 34.96 -17.10 7.29
C GLU A 371 36.29 -17.50 7.91
N GLU A 372 36.36 -17.65 9.24
CA GLU A 372 37.57 -18.11 9.91
C GLU A 372 37.92 -19.55 9.52
N LEU A 373 36.98 -20.30 8.96
CA LEU A 373 37.23 -21.65 8.46
C LEU A 373 37.74 -21.67 7.03
N LEU A 374 37.68 -20.53 6.33
CA LEU A 374 38.14 -20.43 4.95
C LEU A 374 39.41 -19.60 4.81
N THR A 375 39.95 -19.08 5.91
CA THR A 375 41.13 -18.23 5.87
C THR A 375 42.08 -18.62 7.00
N THR A 376 43.37 -18.36 6.79
CA THR A 376 44.35 -18.54 7.85
C THR A 376 44.21 -17.42 8.87
N GLN A 377 44.77 -17.67 10.07
CA GLN A 377 44.69 -16.68 11.15
C GLN A 377 45.25 -15.34 10.70
N GLU A 378 46.41 -15.36 10.05
CA GLU A 378 47.01 -14.12 9.58
C GLU A 378 46.21 -13.50 8.44
N GLU A 379 45.70 -14.34 7.53
CA GLU A 379 44.89 -13.83 6.43
C GLU A 379 43.61 -13.19 6.95
N LEU A 380 42.97 -13.82 7.93
CA LEU A 380 41.74 -13.25 8.50
C LEU A 380 42.05 -12.00 9.31
N GLN A 381 43.19 -11.98 9.99
CA GLN A 381 43.58 -10.79 10.75
C GLN A 381 43.75 -9.58 9.83
N LYS A 382 44.39 -9.79 8.66
CA LYS A 382 44.56 -8.70 7.71
C LYS A 382 43.21 -8.24 7.14
N MSE A 383 42.29 -9.18 6.94
CA MSE A 383 40.98 -8.87 6.39
C MSE A 383 40.14 -8.04 7.36
O MSE A 383 39.43 -7.13 6.97
CB MSE A 383 40.24 -10.14 6.01
CG MSE A 383 40.83 -10.86 4.81
SE MSE A 383 40.05 -12.63 4.52
CE MSE A 383 38.17 -12.14 4.56
N TRP A 384 40.25 -8.36 8.65
CA TRP A 384 39.54 -7.60 9.67
C TRP A 384 40.13 -6.21 9.84
N ILE A 385 41.47 -6.09 9.79
CA ILE A 385 42.11 -4.78 9.84
C ILE A 385 41.63 -3.92 8.68
N LEU A 386 41.66 -4.48 7.47
CA LEU A 386 41.13 -3.79 6.31
C LEU A 386 39.63 -3.58 6.39
N ARG A 387 38.94 -4.35 7.23
CA ARG A 387 37.50 -4.20 7.41
C ARG A 387 37.16 -2.98 8.26
N LYS A 388 37.93 -2.75 9.33
CA LYS A 388 37.67 -1.62 10.22
C LYS A 388 38.16 -0.30 9.63
N ILE A 389 39.02 -0.33 8.62
CA ILE A 389 39.47 0.89 7.97
C ILE A 389 38.45 1.36 6.94
N ILE A 390 37.88 0.42 6.19
CA ILE A 390 36.92 0.74 5.12
C ILE A 390 35.52 0.97 5.68
N HIS A 391 35.17 0.34 6.80
CA HIS A 391 33.85 0.49 7.39
C HIS A 391 33.40 1.95 7.53
N PRO A 392 34.18 2.87 8.11
CA PRO A 392 33.68 4.25 8.24
C PRO A 392 33.44 4.94 6.91
N MSE A 393 33.99 4.42 5.82
CA MSE A 393 33.87 5.07 4.52
C MSE A 393 32.53 4.79 3.86
O MSE A 393 31.86 3.80 4.17
CB MSE A 393 35.00 4.60 3.59
CG MSE A 393 36.37 4.60 4.26
SE MSE A 393 37.79 3.98 3.06
CE MSE A 393 37.69 5.42 1.76
N GLY A 394 32.12 5.67 2.95
CA GLY A 394 30.93 5.44 2.16
C GLY A 394 31.15 4.35 1.12
N GLU A 395 30.04 3.89 0.54
CA GLU A 395 30.10 2.76 -0.37
C GLU A 395 30.97 3.06 -1.60
N ILE A 396 30.84 4.26 -2.16
CA ILE A 396 31.64 4.62 -3.33
C ILE A 396 33.10 4.76 -2.94
N ASP A 397 33.38 5.55 -1.90
CA ASP A 397 34.76 5.71 -1.43
C ASP A 397 35.34 4.38 -0.95
N ALA A 398 34.50 3.45 -0.51
CA ALA A 398 34.99 2.15 -0.04
C ALA A 398 35.65 1.38 -1.18
N MSE A 399 34.96 1.25 -2.31
CA MSE A 399 35.48 0.50 -3.44
C MSE A 399 36.67 1.19 -4.08
O MSE A 399 37.71 0.58 -4.27
CB MSE A 399 34.39 0.25 -4.48
CG MSE A 399 33.47 -0.91 -4.13
SE MSE A 399 34.41 -2.62 -3.92
CE MSE A 399 34.79 -2.59 -1.99
N GLU A 400 36.49 2.48 -4.39
CA GLU A 400 37.59 3.26 -4.97
C GLU A 400 38.86 3.14 -4.14
N PHE A 401 38.72 3.17 -2.81
CA PHE A 401 39.88 2.99 -1.93
C PHE A 401 40.50 1.61 -2.12
N LEU A 402 39.68 0.56 -2.00
CA LEU A 402 40.20 -0.79 -2.10
C LEU A 402 40.77 -1.08 -3.48
N ILE A 403 40.15 -0.54 -4.53
CA ILE A 403 40.63 -0.76 -5.88
C ILE A 403 41.99 -0.13 -6.08
N ASN A 404 42.16 1.12 -5.65
CA ASN A 404 43.42 1.82 -5.84
C ASN A 404 44.56 1.16 -5.07
N LYS A 405 44.27 0.58 -3.91
CA LYS A 405 45.31 -0.06 -3.11
C LYS A 405 45.72 -1.40 -3.70
N LEU A 406 44.74 -2.24 -4.05
CA LEU A 406 45.04 -3.52 -4.67
C LEU A 406 45.71 -3.35 -6.03
N ALA A 407 45.48 -2.23 -6.70
CA ALA A 407 46.11 -1.98 -7.99
C ALA A 407 47.62 -1.83 -7.85
N MSE A 408 48.10 -1.29 -6.74
CA MSE A 408 49.52 -1.13 -6.48
C MSE A 408 50.24 -2.47 -6.49
O MSE A 408 51.44 -2.55 -6.80
CB MSE A 408 49.76 -0.43 -5.14
CG MSE A 408 49.14 0.94 -5.03
SE MSE A 408 49.40 1.70 -3.25
CE MSE A 408 48.60 3.45 -3.53
N THR A 409 49.52 -3.53 -6.14
CA THR A 409 50.08 -4.85 -5.93
C THR A 409 49.69 -5.79 -7.05
N LYS A 410 50.55 -6.80 -7.28
CA LYS A 410 50.28 -7.85 -8.26
C LYS A 410 49.37 -8.94 -7.69
N THR A 411 49.52 -9.28 -6.40
CA THR A 411 48.77 -10.37 -5.79
C THR A 411 48.35 -9.97 -4.38
N ASN A 412 47.19 -10.46 -3.95
CA ASN A 412 46.71 -10.21 -2.60
C ASN A 412 47.76 -10.55 -1.55
N ASP A 413 48.54 -11.61 -1.79
CA ASP A 413 49.57 -12.01 -0.84
C ASP A 413 50.67 -10.94 -0.76
N ASP A 414 51.12 -10.44 -1.90
CA ASP A 414 52.11 -9.35 -1.90
C ASP A 414 51.53 -8.08 -1.30
N PHE A 415 50.20 -7.91 -1.39
CA PHE A 415 49.53 -6.81 -0.71
C PHE A 415 49.45 -7.03 0.79
N PHE A 416 49.49 -8.30 1.22
CA PHE A 416 49.53 -8.63 2.64
C PHE A 416 50.91 -8.35 3.24
N GLU A 417 51.97 -8.64 2.48
CA GLU A 417 53.32 -8.32 2.93
C GLU A 417 53.53 -6.81 3.04
N MSE A 418 53.01 -6.06 2.09
CA MSE A 418 53.15 -4.61 2.07
C MSE A 418 52.37 -3.95 3.22
O MSE A 418 52.78 -2.92 3.74
CB MSE A 418 52.68 -4.07 0.72
CG MSE A 418 52.33 -2.60 0.69
SE MSE A 418 51.78 -2.03 -1.09
CE MSE A 418 50.78 -0.44 -0.58
N MSE A 419 51.28 -4.58 3.62
CA MSE A 419 50.43 -4.05 4.68
C MSE A 419 51.16 -4.07 6.02
O MSE A 419 52.03 -4.91 6.26
CB MSE A 419 49.13 -4.85 4.78
CG MSE A 419 47.90 -3.99 5.04
SE MSE A 419 46.27 -5.03 5.24
CE MSE A 419 46.47 -6.18 3.69
N MSE B 4 -0.51 -3.94 -63.06
CA MSE B 4 -1.41 -3.06 -62.31
C MSE B 4 -1.61 -3.58 -60.89
O MSE B 4 -2.17 -4.67 -60.69
CB MSE B 4 -2.75 -2.94 -63.04
CG MSE B 4 -3.61 -1.79 -62.53
SE MSE B 4 -5.21 -1.54 -63.61
CE MSE B 4 -5.85 0.10 -62.80
N ASN B 5 -1.14 -2.81 -59.91
CA ASN B 5 -1.15 -3.23 -58.52
C ASN B 5 -2.34 -2.67 -57.78
N LEU B 6 -2.83 -3.43 -56.80
CA LEU B 6 -4.00 -3.02 -56.02
C LEU B 6 -3.66 -1.84 -55.11
N THR B 7 -2.55 -1.94 -54.38
CA THR B 7 -2.14 -0.83 -53.51
C THR B 7 -1.99 0.46 -54.30
N GLU B 8 -1.41 0.39 -55.49
CA GLU B 8 -1.26 1.58 -56.32
C GLU B 8 -2.61 2.19 -56.65
N LEU B 9 -3.59 1.36 -57.02
CA LEU B 9 -4.91 1.86 -57.36
C LEU B 9 -5.67 2.36 -56.15
N LYS B 10 -5.29 1.94 -54.94
CA LYS B 10 -5.92 2.45 -53.73
C LYS B 10 -5.41 3.84 -53.35
N ASN B 11 -4.16 4.15 -53.69
CA ASN B 11 -3.61 5.46 -53.38
C ASN B 11 -4.02 6.52 -54.39
N THR B 12 -4.39 6.12 -55.60
CA THR B 12 -4.75 7.08 -56.64
C THR B 12 -6.08 7.76 -56.29
N PRO B 13 -6.21 9.06 -56.54
CA PRO B 13 -7.45 9.77 -56.21
C PRO B 13 -8.61 9.29 -57.06
N VAL B 14 -9.82 9.71 -56.66
CA VAL B 14 -11.03 9.29 -57.35
C VAL B 14 -11.05 9.77 -58.79
N SER B 15 -10.47 10.96 -59.05
CA SER B 15 -10.44 11.49 -60.40
C SER B 15 -9.73 10.54 -61.36
N GLU B 16 -8.65 9.90 -60.89
CA GLU B 16 -7.94 8.93 -61.71
C GLU B 16 -8.83 7.73 -62.03
N LEU B 17 -9.56 7.23 -61.03
CA LEU B 17 -10.41 6.06 -61.23
C LEU B 17 -11.53 6.35 -62.23
N ILE B 18 -11.99 7.60 -62.29
CA ILE B 18 -13.01 7.97 -63.26
C ILE B 18 -12.43 7.98 -64.68
N THR B 19 -11.44 8.85 -64.92
CA THR B 19 -10.84 8.95 -66.24
C THR B 19 -10.33 7.60 -66.73
N LEU B 20 -9.61 6.88 -65.86
CA LEU B 20 -9.12 5.55 -66.23
C LEU B 20 -10.26 4.60 -66.53
N GLY B 21 -11.33 4.64 -65.71
CA GLY B 21 -12.47 3.78 -65.96
C GLY B 21 -13.16 4.05 -67.27
N GLU B 22 -13.07 5.28 -67.77
CA GLU B 22 -13.69 5.61 -69.06
C GLU B 22 -12.88 5.02 -70.20
N ASN B 23 -11.56 5.02 -70.09
CA ASN B 23 -10.70 4.45 -71.14
C ASN B 23 -10.64 2.93 -71.09
N MSE B 24 -11.34 2.30 -70.15
CA MSE B 24 -11.42 0.85 -70.10
C MSE B 24 -12.78 0.35 -70.57
O MSE B 24 -12.89 -0.32 -71.59
CB MSE B 24 -11.14 0.34 -68.69
CG MSE B 24 -9.67 0.34 -68.29
SE MSE B 24 -9.36 -0.75 -66.70
CE MSE B 24 -7.41 -0.74 -66.69
N ARG B 33 -18.76 3.36 -54.98
CA ARG B 33 -17.73 3.57 -53.97
C ARG B 33 -16.34 3.37 -54.56
N LYS B 34 -15.31 3.76 -53.80
CA LYS B 34 -13.94 3.57 -54.26
C LYS B 34 -13.55 2.10 -54.26
N GLN B 35 -14.11 1.31 -53.35
CA GLN B 35 -13.85 -0.13 -53.34
C GLN B 35 -14.57 -0.82 -54.49
N ASP B 36 -15.73 -0.32 -54.90
CA ASP B 36 -16.45 -0.93 -56.02
C ASP B 36 -15.78 -0.60 -57.35
N ILE B 37 -15.35 0.64 -57.54
CA ILE B 37 -14.69 1.04 -58.79
C ILE B 37 -13.42 0.24 -58.98
N ILE B 38 -12.54 0.25 -57.97
CA ILE B 38 -11.29 -0.51 -58.04
C ILE B 38 -11.58 -1.98 -58.33
N PHE B 39 -12.62 -2.53 -57.70
CA PHE B 39 -12.99 -3.91 -57.95
C PHE B 39 -13.41 -4.13 -59.40
N ALA B 40 -14.17 -3.18 -59.96
CA ALA B 40 -14.60 -3.32 -61.35
C ALA B 40 -13.46 -3.14 -62.33
N ILE B 41 -12.57 -2.17 -62.04
CA ILE B 41 -11.42 -1.92 -62.91
C ILE B 41 -10.53 -3.15 -62.97
N LEU B 42 -10.20 -3.72 -61.81
CA LEU B 42 -9.38 -4.92 -61.76
C LEU B 42 -10.12 -6.12 -62.35
N LYS B 43 -11.44 -6.16 -62.21
CA LYS B 43 -12.21 -7.29 -62.73
C LYS B 43 -12.22 -7.33 -64.25
N GLN B 44 -12.21 -6.16 -64.90
CA GLN B 44 -12.10 -6.09 -66.35
C GLN B 44 -10.67 -6.20 -66.84
N HIS B 45 -9.69 -6.03 -65.95
CA HIS B 45 -8.29 -6.24 -66.32
C HIS B 45 -7.95 -7.72 -66.41
N ALA B 46 -8.67 -8.57 -65.69
CA ALA B 46 -8.44 -10.01 -65.73
C ALA B 46 -8.99 -10.63 -67.00
N LYS B 47 -10.19 -10.21 -67.42
CA LYS B 47 -10.76 -10.70 -68.67
C LYS B 47 -9.95 -10.29 -69.89
N SER B 48 -9.15 -9.23 -69.77
CA SER B 48 -8.26 -8.84 -70.87
C SER B 48 -7.05 -9.76 -71.00
N GLY B 49 -6.80 -10.61 -70.00
CA GLY B 49 -5.65 -11.49 -69.99
C GLY B 49 -4.45 -10.96 -69.23
N GLU B 50 -4.36 -9.64 -69.06
CA GLU B 50 -3.23 -9.05 -68.37
C GLU B 50 -3.26 -9.44 -66.89
N ASP B 51 -2.07 -9.56 -66.30
CA ASP B 51 -1.94 -9.98 -64.91
C ASP B 51 -2.17 -8.82 -63.95
N ILE B 52 -2.63 -9.15 -62.75
CA ILE B 52 -2.89 -8.18 -61.68
C ILE B 52 -1.98 -8.52 -60.51
N PHE B 53 -1.55 -7.49 -59.79
CA PHE B 53 -0.59 -7.65 -58.70
C PHE B 53 -1.12 -7.02 -57.41
N GLY B 54 -0.59 -7.49 -56.28
CA GLY B 54 -0.94 -6.97 -54.98
C GLY B 54 0.11 -7.36 -53.95
N ASP B 55 0.04 -6.72 -52.79
CA ASP B 55 1.06 -6.92 -51.75
C ASP B 55 0.49 -6.63 -50.38
N GLY B 56 1.24 -7.01 -49.36
CA GLY B 56 0.85 -6.84 -47.97
C GLY B 56 1.64 -7.77 -47.07
N VAL B 57 1.44 -7.59 -45.76
CA VAL B 57 2.12 -8.39 -44.74
C VAL B 57 1.20 -9.51 -44.29
N LEU B 58 1.73 -10.73 -44.30
CA LEU B 58 0.93 -11.93 -44.06
C LEU B 58 0.58 -12.09 -42.58
N GLU B 59 -0.62 -12.59 -42.33
CA GLU B 59 -1.05 -12.96 -40.97
C GLU B 59 -1.78 -14.29 -41.05
N ILE B 60 -1.18 -15.33 -40.48
CA ILE B 60 -1.74 -16.68 -40.55
C ILE B 60 -2.80 -16.84 -39.46
N LEU B 61 -4.02 -17.16 -39.87
CA LEU B 61 -5.09 -17.43 -38.93
C LEU B 61 -4.96 -18.86 -38.38
N GLN B 62 -5.82 -19.17 -37.41
CA GLN B 62 -5.72 -20.45 -36.72
C GLN B 62 -6.14 -21.63 -37.60
N ASP B 63 -6.96 -21.39 -38.62
CA ASP B 63 -7.42 -22.50 -39.46
C ASP B 63 -6.31 -23.02 -40.38
N GLY B 64 -5.41 -22.15 -40.81
CA GLY B 64 -4.34 -22.56 -41.69
C GLY B 64 -4.03 -21.56 -42.79
N PHE B 65 -5.06 -20.82 -43.22
CA PHE B 65 -4.91 -19.81 -44.26
C PHE B 65 -4.52 -18.47 -43.63
N GLY B 66 -4.31 -17.46 -44.48
CA GLY B 66 -3.89 -16.17 -44.01
C GLY B 66 -4.37 -15.06 -44.93
N PHE B 67 -4.02 -13.83 -44.57
CA PHE B 67 -4.40 -12.64 -45.32
C PHE B 67 -3.26 -11.63 -45.32
N LEU B 68 -3.09 -10.95 -46.45
CA LEU B 68 -2.06 -9.92 -46.61
C LEU B 68 -2.64 -8.59 -46.13
N ARG B 69 -2.30 -8.22 -44.90
CA ARG B 69 -2.81 -6.98 -44.33
C ARG B 69 -2.09 -5.77 -44.93
N SER B 70 -2.77 -4.63 -44.90
CA SER B 70 -2.25 -3.39 -45.45
C SER B 70 -1.84 -2.44 -44.33
N ALA B 71 -0.78 -1.67 -44.60
CA ALA B 71 -0.28 -0.72 -43.60
C ALA B 71 -1.25 0.43 -43.36
N ASP B 72 -2.03 0.80 -44.37
CA ASP B 72 -3.02 1.86 -44.22
C ASP B 72 -4.11 1.49 -43.22
N SER B 73 -4.31 0.19 -42.96
CA SER B 73 -5.22 -0.28 -41.93
C SER B 73 -4.51 -0.68 -40.66
N SER B 74 -3.26 -0.22 -40.47
CA SER B 74 -2.43 -0.57 -39.32
C SER B 74 -2.26 -2.08 -39.21
N TYR B 75 -2.22 -2.77 -40.35
CA TYR B 75 -2.08 -4.21 -40.42
C TYR B 75 -3.23 -4.94 -39.73
N LEU B 76 -4.40 -4.32 -39.72
CA LEU B 76 -5.62 -4.94 -39.22
C LEU B 76 -6.46 -5.44 -40.39
N ALA B 77 -7.56 -6.11 -40.07
CA ALA B 77 -8.43 -6.68 -41.08
C ALA B 77 -8.96 -5.59 -42.01
N GLY B 78 -8.86 -5.84 -43.31
CA GLY B 78 -9.26 -4.87 -44.30
C GLY B 78 -10.09 -5.47 -45.42
N PRO B 79 -10.94 -4.65 -46.03
CA PRO B 79 -11.78 -5.15 -47.14
C PRO B 79 -10.98 -5.52 -48.37
N ASP B 80 -9.78 -4.97 -48.55
CA ASP B 80 -8.95 -5.22 -49.72
C ASP B 80 -7.85 -6.24 -49.45
N ASP B 81 -7.87 -6.89 -48.30
CA ASP B 81 -6.85 -7.87 -47.95
C ASP B 81 -6.85 -9.03 -48.94
N ILE B 82 -5.66 -9.62 -49.13
CA ILE B 82 -5.46 -10.67 -50.12
C ILE B 82 -5.39 -12.01 -49.41
N TYR B 83 -6.28 -12.92 -49.79
CA TYR B 83 -6.29 -14.26 -49.22
C TYR B 83 -5.05 -15.04 -49.65
N VAL B 84 -4.50 -15.83 -48.73
CA VAL B 84 -3.30 -16.62 -48.96
C VAL B 84 -3.61 -18.08 -48.69
N SER B 85 -3.40 -18.93 -49.68
CA SER B 85 -3.76 -20.33 -49.56
C SER B 85 -2.86 -21.03 -48.54
N PRO B 86 -3.39 -21.99 -47.76
CA PRO B 86 -2.54 -22.73 -46.83
C PRO B 86 -1.43 -23.51 -47.52
N SER B 87 -1.67 -23.98 -48.74
CA SER B 87 -0.63 -24.69 -49.49
C SER B 87 0.55 -23.77 -49.78
N GLN B 88 0.28 -22.52 -50.16
CA GLN B 88 1.37 -21.57 -50.39
C GLN B 88 2.17 -21.31 -49.12
N ILE B 89 1.52 -21.39 -47.95
CA ILE B 89 2.22 -21.21 -46.69
C ILE B 89 3.16 -22.38 -46.42
N ARG B 90 2.71 -23.60 -46.72
CA ARG B 90 3.55 -24.77 -46.49
C ARG B 90 4.66 -24.88 -47.53
N ARG B 91 4.44 -24.36 -48.73
CA ARG B 91 5.41 -24.52 -49.81
C ARG B 91 6.59 -23.57 -49.67
N PHE B 92 6.38 -22.42 -49.00
CA PHE B 92 7.45 -21.45 -48.80
C PHE B 92 7.74 -21.20 -47.32
N ASN B 93 7.16 -22.00 -46.42
CA ASN B 93 7.36 -21.86 -44.98
C ASN B 93 7.03 -20.44 -44.51
N LEU B 94 5.98 -19.86 -45.09
CA LEU B 94 5.59 -18.50 -44.74
C LEU B 94 5.04 -18.44 -43.32
N ARG B 95 5.31 -17.34 -42.63
CA ARG B 95 4.82 -17.13 -41.29
C ARG B 95 4.36 -15.68 -41.14
N THR B 96 3.64 -15.42 -40.05
CA THR B 96 3.08 -14.09 -39.81
C THR B 96 4.18 -13.03 -39.77
N GLY B 97 4.03 -12.00 -40.58
CA GLY B 97 5.00 -10.93 -40.70
C GLY B 97 5.66 -10.82 -42.06
N ASP B 98 5.67 -11.91 -42.84
CA ASP B 98 6.31 -11.90 -44.14
C ASP B 98 5.63 -10.91 -45.08
N THR B 99 6.42 -10.00 -45.66
CA THR B 99 5.94 -9.12 -46.71
C THR B 99 5.92 -9.88 -48.03
N ILE B 100 4.77 -9.89 -48.71
CA ILE B 100 4.57 -10.70 -49.89
C ILE B 100 4.01 -9.84 -51.02
N SER B 101 4.54 -10.04 -52.23
CA SER B 101 4.05 -9.41 -53.44
C SER B 101 3.90 -10.48 -54.52
N GLY B 102 2.81 -10.40 -55.28
CA GLY B 102 2.57 -11.41 -56.29
C GLY B 102 1.34 -11.09 -57.11
N LYS B 103 0.97 -12.05 -57.95
CA LYS B 103 -0.18 -11.90 -58.83
C LYS B 103 -1.47 -12.26 -58.09
N ILE B 104 -2.48 -11.39 -58.19
CA ILE B 104 -3.74 -11.57 -57.49
C ILE B 104 -4.87 -11.72 -58.50
N ARG B 105 -5.99 -12.28 -58.02
CA ARG B 105 -7.16 -12.57 -58.88
C ARG B 105 -8.45 -12.15 -58.20
N PRO B 106 -9.35 -11.47 -58.92
CA PRO B 106 -10.63 -11.03 -58.35
C PRO B 106 -11.44 -12.19 -57.81
N PRO B 107 -12.09 -12.02 -56.66
CA PRO B 107 -12.76 -13.13 -55.98
C PRO B 107 -13.78 -13.85 -56.85
N LYS B 108 -13.75 -15.18 -56.78
CA LYS B 108 -14.74 -16.01 -57.46
C LYS B 108 -16.07 -15.95 -56.70
N GLU B 109 -17.08 -16.63 -57.24
CA GLU B 109 -18.39 -16.68 -56.59
C GLU B 109 -18.29 -17.45 -55.28
N GLY B 110 -18.94 -16.92 -54.25
CA GLY B 110 -18.82 -17.44 -52.91
C GLY B 110 -17.65 -16.89 -52.12
N GLU B 111 -16.82 -16.07 -52.75
CA GLU B 111 -15.68 -15.45 -52.10
C GLU B 111 -15.91 -13.94 -51.97
N ARG B 112 -15.12 -13.32 -51.10
CA ARG B 112 -15.23 -11.89 -50.85
C ARG B 112 -13.90 -11.15 -50.95
N TYR B 113 -12.78 -11.87 -51.11
CA TYR B 113 -11.45 -11.29 -51.08
C TYR B 113 -10.67 -11.69 -52.33
N PHE B 114 -9.69 -10.87 -52.67
CA PHE B 114 -8.77 -11.22 -53.75
C PHE B 114 -7.90 -12.40 -53.32
N ALA B 115 -7.59 -13.27 -54.27
CA ALA B 115 -6.82 -14.47 -54.01
C ALA B 115 -5.41 -14.32 -54.56
N LEU B 116 -4.46 -15.00 -53.91
CA LEU B 116 -3.06 -14.98 -54.30
C LEU B 116 -2.77 -16.18 -55.18
N LEU B 117 -2.30 -15.92 -56.40
CA LEU B 117 -1.99 -17.00 -57.34
C LEU B 117 -0.62 -17.57 -57.08
N LYS B 118 0.40 -16.72 -57.11
CA LYS B 118 1.78 -17.15 -56.89
C LYS B 118 2.58 -15.98 -56.33
N VAL B 119 3.51 -16.28 -55.45
CA VAL B 119 4.32 -15.25 -54.81
C VAL B 119 5.50 -14.91 -55.71
N ASN B 120 5.74 -13.61 -55.91
CA ASN B 120 6.90 -13.14 -56.65
C ASN B 120 8.06 -12.75 -55.74
N GLU B 121 7.77 -12.14 -54.59
CA GLU B 121 8.81 -11.73 -53.65
C GLU B 121 8.34 -11.98 -52.23
N VAL B 122 9.18 -12.68 -51.46
CA VAL B 122 8.96 -12.92 -50.04
C VAL B 122 10.01 -12.10 -49.28
N ASN B 123 9.57 -11.03 -48.64
CA ASN B 123 10.48 -10.10 -47.95
C ASN B 123 11.51 -9.52 -48.90
N PHE B 124 11.06 -9.21 -50.12
CA PHE B 124 11.86 -8.57 -51.17
C PHE B 124 12.96 -9.49 -51.69
N ASP B 125 12.80 -10.81 -51.54
CA ASP B 125 13.79 -11.78 -51.99
C ASP B 125 13.09 -12.84 -52.84
N LYS B 126 13.91 -13.69 -53.45
CA LYS B 126 13.36 -14.74 -54.31
C LYS B 126 12.64 -15.79 -53.46
N PRO B 127 11.42 -16.18 -53.83
CA PRO B 127 10.65 -17.08 -52.95
C PRO B 127 11.31 -18.41 -52.69
N GLU B 128 11.98 -18.99 -53.70
CA GLU B 128 12.54 -20.33 -53.54
C GLU B 128 13.60 -20.38 -52.46
N ASN B 129 14.40 -19.32 -52.34
CA ASN B 129 15.50 -19.32 -51.38
C ASN B 129 15.02 -19.20 -49.95
N ALA B 130 13.91 -18.49 -49.72
CA ALA B 130 13.35 -18.34 -48.38
C ALA B 130 12.68 -19.61 -47.88
N ARG B 131 12.61 -20.66 -48.70
CA ARG B 131 11.98 -21.90 -48.27
C ARG B 131 12.72 -22.51 -47.08
N ASN B 132 14.05 -22.59 -47.16
CA ASN B 132 14.87 -23.22 -46.13
C ASN B 132 15.88 -22.20 -45.59
N LYS B 133 15.56 -21.62 -44.44
CA LYS B 133 16.42 -20.62 -43.80
C LYS B 133 16.32 -20.78 -42.29
N ILE B 134 17.31 -20.23 -41.59
CA ILE B 134 17.33 -20.32 -40.13
C ILE B 134 16.30 -19.37 -39.56
N LEU B 135 15.43 -19.90 -38.70
CA LEU B 135 14.36 -19.11 -38.13
C LEU B 135 14.91 -18.11 -37.11
N PHE B 136 14.06 -17.13 -36.77
CA PHE B 136 14.47 -16.09 -35.82
C PHE B 136 14.75 -16.68 -34.44
N GLU B 137 13.96 -17.66 -34.02
CA GLU B 137 14.16 -18.30 -32.72
C GLU B 137 15.43 -19.14 -32.69
N ASN B 138 16.03 -19.42 -33.84
CA ASN B 138 17.22 -20.25 -33.92
C ASN B 138 18.50 -19.43 -34.12
N LEU B 139 18.38 -18.14 -34.40
CA LEU B 139 19.56 -17.29 -34.58
C LEU B 139 20.35 -17.18 -33.28
N THR B 140 21.68 -17.19 -33.40
CA THR B 140 22.52 -17.14 -32.20
C THR B 140 22.73 -15.69 -31.76
N PRO B 141 22.28 -15.33 -30.56
CA PRO B 141 22.32 -13.92 -30.15
C PRO B 141 23.70 -13.49 -29.70
N LEU B 142 23.90 -12.17 -29.72
CA LEU B 142 25.17 -11.56 -29.32
C LEU B 142 24.90 -10.16 -28.78
N HIS B 143 25.89 -9.63 -28.07
CA HIS B 143 25.86 -8.22 -27.68
C HIS B 143 26.14 -7.33 -28.89
N ALA B 144 25.55 -6.14 -28.87
CA ALA B 144 25.73 -5.19 -29.96
C ALA B 144 27.21 -4.89 -30.16
N ASN B 145 27.71 -5.18 -31.37
CA ASN B 145 29.11 -4.94 -31.70
C ASN B 145 29.27 -4.02 -32.90
N SER B 146 28.20 -3.36 -33.35
CA SER B 146 28.25 -2.46 -34.50
C SER B 146 27.63 -1.13 -34.08
N ARG B 147 28.45 -0.09 -34.03
CA ARG B 147 28.01 1.21 -33.52
C ARG B 147 27.07 1.90 -34.50
N LEU B 148 25.98 2.48 -33.97
CA LEU B 148 25.03 3.28 -34.74
C LEU B 148 25.17 4.72 -34.26
N ARG B 149 26.17 5.42 -34.79
CA ARG B 149 26.47 6.78 -34.35
C ARG B 149 25.30 7.70 -34.67
N MSE B 150 24.85 8.44 -33.65
CA MSE B 150 23.68 9.30 -33.78
C MSE B 150 24.03 10.72 -34.18
O MSE B 150 23.19 11.47 -34.68
CB MSE B 150 22.90 9.31 -32.46
CG MSE B 150 22.52 7.93 -31.95
SE MSE B 150 21.39 6.98 -33.22
CE MSE B 150 19.97 8.28 -33.29
N GLU B 151 25.29 11.10 -33.97
CA GLU B 151 25.72 12.46 -34.27
C GLU B 151 25.67 12.73 -35.76
N ARG B 152 25.05 13.85 -36.12
CA ARG B 152 24.99 14.28 -37.52
C ARG B 152 26.22 15.07 -37.94
N GLY B 153 26.70 15.96 -37.07
CA GLY B 153 27.84 16.78 -37.42
C GLY B 153 27.53 17.96 -38.32
N ASN B 154 26.28 18.42 -38.34
CA ASN B 154 25.88 19.56 -39.14
C ASN B 154 25.96 20.89 -38.37
N GLY B 155 26.15 20.85 -37.06
CA GLY B 155 26.22 22.05 -36.27
C GLY B 155 24.89 22.64 -35.85
N SER B 156 23.81 21.87 -35.97
CA SER B 156 22.49 22.35 -35.58
C SER B 156 22.25 22.14 -34.10
N THR B 157 21.35 22.96 -33.54
CA THR B 157 21.00 22.82 -32.12
C THR B 157 20.34 21.48 -31.84
N GLU B 158 19.69 20.88 -32.84
CA GLU B 158 19.09 19.56 -32.67
C GLU B 158 20.16 18.47 -32.54
N ASP B 159 21.35 18.71 -33.09
CA ASP B 159 22.43 17.73 -33.00
C ASP B 159 22.96 17.60 -31.58
N LEU B 160 22.71 18.59 -30.72
CA LEU B 160 23.15 18.49 -29.32
C LEU B 160 22.58 17.25 -28.65
N THR B 161 21.31 16.94 -28.92
CA THR B 161 20.71 15.73 -28.37
C THR B 161 21.46 14.48 -28.82
N ALA B 162 21.75 14.39 -30.12
CA ALA B 162 22.43 13.21 -30.64
C ALA B 162 23.85 13.10 -30.09
N ARG B 163 24.55 14.23 -29.98
CA ARG B 163 25.93 14.21 -29.49
C ARG B 163 26.00 13.79 -28.03
N VAL B 164 25.17 14.42 -27.18
CA VAL B 164 25.11 14.03 -25.78
C VAL B 164 24.69 12.57 -25.65
N LEU B 165 23.83 12.09 -26.55
CA LEU B 165 23.41 10.70 -26.51
C LEU B 165 24.58 9.76 -26.80
N ASP B 166 25.43 10.12 -27.77
CA ASP B 166 26.59 9.29 -28.07
C ASP B 166 27.57 9.25 -26.89
N LEU B 167 27.63 10.32 -26.11
CA LEU B 167 28.53 10.35 -24.97
C LEU B 167 27.95 9.66 -23.74
N ALA B 168 26.64 9.74 -23.57
CA ALA B 168 26.00 9.17 -22.39
C ALA B 168 25.69 7.69 -22.57
N SER B 169 25.10 7.31 -23.70
CA SER B 169 24.68 5.92 -23.91
C SER B 169 24.77 5.59 -25.40
N PRO B 170 25.85 4.98 -25.84
CA PRO B 170 25.97 4.60 -27.26
C PRO B 170 24.95 3.53 -27.63
N ILE B 171 24.43 3.62 -28.86
CA ILE B 171 23.43 2.69 -29.38
C ILE B 171 24.07 1.86 -30.49
N GLY B 172 23.89 0.54 -30.42
CA GLY B 172 24.42 -0.36 -31.42
C GLY B 172 23.30 -1.17 -32.08
N ARG B 173 23.69 -1.90 -33.13
CA ARG B 173 22.74 -2.73 -33.87
C ARG B 173 22.27 -3.89 -33.00
N GLY B 174 20.95 -4.06 -32.91
CA GLY B 174 20.39 -5.04 -32.01
C GLY B 174 20.26 -4.57 -30.57
N GLN B 175 20.44 -3.28 -30.32
CA GLN B 175 20.33 -2.75 -28.96
C GLN B 175 18.92 -2.94 -28.43
N ARG B 176 18.80 -2.87 -27.10
CA ARG B 176 17.54 -3.09 -26.40
C ARG B 176 17.44 -2.05 -25.29
N GLY B 177 17.25 -0.79 -25.70
CA GLY B 177 17.31 0.34 -24.78
C GLY B 177 15.96 0.92 -24.41
N LEU B 178 15.99 1.85 -23.46
CA LEU B 178 14.79 2.50 -22.94
C LEU B 178 15.04 3.98 -22.70
N ILE B 179 14.07 4.80 -23.10
CA ILE B 179 14.11 6.24 -22.86
C ILE B 179 13.19 6.49 -21.66
N VAL B 180 13.75 6.39 -20.46
CA VAL B 180 12.97 6.44 -19.24
C VAL B 180 12.89 7.89 -18.75
N ALA B 181 11.66 8.35 -18.45
CA ALA B 181 11.45 9.69 -17.91
C ALA B 181 9.99 9.96 -17.53
N PRO B 182 9.75 10.89 -16.61
CA PRO B 182 8.38 11.26 -16.26
C PRO B 182 7.70 11.99 -17.40
N PRO B 183 6.39 12.24 -17.32
CA PRO B 183 5.70 12.97 -18.40
C PRO B 183 6.30 14.35 -18.61
N LYS B 184 6.30 14.78 -19.87
CA LYS B 184 6.77 16.09 -20.29
C LYS B 184 8.26 16.29 -20.06
N ALA B 185 9.02 15.21 -19.90
CA ALA B 185 10.46 15.32 -19.72
C ALA B 185 11.20 15.44 -21.05
N GLY B 186 10.63 14.91 -22.13
CA GLY B 186 11.26 15.00 -23.43
C GLY B 186 11.55 13.65 -24.06
N LYS B 187 10.73 12.65 -23.76
CA LYS B 187 10.97 11.31 -24.28
C LYS B 187 10.63 11.21 -25.76
N THR B 188 9.50 11.78 -26.16
CA THR B 188 9.05 11.64 -27.55
C THR B 188 9.99 12.36 -28.50
N MSE B 189 10.32 13.61 -28.21
CA MSE B 189 11.22 14.38 -29.07
C MSE B 189 12.63 13.81 -29.04
O MSE B 189 13.37 13.93 -30.02
CB MSE B 189 11.24 15.85 -28.64
CG MSE B 189 9.98 16.61 -29.01
SE MSE B 189 10.21 18.53 -28.83
CE MSE B 189 11.68 18.80 -30.07
N LEU B 190 13.00 13.18 -27.93
CA LEU B 190 14.22 12.38 -27.91
C LEU B 190 14.16 11.27 -28.94
N LEU B 191 13.01 10.61 -29.05
CA LEU B 191 12.85 9.54 -30.03
C LEU B 191 12.78 10.11 -31.44
N GLN B 192 12.11 11.24 -31.63
CA GLN B 192 12.08 11.90 -32.93
C GLN B 192 13.49 12.24 -33.41
N ASN B 193 14.31 12.80 -32.51
CA ASN B 193 15.71 13.07 -32.85
C ASN B 193 16.43 11.80 -33.25
N ILE B 194 16.16 10.69 -32.55
CA ILE B 194 16.77 9.41 -32.90
C ILE B 194 16.34 8.99 -34.30
N ALA B 195 15.06 9.15 -34.63
CA ALA B 195 14.57 8.76 -35.95
C ALA B 195 15.26 9.55 -37.05
N GLN B 196 15.46 10.86 -36.85
CA GLN B 196 16.10 11.68 -37.87
C GLN B 196 17.55 11.26 -38.09
N SER B 197 18.27 10.94 -37.01
CA SER B 197 19.67 10.55 -37.15
C SER B 197 19.82 9.17 -37.77
N ILE B 198 18.84 8.28 -37.54
CA ILE B 198 18.88 6.97 -38.18
C ILE B 198 18.71 7.11 -39.69
N ALA B 199 17.74 7.92 -40.11
CA ALA B 199 17.55 8.15 -41.55
C ALA B 199 18.66 9.01 -42.13
N TYR B 200 19.36 9.79 -41.30
CA TYR B 200 20.42 10.65 -41.78
C TYR B 200 21.74 9.89 -41.93
N ASN B 201 22.09 9.07 -40.93
CA ASN B 201 23.36 8.37 -40.92
C ASN B 201 23.26 6.92 -41.38
N HIS B 202 22.11 6.28 -41.19
CA HIS B 202 21.95 4.85 -41.49
C HIS B 202 20.73 4.64 -42.38
N PRO B 203 20.78 5.08 -43.64
CA PRO B 203 19.67 4.80 -44.55
C PRO B 203 19.53 3.31 -44.86
N ASP B 204 20.55 2.51 -44.57
CA ASP B 204 20.49 1.08 -44.85
C ASP B 204 19.55 0.36 -43.91
N CYS B 205 19.42 0.82 -42.66
CA CYS B 205 18.59 0.14 -41.69
C CYS B 205 17.11 0.41 -41.96
N VAL B 206 16.28 -0.61 -41.73
CA VAL B 206 14.84 -0.49 -41.91
C VAL B 206 14.27 0.17 -40.66
N LEU B 207 13.79 1.40 -40.80
CA LEU B 207 13.29 2.18 -39.67
C LEU B 207 11.78 2.01 -39.54
N MSE B 208 11.34 1.60 -38.35
CA MSE B 208 9.92 1.49 -38.03
C MSE B 208 9.60 2.20 -36.71
O MSE B 208 10.23 1.93 -35.69
CB MSE B 208 9.48 0.02 -37.95
CG MSE B 208 9.53 -0.72 -39.27
SE MSE B 208 8.63 -2.45 -39.19
CE MSE B 208 9.71 -3.30 -37.82
N VAL B 209 8.61 3.09 -36.74
CA VAL B 209 8.20 3.84 -35.56
C VAL B 209 6.82 3.35 -35.14
N LEU B 210 6.73 2.80 -33.93
CA LEU B 210 5.49 2.24 -33.39
C LEU B 210 5.00 3.16 -32.28
N LEU B 211 3.85 3.79 -32.51
CA LEU B 211 3.24 4.69 -31.53
C LEU B 211 2.04 4.01 -30.91
N ILE B 212 2.11 3.79 -29.60
CA ILE B 212 1.09 3.03 -28.86
C ILE B 212 0.52 3.92 -27.76
N ASP B 213 -0.80 4.13 -27.81
CA ASP B 213 -1.55 4.78 -26.74
C ASP B 213 -0.98 6.17 -26.43
N GLU B 214 -0.75 6.95 -27.49
CA GLU B 214 -0.20 8.29 -27.34
C GLU B 214 -1.02 9.33 -28.07
N ARG B 215 -0.47 10.54 -28.18
CA ARG B 215 -1.23 11.66 -28.70
C ARG B 215 -1.38 11.55 -30.21
N PRO B 216 -2.58 11.84 -30.74
CA PRO B 216 -2.76 11.76 -32.20
C PRO B 216 -1.95 12.80 -32.96
N GLU B 217 -1.68 13.97 -32.36
CA GLU B 217 -0.87 14.98 -33.04
C GLU B 217 0.56 14.51 -33.25
N GLU B 218 1.10 13.73 -32.31
CA GLU B 218 2.44 13.18 -32.48
C GLU B 218 2.48 12.14 -33.59
N VAL B 219 1.35 11.54 -33.94
CA VAL B 219 1.30 10.58 -35.05
C VAL B 219 1.47 11.31 -36.37
N THR B 220 0.53 12.20 -36.70
CA THR B 220 0.61 12.97 -37.92
C THR B 220 1.92 13.74 -38.01
N GLU B 221 2.43 14.22 -36.88
CA GLU B 221 3.74 14.88 -36.87
C GLU B 221 4.82 13.91 -37.31
N MSE B 222 5.01 12.83 -36.54
CA MSE B 222 6.02 11.80 -36.82
C MSE B 222 6.02 11.42 -38.29
O MSE B 222 7.06 11.47 -38.94
CB MSE B 222 5.77 10.56 -35.96
CG MSE B 222 6.91 9.54 -36.00
SE MSE B 222 8.45 10.08 -34.94
CE MSE B 222 7.59 10.16 -33.19
N GLN B 223 4.85 11.08 -38.81
CA GLN B 223 4.72 10.70 -40.22
C GLN B 223 5.33 11.71 -41.18
N ARG B 224 5.47 12.97 -40.77
CA ARG B 224 5.90 14.02 -41.68
C ARG B 224 7.39 14.33 -41.63
N LEU B 225 8.07 14.02 -40.53
CA LEU B 225 9.51 14.31 -40.43
C LEU B 225 10.39 13.07 -40.42
N VAL B 226 9.81 11.86 -40.43
CA VAL B 226 10.59 10.64 -40.38
C VAL B 226 10.53 9.96 -41.75
N LYS B 227 11.68 9.44 -42.17
CA LYS B 227 11.79 8.75 -43.47
C LYS B 227 11.77 7.25 -43.19
N GLY B 228 10.56 6.73 -43.00
CA GLY B 228 10.35 5.32 -42.73
C GLY B 228 8.88 4.96 -42.67
N GLU B 229 8.54 3.95 -41.89
CA GLU B 229 7.16 3.51 -41.73
C GLU B 229 6.67 3.88 -40.34
N VAL B 230 5.45 4.44 -40.27
CA VAL B 230 4.85 4.88 -39.03
C VAL B 230 3.55 4.11 -38.83
N VAL B 231 3.54 3.21 -37.84
CA VAL B 231 2.35 2.45 -37.47
C VAL B 231 1.94 2.92 -36.09
N ALA B 232 0.75 3.51 -35.98
CA ALA B 232 0.31 4.14 -34.75
C ALA B 232 -1.04 3.62 -34.30
N SER B 233 -1.32 3.77 -32.99
CA SER B 233 -2.56 3.36 -32.35
C SER B 233 -2.78 4.29 -31.15
N THR B 234 -3.36 5.46 -31.42
CA THR B 234 -3.50 6.52 -30.42
C THR B 234 -4.36 6.07 -29.25
N PHE B 235 -4.45 6.93 -28.23
CA PHE B 235 -5.28 6.63 -27.06
C PHE B 235 -6.78 6.66 -27.38
N ASP B 236 -7.17 7.03 -28.59
CA ASP B 236 -8.53 6.87 -29.04
C ASP B 236 -8.88 5.43 -29.40
N GLU B 237 -7.91 4.52 -29.29
CA GLU B 237 -8.07 3.14 -29.68
C GLU B 237 -8.09 2.22 -28.46
N PRO B 238 -8.79 1.10 -28.53
CA PRO B 238 -8.82 0.17 -27.40
C PRO B 238 -7.48 -0.52 -27.21
N ALA B 239 -7.29 -1.05 -26.00
CA ALA B 239 -6.06 -1.79 -25.71
C ALA B 239 -5.93 -3.03 -26.57
N SER B 240 -7.06 -3.60 -27.00
CA SER B 240 -7.01 -4.77 -27.87
C SER B 240 -6.38 -4.44 -29.22
N ARG B 241 -6.65 -3.24 -29.74
CA ARG B 241 -6.06 -2.83 -31.00
C ARG B 241 -4.56 -2.58 -30.84
N HIS B 242 -4.16 -1.98 -29.72
CA HIS B 242 -2.75 -1.75 -29.43
C HIS B 242 -1.96 -3.05 -29.51
N VAL B 243 -2.45 -4.10 -28.84
CA VAL B 243 -1.76 -5.38 -28.82
C VAL B 243 -1.63 -5.94 -30.24
N GLN B 244 -2.75 -6.01 -30.96
CA GLN B 244 -2.75 -6.61 -32.29
C GLN B 244 -1.79 -5.90 -33.23
N VAL B 245 -1.85 -4.57 -33.25
CA VAL B 245 -0.94 -3.79 -34.09
C VAL B 245 0.51 -4.03 -33.69
N ALA B 246 0.78 -4.07 -32.38
CA ALA B 246 2.15 -4.32 -31.92
C ALA B 246 2.60 -5.73 -32.28
N GLU B 247 1.68 -6.70 -32.23
CA GLU B 247 2.04 -8.08 -32.56
C GLU B 247 2.42 -8.23 -34.03
N MSE B 248 1.75 -7.49 -34.90
CA MSE B 248 2.04 -7.57 -36.33
C MSE B 248 3.37 -6.91 -36.68
O MSE B 248 4.11 -7.40 -37.53
CB MSE B 248 0.91 -6.92 -37.13
CG MSE B 248 -0.38 -7.73 -37.15
SE MSE B 248 -0.19 -9.42 -38.09
CE MSE B 248 0.28 -8.73 -39.85
N VAL B 249 3.68 -5.80 -36.00
CA VAL B 249 4.91 -5.07 -36.28
C VAL B 249 6.13 -5.87 -35.82
N ILE B 250 6.05 -6.47 -34.62
CA ILE B 250 7.19 -7.20 -34.09
C ILE B 250 7.47 -8.45 -34.90
N GLU B 251 6.43 -9.08 -35.45
CA GLU B 251 6.65 -10.27 -36.27
C GLU B 251 7.23 -9.91 -37.62
N LYS B 252 6.74 -8.83 -38.22
CA LYS B 252 7.33 -8.32 -39.46
C LYS B 252 8.82 -8.03 -39.28
N ALA B 253 9.19 -7.51 -38.12
CA ALA B 253 10.61 -7.26 -37.84
C ALA B 253 11.40 -8.57 -37.80
N LYS B 254 10.88 -9.57 -37.09
CA LYS B 254 11.56 -10.86 -37.01
C LYS B 254 11.76 -11.46 -38.40
N ARG B 255 10.77 -11.30 -39.28
CA ARG B 255 10.89 -11.86 -40.63
C ARG B 255 12.01 -11.18 -41.41
N LEU B 256 12.11 -9.85 -41.32
CA LEU B 256 13.17 -9.14 -42.04
C LEU B 256 14.54 -9.49 -41.49
N VAL B 257 14.64 -9.69 -40.17
CA VAL B 257 15.91 -10.11 -39.58
C VAL B 257 16.30 -11.50 -40.08
N GLU B 258 15.32 -12.37 -40.33
CA GLU B 258 15.60 -13.67 -40.93
C GLU B 258 16.21 -13.54 -42.33
N HIS B 259 16.06 -12.37 -42.97
CA HIS B 259 16.68 -12.07 -44.24
C HIS B 259 17.97 -11.25 -44.09
N LYS B 260 18.59 -11.30 -42.91
CA LYS B 260 19.87 -10.64 -42.66
C LYS B 260 19.77 -9.13 -42.90
N LYS B 261 18.78 -8.50 -42.27
CA LYS B 261 18.56 -7.07 -42.39
C LYS B 261 18.55 -6.42 -41.01
N ASP B 262 19.02 -5.18 -40.96
CA ASP B 262 19.11 -4.42 -39.72
C ASP B 262 17.82 -3.62 -39.54
N VAL B 263 16.93 -4.11 -38.68
CA VAL B 263 15.64 -3.48 -38.42
C VAL B 263 15.70 -2.75 -37.08
N ILE B 264 15.15 -1.54 -37.05
CA ILE B 264 15.12 -0.72 -35.85
C ILE B 264 13.68 -0.30 -35.57
N ILE B 265 13.23 -0.51 -34.33
CA ILE B 265 11.87 -0.18 -33.91
C ILE B 265 11.94 0.85 -32.79
N LEU B 266 11.31 2.00 -33.01
CA LEU B 266 11.23 3.06 -32.02
C LEU B 266 9.82 3.05 -31.43
N LEU B 267 9.68 2.50 -30.24
CA LEU B 267 8.39 2.33 -29.59
C LEU B 267 8.11 3.48 -28.62
N ASP B 268 6.88 3.96 -28.64
CA ASP B 268 6.45 5.04 -27.76
C ASP B 268 4.93 5.00 -27.58
N SER B 269 4.48 4.54 -26.42
CA SER B 269 5.37 4.10 -25.34
C SER B 269 5.20 2.61 -25.05
N ILE B 270 6.29 1.96 -24.64
CA ILE B 270 6.22 0.56 -24.23
C ILE B 270 5.52 0.42 -22.88
N THR B 271 5.58 1.46 -22.04
CA THR B 271 4.80 1.45 -20.81
C THR B 271 3.32 1.42 -21.10
N ARG B 272 2.87 2.22 -22.09
CA ARG B 272 1.48 2.16 -22.52
C ARG B 272 1.14 0.80 -23.10
N LEU B 273 2.08 0.20 -23.84
CA LEU B 273 1.85 -1.11 -24.42
C LEU B 273 1.73 -2.18 -23.35
N ALA B 274 2.57 -2.11 -22.31
CA ALA B 274 2.48 -3.07 -21.22
C ALA B 274 1.12 -3.00 -20.53
N ARG B 275 0.59 -1.80 -20.35
CA ARG B 275 -0.76 -1.66 -19.81
C ARG B 275 -1.79 -2.32 -20.71
N ALA B 276 -1.63 -2.16 -22.03
CA ALA B 276 -2.57 -2.79 -22.97
C ALA B 276 -2.59 -4.29 -22.81
N TYR B 277 -1.42 -4.91 -22.66
CA TYR B 277 -1.36 -6.35 -22.40
C TYR B 277 -2.01 -6.69 -21.06
N ASN B 278 -1.83 -5.83 -20.06
CA ASN B 278 -2.42 -6.08 -18.75
C ASN B 278 -3.95 -6.01 -18.79
N THR B 279 -4.50 -5.23 -19.71
CA THR B 279 -5.94 -5.12 -19.85
C THR B 279 -6.54 -6.31 -20.58
N VAL B 280 -5.79 -6.89 -21.53
CA VAL B 280 -6.30 -8.01 -22.30
C VAL B 280 -5.99 -9.35 -21.65
N VAL B 281 -4.95 -9.42 -20.81
CA VAL B 281 -4.48 -10.72 -20.30
C VAL B 281 -5.56 -11.38 -19.46
N PRO B 282 -5.77 -12.69 -19.59
CA PRO B 282 -6.75 -13.36 -18.75
C PRO B 282 -6.31 -13.34 -17.29
N ALA B 283 -7.31 -13.32 -16.39
CA ALA B 283 -7.04 -13.30 -14.96
C ALA B 283 -6.44 -14.63 -14.54
N SER B 284 -5.24 -14.58 -13.94
CA SER B 284 -4.56 -15.76 -13.44
C SER B 284 -4.80 -16.01 -11.96
N GLY B 285 -5.45 -15.09 -11.26
CA GLY B 285 -5.62 -15.19 -9.82
C GLY B 285 -4.53 -14.55 -8.99
N LYS B 286 -3.39 -14.23 -9.60
CA LYS B 286 -2.26 -13.62 -8.91
C LYS B 286 -2.02 -12.25 -9.51
N VAL B 287 -2.00 -11.22 -8.66
CA VAL B 287 -1.83 -9.84 -9.09
C VAL B 287 -0.61 -9.26 -8.39
N LEU B 288 0.34 -8.77 -9.17
CA LEU B 288 1.53 -8.13 -8.64
C LEU B 288 1.18 -6.76 -8.05
N THR B 289 2.19 -6.12 -7.45
CA THR B 289 1.99 -4.80 -6.86
C THR B 289 1.74 -3.77 -7.95
N GLY B 290 0.73 -2.93 -7.74
CA GLY B 290 0.34 -1.92 -8.70
C GLY B 290 -0.84 -2.30 -9.56
N GLY B 291 -1.38 -3.51 -9.43
CA GLY B 291 -2.45 -3.96 -10.27
C GLY B 291 -2.03 -4.70 -11.52
N VAL B 292 -0.77 -5.12 -11.60
CA VAL B 292 -0.26 -5.83 -12.77
C VAL B 292 -0.46 -7.32 -12.57
N ASP B 293 -1.15 -7.96 -13.50
CA ASP B 293 -1.34 -9.39 -13.44
C ASP B 293 0.00 -10.10 -13.51
N ALA B 294 0.12 -11.21 -12.78
CA ALA B 294 1.39 -11.94 -12.70
C ALA B 294 1.83 -12.52 -14.03
N ASN B 295 0.94 -12.58 -15.02
CA ASN B 295 1.29 -13.06 -16.35
C ASN B 295 1.14 -11.99 -17.42
N ALA B 296 0.83 -10.74 -17.03
CA ALA B 296 0.58 -9.69 -18.01
C ALA B 296 1.87 -9.23 -18.68
N LEU B 297 2.95 -9.16 -17.92
CA LEU B 297 4.22 -8.65 -18.46
C LEU B 297 4.96 -9.64 -19.33
N HIS B 298 4.51 -10.89 -19.40
CA HIS B 298 5.20 -11.88 -20.21
C HIS B 298 5.17 -11.51 -21.70
N ARG B 299 4.02 -11.03 -22.18
CA ARG B 299 3.92 -10.68 -23.60
C ARG B 299 4.79 -9.48 -23.97
N PRO B 300 4.71 -8.33 -23.30
CA PRO B 300 5.58 -7.22 -23.69
C PRO B 300 7.05 -7.49 -23.41
N LYS B 301 7.37 -8.41 -22.49
CA LYS B 301 8.76 -8.73 -22.21
C LYS B 301 9.40 -9.47 -23.38
N ARG B 302 8.64 -10.36 -24.03
CA ARG B 302 9.14 -11.03 -25.22
C ARG B 302 9.08 -10.15 -26.46
N PHE B 303 8.23 -9.12 -26.44
CA PHE B 303 8.27 -8.09 -27.48
C PHE B 303 9.55 -7.27 -27.38
N PHE B 304 9.80 -6.69 -26.19
CA PHE B 304 11.00 -5.91 -25.98
C PHE B 304 12.25 -6.77 -26.04
N GLY B 305 12.19 -7.97 -25.48
CA GLY B 305 13.31 -8.89 -25.52
C GLY B 305 13.60 -9.46 -26.90
N ALA B 306 12.73 -9.22 -27.88
CA ALA B 306 13.00 -9.68 -29.23
C ALA B 306 14.21 -8.99 -29.83
N ALA B 307 14.48 -7.74 -29.45
CA ALA B 307 15.66 -7.02 -29.92
C ALA B 307 16.92 -7.77 -29.53
N ARG B 308 17.85 -7.90 -30.50
CA ARG B 308 19.08 -8.65 -30.28
C ARG B 308 19.97 -8.51 -31.51
N ASN B 309 21.27 -8.69 -31.29
CA ASN B 309 22.26 -8.74 -32.36
C ASN B 309 22.48 -10.18 -32.78
N VAL B 310 22.39 -10.44 -34.08
CA VAL B 310 22.48 -11.78 -34.63
C VAL B 310 23.84 -11.98 -35.26
N GLU B 311 24.46 -13.13 -34.95
CA GLU B 311 25.77 -13.45 -35.52
C GLU B 311 25.66 -13.82 -36.99
N GLU B 312 24.56 -14.48 -37.38
CA GLU B 312 24.39 -14.88 -38.78
C GLU B 312 24.35 -13.66 -39.71
N GLY B 313 23.74 -12.59 -39.26
CA GLY B 313 23.63 -11.38 -40.06
C GLY B 313 22.36 -10.62 -39.71
N GLY B 314 22.44 -9.29 -39.82
CA GLY B 314 21.32 -8.43 -39.47
C GLY B 314 21.08 -8.38 -37.98
N SER B 315 20.13 -7.54 -37.56
CA SER B 315 19.84 -7.39 -36.14
C SER B 315 18.49 -6.69 -35.98
N LEU B 316 18.02 -6.66 -34.73
CA LEU B 316 16.75 -6.04 -34.37
C LEU B 316 17.01 -5.09 -33.21
N THR B 317 16.95 -3.79 -33.47
CA THR B 317 17.14 -2.76 -32.45
C THR B 317 15.78 -2.23 -32.00
N ILE B 318 15.65 -1.98 -30.70
CA ILE B 318 14.39 -1.49 -30.13
C ILE B 318 14.70 -0.42 -29.08
N ILE B 319 14.27 0.81 -29.35
CA ILE B 319 14.43 1.94 -28.44
C ILE B 319 13.01 2.37 -28.05
N ALA B 320 12.59 2.01 -26.83
CA ALA B 320 11.24 2.29 -26.36
C ALA B 320 11.27 3.26 -25.18
N THR B 321 10.30 4.16 -25.14
CA THR B 321 10.17 5.10 -24.03
C THR B 321 9.40 4.47 -22.87
N ALA B 322 9.73 4.89 -21.65
CA ALA B 322 9.12 4.35 -20.45
C ALA B 322 8.78 5.49 -19.49
N LEU B 323 7.74 5.25 -18.69
CA LEU B 323 7.24 6.23 -17.73
C LEU B 323 7.62 5.82 -16.31
N ILE B 324 7.99 6.81 -15.50
CA ILE B 324 8.29 6.62 -14.08
C ILE B 324 7.74 7.81 -13.31
N ASP B 325 7.71 7.67 -11.98
CA ASP B 325 7.26 8.72 -11.08
C ASP B 325 5.87 9.23 -11.48
N THR B 326 5.01 8.30 -11.91
CA THR B 326 3.65 8.63 -12.27
C THR B 326 2.70 8.59 -11.09
N GLY B 327 3.21 8.29 -9.89
CA GLY B 327 2.35 8.06 -8.74
C GLY B 327 1.70 6.69 -8.70
N SER B 328 1.89 5.87 -9.74
CA SER B 328 1.30 4.55 -9.83
C SER B 328 2.41 3.50 -9.73
N LYS B 329 2.34 2.65 -8.71
CA LYS B 329 3.36 1.62 -8.52
C LYS B 329 3.44 0.66 -9.70
N MSE B 330 2.36 0.52 -10.46
CA MSE B 330 2.34 -0.31 -11.65
C MSE B 330 3.47 0.04 -12.61
O MSE B 330 4.23 -0.83 -13.03
CB MSE B 330 0.99 -0.20 -12.37
CG MSE B 330 1.03 -0.62 -13.83
SE MSE B 330 -0.69 -0.51 -14.74
CE MSE B 330 -1.72 -1.72 -13.62
N ASP B 331 3.58 1.33 -12.93
CA ASP B 331 4.60 1.79 -13.86
C ASP B 331 6.01 1.55 -13.32
N GLU B 332 6.17 1.55 -11.98
CA GLU B 332 7.46 1.19 -11.41
C GLU B 332 7.79 -0.27 -11.67
N VAL B 333 6.79 -1.15 -11.61
CA VAL B 333 7.02 -2.56 -11.87
C VAL B 333 7.37 -2.79 -13.34
N ILE B 334 6.61 -2.17 -14.24
CA ILE B 334 6.87 -2.30 -15.67
C ILE B 334 8.27 -1.80 -16.00
N TYR B 335 8.60 -0.60 -15.54
CA TYR B 335 9.90 0.00 -15.84
C TYR B 335 11.03 -0.85 -15.27
N GLU B 336 10.87 -1.36 -14.05
CA GLU B 336 11.92 -2.17 -13.45
C GLU B 336 12.05 -3.53 -14.14
N GLU B 337 10.96 -4.03 -14.72
CA GLU B 337 11.01 -5.31 -15.41
C GLU B 337 11.74 -5.19 -16.73
N PHE B 338 11.40 -4.18 -17.54
CA PHE B 338 12.11 -3.95 -18.79
C PHE B 338 13.56 -3.56 -18.53
N LYS B 339 13.86 -2.98 -17.36
CA LYS B 339 15.24 -2.66 -17.03
C LYS B 339 16.09 -3.91 -16.91
N GLY B 340 15.56 -4.96 -16.29
CA GLY B 340 16.21 -6.26 -16.23
C GLY B 340 16.12 -7.08 -17.49
N THR B 341 15.60 -6.49 -18.56
CA THR B 341 15.51 -7.13 -19.88
C THR B 341 16.41 -6.46 -20.90
N GLY B 342 16.41 -5.13 -20.95
CA GLY B 342 17.20 -4.40 -21.92
C GLY B 342 18.65 -4.28 -21.52
N ASN B 343 19.36 -3.45 -22.28
CA ASN B 343 20.80 -3.26 -22.05
C ASN B 343 21.25 -1.85 -22.42
N MSE B 344 20.37 -0.86 -22.32
CA MSE B 344 20.69 0.52 -22.64
C MSE B 344 19.67 1.45 -21.97
O MSE B 344 18.47 1.27 -22.15
CB MSE B 344 20.72 0.74 -24.16
CG MSE B 344 21.01 2.17 -24.62
SE MSE B 344 19.45 3.36 -24.59
CE MSE B 344 20.25 4.92 -25.45
N GLU B 345 20.14 2.41 -21.20
CA GLU B 345 19.26 3.27 -20.43
C GLU B 345 19.62 4.73 -20.67
N LEU B 346 18.61 5.54 -20.97
CA LEU B 346 18.77 6.99 -21.14
C LEU B 346 17.67 7.67 -20.34
N HIS B 347 18.02 8.12 -19.14
CA HIS B 347 17.07 8.77 -18.26
C HIS B 347 17.00 10.26 -18.54
N LEU B 348 15.78 10.81 -18.48
CA LEU B 348 15.55 12.23 -18.61
C LEU B 348 14.93 12.76 -17.33
N SER B 349 15.37 13.94 -16.90
CA SER B 349 14.97 14.48 -15.62
C SER B 349 13.93 15.57 -15.77
N ARG B 350 12.93 15.56 -14.89
CA ARG B 350 11.88 16.57 -14.93
C ARG B 350 12.38 17.92 -14.43
N LYS B 351 13.19 17.92 -13.36
CA LYS B 351 13.71 19.19 -12.84
C LYS B 351 14.61 19.88 -13.84
N ILE B 352 15.30 19.12 -14.70
CA ILE B 352 16.09 19.73 -15.76
C ILE B 352 15.18 20.27 -16.86
N ALA B 353 14.15 19.52 -17.23
CA ALA B 353 13.23 19.97 -18.27
C ALA B 353 12.41 21.18 -17.81
N GLU B 354 12.12 21.27 -16.50
CA GLU B 354 11.38 22.41 -15.99
C GLU B 354 12.22 23.69 -15.99
N LYS B 355 13.54 23.56 -15.92
CA LYS B 355 14.44 24.70 -16.14
C LYS B 355 14.64 25.00 -17.62
N ARG B 356 13.99 24.24 -18.51
CA ARG B 356 14.06 24.43 -19.95
C ARG B 356 15.47 24.16 -20.50
N VAL B 357 16.19 23.23 -19.87
CA VAL B 357 17.51 22.82 -20.31
C VAL B 357 17.35 21.52 -21.09
N PHE B 358 17.44 21.60 -22.42
CA PHE B 358 17.29 20.43 -23.26
C PHE B 358 18.57 20.15 -24.06
N PRO B 359 18.92 18.86 -24.22
CA PRO B 359 18.19 17.70 -23.70
C PRO B 359 18.35 17.52 -22.20
N ALA B 360 17.24 17.24 -21.51
CA ALA B 360 17.23 17.11 -20.05
C ALA B 360 17.65 15.69 -19.68
N ILE B 361 18.92 15.40 -19.92
CA ILE B 361 19.46 14.05 -19.76
C ILE B 361 20.12 13.91 -18.40
N ASP B 362 19.72 12.88 -17.66
CA ASP B 362 20.35 12.51 -16.39
C ASP B 362 21.60 11.71 -16.73
N TYR B 363 22.73 12.42 -16.85
CA TYR B 363 23.95 11.81 -17.35
C TYR B 363 24.41 10.65 -16.47
N ASN B 364 24.33 10.82 -15.15
CA ASN B 364 24.90 9.82 -14.25
C ASN B 364 24.13 8.51 -14.29
N ARG B 365 22.81 8.57 -14.40
CA ARG B 365 21.99 7.38 -14.40
C ARG B 365 21.85 6.74 -15.78
N SER B 366 22.27 7.41 -16.84
CA SER B 366 22.23 6.85 -18.18
C SER B 366 23.40 5.90 -18.39
N GLY B 367 23.43 5.25 -19.55
CA GLY B 367 24.52 4.37 -19.91
C GLY B 367 24.04 3.18 -20.72
N THR B 368 25.00 2.51 -21.37
CA THR B 368 24.75 1.36 -22.20
C THR B 368 25.66 0.21 -21.77
N ARG B 369 25.12 -1.01 -21.81
CA ARG B 369 25.89 -2.18 -21.45
C ARG B 369 26.86 -2.57 -22.57
N LYS B 370 28.01 -3.11 -22.16
CA LYS B 370 29.05 -3.56 -23.08
C LYS B 370 29.42 -2.44 -24.06
N GLU B 371 29.50 -1.20 -23.54
CA GLU B 371 29.78 -0.05 -24.39
C GLU B 371 31.17 -0.09 -25.00
N GLU B 372 32.09 -0.88 -24.43
CA GLU B 372 33.40 -1.07 -25.02
C GLU B 372 33.36 -1.79 -26.36
N LEU B 373 32.23 -2.41 -26.70
CA LEU B 373 32.03 -3.06 -27.99
C LEU B 373 31.47 -2.13 -29.05
N LEU B 374 31.01 -0.94 -28.67
CA LEU B 374 30.45 0.04 -29.59
C LEU B 374 31.30 1.28 -29.72
N THR B 375 32.46 1.33 -29.07
CA THR B 375 33.33 2.49 -29.09
C THR B 375 34.78 2.04 -29.18
N THR B 376 35.62 2.88 -29.79
CA THR B 376 37.05 2.59 -29.85
C THR B 376 37.68 2.79 -28.46
N GLN B 377 38.82 2.13 -28.25
CA GLN B 377 39.52 2.24 -26.98
C GLN B 377 39.79 3.69 -26.62
N GLU B 378 40.22 4.49 -27.61
CA GLU B 378 40.46 5.91 -27.37
C GLU B 378 39.15 6.63 -27.06
N GLU B 379 38.11 6.38 -27.87
CA GLU B 379 36.82 7.04 -27.65
C GLU B 379 36.25 6.72 -26.28
N LEU B 380 36.30 5.45 -25.89
CA LEU B 380 35.80 5.06 -24.57
C LEU B 380 36.62 5.69 -23.45
N GLN B 381 37.92 5.89 -23.67
CA GLN B 381 38.76 6.55 -22.68
C GLN B 381 38.26 7.96 -22.39
N LYS B 382 38.08 8.77 -23.43
CA LYS B 382 37.63 10.15 -23.24
C LYS B 382 36.21 10.22 -22.69
N MSE B 383 35.38 9.23 -23.01
CA MSE B 383 34.04 9.14 -22.43
C MSE B 383 34.13 8.81 -20.95
O MSE B 383 33.41 9.36 -20.12
CB MSE B 383 33.20 8.10 -23.15
CG MSE B 383 32.67 8.54 -24.49
SE MSE B 383 31.93 7.04 -25.50
CE MSE B 383 30.90 6.19 -24.09
N TRP B 384 35.05 7.89 -20.62
CA TRP B 384 35.27 7.51 -19.23
C TRP B 384 35.77 8.68 -18.41
N ILE B 385 36.66 9.49 -18.99
CA ILE B 385 37.16 10.68 -18.30
C ILE B 385 36.04 11.69 -18.08
N LEU B 386 35.30 11.98 -19.15
CA LEU B 386 34.17 12.90 -19.04
C LEU B 386 33.15 12.43 -18.01
N ARG B 387 33.05 11.11 -17.81
CA ARG B 387 32.16 10.56 -16.79
C ARG B 387 32.59 11.00 -15.40
N LYS B 388 33.86 10.82 -15.07
CA LYS B 388 34.35 11.15 -13.73
C LYS B 388 34.22 12.63 -13.42
N ILE B 389 34.31 13.49 -14.44
CA ILE B 389 34.23 14.93 -14.22
C ILE B 389 32.78 15.35 -13.95
N ILE B 390 31.83 14.73 -14.64
CA ILE B 390 30.43 15.13 -14.54
C ILE B 390 29.77 14.53 -13.29
N HIS B 391 30.19 13.34 -12.89
CA HIS B 391 29.56 12.63 -11.77
C HIS B 391 29.39 13.51 -10.52
N PRO B 392 30.41 14.21 -10.01
CA PRO B 392 30.19 15.02 -8.80
C PRO B 392 29.18 16.14 -8.99
N MSE B 393 28.90 16.54 -10.23
CA MSE B 393 27.98 17.65 -10.48
C MSE B 393 26.53 17.23 -10.25
O MSE B 393 26.20 16.05 -10.31
CB MSE B 393 28.16 18.15 -11.92
CG MSE B 393 29.57 18.57 -12.26
SE MSE B 393 29.73 19.15 -14.12
CE MSE B 393 31.63 19.58 -14.14
N GLY B 394 25.68 18.22 -10.00
CA GLY B 394 24.26 17.96 -9.91
C GLY B 394 23.64 17.74 -11.28
N GLU B 395 22.39 17.29 -11.27
CA GLU B 395 21.69 16.95 -12.51
C GLU B 395 21.68 18.14 -13.47
N ILE B 396 21.20 19.29 -13.01
CA ILE B 396 21.08 20.46 -13.88
C ILE B 396 22.46 20.97 -14.28
N ASP B 397 23.34 21.18 -13.29
CA ASP B 397 24.68 21.67 -13.58
C ASP B 397 25.42 20.75 -14.55
N ALA B 398 25.12 19.46 -14.51
CA ALA B 398 25.80 18.52 -15.41
C ALA B 398 25.45 18.81 -16.87
N MSE B 399 24.17 19.00 -17.17
CA MSE B 399 23.74 19.26 -18.54
C MSE B 399 24.18 20.63 -19.01
O MSE B 399 24.70 20.77 -20.12
CB MSE B 399 22.22 19.12 -18.66
CG MSE B 399 21.76 17.69 -18.90
SE MSE B 399 22.55 16.86 -20.49
CE MSE B 399 24.09 15.97 -19.67
N GLU B 400 23.98 21.65 -18.17
CA GLU B 400 24.43 22.99 -18.53
C GLU B 400 25.93 23.03 -18.78
N PHE B 401 26.70 22.18 -18.08
CA PHE B 401 28.13 22.10 -18.33
C PHE B 401 28.43 21.45 -19.67
N LEU B 402 27.85 20.27 -19.92
CA LEU B 402 28.17 19.53 -21.13
C LEU B 402 27.63 20.22 -22.38
N ILE B 403 26.43 20.80 -22.28
CA ILE B 403 25.82 21.45 -23.44
C ILE B 403 26.64 22.66 -23.87
N ASN B 404 27.14 23.43 -22.89
CA ASN B 404 27.93 24.62 -23.21
C ASN B 404 29.27 24.24 -23.85
N LYS B 405 29.90 23.18 -23.35
CA LYS B 405 31.19 22.76 -23.91
C LYS B 405 31.02 22.18 -25.30
N LEU B 406 29.92 21.46 -25.54
CA LEU B 406 29.66 20.94 -26.88
C LEU B 406 29.18 22.04 -27.83
N ALA B 407 28.53 23.08 -27.30
CA ALA B 407 28.04 24.16 -28.16
C ALA B 407 29.18 24.86 -28.88
N MSE B 408 30.37 24.91 -28.28
CA MSE B 408 31.53 25.54 -28.88
C MSE B 408 31.98 24.80 -30.14
O MSE B 408 32.50 25.39 -31.08
CB MSE B 408 32.67 25.62 -27.87
CG MSE B 408 32.31 26.32 -26.59
SE MSE B 408 33.72 26.19 -25.24
CE MSE B 408 32.91 27.28 -23.85
N THR B 409 31.78 23.48 -30.13
CA THR B 409 32.26 22.61 -31.18
C THR B 409 31.09 22.11 -32.03
N LYS B 410 31.40 21.70 -33.26
CA LYS B 410 30.42 21.10 -34.15
C LYS B 410 30.42 19.57 -34.08
N THR B 411 31.55 18.95 -33.75
CA THR B 411 31.64 17.49 -33.70
C THR B 411 32.29 17.03 -32.40
N ASN B 412 31.80 15.92 -31.85
CA ASN B 412 32.37 15.38 -30.61
C ASN B 412 33.86 15.09 -30.74
N ASP B 413 34.32 14.81 -31.96
CA ASP B 413 35.74 14.54 -32.18
C ASP B 413 36.58 15.78 -31.87
N ASP B 414 36.20 16.94 -32.41
CA ASP B 414 36.92 18.17 -32.09
C ASP B 414 36.73 18.55 -30.63
N PHE B 415 35.61 18.13 -30.01
CA PHE B 415 35.44 18.34 -28.58
C PHE B 415 36.42 17.49 -27.78
N PHE B 416 36.70 16.27 -28.26
CA PHE B 416 37.72 15.44 -27.63
C PHE B 416 39.11 16.04 -27.81
N GLU B 417 39.33 16.81 -28.87
CA GLU B 417 40.63 17.41 -29.11
C GLU B 417 40.92 18.52 -28.10
N MSE B 418 39.89 19.29 -27.73
CA MSE B 418 40.04 20.34 -26.74
C MSE B 418 40.28 19.74 -25.35
O MSE B 418 40.71 20.44 -24.43
CB MSE B 418 38.81 21.25 -26.70
CG MSE B 418 38.62 22.09 -27.96
SE MSE B 418 37.11 23.32 -27.78
CE MSE B 418 37.29 24.27 -29.47
N MSE B 419 39.98 18.46 -25.22
CA MSE B 419 40.09 17.77 -23.93
C MSE B 419 41.55 17.47 -23.59
O MSE B 419 41.87 17.18 -22.44
CB MSE B 419 39.26 16.48 -23.95
CG MSE B 419 38.90 15.94 -22.58
SE MSE B 419 37.62 14.48 -22.68
CE MSE B 419 36.23 15.40 -23.67
N LYS B 420 42.42 17.55 -24.59
CA LYS B 420 43.84 17.33 -24.37
C LYS B 420 44.50 18.57 -23.77
N MSE C 4 -43.19 31.12 -32.43
CA MSE C 4 -43.79 30.10 -31.58
C MSE C 4 -42.83 28.93 -31.38
O MSE C 4 -42.85 27.97 -32.14
CB MSE C 4 -45.10 29.59 -32.18
CG MSE C 4 -45.94 28.77 -31.24
SE MSE C 4 -46.60 29.83 -29.73
CE MSE C 4 -47.69 28.46 -28.88
N ASN C 5 -41.97 29.03 -30.36
CA ASN C 5 -40.94 28.03 -30.12
C ASN C 5 -41.08 27.46 -28.72
N LEU C 6 -40.77 26.16 -28.59
CA LEU C 6 -40.97 25.46 -27.32
C LEU C 6 -40.03 26.00 -26.25
N THR C 7 -38.72 25.94 -26.50
CA THR C 7 -37.76 26.37 -25.48
C THR C 7 -37.94 27.84 -25.13
N GLU C 8 -38.41 28.66 -26.08
CA GLU C 8 -38.67 30.05 -25.77
C GLU C 8 -39.80 30.19 -24.76
N LEU C 9 -40.83 29.33 -24.86
CA LEU C 9 -41.90 29.35 -23.87
C LEU C 9 -41.43 28.82 -22.52
N LYS C 10 -40.48 27.88 -22.52
CA LYS C 10 -39.90 27.41 -21.27
C LYS C 10 -39.06 28.49 -20.59
N ASN C 11 -38.49 29.40 -21.38
CA ASN C 11 -37.66 30.47 -20.81
C ASN C 11 -38.51 31.62 -20.29
N THR C 12 -39.62 31.94 -20.97
CA THR C 12 -40.42 33.09 -20.59
C THR C 12 -41.00 32.88 -19.19
N PRO C 13 -41.15 33.96 -18.42
CA PRO C 13 -41.69 33.83 -17.06
C PRO C 13 -43.15 33.39 -17.06
N VAL C 14 -43.59 32.88 -15.92
CA VAL C 14 -44.96 32.39 -15.78
C VAL C 14 -45.96 33.52 -16.01
N SER C 15 -45.65 34.71 -15.50
CA SER C 15 -46.57 35.85 -15.61
C SER C 15 -46.95 36.10 -17.07
N GLU C 16 -45.94 36.16 -17.96
CA GLU C 16 -46.23 36.40 -19.37
C GLU C 16 -46.90 35.20 -20.02
N LEU C 17 -46.67 33.99 -19.50
CA LEU C 17 -47.33 32.81 -20.04
C LEU C 17 -48.80 32.80 -19.69
N ILE C 18 -49.14 33.12 -18.43
CA ILE C 18 -50.54 33.17 -18.02
C ILE C 18 -51.27 34.24 -18.84
N THR C 19 -50.68 35.42 -18.97
CA THR C 19 -51.29 36.47 -19.78
C THR C 19 -51.46 36.02 -21.22
N LEU C 20 -50.39 35.53 -21.84
CA LEU C 20 -50.47 35.07 -23.23
C LEU C 20 -51.56 34.01 -23.39
N GLY C 21 -51.71 33.13 -22.41
CA GLY C 21 -52.71 32.07 -22.53
C GLY C 21 -54.14 32.60 -22.42
N GLU C 22 -54.35 33.62 -21.60
CA GLU C 22 -55.68 34.19 -21.44
C GLU C 22 -56.15 34.90 -22.70
N ASN C 23 -55.22 35.51 -23.44
CA ASN C 23 -55.58 36.20 -24.67
C ASN C 23 -56.07 35.23 -25.74
N MSE C 24 -55.55 34.00 -25.74
CA MSE C 24 -55.94 33.01 -26.74
C MSE C 24 -57.28 32.37 -26.39
O MSE C 24 -57.96 31.80 -27.24
CB MSE C 24 -54.86 31.93 -26.86
CG MSE C 24 -53.46 32.48 -26.93
SE MSE C 24 -52.10 31.10 -27.17
CE MSE C 24 -52.47 30.64 -29.02
N GLY C 25 -57.68 32.49 -25.12
CA GLY C 25 -58.92 31.92 -24.65
C GLY C 25 -58.79 30.46 -24.23
N MSE C 32 -52.94 25.25 -12.94
CA MSE C 32 -52.17 24.15 -13.51
C MSE C 32 -50.68 24.49 -13.56
O MSE C 32 -50.30 25.65 -13.53
CB MSE C 32 -52.69 23.80 -14.91
CG MSE C 32 -52.77 24.99 -15.83
SE MSE C 32 -53.57 24.57 -17.56
CE MSE C 32 -55.36 24.10 -16.95
N ARG C 33 -49.84 23.44 -13.61
CA ARG C 33 -48.40 23.62 -13.60
C ARG C 33 -47.92 24.27 -14.89
N LYS C 34 -46.75 24.93 -14.79
CA LYS C 34 -46.20 25.67 -15.93
C LYS C 34 -46.07 24.80 -17.17
N GLN C 35 -45.61 23.55 -17.00
CA GLN C 35 -45.53 22.64 -18.13
C GLN C 35 -46.89 22.45 -18.80
N ASP C 36 -47.97 22.49 -18.03
CA ASP C 36 -49.30 22.36 -18.60
C ASP C 36 -49.71 23.62 -19.36
N ILE C 37 -49.31 24.80 -18.84
CA ILE C 37 -49.56 26.04 -19.57
C ILE C 37 -48.96 25.96 -20.96
N ILE C 38 -47.68 25.62 -21.05
CA ILE C 38 -47.00 25.55 -22.33
C ILE C 38 -47.65 24.49 -23.22
N PHE C 39 -47.92 23.31 -22.66
CA PHE C 39 -48.51 22.23 -23.44
C PHE C 39 -49.88 22.61 -23.98
N ALA C 40 -50.72 23.20 -23.13
CA ALA C 40 -52.05 23.62 -23.57
C ALA C 40 -51.97 24.73 -24.60
N ILE C 41 -51.04 25.68 -24.42
CA ILE C 41 -50.88 26.77 -25.39
C ILE C 41 -50.39 26.23 -26.72
N LEU C 42 -49.45 25.29 -26.69
CA LEU C 42 -48.95 24.70 -27.94
C LEU C 42 -50.06 23.95 -28.68
N LYS C 43 -50.89 23.22 -27.95
CA LYS C 43 -51.99 22.50 -28.58
C LYS C 43 -52.95 23.47 -29.25
N GLN C 44 -53.35 24.53 -28.54
CA GLN C 44 -54.29 25.50 -29.09
C GLN C 44 -53.72 26.17 -30.34
N HIS C 45 -52.41 26.44 -30.32
CA HIS C 45 -51.76 27.02 -31.50
C HIS C 45 -51.74 26.04 -32.66
N ALA C 46 -51.66 24.73 -32.37
CA ALA C 46 -51.69 23.73 -33.43
C ALA C 46 -53.08 23.62 -34.04
N LYS C 47 -54.14 23.80 -33.23
CA LYS C 47 -55.50 23.74 -33.76
C LYS C 47 -55.74 24.82 -34.80
N SER C 48 -55.14 26.00 -34.62
CA SER C 48 -55.28 27.07 -35.59
C SER C 48 -54.64 26.75 -36.94
N GLY C 49 -53.87 25.66 -37.02
CA GLY C 49 -53.14 25.32 -38.23
C GLY C 49 -51.74 25.91 -38.31
N GLU C 50 -51.41 26.86 -37.44
CA GLU C 50 -50.09 27.47 -37.44
C GLU C 50 -49.03 26.45 -37.04
N ASP C 51 -47.79 26.73 -37.44
CA ASP C 51 -46.68 25.82 -37.19
C ASP C 51 -46.11 26.01 -35.79
N ILE C 52 -45.54 24.93 -35.25
CA ILE C 52 -44.89 24.91 -33.95
C ILE C 52 -43.43 24.55 -34.16
N PHE C 53 -42.56 25.09 -33.30
CA PHE C 53 -41.12 24.88 -33.43
C PHE C 53 -40.51 24.48 -32.10
N GLY C 54 -39.44 23.68 -32.18
CA GLY C 54 -38.69 23.24 -31.02
C GLY C 54 -37.24 22.99 -31.41
N ASP C 55 -36.42 22.67 -30.42
CA ASP C 55 -34.99 22.47 -30.67
C ASP C 55 -34.33 21.81 -29.46
N GLY C 56 -33.12 21.32 -29.67
CA GLY C 56 -32.33 20.67 -28.64
C GLY C 56 -31.23 19.83 -29.25
N VAL C 57 -30.35 19.35 -28.38
CA VAL C 57 -29.21 18.53 -28.81
C VAL C 57 -29.66 17.06 -28.90
N LEU C 58 -29.26 16.40 -29.99
CA LEU C 58 -29.70 15.05 -30.28
C LEU C 58 -28.95 14.02 -29.44
N GLU C 59 -29.67 12.97 -29.03
CA GLU C 59 -29.07 11.83 -28.33
C GLU C 59 -29.71 10.56 -28.88
N ILE C 60 -28.95 9.80 -29.67
CA ILE C 60 -29.47 8.61 -30.32
C ILE C 60 -29.43 7.43 -29.35
N LEU C 61 -30.58 6.79 -29.15
CA LEU C 61 -30.66 5.63 -28.29
C LEU C 61 -30.18 4.39 -29.03
N GLN C 62 -30.06 3.28 -28.29
CA GLN C 62 -29.55 2.04 -28.86
C GLN C 62 -30.50 1.44 -29.89
N ASP C 63 -31.79 1.76 -29.81
CA ASP C 63 -32.76 1.15 -30.72
C ASP C 63 -32.68 1.73 -32.12
N GLY C 64 -32.09 2.92 -32.29
CA GLY C 64 -31.99 3.57 -33.58
C GLY C 64 -32.61 4.95 -33.62
N PHE C 65 -33.58 5.20 -32.75
CA PHE C 65 -34.21 6.51 -32.65
C PHE C 65 -33.53 7.33 -31.56
N GLY C 66 -33.92 8.61 -31.46
CA GLY C 66 -33.31 9.51 -30.50
C GLY C 66 -34.27 10.61 -30.09
N PHE C 67 -33.79 11.44 -29.16
CA PHE C 67 -34.55 12.57 -28.64
C PHE C 67 -33.67 13.81 -28.60
N LEU C 68 -34.33 14.97 -28.55
CA LEU C 68 -33.66 16.27 -28.50
C LEU C 68 -33.67 16.76 -27.07
N ARG C 69 -32.62 16.42 -26.32
CA ARG C 69 -32.50 16.86 -24.94
C ARG C 69 -32.40 18.39 -24.88
N SER C 70 -32.78 18.93 -23.72
CA SER C 70 -32.78 20.37 -23.52
C SER C 70 -31.72 20.77 -22.50
N ALA C 71 -31.26 22.02 -22.62
CA ALA C 71 -30.18 22.51 -21.76
C ALA C 71 -30.64 22.73 -20.33
N ASP C 72 -31.92 23.08 -20.13
CA ASP C 72 -32.45 23.26 -18.78
C ASP C 72 -32.48 21.96 -17.99
N SER C 73 -32.31 20.81 -18.65
CA SER C 73 -32.22 19.51 -17.99
C SER C 73 -30.81 18.93 -18.06
N SER C 74 -29.80 19.77 -18.30
CA SER C 74 -28.41 19.35 -18.45
C SER C 74 -28.26 18.30 -19.55
N TYR C 75 -29.11 18.38 -20.56
CA TYR C 75 -29.11 17.45 -21.70
C TYR C 75 -29.43 16.02 -21.26
N LEU C 76 -30.18 15.89 -20.16
CA LEU C 76 -30.67 14.60 -19.70
C LEU C 76 -32.11 14.41 -20.14
N ALA C 77 -32.67 13.25 -19.80
CA ALA C 77 -34.04 12.93 -20.17
C ALA C 77 -35.00 13.98 -19.63
N GLY C 78 -35.83 14.54 -20.50
CA GLY C 78 -36.73 15.59 -20.13
C GLY C 78 -38.15 15.38 -20.62
N PRO C 79 -39.12 15.98 -19.93
CA PRO C 79 -40.52 15.82 -20.34
C PRO C 79 -40.83 16.44 -21.69
N ASP C 80 -40.13 17.51 -22.07
CA ASP C 80 -40.36 18.21 -23.33
C ASP C 80 -39.39 17.80 -24.42
N ASP C 81 -38.86 16.57 -24.34
CA ASP C 81 -37.93 16.09 -25.35
C ASP C 81 -38.66 15.78 -26.65
N ILE C 82 -37.98 16.02 -27.77
CA ILE C 82 -38.56 15.88 -29.09
C ILE C 82 -38.05 14.57 -29.71
N TYR C 83 -39.00 13.72 -30.12
CA TYR C 83 -38.64 12.45 -30.73
C TYR C 83 -38.11 12.66 -32.14
N VAL C 84 -37.02 11.96 -32.48
CA VAL C 84 -36.41 12.02 -33.80
C VAL C 84 -36.42 10.62 -34.39
N SER C 85 -37.20 10.42 -35.45
CA SER C 85 -37.34 9.10 -36.03
C SER C 85 -36.02 8.64 -36.66
N PRO C 86 -35.76 7.34 -36.69
CA PRO C 86 -34.53 6.84 -37.31
C PRO C 86 -34.35 7.30 -38.75
N SER C 87 -35.43 7.28 -39.55
CA SER C 87 -35.35 7.71 -40.94
C SER C 87 -34.79 9.13 -41.05
N GLN C 88 -35.16 10.01 -40.11
CA GLN C 88 -34.62 11.37 -40.11
C GLN C 88 -33.13 11.38 -39.81
N ILE C 89 -32.68 10.45 -38.95
CA ILE C 89 -31.26 10.37 -38.62
C ILE C 89 -30.46 9.86 -39.82
N ARG C 90 -30.98 8.86 -40.51
CA ARG C 90 -30.28 8.31 -41.68
C ARG C 90 -30.21 9.31 -42.82
N ARG C 91 -31.24 10.16 -42.96
CA ARG C 91 -31.31 11.07 -44.09
C ARG C 91 -30.19 12.09 -44.06
N PHE C 92 -29.93 12.67 -42.89
CA PHE C 92 -28.93 13.72 -42.74
C PHE C 92 -27.70 13.24 -41.96
N ASN C 93 -27.56 11.93 -41.76
CA ASN C 93 -26.41 11.33 -41.06
C ASN C 93 -26.19 11.99 -39.70
N LEU C 94 -27.27 12.10 -38.94
CA LEU C 94 -27.19 12.72 -37.63
C LEU C 94 -26.55 11.78 -36.62
N ARG C 95 -25.84 12.37 -35.65
CA ARG C 95 -25.21 11.62 -34.58
C ARG C 95 -25.35 12.37 -33.27
N THR C 96 -25.13 11.66 -32.17
CA THR C 96 -25.29 12.22 -30.83
C THR C 96 -24.47 13.49 -30.67
N GLY C 97 -25.14 14.56 -30.26
CA GLY C 97 -24.53 15.86 -30.09
C GLY C 97 -25.02 16.92 -31.05
N ASP C 98 -25.59 16.52 -32.18
CA ASP C 98 -26.04 17.47 -33.19
C ASP C 98 -27.17 18.33 -32.65
N THR C 99 -26.97 19.65 -32.64
CA THR C 99 -28.02 20.59 -32.28
C THR C 99 -29.04 20.66 -33.42
N ILE C 100 -30.31 20.39 -33.12
CA ILE C 100 -31.35 20.28 -34.13
C ILE C 100 -32.47 21.28 -33.82
N SER C 101 -32.96 21.95 -34.86
CA SER C 101 -34.09 22.86 -34.76
C SER C 101 -35.03 22.60 -35.93
N GLY C 102 -36.33 22.58 -35.65
CA GLY C 102 -37.30 22.32 -36.69
C GLY C 102 -38.72 22.37 -36.18
N LYS C 103 -39.66 22.12 -37.10
CA LYS C 103 -41.07 22.13 -36.78
C LYS C 103 -41.47 20.86 -36.03
N ILE C 104 -42.37 21.00 -35.05
CA ILE C 104 -42.77 19.90 -34.18
C ILE C 104 -44.28 19.88 -34.04
N ARG C 105 -44.79 18.77 -33.51
CA ARG C 105 -46.22 18.56 -33.30
C ARG C 105 -46.47 17.94 -31.93
N PRO C 106 -47.61 18.24 -31.32
CA PRO C 106 -47.94 17.63 -30.04
C PRO C 106 -48.12 16.13 -30.17
N PRO C 107 -47.98 15.38 -29.07
CA PRO C 107 -48.10 13.93 -29.15
C PRO C 107 -49.54 13.51 -29.43
N LYS C 108 -49.69 12.54 -30.32
CA LYS C 108 -51.00 12.01 -30.69
C LYS C 108 -51.52 11.07 -29.59
N GLU C 109 -52.65 10.42 -29.87
CA GLU C 109 -53.23 9.46 -28.93
C GLU C 109 -52.36 8.21 -28.86
N GLY C 110 -51.87 7.90 -27.66
CA GLY C 110 -50.92 6.82 -27.47
C GLY C 110 -49.47 7.23 -27.52
N GLU C 111 -49.18 8.52 -27.57
CA GLU C 111 -47.82 9.04 -27.61
C GLU C 111 -47.56 9.88 -26.37
N ARG C 112 -46.28 10.03 -26.04
CA ARG C 112 -45.89 10.76 -24.84
C ARG C 112 -44.90 11.88 -25.12
N TYR C 113 -44.50 12.10 -26.37
CA TYR C 113 -43.45 13.07 -26.68
C TYR C 113 -43.83 13.85 -27.93
N PHE C 114 -43.27 15.06 -28.03
CA PHE C 114 -43.39 15.85 -29.24
C PHE C 114 -42.58 15.22 -30.37
N ALA C 115 -43.17 15.18 -31.55
CA ALA C 115 -42.52 14.59 -32.72
C ALA C 115 -41.95 15.67 -33.62
N LEU C 116 -40.91 15.31 -34.37
CA LEU C 116 -40.22 16.22 -35.27
C LEU C 116 -40.72 15.99 -36.69
N LEU C 117 -41.31 17.03 -37.29
CA LEU C 117 -41.83 16.93 -38.64
C LEU C 117 -40.73 17.15 -39.67
N LYS C 118 -40.10 18.32 -39.62
CA LYS C 118 -39.07 18.69 -40.59
C LYS C 118 -37.96 19.42 -39.87
N VAL C 119 -36.72 19.03 -40.16
CA VAL C 119 -35.55 19.64 -39.54
C VAL C 119 -35.13 20.85 -40.37
N ASN C 120 -35.16 22.03 -39.76
CA ASN C 120 -34.79 23.25 -40.45
C ASN C 120 -33.30 23.53 -40.39
N GLU C 121 -32.66 23.28 -39.25
CA GLU C 121 -31.27 23.67 -39.05
C GLU C 121 -30.53 22.58 -38.28
N VAL C 122 -29.39 22.16 -38.80
CA VAL C 122 -28.53 21.16 -38.17
C VAL C 122 -27.21 21.83 -37.84
N ASN C 123 -26.94 22.00 -36.55
CA ASN C 123 -25.71 22.64 -36.07
C ASN C 123 -25.60 24.07 -36.61
N PHE C 124 -26.71 24.80 -36.52
CA PHE C 124 -26.78 26.20 -36.96
C PHE C 124 -26.40 26.34 -38.44
N ASP C 125 -26.82 25.37 -39.25
CA ASP C 125 -26.46 25.38 -40.66
C ASP C 125 -27.48 24.56 -41.44
N LYS C 126 -27.32 24.56 -42.76
CA LYS C 126 -28.25 23.86 -43.64
C LYS C 126 -28.19 22.36 -43.40
N PRO C 127 -29.33 21.68 -43.33
CA PRO C 127 -29.29 20.22 -43.14
C PRO C 127 -28.57 19.48 -44.25
N GLU C 128 -28.61 19.99 -45.48
CA GLU C 128 -27.95 19.32 -46.60
C GLU C 128 -26.43 19.32 -46.43
N ASN C 129 -25.88 20.31 -45.72
CA ASN C 129 -24.45 20.36 -45.48
C ASN C 129 -24.01 19.34 -44.45
N ALA C 130 -24.93 18.78 -43.67
CA ALA C 130 -24.56 17.84 -42.61
C ALA C 130 -24.33 16.43 -43.14
N ARG C 131 -25.10 16.02 -44.15
CA ARG C 131 -24.99 14.64 -44.65
C ARG C 131 -23.59 14.36 -45.18
N ASN C 132 -23.01 15.32 -45.91
CA ASN C 132 -21.67 15.19 -46.44
C ASN C 132 -20.70 15.91 -45.51
N LYS C 133 -19.89 15.16 -44.78
CA LYS C 133 -18.98 15.73 -43.81
C LYS C 133 -17.91 14.71 -43.46
N ILE C 134 -16.81 15.21 -42.90
CA ILE C 134 -15.69 14.38 -42.45
C ILE C 134 -15.83 14.20 -40.95
N LEU C 135 -15.91 12.94 -40.51
CA LEU C 135 -16.18 12.63 -39.11
C LEU C 135 -15.04 13.10 -38.22
N PHE C 136 -15.37 13.32 -36.94
CA PHE C 136 -14.38 13.77 -35.97
C PHE C 136 -13.27 12.75 -35.79
N GLU C 137 -13.58 11.47 -35.90
CA GLU C 137 -12.58 10.41 -35.78
C GLU C 137 -11.63 10.36 -36.96
N ASN C 138 -11.96 11.02 -38.07
CA ASN C 138 -11.14 11.02 -39.26
C ASN C 138 -10.41 12.34 -39.49
N LEU C 139 -10.71 13.37 -38.70
CA LEU C 139 -10.01 14.65 -38.83
C LEU C 139 -8.53 14.49 -38.49
N THR C 140 -7.68 15.14 -39.27
CA THR C 140 -6.23 15.02 -39.07
C THR C 140 -5.78 15.90 -37.91
N PRO C 141 -5.28 15.32 -36.82
CA PRO C 141 -4.87 16.12 -35.66
C PRO C 141 -3.62 16.93 -35.97
N LEU C 142 -3.36 17.91 -35.11
CA LEU C 142 -2.19 18.77 -35.23
C LEU C 142 -1.93 19.46 -33.89
N HIS C 143 -0.70 19.93 -33.72
CA HIS C 143 -0.38 20.78 -32.58
C HIS C 143 -1.01 22.15 -32.77
N ALA C 144 -1.29 22.82 -31.64
CA ALA C 144 -1.96 24.11 -31.68
C ALA C 144 -1.17 25.11 -32.51
N ASN C 145 -1.84 25.72 -33.48
CA ASN C 145 -1.22 26.72 -34.36
C ASN C 145 -1.63 28.14 -33.98
N SER C 146 -2.93 28.43 -34.04
CA SER C 146 -3.40 29.78 -33.79
C SER C 146 -3.37 30.09 -32.30
N ARG C 147 -2.79 31.24 -31.95
CA ARG C 147 -2.63 31.63 -30.55
C ARG C 147 -3.91 32.24 -30.01
N LEU C 148 -4.32 31.79 -28.82
CA LEU C 148 -5.48 32.34 -28.12
C LEU C 148 -4.97 33.23 -26.98
N ARG C 149 -4.62 34.46 -27.32
CA ARG C 149 -4.08 35.39 -26.35
C ARG C 149 -5.15 35.79 -25.35
N MSE C 150 -4.85 35.64 -24.07
CA MSE C 150 -5.82 35.91 -23.01
C MSE C 150 -5.73 37.33 -22.48
O MSE C 150 -6.64 37.81 -21.80
CB MSE C 150 -5.63 34.92 -21.86
CG MSE C 150 -5.58 33.46 -22.29
SE MSE C 150 -7.20 32.92 -23.22
CE MSE C 150 -8.44 33.36 -21.81
N GLU C 151 -4.65 38.02 -22.81
CA GLU C 151 -4.38 39.33 -22.23
C GLU C 151 -5.42 40.34 -22.70
N ARG C 152 -6.11 40.97 -21.74
CA ARG C 152 -7.06 42.03 -22.08
C ARG C 152 -6.34 43.23 -22.68
N GLY C 153 -5.35 43.76 -21.95
CA GLY C 153 -4.69 44.99 -22.35
C GLY C 153 -5.34 46.25 -21.81
N ASN C 154 -6.47 46.15 -21.13
CA ASN C 154 -7.16 47.30 -20.55
C ASN C 154 -6.52 47.77 -19.24
N GLY C 155 -5.36 47.23 -18.87
CA GLY C 155 -4.73 47.62 -17.62
C GLY C 155 -5.51 47.25 -16.39
N SER C 156 -6.38 46.24 -16.48
CA SER C 156 -7.20 45.84 -15.34
C SER C 156 -6.39 45.04 -14.33
N THR C 157 -6.80 45.13 -13.07
CA THR C 157 -6.12 44.38 -12.02
C THR C 157 -6.34 42.88 -12.17
N GLU C 158 -7.52 42.47 -12.68
CA GLU C 158 -7.77 41.06 -12.93
C GLU C 158 -6.99 40.56 -14.14
N ASP C 159 -6.66 41.46 -15.08
CA ASP C 159 -5.90 41.09 -16.26
C ASP C 159 -4.50 40.59 -15.92
N LEU C 160 -4.00 40.87 -14.71
CA LEU C 160 -2.70 40.36 -14.29
C LEU C 160 -2.64 38.84 -14.42
N THR C 161 -3.70 38.14 -14.03
CA THR C 161 -3.73 36.70 -14.18
C THR C 161 -3.61 36.28 -15.64
N ALA C 162 -4.36 36.95 -16.51
CA ALA C 162 -4.30 36.62 -17.94
C ALA C 162 -2.92 36.90 -18.52
N ARG C 163 -2.30 38.01 -18.09
CA ARG C 163 -0.98 38.36 -18.61
C ARG C 163 0.07 37.35 -18.20
N VAL C 164 0.11 37.00 -16.90
CA VAL C 164 1.06 36.01 -16.41
C VAL C 164 0.83 34.66 -17.10
N LEU C 165 -0.42 34.33 -17.40
CA LEU C 165 -0.71 33.06 -18.08
C LEU C 165 -0.06 33.02 -19.46
N ASP C 166 -0.17 34.10 -20.22
CA ASP C 166 0.43 34.15 -21.55
C ASP C 166 1.94 33.95 -21.48
N LEU C 167 2.58 34.46 -20.43
CA LEU C 167 4.03 34.34 -20.29
C LEU C 167 4.44 32.98 -19.75
N ALA C 168 3.62 32.39 -18.88
CA ALA C 168 3.98 31.11 -18.27
C ALA C 168 3.59 29.94 -19.16
N SER C 169 2.36 29.94 -19.69
CA SER C 169 1.86 28.83 -20.47
C SER C 169 0.85 29.32 -21.48
N PRO C 170 1.30 29.65 -22.71
CA PRO C 170 0.35 30.12 -23.73
C PRO C 170 -0.66 29.05 -24.10
N ILE C 171 -1.82 29.50 -24.59
CA ILE C 171 -2.92 28.62 -24.97
C ILE C 171 -3.27 28.88 -26.43
N GLY C 172 -3.39 27.80 -27.21
CA GLY C 172 -3.77 27.88 -28.60
C GLY C 172 -5.07 27.13 -28.88
N ARG C 173 -5.52 27.25 -30.12
CA ARG C 173 -6.76 26.59 -30.54
C ARG C 173 -6.53 25.10 -30.67
N GLY C 174 -7.34 24.31 -29.96
CA GLY C 174 -7.12 22.88 -29.86
C GLY C 174 -6.24 22.46 -28.71
N GLN C 175 -5.92 23.39 -27.80
CA GLN C 175 -5.07 23.08 -26.66
C GLN C 175 -5.75 22.08 -25.73
N ARG C 176 -4.93 21.34 -24.98
CA ARG C 176 -5.40 20.31 -24.06
C ARG C 176 -4.68 20.51 -22.72
N GLY C 177 -5.07 21.57 -22.01
CA GLY C 177 -4.36 22.02 -20.83
C GLY C 177 -5.07 21.69 -19.52
N LEU C 178 -4.37 22.00 -18.42
CA LEU C 178 -4.86 21.72 -17.07
C LEU C 178 -4.46 22.84 -16.12
N ILE C 179 -5.41 23.23 -15.27
CA ILE C 179 -5.15 24.19 -14.19
C ILE C 179 -4.97 23.34 -12.92
N VAL C 180 -3.74 22.93 -12.67
CA VAL C 180 -3.45 22.01 -11.57
C VAL C 180 -3.10 22.79 -10.31
N ALA C 181 -3.75 22.45 -9.19
CA ALA C 181 -3.47 23.11 -7.91
C ALA C 181 -4.28 22.46 -6.77
N PRO C 182 -3.78 22.58 -5.54
CA PRO C 182 -4.53 22.08 -4.37
C PRO C 182 -5.81 22.87 -4.16
N PRO C 183 -6.72 22.39 -3.32
CA PRO C 183 -7.95 23.14 -3.06
C PRO C 183 -7.66 24.53 -2.51
N LYS C 184 -8.48 25.50 -2.92
CA LYS C 184 -8.39 26.89 -2.46
C LYS C 184 -7.10 27.57 -2.93
N ALA C 185 -6.59 27.17 -4.10
CA ALA C 185 -5.41 27.82 -4.65
C ALA C 185 -5.76 28.87 -5.70
N GLY C 186 -6.91 28.78 -6.33
CA GLY C 186 -7.33 29.77 -7.30
C GLY C 186 -7.66 29.20 -8.66
N LYS C 187 -7.92 27.88 -8.72
CA LYS C 187 -8.19 27.24 -10.00
C LYS C 187 -9.49 27.75 -10.61
N THR C 188 -10.56 27.80 -9.81
CA THR C 188 -11.86 28.18 -10.34
C THR C 188 -11.86 29.62 -10.85
N MSE C 189 -11.41 30.55 -10.02
CA MSE C 189 -11.41 31.97 -10.39
C MSE C 189 -10.47 32.25 -11.55
O MSE C 189 -10.76 33.10 -12.39
CB MSE C 189 -11.04 32.84 -9.19
CG MSE C 189 -12.17 33.02 -8.20
SE MSE C 189 -11.78 34.43 -6.92
CE MSE C 189 -11.46 35.90 -8.15
N LEU C 190 -9.34 31.54 -11.61
CA LEU C 190 -8.48 31.63 -12.77
C LEU C 190 -9.18 31.09 -14.01
N LEU C 191 -9.94 30.00 -13.84
CA LEU C 191 -10.75 29.48 -14.94
C LEU C 191 -11.81 30.50 -15.35
N GLN C 192 -12.42 31.18 -14.37
CA GLN C 192 -13.37 32.24 -14.68
C GLN C 192 -12.69 33.39 -15.41
N ASN C 193 -11.51 33.79 -14.94
CA ASN C 193 -10.75 34.84 -15.61
C ASN C 193 -10.46 34.47 -17.05
N ILE C 194 -10.18 33.19 -17.32
CA ILE C 194 -10.03 32.71 -18.68
C ILE C 194 -11.32 32.88 -19.46
N ALA C 195 -12.45 32.52 -18.84
CA ALA C 195 -13.74 32.63 -19.52
C ALA C 195 -14.01 34.07 -19.95
N GLN C 196 -13.67 35.04 -19.09
CA GLN C 196 -13.90 36.44 -19.43
C GLN C 196 -13.04 36.88 -20.61
N SER C 197 -11.76 36.49 -20.61
CA SER C 197 -10.88 36.90 -21.70
C SER C 197 -11.24 36.20 -23.01
N ILE C 198 -11.78 34.98 -22.94
CA ILE C 198 -12.24 34.31 -24.15
C ILE C 198 -13.42 35.03 -24.76
N ALA C 199 -14.34 35.51 -23.92
CA ALA C 199 -15.53 36.19 -24.43
C ALA C 199 -15.19 37.55 -25.04
N TYR C 200 -14.14 38.19 -24.54
CA TYR C 200 -13.74 39.52 -25.02
C TYR C 200 -12.79 39.42 -26.20
N ASN C 201 -11.74 38.60 -26.08
CA ASN C 201 -10.72 38.54 -27.12
C ASN C 201 -11.12 37.60 -28.25
N HIS C 202 -11.93 36.59 -27.97
CA HIS C 202 -12.30 35.57 -28.96
C HIS C 202 -13.80 35.34 -28.94
N PRO C 203 -14.59 36.33 -29.35
CA PRO C 203 -16.05 36.12 -29.45
C PRO C 203 -16.43 35.20 -30.60
N ASP C 204 -15.49 34.85 -31.47
CA ASP C 204 -15.76 33.94 -32.58
C ASP C 204 -15.84 32.49 -32.13
N CYS C 205 -15.18 32.15 -31.02
CA CYS C 205 -15.15 30.78 -30.53
C CYS C 205 -16.43 30.44 -29.80
N VAL C 206 -16.82 29.17 -29.87
CA VAL C 206 -17.98 28.66 -29.17
C VAL C 206 -17.56 28.29 -27.76
N LEU C 207 -18.00 29.05 -26.77
CA LEU C 207 -17.56 28.88 -25.40
C LEU C 207 -18.55 27.99 -24.63
N MSE C 208 -18.02 26.97 -23.95
CA MSE C 208 -18.81 26.10 -23.08
C MSE C 208 -18.10 25.93 -21.73
O MSE C 208 -16.88 25.79 -21.69
CB MSE C 208 -19.04 24.74 -23.72
CG MSE C 208 -19.68 24.78 -25.10
SE MSE C 208 -20.11 22.99 -25.74
CE MSE C 208 -20.63 23.44 -27.56
N VAL C 209 -18.87 25.94 -20.65
CA VAL C 209 -18.32 25.79 -19.30
C VAL C 209 -18.99 24.59 -18.64
N LEU C 210 -18.25 23.50 -18.49
CA LEU C 210 -18.75 22.27 -17.89
C LEU C 210 -18.30 22.20 -16.43
N LEU C 211 -19.26 22.17 -15.52
CA LEU C 211 -19.00 22.12 -14.08
C LEU C 211 -19.43 20.76 -13.55
N ILE C 212 -18.46 19.99 -13.06
CA ILE C 212 -18.70 18.62 -12.62
C ILE C 212 -18.31 18.49 -11.15
N ASP C 213 -19.27 18.14 -10.32
CA ASP C 213 -19.03 17.79 -8.91
C ASP C 213 -18.38 18.95 -8.15
N GLU C 214 -18.91 20.15 -8.36
CA GLU C 214 -18.36 21.34 -7.74
C GLU C 214 -19.46 22.13 -7.05
N ARG C 215 -19.08 23.29 -6.50
CA ARG C 215 -19.96 24.04 -5.62
C ARG C 215 -21.15 24.59 -6.38
N PRO C 216 -22.35 24.58 -5.78
CA PRO C 216 -23.52 25.06 -6.51
C PRO C 216 -23.51 26.56 -6.75
N GLU C 217 -23.09 27.35 -5.76
CA GLU C 217 -23.03 28.80 -5.93
C GLU C 217 -22.04 29.21 -7.01
N GLU C 218 -21.11 28.33 -7.39
CA GLU C 218 -20.22 28.61 -8.50
C GLU C 218 -20.92 28.46 -9.84
N VAL C 219 -21.95 27.61 -9.91
CA VAL C 219 -22.71 27.44 -11.15
C VAL C 219 -23.41 28.75 -11.53
N THR C 220 -24.19 29.30 -10.61
CA THR C 220 -24.87 30.55 -10.87
C THR C 220 -23.86 31.69 -11.06
N GLU C 221 -22.75 31.65 -10.32
CA GLU C 221 -21.72 32.67 -10.48
C GLU C 221 -21.14 32.65 -11.89
N MSE C 222 -21.07 31.47 -12.49
CA MSE C 222 -20.48 31.32 -13.81
C MSE C 222 -21.43 31.74 -14.92
O MSE C 222 -21.05 32.45 -15.85
CB MSE C 222 -20.04 29.87 -14.03
CG MSE C 222 -19.19 29.65 -15.26
SE MSE C 222 -17.36 30.25 -14.99
CE MSE C 222 -16.84 28.98 -13.61
N GLN C 223 -22.70 31.32 -14.80
CA GLN C 223 -23.68 31.57 -15.85
C GLN C 223 -24.08 33.04 -15.93
N ARG C 224 -23.94 33.79 -14.84
CA ARG C 224 -24.20 35.23 -14.82
C ARG C 224 -22.94 36.05 -15.01
N LEU C 225 -21.80 35.41 -15.26
CA LEU C 225 -20.53 36.08 -15.49
C LEU C 225 -19.99 35.86 -16.89
N VAL C 226 -20.05 34.63 -17.40
CA VAL C 226 -19.47 34.29 -18.69
C VAL C 226 -20.48 34.57 -19.80
N LYS C 227 -19.97 34.87 -20.98
CA LYS C 227 -20.80 35.11 -22.16
C LYS C 227 -20.80 33.85 -23.02
N GLY C 228 -21.51 32.85 -22.52
CA GLY C 228 -21.59 31.58 -23.22
C GLY C 228 -22.57 30.65 -22.54
N GLU C 229 -22.44 29.36 -22.88
CA GLU C 229 -23.29 28.32 -22.33
C GLU C 229 -22.61 27.65 -21.14
N VAL C 230 -23.41 27.33 -20.11
CA VAL C 230 -22.92 26.72 -18.88
C VAL C 230 -23.73 25.47 -18.60
N VAL C 231 -23.07 24.31 -18.63
CA VAL C 231 -23.66 23.03 -18.29
C VAL C 231 -23.01 22.54 -17.01
N ALA C 232 -23.82 22.28 -15.98
CA ALA C 232 -23.30 21.96 -14.67
C ALA C 232 -23.94 20.70 -14.11
N SER C 233 -23.25 20.12 -13.11
CA SER C 233 -23.71 18.95 -12.38
C SER C 233 -23.04 18.95 -11.01
N THR C 234 -23.58 19.72 -10.07
CA THR C 234 -22.96 19.96 -8.78
C THR C 234 -22.76 18.66 -7.99
N PHE C 235 -22.08 18.77 -6.84
CA PHE C 235 -21.85 17.61 -5.99
C PHE C 235 -23.12 17.10 -5.33
N ASP C 236 -24.24 17.83 -5.45
CA ASP C 236 -25.54 17.30 -5.04
C ASP C 236 -26.00 16.15 -5.91
N GLU C 237 -25.32 15.92 -7.04
CA GLU C 237 -25.69 14.91 -8.01
C GLU C 237 -24.78 13.69 -7.90
N PRO C 238 -25.27 12.53 -8.31
CA PRO C 238 -24.45 11.31 -8.25
C PRO C 238 -23.44 11.27 -9.39
N ALA C 239 -22.52 10.31 -9.28
CA ALA C 239 -21.49 10.15 -10.30
C ALA C 239 -22.10 9.73 -11.64
N SER C 240 -23.16 8.93 -11.61
CA SER C 240 -23.82 8.51 -12.84
C SER C 240 -24.25 9.71 -13.68
N ARG C 241 -24.77 10.74 -13.02
CA ARG C 241 -25.19 11.94 -13.75
C ARG C 241 -23.99 12.69 -14.31
N HIS C 242 -22.91 12.79 -13.53
CA HIS C 242 -21.70 13.47 -13.98
C HIS C 242 -21.22 12.93 -15.32
N VAL C 243 -21.10 11.61 -15.42
CA VAL C 243 -20.60 10.99 -16.64
C VAL C 243 -21.50 11.33 -17.82
N GLN C 244 -22.79 11.01 -17.71
CA GLN C 244 -23.72 11.18 -18.82
C GLN C 244 -23.75 12.64 -19.28
N VAL C 245 -23.78 13.58 -18.35
CA VAL C 245 -23.77 15.00 -18.70
C VAL C 245 -22.49 15.35 -19.43
N ALA C 246 -21.35 14.86 -18.95
CA ALA C 246 -20.08 15.14 -19.63
C ALA C 246 -20.04 14.52 -21.02
N GLU C 247 -20.66 13.37 -21.20
CA GLU C 247 -20.65 12.72 -22.50
C GLU C 247 -21.43 13.53 -23.53
N MSE C 248 -22.53 14.15 -23.12
CA MSE C 248 -23.34 14.92 -24.05
C MSE C 248 -22.62 16.19 -24.49
O MSE C 248 -22.68 16.57 -25.66
CB MSE C 248 -24.69 15.28 -23.40
CG MSE C 248 -25.63 14.09 -23.25
SE MSE C 248 -26.14 13.33 -24.97
CE MSE C 248 -26.97 14.91 -25.75
N VAL C 249 -21.92 16.84 -23.54
CA VAL C 249 -21.22 18.08 -23.86
C VAL C 249 -20.05 17.81 -24.80
N ILE C 250 -19.29 16.74 -24.54
CA ILE C 250 -18.13 16.45 -25.37
C ILE C 250 -18.55 16.06 -26.78
N GLU C 251 -19.69 15.39 -26.92
CA GLU C 251 -20.15 15.00 -28.25
C GLU C 251 -20.69 16.19 -29.02
N LYS C 252 -21.43 17.08 -28.33
CA LYS C 252 -21.89 18.31 -28.98
C LYS C 252 -20.71 19.13 -29.48
N ALA C 253 -19.61 19.17 -28.72
CA ALA C 253 -18.41 19.87 -29.18
C ALA C 253 -17.85 19.21 -30.44
N LYS C 254 -17.73 17.88 -30.43
CA LYS C 254 -17.22 17.17 -31.60
C LYS C 254 -18.07 17.47 -32.83
N ARG C 255 -19.39 17.59 -32.67
CA ARG C 255 -20.24 17.88 -33.81
C ARG C 255 -19.96 19.26 -34.38
N LEU C 256 -19.78 20.26 -33.51
CA LEU C 256 -19.46 21.60 -33.99
C LEU C 256 -18.10 21.64 -34.66
N VAL C 257 -17.12 20.90 -34.11
CA VAL C 257 -15.81 20.81 -34.76
C VAL C 257 -15.94 20.23 -36.16
N GLU C 258 -16.84 19.26 -36.34
CA GLU C 258 -17.11 18.72 -37.68
C GLU C 258 -17.62 19.79 -38.64
N HIS C 259 -18.20 20.88 -38.12
CA HIS C 259 -18.59 22.03 -38.92
C HIS C 259 -17.53 23.12 -38.92
N LYS C 260 -16.27 22.76 -38.67
CA LYS C 260 -15.15 23.69 -38.69
C LYS C 260 -15.35 24.85 -37.70
N LYS C 261 -15.81 24.50 -36.50
CA LYS C 261 -15.99 25.48 -35.43
C LYS C 261 -14.88 25.34 -34.40
N ASP C 262 -14.53 26.46 -33.78
CA ASP C 262 -13.50 26.52 -32.74
C ASP C 262 -14.21 26.50 -31.38
N VAL C 263 -14.32 25.32 -30.79
CA VAL C 263 -15.02 25.12 -29.52
C VAL C 263 -14.01 25.13 -28.38
N ILE C 264 -14.40 25.74 -27.25
CA ILE C 264 -13.57 25.81 -26.05
C ILE C 264 -14.40 25.34 -24.88
N ILE C 265 -13.92 24.30 -24.17
CA ILE C 265 -14.62 23.72 -23.03
C ILE C 265 -13.80 24.00 -21.78
N LEU C 266 -14.35 24.77 -20.86
CA LEU C 266 -13.73 25.08 -19.58
C LEU C 266 -14.32 24.13 -18.54
N LEU C 267 -13.55 23.11 -18.16
CA LEU C 267 -14.04 22.06 -17.28
C LEU C 267 -13.53 22.27 -15.86
N ASP C 268 -14.42 22.05 -14.89
CA ASP C 268 -14.08 22.15 -13.49
C ASP C 268 -15.02 21.28 -12.66
N SER C 269 -14.51 20.16 -12.15
CA SER C 269 -13.10 19.80 -12.30
C SER C 269 -12.94 18.47 -13.05
N ILE C 270 -11.81 18.32 -13.75
CA ILE C 270 -11.54 17.08 -14.47
C ILE C 270 -11.18 15.97 -13.49
N THR C 271 -10.59 16.32 -12.34
CA THR C 271 -10.30 15.33 -11.33
C THR C 271 -11.59 14.73 -10.77
N ARG C 272 -12.60 15.57 -10.53
CA ARG C 272 -13.90 15.08 -10.11
C ARG C 272 -14.50 14.15 -11.16
N LEU C 273 -14.42 14.56 -12.43
CA LEU C 273 -14.94 13.72 -13.52
C LEU C 273 -14.22 12.38 -13.58
N ALA C 274 -12.91 12.38 -13.34
CA ALA C 274 -12.16 11.12 -13.35
C ALA C 274 -12.59 10.22 -12.21
N ARG C 275 -12.87 10.79 -11.03
CA ARG C 275 -13.41 9.99 -9.93
C ARG C 275 -14.75 9.39 -10.28
N ALA C 276 -15.61 10.16 -10.96
CA ALA C 276 -16.93 9.67 -11.35
C ALA C 276 -16.82 8.43 -12.23
N TYR C 277 -15.96 8.50 -13.26
CA TYR C 277 -15.74 7.33 -14.10
C TYR C 277 -15.24 6.15 -13.28
N ASN C 278 -14.33 6.40 -12.34
CA ASN C 278 -13.84 5.33 -11.47
C ASN C 278 -14.94 4.76 -10.58
N THR C 279 -16.01 5.52 -10.36
CA THR C 279 -17.11 5.04 -9.52
C THR C 279 -18.04 4.11 -10.29
N VAL C 280 -18.28 4.40 -11.57
CA VAL C 280 -19.18 3.61 -12.39
C VAL C 280 -18.47 2.55 -13.22
N VAL C 281 -17.14 2.49 -13.16
CA VAL C 281 -16.40 1.57 -14.04
C VAL C 281 -16.55 0.16 -13.52
N PRO C 282 -16.78 -0.83 -14.39
CA PRO C 282 -16.85 -2.22 -13.94
C PRO C 282 -15.51 -2.68 -13.38
N ALA C 283 -15.57 -3.35 -12.22
CA ALA C 283 -14.35 -3.86 -11.58
C ALA C 283 -13.62 -4.80 -12.52
N SER C 284 -12.30 -4.59 -12.63
CA SER C 284 -11.45 -5.44 -13.46
C SER C 284 -10.58 -6.38 -12.64
N GLY C 285 -10.73 -6.39 -11.31
CA GLY C 285 -9.87 -7.19 -10.46
C GLY C 285 -8.45 -6.65 -10.29
N LYS C 286 -8.19 -5.44 -10.75
CA LYS C 286 -6.86 -4.84 -10.69
C LYS C 286 -7.03 -3.37 -10.30
N VAL C 287 -6.40 -2.96 -9.20
CA VAL C 287 -6.54 -1.62 -8.68
C VAL C 287 -5.16 -0.97 -8.60
N LEU C 288 -5.05 0.26 -9.10
CA LEU C 288 -3.82 1.00 -9.07
C LEU C 288 -3.64 1.69 -7.72
N THR C 289 -2.46 2.27 -7.52
CA THR C 289 -2.18 2.99 -6.29
C THR C 289 -3.12 4.17 -6.14
N GLY C 290 -3.71 4.30 -4.95
CA GLY C 290 -4.69 5.32 -4.66
C GLY C 290 -6.12 4.87 -4.74
N GLY C 291 -6.37 3.61 -5.09
CA GLY C 291 -7.72 3.12 -5.24
C GLY C 291 -8.35 3.36 -6.60
N VAL C 292 -7.55 3.40 -7.66
CA VAL C 292 -8.03 3.67 -9.01
C VAL C 292 -8.12 2.35 -9.77
N ASP C 293 -9.27 2.10 -10.38
CA ASP C 293 -9.47 0.90 -11.17
C ASP C 293 -8.54 0.90 -12.38
N ALA C 294 -8.09 -0.28 -12.77
CA ALA C 294 -7.10 -0.40 -13.84
C ALA C 294 -7.65 0.07 -15.18
N ASN C 295 -8.96 -0.02 -15.37
CA ASN C 295 -9.59 0.39 -16.61
C ASN C 295 -10.48 1.61 -16.43
N ALA C 296 -10.29 2.35 -15.33
CA ALA C 296 -11.16 3.49 -15.03
C ALA C 296 -10.74 4.75 -15.78
N LEU C 297 -9.45 4.93 -16.03
CA LEU C 297 -8.94 6.17 -16.61
C LEU C 297 -8.95 6.17 -18.12
N HIS C 298 -9.37 5.07 -18.76
CA HIS C 298 -9.42 5.03 -20.22
C HIS C 298 -10.47 6.00 -20.76
N ARG C 299 -11.68 5.96 -20.20
CA ARG C 299 -12.73 6.90 -20.59
C ARG C 299 -12.34 8.35 -20.33
N PRO C 300 -11.91 8.76 -19.12
CA PRO C 300 -11.54 10.17 -18.93
C PRO C 300 -10.38 10.60 -19.82
N LYS C 301 -9.49 9.67 -20.17
CA LYS C 301 -8.39 10.00 -21.06
C LYS C 301 -8.87 10.29 -22.47
N ARG C 302 -9.90 9.57 -22.94
CA ARG C 302 -10.47 9.87 -24.24
C ARG C 302 -11.27 11.17 -24.21
N PHE C 303 -11.92 11.47 -23.08
CA PHE C 303 -12.63 12.74 -22.93
C PHE C 303 -11.66 13.92 -23.03
N PHE C 304 -10.62 13.90 -22.21
CA PHE C 304 -9.61 14.95 -22.28
C PHE C 304 -8.93 14.96 -23.63
N GLY C 305 -8.55 13.78 -24.13
CA GLY C 305 -7.89 13.68 -25.42
C GLY C 305 -8.75 14.07 -26.61
N ALA C 306 -10.04 14.32 -26.40
CA ALA C 306 -10.89 14.80 -27.49
C ALA C 306 -10.40 16.15 -28.01
N ALA C 307 -9.94 17.02 -27.12
CA ALA C 307 -9.40 18.31 -27.51
C ALA C 307 -8.22 18.13 -28.47
N ARG C 308 -8.26 18.85 -29.59
CA ARG C 308 -7.24 18.71 -30.61
C ARG C 308 -7.42 19.81 -31.66
N ASN C 309 -6.35 20.07 -32.40
CA ASN C 309 -6.35 21.02 -33.50
C ASN C 309 -6.55 20.26 -34.81
N VAL C 310 -7.48 20.74 -35.63
CA VAL C 310 -7.85 20.08 -36.87
C VAL C 310 -7.27 20.86 -38.04
N GLU C 311 -6.64 20.14 -38.97
CA GLU C 311 -6.11 20.75 -40.19
C GLU C 311 -7.21 21.08 -41.19
N GLU C 312 -8.28 20.27 -41.21
CA GLU C 312 -9.37 20.54 -42.15
C GLU C 312 -10.11 21.83 -41.81
N GLY C 313 -10.23 22.14 -40.52
CA GLY C 313 -10.91 23.35 -40.09
C GLY C 313 -11.51 23.22 -38.71
N GLY C 314 -11.41 24.27 -37.90
CA GLY C 314 -11.91 24.24 -36.55
C GLY C 314 -10.96 23.56 -35.58
N SER C 315 -11.38 23.49 -34.33
CA SER C 315 -10.57 22.88 -33.27
C SER C 315 -11.42 22.74 -32.02
N LEU C 316 -10.93 21.90 -31.11
CA LEU C 316 -11.56 21.65 -29.81
C LEU C 316 -10.55 21.91 -28.72
N THR C 317 -10.82 22.91 -27.88
CA THR C 317 -9.95 23.28 -26.77
C THR C 317 -10.61 22.88 -25.45
N ILE C 318 -9.80 22.35 -24.52
CA ILE C 318 -10.30 21.91 -23.21
C ILE C 318 -9.33 22.37 -22.14
N ILE C 319 -9.76 23.29 -21.29
CA ILE C 319 -9.00 23.76 -20.14
C ILE C 319 -9.72 23.29 -18.89
N ALA C 320 -9.16 22.27 -18.23
CA ALA C 320 -9.77 21.66 -17.07
C ALA C 320 -8.89 21.80 -15.85
N THR C 321 -9.50 21.90 -14.68
CA THR C 321 -8.78 22.04 -13.42
C THR C 321 -8.56 20.68 -12.77
N ALA C 322 -7.41 20.50 -12.12
CA ALA C 322 -7.06 19.25 -11.48
C ALA C 322 -6.60 19.50 -10.05
N LEU C 323 -6.72 18.46 -9.22
CA LEU C 323 -6.41 18.53 -7.81
C LEU C 323 -5.15 17.73 -7.51
N ILE C 324 -4.28 18.30 -6.66
CA ILE C 324 -3.07 17.64 -6.20
C ILE C 324 -2.86 17.97 -4.74
N ASP C 325 -1.96 17.21 -4.10
CA ASP C 325 -1.63 17.38 -2.69
C ASP C 325 -2.89 17.33 -1.82
N THR C 326 -3.82 16.47 -2.20
CA THR C 326 -5.06 16.29 -1.47
C THR C 326 -4.95 15.25 -0.36
N GLY C 327 -3.77 14.66 -0.16
CA GLY C 327 -3.61 13.54 0.74
C GLY C 327 -4.00 12.20 0.16
N SER C 328 -4.61 12.17 -1.01
CA SER C 328 -5.05 10.94 -1.66
C SER C 328 -4.15 10.67 -2.87
N LYS C 329 -3.53 9.50 -2.89
CA LYS C 329 -2.64 9.14 -4.00
C LYS C 329 -3.40 9.07 -5.32
N MSE C 330 -4.69 8.77 -5.27
CA MSE C 330 -5.53 8.69 -6.47
C MSE C 330 -5.41 9.95 -7.32
O MSE C 330 -5.18 9.87 -8.54
CB MSE C 330 -6.99 8.46 -6.10
CG MSE C 330 -7.98 8.88 -7.18
SE MSE C 330 -9.84 8.59 -6.72
CE MSE C 330 -9.87 6.64 -6.80
N ASP C 331 -5.56 11.11 -6.69
CA ASP C 331 -5.49 12.38 -7.41
C ASP C 331 -4.11 12.62 -7.98
N GLU C 332 -3.07 12.06 -7.36
CA GLU C 332 -1.73 12.11 -7.95
C GLU C 332 -1.67 11.29 -9.23
N VAL C 333 -2.28 10.11 -9.23
CA VAL C 333 -2.29 9.27 -10.42
C VAL C 333 -3.10 9.92 -11.54
N ILE C 334 -4.28 10.46 -11.19
CA ILE C 334 -5.14 11.08 -12.19
C ILE C 334 -4.43 12.26 -12.84
N TYR C 335 -3.81 13.12 -12.01
CA TYR C 335 -3.12 14.29 -12.54
C TYR C 335 -1.97 13.88 -13.47
N GLU C 336 -1.15 12.93 -13.02
CA GLU C 336 0.00 12.52 -13.82
C GLU C 336 -0.44 11.82 -15.11
N GLU C 337 -1.57 11.12 -15.07
CA GLU C 337 -2.08 10.47 -16.28
C GLU C 337 -2.60 11.50 -17.28
N PHE C 338 -3.24 12.56 -16.77
CA PHE C 338 -3.72 13.63 -17.66
C PHE C 338 -2.58 14.47 -18.19
N LYS C 339 -1.48 14.58 -17.44
CA LYS C 339 -0.32 15.33 -17.91
C LYS C 339 0.34 14.64 -19.10
N GLY C 340 0.43 13.31 -19.05
CA GLY C 340 0.88 12.53 -20.20
C GLY C 340 -0.11 12.46 -21.34
N THR C 341 -1.29 13.06 -21.17
CA THR C 341 -2.31 13.18 -22.20
C THR C 341 -2.41 14.59 -22.75
N GLY C 342 -2.36 15.60 -21.89
CA GLY C 342 -2.46 16.97 -22.33
C GLY C 342 -1.13 17.54 -22.77
N ASN C 343 -1.15 18.84 -23.09
CA ASN C 343 0.03 19.52 -23.61
C ASN C 343 0.17 20.93 -23.05
N MSE C 344 -0.32 21.15 -21.83
CA MSE C 344 -0.26 22.46 -21.18
C MSE C 344 -0.71 22.35 -19.73
O MSE C 344 -1.72 21.72 -19.43
CB MSE C 344 -1.14 23.47 -21.94
CG MSE C 344 -1.19 24.87 -21.33
SE MSE C 344 -2.54 25.05 -19.93
CE MSE C 344 -2.38 26.97 -19.60
N GLU C 345 0.05 22.95 -18.80
CA GLU C 345 -0.30 22.89 -17.39
C GLU C 345 0.05 24.21 -16.72
N LEU C 346 -0.91 24.80 -16.02
CA LEU C 346 -0.71 26.04 -15.28
C LEU C 346 -0.86 25.71 -13.79
N HIS C 347 0.27 25.56 -13.11
CA HIS C 347 0.26 25.17 -11.70
C HIS C 347 0.05 26.38 -10.80
N LEU C 348 -0.70 26.17 -9.71
CA LEU C 348 -0.94 27.18 -8.70
C LEU C 348 -0.52 26.64 -7.35
N SER C 349 0.19 27.46 -6.58
CA SER C 349 0.78 27.04 -5.31
C SER C 349 -0.09 27.48 -4.14
N ARG C 350 -0.41 26.53 -3.25
CA ARG C 350 -1.07 26.88 -2.00
C ARG C 350 -0.19 27.75 -1.13
N LYS C 351 1.13 27.54 -1.16
CA LYS C 351 2.05 28.34 -0.37
C LYS C 351 1.97 29.82 -0.75
N ILE C 352 1.84 30.10 -2.06
CA ILE C 352 1.70 31.48 -2.51
C ILE C 352 0.32 32.01 -2.16
N ALA C 353 -0.71 31.17 -2.28
CA ALA C 353 -2.08 31.61 -2.04
C ALA C 353 -2.29 31.97 -0.57
N GLU C 354 -1.64 31.24 0.34
CA GLU C 354 -1.76 31.53 1.76
C GLU C 354 -1.19 32.90 2.13
N LYS C 355 -0.27 33.43 1.32
CA LYS C 355 0.23 34.79 1.48
C LYS C 355 -0.63 35.83 0.76
N ARG C 356 -1.79 35.42 0.25
CA ARG C 356 -2.71 36.33 -0.45
C ARG C 356 -2.03 37.01 -1.64
N VAL C 357 -1.18 36.26 -2.34
CA VAL C 357 -0.49 36.76 -3.52
C VAL C 357 -1.14 36.11 -4.74
N PHE C 358 -1.94 36.89 -5.47
CA PHE C 358 -2.64 36.38 -6.64
C PHE C 358 -2.25 37.13 -7.91
N PRO C 359 -2.16 36.41 -9.04
CA PRO C 359 -2.40 34.96 -9.13
C PRO C 359 -1.25 34.14 -8.57
N ALA C 360 -1.59 33.14 -7.74
CA ALA C 360 -0.60 32.30 -7.09
C ALA C 360 -0.16 31.23 -8.06
N ILE C 361 0.70 31.62 -9.01
CA ILE C 361 1.11 30.76 -10.11
C ILE C 361 2.51 30.23 -9.84
N ASP C 362 2.66 28.90 -9.94
CA ASP C 362 3.97 28.24 -9.88
C ASP C 362 4.59 28.32 -11.27
N TYR C 363 5.46 29.32 -11.47
CA TYR C 363 5.97 29.61 -12.80
C TYR C 363 6.83 28.47 -13.33
N ASN C 364 7.71 27.92 -12.50
CA ASN C 364 8.65 26.92 -12.98
C ASN C 364 7.94 25.64 -13.41
N ARG C 365 6.92 25.23 -12.68
CA ARG C 365 6.21 24.00 -13.01
C ARG C 365 5.21 24.19 -14.15
N SER C 366 4.80 25.42 -14.42
CA SER C 366 3.89 25.69 -15.53
C SER C 366 4.62 25.61 -16.86
N GLY C 367 3.85 25.57 -17.94
CA GLY C 367 4.42 25.56 -19.28
C GLY C 367 3.48 24.93 -20.28
N THR C 368 3.80 25.15 -21.55
CA THR C 368 3.00 24.65 -22.68
C THR C 368 3.92 23.94 -23.66
N ARG C 369 3.41 22.85 -24.25
CA ARG C 369 4.18 22.10 -25.23
C ARG C 369 4.13 22.77 -26.60
N LYS C 370 5.26 22.71 -27.31
CA LYS C 370 5.38 23.30 -28.64
C LYS C 370 4.95 24.76 -28.65
N GLU C 371 5.37 25.49 -27.62
CA GLU C 371 4.98 26.90 -27.49
C GLU C 371 5.54 27.77 -28.61
N GLU C 372 6.55 27.28 -29.34
CA GLU C 372 7.08 28.03 -30.47
C GLU C 372 6.09 28.15 -31.62
N LEU C 373 5.06 27.30 -31.64
CA LEU C 373 4.01 27.38 -32.65
C LEU C 373 2.89 28.35 -32.27
N LEU C 374 2.93 28.90 -31.06
CA LEU C 374 1.92 29.83 -30.58
C LEU C 374 2.48 31.20 -30.26
N THR C 375 3.77 31.44 -30.49
CA THR C 375 4.41 32.71 -30.18
C THR C 375 5.30 33.13 -31.34
N THR C 376 5.56 34.44 -31.41
CA THR C 376 6.48 34.96 -32.41
C THR C 376 7.92 34.65 -32.01
N GLN C 377 8.84 34.85 -32.94
CA GLN C 377 10.24 34.51 -32.71
C GLN C 377 10.82 35.30 -31.54
N GLU C 378 10.55 36.61 -31.50
CA GLU C 378 11.05 37.43 -30.41
C GLU C 378 10.25 37.24 -29.12
N GLU C 379 8.93 37.00 -29.24
CA GLU C 379 8.13 36.75 -28.04
C GLU C 379 8.62 35.52 -27.30
N LEU C 380 8.96 34.45 -28.03
CA LEU C 380 9.47 33.25 -27.39
C LEU C 380 10.85 33.49 -26.78
N GLN C 381 11.68 34.29 -27.45
CA GLN C 381 13.01 34.59 -26.91
C GLN C 381 12.91 35.42 -25.64
N LYS C 382 11.91 36.31 -25.55
CA LYS C 382 11.73 37.10 -24.34
C LYS C 382 11.20 36.24 -23.20
N MSE C 383 10.28 35.32 -23.50
CA MSE C 383 9.74 34.41 -22.50
C MSE C 383 10.81 33.44 -22.02
O MSE C 383 10.84 33.07 -20.85
CB MSE C 383 8.55 33.64 -23.07
CG MSE C 383 7.32 34.50 -23.36
SE MSE C 383 5.94 33.53 -24.33
CE MSE C 383 5.86 31.94 -23.20
N TRP C 384 11.68 33.02 -22.94
CA TRP C 384 12.77 32.12 -22.58
C TRP C 384 13.72 32.78 -21.59
N ILE C 385 14.08 34.03 -21.83
CA ILE C 385 14.96 34.75 -20.90
C ILE C 385 14.26 34.98 -19.57
N LEU C 386 12.97 35.30 -19.61
CA LEU C 386 12.24 35.58 -18.38
C LEU C 386 12.22 34.36 -17.46
N ARG C 387 12.09 33.15 -18.03
CA ARG C 387 12.08 31.95 -17.21
C ARG C 387 13.45 31.70 -16.57
N LYS C 388 14.52 31.94 -17.31
CA LYS C 388 15.87 31.76 -16.76
C LYS C 388 16.10 32.67 -15.56
N ILE C 389 15.47 33.85 -15.54
CA ILE C 389 15.63 34.78 -14.44
C ILE C 389 14.77 34.36 -13.25
N ILE C 390 13.57 33.85 -13.50
CA ILE C 390 12.63 33.51 -12.44
C ILE C 390 12.98 32.16 -11.79
N HIS C 391 13.52 31.23 -12.57
CA HIS C 391 13.81 29.88 -12.07
C HIS C 391 14.58 29.86 -10.75
N PRO C 392 15.69 30.59 -10.58
CA PRO C 392 16.40 30.52 -9.29
C PRO C 392 15.57 31.00 -8.12
N MSE C 393 14.59 31.86 -8.36
CA MSE C 393 13.77 32.42 -7.29
C MSE C 393 12.88 31.37 -6.63
O MSE C 393 12.68 30.29 -7.18
CB MSE C 393 12.91 33.57 -7.82
CG MSE C 393 13.68 34.62 -8.59
SE MSE C 393 12.52 36.03 -9.29
CE MSE C 393 13.86 37.09 -10.22
N GLY C 394 12.35 31.69 -5.46
CA GLY C 394 11.38 30.84 -4.82
C GLY C 394 9.98 31.03 -5.38
N GLU C 395 9.08 30.14 -4.97
CA GLU C 395 7.71 30.17 -5.47
C GLU C 395 7.07 31.54 -5.21
N ILE C 396 7.11 32.01 -3.97
CA ILE C 396 6.47 33.27 -3.63
C ILE C 396 7.22 34.43 -4.26
N ASP C 397 8.55 34.46 -4.09
CA ASP C 397 9.35 35.55 -4.63
C ASP C 397 9.17 35.67 -6.14
N ALA C 398 8.93 34.56 -6.82
CA ALA C 398 8.75 34.59 -8.27
C ALA C 398 7.53 35.42 -8.67
N MSE C 399 6.42 35.23 -7.97
CA MSE C 399 5.19 35.94 -8.31
C MSE C 399 5.23 37.39 -7.86
O MSE C 399 4.90 38.28 -8.64
CB MSE C 399 3.98 35.23 -7.69
CG MSE C 399 3.51 34.03 -8.48
SE MSE C 399 3.10 34.44 -10.35
CE MSE C 399 4.82 34.03 -11.19
N GLU C 400 5.65 37.63 -6.62
CA GLU C 400 5.80 39.00 -6.13
C GLU C 400 6.70 39.81 -7.06
N PHE C 401 7.73 39.18 -7.62
CA PHE C 401 8.61 39.87 -8.56
C PHE C 401 7.90 40.12 -9.88
N LEU C 402 7.28 39.10 -10.46
CA LEU C 402 6.68 39.24 -11.78
C LEU C 402 5.46 40.16 -11.75
N ILE C 403 4.63 40.04 -10.71
CA ILE C 403 3.42 40.85 -10.62
C ILE C 403 3.77 42.33 -10.47
N ASN C 404 4.75 42.64 -9.62
CA ASN C 404 5.16 44.03 -9.45
C ASN C 404 5.71 44.62 -10.74
N LYS C 405 6.44 43.81 -11.51
CA LYS C 405 6.99 44.30 -12.77
C LYS C 405 5.89 44.52 -13.81
N LEU C 406 4.95 43.59 -13.91
CA LEU C 406 3.88 43.71 -14.90
C LEU C 406 2.91 44.82 -14.53
N ALA C 407 2.65 45.01 -13.23
CA ALA C 407 1.72 46.04 -12.80
C ALA C 407 2.16 47.44 -13.22
N MSE C 408 3.45 47.63 -13.49
CA MSE C 408 3.97 48.93 -13.89
C MSE C 408 3.43 49.36 -15.25
O MSE C 408 3.21 50.54 -15.50
CB MSE C 408 5.50 48.90 -13.92
CG MSE C 408 6.13 48.59 -12.58
SE MSE C 408 8.08 48.46 -12.66
CE MSE C 408 8.45 48.14 -10.78
N THR C 409 3.23 48.39 -16.15
CA THR C 409 2.76 48.67 -17.50
C THR C 409 1.40 48.03 -17.74
N LYS C 410 0.77 48.45 -18.84
CA LYS C 410 -0.55 47.91 -19.19
C LYS C 410 -0.44 46.58 -19.91
N THR C 411 0.45 46.48 -20.90
CA THR C 411 0.55 45.29 -21.73
C THR C 411 1.91 44.62 -21.56
N ASN C 412 1.94 43.32 -21.88
CA ASN C 412 3.18 42.57 -21.84
C ASN C 412 4.17 43.06 -22.89
N ASP C 413 3.67 43.61 -24.01
CA ASP C 413 4.54 44.14 -25.05
C ASP C 413 5.36 45.32 -24.53
N ASP C 414 4.72 46.22 -23.78
CA ASP C 414 5.45 47.32 -23.18
C ASP C 414 6.37 46.83 -22.06
N PHE C 415 5.96 45.79 -21.33
CA PHE C 415 6.83 45.18 -20.34
C PHE C 415 8.08 44.61 -20.99
N PHE C 416 7.93 43.96 -22.14
CA PHE C 416 9.08 43.47 -22.89
C PHE C 416 9.98 44.60 -23.33
N GLU C 417 9.40 45.73 -23.72
CA GLU C 417 10.18 46.89 -24.13
C GLU C 417 10.98 47.45 -22.96
N MSE C 418 10.53 47.23 -21.74
CA MSE C 418 11.24 47.68 -20.55
C MSE C 418 12.47 46.81 -20.28
O MSE C 418 13.49 47.30 -19.78
CB MSE C 418 10.33 47.67 -19.32
CG MSE C 418 9.51 48.93 -19.13
SE MSE C 418 8.66 48.99 -17.37
CE MSE C 418 7.91 50.79 -17.46
N MSE C 419 12.36 45.53 -20.59
CA MSE C 419 13.43 44.57 -20.32
C MSE C 419 14.74 44.95 -21.02
O MSE C 419 15.83 44.74 -20.48
CB MSE C 419 13.01 43.16 -20.72
CG MSE C 419 11.75 42.66 -20.06
SE MSE C 419 11.51 40.73 -20.25
CE MSE C 419 11.82 40.59 -22.16
N LYS C 420 14.62 45.51 -22.22
CA LYS C 420 15.79 45.93 -22.98
C LYS C 420 16.49 47.10 -22.29
N MSE D 4 -54.36 20.10 25.79
CA MSE D 4 -53.92 18.71 25.86
C MSE D 4 -52.94 18.37 24.74
O MSE D 4 -53.33 18.18 23.60
CB MSE D 4 -55.11 17.76 25.80
CG MSE D 4 -55.67 17.38 27.16
SE MSE D 4 -54.35 16.44 28.22
CE MSE D 4 -55.37 16.27 29.87
N ASN D 5 -51.65 18.29 25.09
CA ASN D 5 -50.61 18.01 24.11
C ASN D 5 -49.78 16.80 24.56
N LEU D 6 -49.34 16.00 23.59
CA LEU D 6 -48.63 14.76 23.92
C LEU D 6 -47.24 15.06 24.47
N THR D 7 -46.37 15.65 23.65
CA THR D 7 -45.00 15.93 24.10
C THR D 7 -44.97 16.83 25.32
N GLU D 8 -46.05 17.59 25.56
CA GLU D 8 -46.12 18.44 26.74
C GLU D 8 -46.35 17.59 27.99
N LEU D 9 -47.16 16.52 27.89
CA LEU D 9 -47.31 15.59 29.00
C LEU D 9 -46.02 14.85 29.28
N LYS D 10 -45.22 14.56 28.24
CA LYS D 10 -43.94 13.91 28.45
C LYS D 10 -42.94 14.81 29.17
N ASN D 11 -43.07 16.13 28.99
CA ASN D 11 -42.17 17.06 29.65
C ASN D 11 -42.56 17.29 31.10
N THR D 12 -43.85 17.34 31.40
CA THR D 12 -44.28 17.63 32.76
C THR D 12 -43.89 16.49 33.69
N PRO D 13 -43.50 16.79 34.93
CA PRO D 13 -43.13 15.72 35.87
C PRO D 13 -44.27 14.74 36.09
N VAL D 14 -43.90 13.53 36.55
CA VAL D 14 -44.89 12.50 36.82
C VAL D 14 -45.88 12.96 37.89
N SER D 15 -45.41 13.76 38.84
CA SER D 15 -46.28 14.26 39.91
C SER D 15 -47.43 15.09 39.34
N GLU D 16 -47.11 16.03 38.45
CA GLU D 16 -48.13 16.83 37.79
C GLU D 16 -49.03 15.98 36.91
N LEU D 17 -48.56 14.81 36.47
CA LEU D 17 -49.36 13.91 35.64
C LEU D 17 -50.40 13.17 36.48
N ILE D 18 -49.95 12.51 37.55
CA ILE D 18 -50.86 11.71 38.39
C ILE D 18 -52.01 12.57 38.89
N THR D 19 -51.78 13.87 39.10
CA THR D 19 -52.82 14.76 39.57
C THR D 19 -54.02 14.77 38.61
N LEU D 20 -53.75 14.96 37.32
CA LEU D 20 -54.83 14.93 36.33
C LEU D 20 -55.34 13.51 36.09
N GLY D 21 -54.46 12.50 36.18
CA GLY D 21 -54.88 11.14 35.91
C GLY D 21 -55.90 10.63 36.91
N GLU D 22 -55.73 10.97 38.19
CA GLU D 22 -56.65 10.51 39.21
C GLU D 22 -57.98 11.24 39.11
N ASN D 23 -57.96 12.54 38.80
CA ASN D 23 -59.19 13.30 38.67
C ASN D 23 -60.10 12.72 37.60
N MSE D 24 -59.52 12.16 36.54
CA MSE D 24 -60.29 11.55 35.47
C MSE D 24 -60.65 10.11 35.80
O MSE D 24 -61.67 9.59 35.36
CB MSE D 24 -59.50 11.62 34.15
CG MSE D 24 -59.17 13.02 33.71
SE MSE D 24 -58.05 13.09 32.13
CE MSE D 24 -58.04 15.01 31.85
N GLY D 25 -59.80 9.47 36.60
CA GLY D 25 -60.02 8.09 37.00
C GLY D 25 -58.80 7.21 36.82
N LYS D 34 -44.75 5.90 33.31
CA LYS D 34 -45.19 7.24 32.93
C LYS D 34 -45.81 7.23 31.54
N GLN D 35 -45.32 6.34 30.67
CA GLN D 35 -45.85 6.26 29.33
C GLN D 35 -47.27 5.72 29.31
N ASP D 36 -47.60 4.81 30.23
CA ASP D 36 -48.94 4.24 30.27
C ASP D 36 -49.97 5.21 30.85
N ILE D 37 -49.60 5.92 31.91
CA ILE D 37 -50.53 6.87 32.51
C ILE D 37 -50.79 8.05 31.58
N ILE D 38 -49.81 8.42 30.74
CA ILE D 38 -50.05 9.42 29.72
C ILE D 38 -50.98 8.87 28.65
N PHE D 39 -50.71 7.64 28.18
CA PHE D 39 -51.58 7.00 27.20
C PHE D 39 -52.99 6.85 27.73
N ALA D 40 -53.15 6.68 29.05
CA ALA D 40 -54.48 6.55 29.63
C ALA D 40 -55.19 7.89 29.72
N ILE D 41 -54.46 8.95 30.06
CA ILE D 41 -55.06 10.29 30.11
C ILE D 41 -55.51 10.72 28.72
N LEU D 42 -54.68 10.50 27.71
CA LEU D 42 -55.04 10.89 26.35
C LEU D 42 -56.25 10.10 25.86
N LYS D 43 -56.30 8.81 26.19
CA LYS D 43 -57.43 7.98 25.75
C LYS D 43 -58.72 8.41 26.45
N GLN D 44 -58.69 8.50 27.78
CA GLN D 44 -59.87 8.94 28.52
C GLN D 44 -60.33 10.33 28.07
N HIS D 45 -59.37 11.22 27.80
CA HIS D 45 -59.70 12.53 27.26
C HIS D 45 -60.35 12.43 25.89
N ALA D 46 -59.97 11.43 25.10
CA ALA D 46 -60.59 11.23 23.79
C ALA D 46 -62.02 10.75 23.93
N LYS D 47 -62.30 9.93 24.94
CA LYS D 47 -63.68 9.51 25.19
C LYS D 47 -64.60 10.70 25.41
N SER D 48 -64.10 11.73 26.10
CA SER D 48 -64.90 12.92 26.34
C SER D 48 -65.31 13.61 25.05
N GLY D 49 -64.55 13.41 23.97
CA GLY D 49 -64.76 14.14 22.74
C GLY D 49 -63.92 15.39 22.61
N GLU D 50 -63.05 15.68 23.57
CA GLU D 50 -62.19 16.85 23.53
C GLU D 50 -60.99 16.61 22.62
N ASP D 51 -60.39 17.70 22.17
CA ASP D 51 -59.27 17.62 21.24
C ASP D 51 -57.99 17.17 21.95
N ILE D 52 -57.25 16.28 21.30
CA ILE D 52 -55.96 15.81 21.77
C ILE D 52 -54.93 16.14 20.71
N PHE D 53 -53.70 16.45 21.14
CA PHE D 53 -52.70 17.02 20.24
C PHE D 53 -51.36 16.29 20.36
N GLY D 54 -50.53 16.48 19.34
CA GLY D 54 -49.19 15.91 19.30
C GLY D 54 -48.39 16.57 18.19
N ASP D 55 -47.08 16.31 18.20
CA ASP D 55 -46.18 16.97 17.25
C ASP D 55 -44.88 16.18 17.12
N GLY D 56 -44.02 16.65 16.22
CA GLY D 56 -42.74 16.01 15.97
C GLY D 56 -42.24 16.38 14.58
N VAL D 57 -41.10 15.79 14.24
CA VAL D 57 -40.47 15.99 12.93
C VAL D 57 -40.74 14.76 12.06
N LEU D 58 -41.22 15.00 10.84
CA LEU D 58 -41.67 13.92 9.96
C LEU D 58 -40.50 13.18 9.33
N GLU D 59 -40.66 11.86 9.21
CA GLU D 59 -39.71 11.00 8.50
C GLU D 59 -40.51 10.04 7.64
N ILE D 60 -40.40 10.18 6.32
CA ILE D 60 -41.18 9.37 5.39
C ILE D 60 -40.46 8.05 5.15
N LEU D 61 -41.17 6.95 5.34
CA LEU D 61 -40.63 5.61 5.14
C LEU D 61 -40.65 5.27 3.65
N GLN D 62 -40.32 4.02 3.33
CA GLN D 62 -40.31 3.58 1.93
C GLN D 62 -41.71 3.27 1.42
N ASP D 63 -42.59 2.77 2.28
CA ASP D 63 -43.93 2.38 1.83
C ASP D 63 -44.76 3.59 1.41
N GLY D 64 -44.48 4.76 1.96
CA GLY D 64 -45.24 5.94 1.62
C GLY D 64 -45.70 6.73 2.83
N PHE D 65 -45.92 6.04 3.94
CA PHE D 65 -46.33 6.66 5.19
C PHE D 65 -45.10 7.14 5.96
N GLY D 66 -45.35 7.91 7.03
CA GLY D 66 -44.28 8.45 7.83
C GLY D 66 -44.67 8.57 9.29
N PHE D 67 -43.68 8.88 10.11
CA PHE D 67 -43.85 9.03 11.55
C PHE D 67 -43.23 10.34 12.02
N LEU D 68 -43.87 10.96 13.02
CA LEU D 68 -43.38 12.20 13.61
C LEU D 68 -42.43 11.84 14.74
N ARG D 69 -41.13 11.83 14.44
CA ARG D 69 -40.13 11.48 15.42
C ARG D 69 -40.07 12.53 16.53
N SER D 70 -39.60 12.11 17.70
CA SER D 70 -39.47 12.97 18.85
C SER D 70 -38.02 13.37 19.06
N ALA D 71 -37.80 14.64 19.40
CA ALA D 71 -36.46 15.11 19.74
C ALA D 71 -35.89 14.41 20.97
N ASP D 72 -36.74 13.73 21.76
CA ASP D 72 -36.25 13.00 22.92
C ASP D 72 -35.42 11.79 22.51
N SER D 73 -35.83 11.12 21.44
CA SER D 73 -35.11 9.96 20.92
C SER D 73 -34.11 10.31 19.83
N SER D 74 -33.64 11.56 19.80
CA SER D 74 -32.73 12.04 18.76
C SER D 74 -33.33 11.84 17.37
N TYR D 75 -34.65 12.02 17.27
CA TYR D 75 -35.41 11.86 16.02
C TYR D 75 -35.34 10.44 15.49
N LEU D 76 -35.13 9.47 16.38
CA LEU D 76 -35.17 8.06 16.00
C LEU D 76 -36.56 7.49 16.29
N ALA D 77 -36.73 6.20 16.05
CA ALA D 77 -38.00 5.54 16.29
C ALA D 77 -38.37 5.61 17.77
N GLY D 78 -39.63 5.94 18.04
CA GLY D 78 -40.09 6.09 19.40
C GLY D 78 -41.48 5.56 19.62
N PRO D 79 -41.76 5.09 20.84
CA PRO D 79 -43.11 4.57 21.14
C PRO D 79 -44.19 5.64 21.06
N ASP D 80 -43.84 6.90 21.25
CA ASP D 80 -44.80 8.01 21.21
C ASP D 80 -44.84 8.69 19.85
N ASP D 81 -44.33 8.04 18.81
CA ASP D 81 -44.30 8.63 17.48
C ASP D 81 -45.69 8.59 16.84
N ILE D 82 -46.03 9.67 16.15
CA ILE D 82 -47.35 9.85 15.55
C ILE D 82 -47.31 9.32 14.12
N TYR D 83 -48.37 8.63 13.72
CA TYR D 83 -48.49 8.08 12.38
C TYR D 83 -49.04 9.13 11.42
N VAL D 84 -48.48 9.17 10.22
CA VAL D 84 -48.88 10.12 9.18
C VAL D 84 -49.23 9.34 7.92
N SER D 85 -50.49 9.42 7.50
CA SER D 85 -50.95 8.67 6.35
C SER D 85 -50.38 9.25 5.06
N PRO D 86 -50.20 8.42 4.02
CA PRO D 86 -49.71 8.95 2.74
C PRO D 86 -50.58 10.04 2.17
N SER D 87 -51.89 9.99 2.41
CA SER D 87 -52.78 11.05 1.92
C SER D 87 -52.44 12.39 2.55
N GLN D 88 -52.02 12.38 3.83
CA GLN D 88 -51.67 13.63 4.49
C GLN D 88 -50.36 14.19 3.94
N ILE D 89 -49.37 13.32 3.71
CA ILE D 89 -48.11 13.76 3.11
C ILE D 89 -48.35 14.35 1.72
N ARG D 90 -49.18 13.68 0.92
CA ARG D 90 -49.50 14.18 -0.41
C ARG D 90 -50.37 15.44 -0.33
N ARG D 91 -51.26 15.50 0.66
CA ARG D 91 -52.18 16.63 0.78
C ARG D 91 -51.43 17.95 0.90
N PHE D 92 -50.41 17.98 1.76
CA PHE D 92 -49.64 19.20 2.00
C PHE D 92 -48.23 19.14 1.44
N ASN D 93 -47.94 18.16 0.57
CA ASN D 93 -46.63 18.00 -0.06
C ASN D 93 -45.52 17.97 1.00
N LEU D 94 -45.75 17.19 2.05
CA LEU D 94 -44.80 17.08 3.13
C LEU D 94 -43.62 16.20 2.74
N ARG D 95 -42.46 16.49 3.32
CA ARG D 95 -41.27 15.70 3.10
C ARG D 95 -40.50 15.56 4.41
N THR D 96 -39.56 14.61 4.44
CA THR D 96 -38.79 14.34 5.64
C THR D 96 -38.09 15.60 6.13
N GLY D 97 -38.31 15.93 7.41
CA GLY D 97 -37.76 17.11 8.03
C GLY D 97 -38.80 18.15 8.43
N ASP D 98 -40.02 18.04 7.92
CA ASP D 98 -41.06 19.00 8.24
C ASP D 98 -41.53 18.83 9.69
N THR D 99 -41.66 19.96 10.40
CA THR D 99 -42.19 19.97 11.75
C THR D 99 -43.71 20.06 11.68
N ILE D 100 -44.41 19.06 12.21
CA ILE D 100 -45.85 18.95 12.10
C ILE D 100 -46.47 19.01 13.49
N SER D 101 -47.58 19.76 13.61
CA SER D 101 -48.35 19.85 14.84
C SER D 101 -49.83 19.78 14.50
N GLY D 102 -50.61 19.19 15.39
CA GLY D 102 -52.04 19.08 15.18
C GLY D 102 -52.65 18.03 16.09
N LYS D 103 -53.95 17.80 15.87
CA LYS D 103 -54.70 16.85 16.66
C LYS D 103 -54.36 15.42 16.27
N ILE D 104 -54.35 14.52 17.25
CA ILE D 104 -54.06 13.11 17.01
C ILE D 104 -55.19 12.23 17.53
N ARG D 105 -54.93 10.92 17.66
CA ARG D 105 -55.96 10.01 18.14
C ARG D 105 -55.35 8.78 18.79
N PRO D 106 -55.93 8.28 19.88
CA PRO D 106 -55.42 7.04 20.50
C PRO D 106 -55.58 5.86 19.55
N PRO D 107 -54.57 4.97 19.50
CA PRO D 107 -54.61 3.77 18.65
C PRO D 107 -55.63 2.75 19.13
N GLU D 111 -53.25 -2.36 16.44
CA GLU D 111 -52.83 -0.98 16.31
C GLU D 111 -52.09 -0.52 17.57
N ARG D 112 -50.84 -0.08 17.40
CA ARG D 112 -50.00 0.29 18.53
C ARG D 112 -49.36 1.67 18.35
N TYR D 113 -49.93 2.53 17.51
CA TYR D 113 -49.34 3.84 17.24
C TYR D 113 -50.43 4.89 17.14
N PHE D 114 -50.20 6.03 17.79
CA PHE D 114 -51.06 7.19 17.63
C PHE D 114 -51.11 7.62 16.18
N ALA D 115 -52.18 8.32 15.80
CA ALA D 115 -52.40 8.74 14.43
C ALA D 115 -52.80 10.21 14.38
N LEU D 116 -52.23 10.94 13.44
CA LEU D 116 -52.49 12.37 13.27
C LEU D 116 -53.84 12.56 12.58
N LEU D 117 -54.75 13.30 13.22
CA LEU D 117 -56.04 13.61 12.63
C LEU D 117 -55.89 14.68 11.55
N LYS D 118 -55.57 15.91 11.95
CA LYS D 118 -55.36 17.00 11.02
C LYS D 118 -54.20 17.84 11.50
N VAL D 119 -53.46 18.42 10.55
CA VAL D 119 -52.28 19.22 10.87
C VAL D 119 -52.68 20.68 10.95
N ASN D 120 -52.21 21.36 11.99
CA ASN D 120 -52.47 22.78 12.18
C ASN D 120 -51.34 23.66 11.68
N GLU D 121 -50.08 23.25 11.89
CA GLU D 121 -48.92 24.03 11.48
C GLU D 121 -47.90 23.12 10.81
N VAL D 122 -47.38 23.56 9.68
CA VAL D 122 -46.30 22.88 8.97
C VAL D 122 -45.10 23.81 8.97
N ASN D 123 -44.08 23.44 9.76
CA ASN D 123 -42.88 24.27 9.93
C ASN D 123 -43.24 25.64 10.51
N PHE D 124 -44.09 25.62 11.54
CA PHE D 124 -44.49 26.84 12.25
C PHE D 124 -45.20 27.83 11.34
N ASP D 125 -46.07 27.32 10.48
CA ASP D 125 -46.80 28.16 9.54
C ASP D 125 -47.95 27.38 8.95
N LYS D 126 -48.92 28.11 8.39
CA LYS D 126 -50.15 27.51 7.90
C LYS D 126 -49.85 26.43 6.87
N PRO D 127 -50.51 25.28 6.95
CA PRO D 127 -50.17 24.17 6.05
C PRO D 127 -50.38 24.48 4.58
N GLU D 128 -51.35 25.33 4.25
CA GLU D 128 -51.62 25.65 2.85
C GLU D 128 -50.47 26.41 2.21
N ASN D 129 -49.74 27.21 3.00
CA ASN D 129 -48.63 27.99 2.48
C ASN D 129 -47.39 27.13 2.23
N ALA D 130 -47.32 25.94 2.81
CA ALA D 130 -46.17 25.06 2.65
C ALA D 130 -46.21 24.22 1.36
N ARG D 131 -47.22 24.41 0.52
CA ARG D 131 -47.32 23.68 -0.73
C ARG D 131 -46.85 24.48 -1.94
N ASN D 132 -47.08 25.79 -1.94
CA ASN D 132 -46.64 26.66 -3.03
C ASN D 132 -45.17 27.05 -2.93
N LYS D 133 -44.43 26.46 -2.00
CA LYS D 133 -43.02 26.77 -1.80
C LYS D 133 -42.15 26.02 -2.81
N ILE D 134 -40.94 26.55 -3.01
CA ILE D 134 -39.97 25.96 -3.92
C ILE D 134 -39.13 24.94 -3.15
N LEU D 135 -38.90 23.79 -3.77
CA LEU D 135 -38.09 22.75 -3.13
C LEU D 135 -36.67 23.24 -2.90
N PHE D 136 -36.01 22.64 -1.91
CA PHE D 136 -34.66 23.06 -1.53
C PHE D 136 -33.66 22.83 -2.66
N GLU D 137 -33.88 21.79 -3.48
CA GLU D 137 -32.97 21.49 -4.58
C GLU D 137 -33.11 22.48 -5.73
N ASN D 138 -34.24 23.17 -5.82
CA ASN D 138 -34.48 24.14 -6.88
C ASN D 138 -34.14 25.57 -6.48
N LEU D 139 -33.77 25.80 -5.22
CA LEU D 139 -33.38 27.13 -4.77
C LEU D 139 -32.06 27.53 -5.41
N THR D 140 -31.95 28.80 -5.80
CA THR D 140 -30.76 29.26 -6.50
C THR D 140 -29.65 29.56 -5.51
N PRO D 141 -28.52 28.86 -5.57
CA PRO D 141 -27.44 29.09 -4.60
C PRO D 141 -26.70 30.39 -4.89
N LEU D 142 -25.99 30.87 -3.87
CA LEU D 142 -25.20 32.10 -3.99
C LEU D 142 -24.10 32.10 -2.94
N HIS D 143 -23.12 32.97 -3.16
CA HIS D 143 -22.09 33.22 -2.16
C HIS D 143 -22.65 34.12 -1.06
N ALA D 144 -22.26 33.84 0.18
CA ALA D 144 -22.78 34.57 1.33
C ALA D 144 -22.61 36.07 1.14
N ASN D 145 -23.71 36.80 1.25
CA ASN D 145 -23.71 38.25 1.12
C ASN D 145 -24.00 38.97 2.42
N SER D 146 -24.77 38.36 3.33
CA SER D 146 -25.05 38.92 4.64
C SER D 146 -24.16 38.24 5.67
N ARG D 147 -23.43 39.04 6.44
CA ARG D 147 -22.41 38.53 7.34
C ARG D 147 -22.95 38.37 8.77
N LEU D 148 -22.40 37.39 9.48
CA LEU D 148 -22.73 37.10 10.87
C LEU D 148 -21.54 37.51 11.72
N ARG D 149 -21.44 38.81 11.99
CA ARG D 149 -20.34 39.32 12.81
C ARG D 149 -20.37 38.66 14.18
N MSE D 150 -19.25 38.04 14.55
CA MSE D 150 -19.19 37.21 15.76
C MSE D 150 -18.79 38.00 16.99
O MSE D 150 -18.92 37.51 18.11
CB MSE D 150 -18.22 36.05 15.54
CG MSE D 150 -18.58 35.17 14.36
SE MSE D 150 -20.33 34.35 14.58
CE MSE D 150 -19.92 33.25 16.13
N GLU D 151 -18.29 39.22 16.79
CA GLU D 151 -17.81 40.02 17.91
C GLU D 151 -18.97 40.55 18.73
N ARG D 152 -18.91 40.29 20.04
CA ARG D 152 -19.88 40.89 20.97
C ARG D 152 -19.48 42.29 21.40
N GLY D 153 -18.18 42.58 21.45
CA GLY D 153 -17.73 43.89 21.86
C GLY D 153 -18.04 44.25 23.30
N ASN D 154 -18.22 43.25 24.16
CA ASN D 154 -18.48 43.49 25.57
C ASN D 154 -17.21 43.64 26.40
N GLY D 155 -16.04 43.42 25.81
CA GLY D 155 -14.79 43.51 26.54
C GLY D 155 -14.42 42.28 27.35
N SER D 156 -15.10 41.16 27.13
CA SER D 156 -14.81 39.94 27.89
C SER D 156 -13.63 39.20 27.28
N THR D 157 -13.02 38.33 28.09
CA THR D 157 -11.90 37.54 27.60
C THR D 157 -12.34 36.53 26.53
N GLU D 158 -13.56 36.01 26.64
CA GLU D 158 -14.06 35.08 25.64
C GLU D 158 -14.31 35.78 24.31
N ASP D 159 -14.58 37.09 24.34
CA ASP D 159 -14.84 37.84 23.12
C ASP D 159 -13.61 37.89 22.22
N LEU D 160 -12.40 37.76 22.80
CA LEU D 160 -11.18 37.75 22.00
C LEU D 160 -11.25 36.69 20.91
N THR D 161 -11.74 35.51 21.26
CA THR D 161 -11.89 34.43 20.28
C THR D 161 -12.72 34.87 19.08
N ALA D 162 -13.87 35.48 19.33
CA ALA D 162 -14.74 35.92 18.25
C ALA D 162 -14.12 37.05 17.46
N ARG D 163 -13.36 37.93 18.12
CA ARG D 163 -12.75 39.07 17.44
C ARG D 163 -11.67 38.61 16.46
N VAL D 164 -10.79 37.70 16.91
CA VAL D 164 -9.77 37.17 16.02
C VAL D 164 -10.42 36.42 14.85
N LEU D 165 -11.54 35.75 15.11
CA LEU D 165 -12.24 35.04 14.05
C LEU D 165 -12.74 35.99 12.98
N ASP D 166 -13.25 37.14 13.38
CA ASP D 166 -13.76 38.12 12.41
C ASP D 166 -12.66 38.64 11.52
N LEU D 167 -11.42 38.68 12.02
CA LEU D 167 -10.28 39.15 11.23
C LEU D 167 -9.72 38.04 10.36
N ALA D 168 -9.64 36.81 10.89
CA ALA D 168 -9.02 35.72 10.15
C ALA D 168 -9.97 35.12 9.11
N SER D 169 -11.17 34.75 9.52
CA SER D 169 -12.12 34.08 8.62
C SER D 169 -13.55 34.56 8.91
N PRO D 170 -14.04 35.53 8.14
CA PRO D 170 -15.42 36.00 8.34
C PRO D 170 -16.44 34.91 8.00
N ILE D 171 -17.62 35.01 8.63
CA ILE D 171 -18.70 34.05 8.45
C ILE D 171 -19.96 34.80 8.04
N GLY D 172 -20.65 34.27 7.02
CA GLY D 172 -21.87 34.88 6.52
C GLY D 172 -23.02 33.88 6.48
N ARG D 173 -24.15 34.35 5.95
CA ARG D 173 -25.36 33.53 5.85
C ARG D 173 -25.21 32.54 4.72
N GLY D 174 -25.40 31.25 5.03
CA GLY D 174 -25.11 30.21 4.07
C GLY D 174 -23.67 29.78 4.02
N GLN D 175 -22.84 30.26 4.95
CA GLN D 175 -21.43 29.90 4.99
C GLN D 175 -21.25 28.39 5.19
N ARG D 176 -20.13 27.88 4.67
CA ARG D 176 -19.83 26.44 4.72
C ARG D 176 -18.36 26.31 5.13
N GLY D 177 -18.13 26.41 6.45
CA GLY D 177 -16.79 26.49 6.99
C GLY D 177 -16.44 25.32 7.90
N LEU D 178 -15.18 25.32 8.34
CA LEU D 178 -14.65 24.25 9.19
C LEU D 178 -13.77 24.85 10.28
N ILE D 179 -13.72 24.14 11.41
CA ILE D 179 -12.81 24.48 12.51
C ILE D 179 -11.71 23.43 12.55
N VAL D 180 -10.68 23.61 11.76
CA VAL D 180 -9.65 22.59 11.58
C VAL D 180 -8.63 22.70 12.71
N ALA D 181 -8.31 21.56 13.34
CA ALA D 181 -7.30 21.52 14.40
C ALA D 181 -7.03 20.11 14.91
N PRO D 182 -5.86 19.87 15.51
CA PRO D 182 -5.59 18.56 16.13
C PRO D 182 -6.39 18.40 17.42
N PRO D 183 -6.39 17.20 18.01
CA PRO D 183 -7.09 17.01 19.28
C PRO D 183 -6.55 17.92 20.36
N LYS D 184 -7.45 18.37 21.24
CA LYS D 184 -7.10 19.23 22.37
C LYS D 184 -6.50 20.56 21.92
N ALA D 185 -6.90 21.05 20.74
CA ALA D 185 -6.44 22.35 20.29
C ALA D 185 -7.41 23.47 20.65
N GLY D 186 -8.70 23.16 20.80
CA GLY D 186 -9.68 24.15 21.17
C GLY D 186 -10.80 24.28 20.16
N LYS D 187 -11.13 23.19 19.48
CA LYS D 187 -12.19 23.24 18.47
C LYS D 187 -13.56 23.31 19.12
N THR D 188 -13.83 22.40 20.06
CA THR D 188 -15.14 22.37 20.71
C THR D 188 -15.43 23.67 21.44
N MSE D 189 -14.47 24.14 22.22
CA MSE D 189 -14.63 25.36 23.00
C MSE D 189 -14.74 26.57 22.08
O MSE D 189 -15.41 27.55 22.41
CB MSE D 189 -13.48 25.53 23.98
CG MSE D 189 -13.82 26.36 25.20
SE MSE D 189 -12.73 25.85 26.73
CE MSE D 189 -13.16 23.94 26.74
N LEU D 190 -14.09 26.49 20.92
CA LEU D 190 -14.31 27.48 19.86
C LEU D 190 -15.76 27.44 19.42
N LEU D 191 -16.27 26.23 19.15
CA LEU D 191 -17.65 26.10 18.67
C LEU D 191 -18.64 26.57 19.71
N GLN D 192 -18.34 26.35 21.00
CA GLN D 192 -19.20 26.88 22.06
C GLN D 192 -19.21 28.40 22.04
N ASN D 193 -18.06 29.02 21.83
CA ASN D 193 -18.00 30.47 21.69
C ASN D 193 -18.82 30.94 20.49
N ILE D 194 -18.86 30.13 19.43
CA ILE D 194 -19.71 30.44 18.27
C ILE D 194 -21.17 30.54 18.71
N ALA D 195 -21.66 29.51 19.38
CA ALA D 195 -23.07 29.47 19.79
C ALA D 195 -23.44 30.68 20.64
N GLN D 196 -22.56 31.06 21.59
CA GLN D 196 -22.83 32.22 22.42
C GLN D 196 -23.00 33.48 21.59
N SER D 197 -22.17 33.65 20.56
CA SER D 197 -22.28 34.83 19.72
C SER D 197 -23.48 34.75 18.78
N ILE D 198 -23.83 33.53 18.33
CA ILE D 198 -24.99 33.37 17.47
C ILE D 198 -26.27 33.79 18.18
N ALA D 199 -26.42 33.36 19.44
CA ALA D 199 -27.62 33.68 20.19
C ALA D 199 -27.65 35.13 20.66
N TYR D 200 -26.49 35.72 20.90
CA TYR D 200 -26.43 37.09 21.39
C TYR D 200 -26.48 38.10 20.25
N ASN D 201 -25.79 37.82 19.14
CA ASN D 201 -25.76 38.76 18.02
C ASN D 201 -26.89 38.55 17.03
N HIS D 202 -27.26 37.29 16.75
CA HIS D 202 -28.25 36.97 15.73
C HIS D 202 -29.29 36.00 16.30
N PRO D 203 -30.15 36.48 17.22
CA PRO D 203 -31.24 35.62 17.70
C PRO D 203 -32.22 35.25 16.61
N ASP D 204 -32.26 36.00 15.51
CA ASP D 204 -33.19 35.72 14.43
C ASP D 204 -32.91 34.38 13.76
N CYS D 205 -31.66 33.91 13.83
CA CYS D 205 -31.28 32.68 13.15
C CYS D 205 -31.69 31.45 13.95
N VAL D 206 -32.15 30.42 13.24
CA VAL D 206 -32.52 29.16 13.87
C VAL D 206 -31.24 28.40 14.17
N LEU D 207 -30.87 28.32 15.45
CA LEU D 207 -29.60 27.73 15.86
C LEU D 207 -29.78 26.26 16.23
N MSE D 208 -28.98 25.40 15.62
CA MSE D 208 -28.96 23.98 15.94
C MSE D 208 -27.52 23.51 16.19
O MSE D 208 -26.60 23.97 15.53
CB MSE D 208 -29.58 23.16 14.80
CG MSE D 208 -31.01 23.52 14.47
SE MSE D 208 -31.71 22.39 13.04
CE MSE D 208 -33.52 23.13 12.94
N VAL D 209 -27.34 22.59 17.14
CA VAL D 209 -26.02 22.08 17.50
C VAL D 209 -26.06 20.56 17.40
N LEU D 210 -25.40 20.02 16.38
CA LEU D 210 -25.36 18.57 16.13
C LEU D 210 -24.01 18.04 16.60
N LEU D 211 -24.04 17.21 17.65
CA LEU D 211 -22.84 16.60 18.19
C LEU D 211 -22.83 15.12 17.83
N ILE D 212 -21.80 14.70 17.11
CA ILE D 212 -21.71 13.34 16.58
C ILE D 212 -20.43 12.69 17.09
N ASP D 213 -20.58 11.51 17.72
CA ASP D 213 -19.45 10.67 18.10
C ASP D 213 -18.47 11.40 19.01
N GLU D 214 -18.97 12.28 19.86
CA GLU D 214 -18.13 13.09 20.74
C GLU D 214 -18.46 12.81 22.20
N ARG D 215 -17.93 13.65 23.08
CA ARG D 215 -17.91 13.35 24.50
C ARG D 215 -19.30 13.54 25.11
N PRO D 216 -19.65 12.73 26.12
CA PRO D 216 -21.00 12.83 26.70
C PRO D 216 -21.18 14.06 27.60
N GLU D 217 -20.12 14.55 28.22
CA GLU D 217 -20.24 15.74 29.05
C GLU D 217 -20.30 17.02 28.24
N GLU D 218 -19.96 16.96 26.95
CA GLU D 218 -20.01 18.14 26.09
C GLU D 218 -21.42 18.44 25.59
N VAL D 219 -22.31 17.44 25.55
CA VAL D 219 -23.69 17.72 25.16
C VAL D 219 -24.47 18.31 26.32
N THR D 220 -24.28 17.77 27.53
CA THR D 220 -24.92 18.35 28.71
C THR D 220 -24.44 19.78 28.94
N GLU D 221 -23.16 20.04 28.67
CA GLU D 221 -22.64 21.41 28.77
C GLU D 221 -23.19 22.28 27.66
N MSE D 222 -23.39 21.72 26.48
CA MSE D 222 -23.93 22.46 25.34
C MSE D 222 -25.41 22.78 25.55
O MSE D 222 -25.84 23.91 25.33
CB MSE D 222 -23.74 21.67 24.04
CG MSE D 222 -23.91 22.50 22.77
SE MSE D 222 -22.40 23.67 22.43
CE MSE D 222 -21.01 22.31 22.25
N GLN D 223 -26.17 21.77 25.99
CA GLN D 223 -27.61 21.95 26.19
C GLN D 223 -27.91 23.10 27.14
N ARG D 224 -27.06 23.34 28.12
CA ARG D 224 -27.25 24.43 29.07
C ARG D 224 -26.59 25.74 28.63
N LEU D 225 -25.58 25.65 27.76
CA LEU D 225 -24.86 26.84 27.31
C LEU D 225 -25.55 27.53 26.14
N VAL D 226 -25.95 26.77 25.13
CA VAL D 226 -26.48 27.34 23.90
C VAL D 226 -27.98 27.58 24.06
N LYS D 227 -28.47 28.62 23.38
CA LYS D 227 -29.89 28.96 23.36
C LYS D 227 -30.46 28.49 22.03
N GLY D 228 -30.90 27.23 22.01
CA GLY D 228 -31.47 26.62 20.83
C GLY D 228 -31.77 25.15 21.04
N GLU D 229 -31.57 24.34 20.00
CA GLU D 229 -31.77 22.90 20.07
C GLU D 229 -30.44 22.18 19.95
N VAL D 230 -30.30 21.08 20.68
CA VAL D 230 -29.07 20.28 20.71
C VAL D 230 -29.44 18.83 20.44
N VAL D 231 -29.11 18.34 19.25
CA VAL D 231 -29.27 16.94 18.89
C VAL D 231 -27.90 16.29 18.98
N ALA D 232 -27.80 15.20 19.75
CA ALA D 232 -26.51 14.59 20.04
C ALA D 232 -26.54 13.10 19.75
N SER D 233 -25.34 12.53 19.69
CA SER D 233 -25.12 11.10 19.49
C SER D 233 -23.68 10.76 19.88
N THR D 234 -23.45 10.62 21.19
CA THR D 234 -22.10 10.44 21.72
C THR D 234 -21.43 9.20 21.13
N PHE D 235 -20.14 9.07 21.42
CA PHE D 235 -19.38 7.92 20.94
C PHE D 235 -19.84 6.59 21.55
N ASP D 236 -20.74 6.63 22.53
CA ASP D 236 -21.38 5.43 23.02
C ASP D 236 -22.35 4.83 22.00
N GLU D 237 -22.56 5.49 20.87
CA GLU D 237 -23.54 5.09 19.88
C GLU D 237 -22.87 4.54 18.62
N PRO D 238 -23.52 3.60 17.95
CA PRO D 238 -22.94 3.04 16.73
C PRO D 238 -22.84 4.07 15.61
N ALA D 239 -22.01 3.77 14.62
CA ALA D 239 -21.86 4.66 13.48
C ALA D 239 -23.15 4.77 12.68
N SER D 240 -23.92 3.70 12.60
CA SER D 240 -25.20 3.74 11.89
C SER D 240 -26.15 4.76 12.51
N ARG D 241 -26.13 4.87 13.84
CA ARG D 241 -26.96 5.86 14.52
C ARG D 241 -26.48 7.27 14.22
N HIS D 242 -25.16 7.48 14.20
CA HIS D 242 -24.60 8.78 13.87
C HIS D 242 -25.10 9.27 12.52
N VAL D 243 -25.11 8.39 11.52
CA VAL D 243 -25.57 8.77 10.19
C VAL D 243 -27.03 9.16 10.20
N GLN D 244 -27.88 8.27 10.73
CA GLN D 244 -29.32 8.51 10.71
C GLN D 244 -29.69 9.79 11.45
N VAL D 245 -29.07 10.03 12.60
CA VAL D 245 -29.33 11.25 13.37
C VAL D 245 -28.94 12.47 12.55
N ALA D 246 -27.77 12.43 11.91
CA ALA D 246 -27.34 13.57 11.11
C ALA D 246 -28.26 13.80 9.91
N GLU D 247 -28.69 12.72 9.26
CA GLU D 247 -29.59 12.86 8.12
C GLU D 247 -30.88 13.58 8.51
N MSE D 248 -31.42 13.26 9.68
CA MSE D 248 -32.65 13.89 10.15
C MSE D 248 -32.46 15.38 10.38
O MSE D 248 -33.32 16.19 10.01
CB MSE D 248 -33.14 13.21 11.44
CG MSE D 248 -33.66 11.80 11.23
SE MSE D 248 -35.26 11.79 10.12
CE MSE D 248 -36.42 12.88 11.26
N VAL D 249 -31.33 15.75 10.98
CA VAL D 249 -31.06 17.15 11.29
C VAL D 249 -30.90 17.95 10.01
N ILE D 250 -30.14 17.43 9.04
CA ILE D 250 -29.87 18.17 7.81
C ILE D 250 -31.15 18.33 6.99
N GLU D 251 -32.06 17.35 7.08
CA GLU D 251 -33.32 17.46 6.35
C GLU D 251 -34.23 18.49 6.99
N LYS D 252 -34.28 18.52 8.33
CA LYS D 252 -35.04 19.55 9.03
C LYS D 252 -34.53 20.94 8.68
N ALA D 253 -33.22 21.09 8.56
CA ALA D 253 -32.65 22.38 8.17
C ALA D 253 -33.09 22.77 6.76
N LYS D 254 -33.02 21.82 5.82
CA LYS D 254 -33.45 22.09 4.45
C LYS D 254 -34.89 22.57 4.40
N ARG D 255 -35.77 21.92 5.17
CA ARG D 255 -37.18 22.29 5.17
C ARG D 255 -37.37 23.73 5.66
N LEU D 256 -36.66 24.11 6.71
CA LEU D 256 -36.77 25.48 7.22
C LEU D 256 -36.22 26.48 6.20
N VAL D 257 -35.16 26.11 5.48
CA VAL D 257 -34.65 26.96 4.41
C VAL D 257 -35.71 27.14 3.32
N GLU D 258 -36.49 26.09 3.06
CA GLU D 258 -37.59 26.21 2.10
C GLU D 258 -38.64 27.21 2.57
N HIS D 259 -38.72 27.48 3.87
CA HIS D 259 -39.58 28.51 4.42
C HIS D 259 -38.82 29.82 4.68
N LYS D 260 -37.69 30.01 4.01
CA LYS D 260 -36.93 31.26 4.04
C LYS D 260 -36.39 31.58 5.44
N LYS D 261 -35.90 30.54 6.13
CA LYS D 261 -35.32 30.69 7.45
C LYS D 261 -33.80 30.59 7.39
N ASP D 262 -33.13 31.40 8.21
CA ASP D 262 -31.67 31.41 8.30
C ASP D 262 -31.24 30.39 9.34
N VAL D 263 -30.98 29.16 8.91
CA VAL D 263 -30.61 28.06 9.80
C VAL D 263 -29.09 28.01 9.93
N ILE D 264 -28.61 27.71 11.14
CA ILE D 264 -27.19 27.59 11.44
C ILE D 264 -26.97 26.29 12.20
N ILE D 265 -26.12 25.42 11.67
CA ILE D 265 -25.83 24.12 12.28
C ILE D 265 -24.37 24.11 12.71
N LEU D 266 -24.13 23.88 14.00
CA LEU D 266 -22.78 23.78 14.56
C LEU D 266 -22.47 22.30 14.79
N LEU D 267 -21.74 21.70 13.85
CA LEU D 267 -21.46 20.28 13.90
C LEU D 267 -20.13 20.01 14.62
N ASP D 268 -20.10 18.93 15.38
CA ASP D 268 -18.90 18.52 16.10
C ASP D 268 -18.99 17.04 16.47
N SER D 269 -18.24 16.20 15.77
CA SER D 269 -17.35 16.64 14.69
C SER D 269 -17.78 16.09 13.34
N ILE D 270 -17.48 16.83 12.28
CA ILE D 270 -17.79 16.33 10.93
C ILE D 270 -16.79 15.26 10.51
N THR D 271 -15.57 15.32 11.04
CA THR D 271 -14.61 14.24 10.78
C THR D 271 -15.11 12.93 11.37
N ARG D 272 -15.71 12.97 12.55
CA ARG D 272 -16.34 11.79 13.12
C ARG D 272 -17.52 11.33 12.26
N LEU D 273 -18.27 12.27 11.71
CA LEU D 273 -19.37 11.92 10.82
C LEU D 273 -18.88 11.24 9.56
N ALA D 274 -17.78 11.74 8.97
CA ALA D 274 -17.23 11.14 7.77
C ALA D 274 -16.75 9.71 8.03
N ARG D 275 -16.15 9.48 9.20
CA ARG D 275 -15.78 8.11 9.57
C ARG D 275 -16.99 7.21 9.64
N ALA D 276 -18.09 7.69 10.23
CA ALA D 276 -19.30 6.90 10.33
C ALA D 276 -19.77 6.44 8.96
N TYR D 277 -19.81 7.36 7.99
CA TYR D 277 -20.16 6.98 6.62
C TYR D 277 -19.16 5.98 6.06
N ASN D 278 -17.86 6.17 6.34
CA ASN D 278 -16.84 5.28 5.81
C ASN D 278 -17.02 3.85 6.30
N THR D 279 -17.53 3.67 7.52
CA THR D 279 -17.76 2.35 8.08
C THR D 279 -19.10 1.76 7.66
N VAL D 280 -20.00 2.58 7.12
CA VAL D 280 -21.32 2.12 6.71
C VAL D 280 -21.35 1.79 5.22
N VAL D 281 -20.59 2.54 4.41
CA VAL D 281 -20.71 2.41 2.95
C VAL D 281 -20.30 1.02 2.51
N PRO D 282 -20.97 0.42 1.53
CA PRO D 282 -20.57 -0.91 1.08
C PRO D 282 -19.21 -0.88 0.40
N ALA D 283 -18.41 -1.91 0.65
CA ALA D 283 -17.08 -2.01 0.07
C ALA D 283 -17.16 -1.97 -1.46
N SER D 284 -16.43 -1.04 -2.05
CA SER D 284 -16.38 -0.89 -3.51
C SER D 284 -15.21 -1.61 -4.15
N GLY D 285 -14.36 -2.26 -3.35
CA GLY D 285 -13.13 -2.84 -3.86
C GLY D 285 -12.00 -1.85 -4.07
N LYS D 286 -12.21 -0.58 -3.74
CA LYS D 286 -11.22 0.48 -3.94
C LYS D 286 -11.16 1.32 -2.67
N VAL D 287 -9.96 1.49 -2.13
CA VAL D 287 -9.76 2.22 -0.87
C VAL D 287 -8.72 3.30 -1.10
N LEU D 288 -9.12 4.55 -0.84
CA LEU D 288 -8.21 5.68 -0.98
C LEU D 288 -7.13 5.63 0.11
N THR D 289 -6.18 6.56 0.01
CA THR D 289 -5.10 6.63 0.98
C THR D 289 -5.62 7.01 2.35
N GLY D 290 -5.21 6.26 3.37
CA GLY D 290 -5.65 6.47 4.73
C GLY D 290 -6.70 5.50 5.21
N GLY D 291 -7.23 4.65 4.34
CA GLY D 291 -8.30 3.75 4.70
C GLY D 291 -9.70 4.23 4.38
N VAL D 292 -9.85 5.24 3.53
CA VAL D 292 -11.15 5.77 3.16
C VAL D 292 -11.62 5.08 1.89
N ASP D 293 -12.78 4.44 1.96
CA ASP D 293 -13.35 3.82 0.77
C ASP D 293 -13.52 4.85 -0.34
N ALA D 294 -13.47 4.38 -1.58
CA ALA D 294 -13.54 5.28 -2.73
C ALA D 294 -14.89 5.97 -2.85
N ASN D 295 -15.94 5.43 -2.22
CA ASN D 295 -17.29 5.99 -2.30
C ASN D 295 -17.81 6.40 -0.93
N ALA D 296 -16.92 6.52 0.06
CA ALA D 296 -17.35 6.79 1.43
C ALA D 296 -17.60 8.27 1.67
N LEU D 297 -16.97 9.15 0.91
CA LEU D 297 -17.04 10.58 1.16
C LEU D 297 -18.11 11.28 0.34
N HIS D 298 -18.87 10.56 -0.49
CA HIS D 298 -19.91 11.20 -1.29
C HIS D 298 -21.00 11.81 -0.41
N ARG D 299 -21.66 10.98 0.39
CA ARG D 299 -22.70 11.48 1.29
C ARG D 299 -22.19 12.55 2.25
N PRO D 300 -21.04 12.39 2.92
CA PRO D 300 -20.55 13.52 3.76
C PRO D 300 -20.39 14.82 2.99
N LYS D 301 -20.03 14.74 1.71
CA LYS D 301 -19.91 15.95 0.90
C LYS D 301 -21.27 16.62 0.69
N ARG D 302 -22.31 15.81 0.44
CA ARG D 302 -23.65 16.38 0.29
C ARG D 302 -24.17 16.94 1.60
N PHE D 303 -23.82 16.30 2.73
CA PHE D 303 -24.21 16.82 4.04
C PHE D 303 -23.58 18.18 4.29
N PHE D 304 -22.24 18.23 4.27
CA PHE D 304 -21.54 19.49 4.48
C PHE D 304 -21.89 20.49 3.39
N GLY D 305 -22.03 20.02 2.15
CA GLY D 305 -22.40 20.88 1.03
C GLY D 305 -23.85 21.31 1.00
N ALA D 306 -24.66 20.86 1.97
CA ALA D 306 -26.03 21.37 2.05
C ALA D 306 -26.06 22.85 2.40
N ALA D 307 -25.10 23.31 3.20
CA ALA D 307 -25.02 24.72 3.56
C ALA D 307 -24.83 25.58 2.32
N ARG D 308 -25.62 26.65 2.21
CA ARG D 308 -25.59 27.53 1.05
C ARG D 308 -26.45 28.75 1.32
N ASN D 309 -26.19 29.80 0.54
CA ASN D 309 -26.96 31.03 0.59
C ASN D 309 -27.98 31.04 -0.54
N VAL D 310 -29.24 31.33 -0.19
CA VAL D 310 -30.35 31.25 -1.13
C VAL D 310 -30.76 32.66 -1.55
N GLU D 311 -30.97 32.84 -2.86
CA GLU D 311 -31.44 34.12 -3.39
C GLU D 311 -32.92 34.32 -3.12
N GLU D 312 -33.71 33.26 -3.15
CA GLU D 312 -35.14 33.37 -2.87
C GLU D 312 -35.43 33.78 -1.43
N GLY D 313 -34.50 33.57 -0.52
CA GLY D 313 -34.66 33.93 0.88
C GLY D 313 -34.18 32.83 1.78
N GLY D 314 -33.68 33.20 2.96
CA GLY D 314 -33.14 32.24 3.91
C GLY D 314 -31.77 31.73 3.50
N SER D 315 -31.22 30.87 4.34
CA SER D 315 -29.89 30.32 4.11
C SER D 315 -29.62 29.21 5.12
N LEU D 316 -28.61 28.40 4.81
CA LEU D 316 -28.16 27.30 5.67
C LEU D 316 -26.67 27.44 5.89
N THR D 317 -26.27 27.64 7.15
CA THR D 317 -24.87 27.81 7.53
C THR D 317 -24.43 26.62 8.36
N ILE D 318 -23.27 26.05 8.02
CA ILE D 318 -22.74 24.88 8.71
C ILE D 318 -21.29 25.17 9.12
N ILE D 319 -21.04 25.16 10.42
CA ILE D 319 -19.71 25.37 10.98
C ILE D 319 -19.36 24.10 11.76
N ALA D 320 -18.53 23.24 11.17
CA ALA D 320 -18.18 21.96 11.75
C ALA D 320 -16.70 21.89 12.08
N THR D 321 -16.36 21.12 13.12
CA THR D 321 -14.98 20.92 13.52
C THR D 321 -14.37 19.74 12.76
N ALA D 322 -13.06 19.84 12.51
CA ALA D 322 -12.34 18.83 11.75
C ALA D 322 -11.02 18.51 12.44
N LEU D 323 -10.58 17.26 12.27
CA LEU D 323 -9.40 16.75 12.94
C LEU D 323 -8.24 16.60 11.95
N ILE D 324 -7.05 17.01 12.39
CA ILE D 324 -5.82 16.86 11.61
C ILE D 324 -4.70 16.47 12.57
N ASP D 325 -3.56 16.13 11.99
CA ASP D 325 -2.38 15.71 12.76
C ASP D 325 -2.72 14.58 13.73
N THR D 326 -3.72 13.78 13.38
CA THR D 326 -4.11 12.65 14.21
C THR D 326 -3.18 11.45 14.05
N GLY D 327 -2.13 11.57 13.24
CA GLY D 327 -1.33 10.43 12.86
C GLY D 327 -2.00 9.51 11.86
N SER D 328 -3.24 9.79 11.46
CA SER D 328 -4.00 8.96 10.54
C SER D 328 -4.17 9.71 9.22
N LYS D 329 -3.69 9.11 8.13
CA LYS D 329 -3.85 9.74 6.82
C LYS D 329 -5.31 9.94 6.45
N MSE D 330 -6.20 9.12 7.00
CA MSE D 330 -7.63 9.21 6.74
C MSE D 330 -8.19 10.60 7.03
O MSE D 330 -8.87 11.20 6.20
CB MSE D 330 -8.39 8.17 7.55
CG MSE D 330 -9.90 8.38 7.55
SE MSE D 330 -10.86 6.93 8.43
CE MSE D 330 -10.19 7.20 10.23
N ASP D 331 -7.87 11.11 8.22
CA ASP D 331 -8.34 12.44 8.62
C ASP D 331 -7.73 13.55 7.77
N GLU D 332 -6.58 13.30 7.15
CA GLU D 332 -6.00 14.28 6.23
C GLU D 332 -6.79 14.30 4.92
N VAL D 333 -7.22 13.14 4.44
CA VAL D 333 -8.00 13.07 3.21
C VAL D 333 -9.37 13.71 3.42
N ILE D 334 -10.01 13.42 4.55
CA ILE D 334 -11.33 13.97 4.84
C ILE D 334 -11.26 15.50 4.90
N TYR D 335 -10.26 16.03 5.62
CA TYR D 335 -10.11 17.47 5.74
C TYR D 335 -9.96 18.14 4.39
N GLU D 336 -9.02 17.64 3.57
CA GLU D 336 -8.79 18.22 2.26
C GLU D 336 -10.02 18.09 1.37
N GLU D 337 -10.78 17.01 1.53
CA GLU D 337 -12.00 16.83 0.75
C GLU D 337 -13.04 17.88 1.12
N PHE D 338 -13.30 18.05 2.42
CA PHE D 338 -14.26 19.07 2.86
C PHE D 338 -13.78 20.47 2.52
N LYS D 339 -12.46 20.69 2.52
CA LYS D 339 -11.92 22.00 2.16
C LYS D 339 -12.22 22.34 0.70
N GLY D 340 -12.16 21.35 -0.18
CA GLY D 340 -12.58 21.52 -1.57
C GLY D 340 -14.07 21.55 -1.77
N THR D 341 -14.85 21.42 -0.70
CA THR D 341 -16.30 21.51 -0.72
C THR D 341 -16.82 22.79 -0.08
N GLY D 342 -16.22 23.21 1.03
CA GLY D 342 -16.64 24.40 1.73
C GLY D 342 -15.99 25.65 1.18
N ASN D 343 -16.03 26.71 2.00
CA ASN D 343 -15.48 28.00 1.59
C ASN D 343 -15.04 28.84 2.78
N MSE D 344 -14.57 28.20 3.85
CA MSE D 344 -14.11 28.88 5.06
C MSE D 344 -13.43 27.88 5.99
O MSE D 344 -13.92 26.77 6.17
CB MSE D 344 -15.30 29.56 5.77
CG MSE D 344 -14.95 30.25 7.08
SE MSE D 344 -14.99 29.07 8.64
CE MSE D 344 -14.69 30.38 10.04
N GLU D 345 -12.29 28.25 6.57
CA GLU D 345 -11.59 27.39 7.50
C GLU D 345 -10.93 28.24 8.57
N LEU D 346 -10.99 27.78 9.82
CA LEU D 346 -10.36 28.44 10.95
C LEU D 346 -9.45 27.42 11.62
N HIS D 347 -8.15 27.47 11.30
CA HIS D 347 -7.21 26.50 11.82
C HIS D 347 -6.77 26.87 13.23
N LEU D 348 -6.44 25.84 14.03
CA LEU D 348 -5.94 26.01 15.37
C LEU D 348 -4.68 25.18 15.55
N SER D 349 -3.63 25.80 16.08
CA SER D 349 -2.34 25.14 16.21
C SER D 349 -2.21 24.44 17.55
N ARG D 350 -1.66 23.23 17.53
CA ARG D 350 -1.38 22.50 18.76
C ARG D 350 -0.26 23.17 19.55
N LYS D 351 0.71 23.78 18.87
CA LYS D 351 1.81 24.42 19.58
C LYS D 351 1.36 25.67 20.32
N ILE D 352 0.44 26.43 19.73
CA ILE D 352 -0.10 27.61 20.40
C ILE D 352 -0.94 27.20 21.61
N ALA D 353 -1.70 26.10 21.48
CA ALA D 353 -2.55 25.65 22.58
C ALA D 353 -1.71 25.10 23.73
N GLU D 354 -0.60 24.41 23.42
CA GLU D 354 0.27 23.89 24.46
C GLU D 354 1.00 24.99 25.21
N LYS D 355 1.08 26.19 24.65
CA LYS D 355 1.63 27.35 25.34
C LYS D 355 0.55 28.14 26.08
N ARG D 356 -0.65 27.58 26.22
CA ARG D 356 -1.76 28.22 26.93
C ARG D 356 -2.17 29.55 26.31
N VAL D 357 -1.93 29.73 25.02
CA VAL D 357 -2.27 30.96 24.32
C VAL D 357 -3.58 30.72 23.57
N PHE D 358 -4.67 31.31 24.07
CA PHE D 358 -5.98 31.14 23.44
C PHE D 358 -6.55 32.48 23.00
N PRO D 359 -7.23 32.50 21.83
CA PRO D 359 -7.44 31.33 20.96
C PRO D 359 -6.16 30.91 20.23
N ALA D 360 -5.99 29.60 20.04
CA ALA D 360 -4.80 29.08 19.38
C ALA D 360 -4.98 29.09 17.86
N ILE D 361 -5.33 30.24 17.30
CA ILE D 361 -5.69 30.34 15.89
C ILE D 361 -4.44 30.44 15.03
N ASP D 362 -4.37 29.63 13.99
CA ASP D 362 -3.31 29.71 12.98
C ASP D 362 -3.79 30.68 11.91
N TYR D 363 -3.39 31.95 12.06
CA TYR D 363 -3.93 33.01 11.22
C TYR D 363 -3.67 32.75 9.74
N ASN D 364 -2.44 32.41 9.39
CA ASN D 364 -2.08 32.29 7.98
C ASN D 364 -2.82 31.15 7.29
N ARG D 365 -3.20 30.12 8.04
CA ARG D 365 -3.91 28.99 7.46
C ARG D 365 -5.42 29.24 7.39
N SER D 366 -5.98 29.94 8.37
CA SER D 366 -7.39 30.27 8.37
C SER D 366 -7.71 31.19 7.19
N GLY D 367 -8.99 31.25 6.84
CA GLY D 367 -9.43 32.10 5.73
C GLY D 367 -10.82 31.82 5.24
N THR D 368 -11.39 32.77 4.48
CA THR D 368 -12.75 32.66 3.97
C THR D 368 -12.78 33.09 2.51
N ARG D 369 -13.49 32.31 1.70
CA ARG D 369 -13.60 32.61 0.28
C ARG D 369 -14.62 33.72 0.04
N LYS D 370 -14.37 34.51 -1.01
CA LYS D 370 -15.23 35.63 -1.38
C LYS D 370 -15.52 36.53 -0.17
N GLU D 371 -14.48 36.78 0.63
CA GLU D 371 -14.63 37.57 1.84
C GLU D 371 -14.93 39.04 1.56
N GLU D 372 -14.81 39.48 0.31
CA GLU D 372 -15.18 40.85 -0.06
C GLU D 372 -16.70 41.05 -0.06
N LEU D 373 -17.48 39.97 -0.20
CA LEU D 373 -18.93 40.03 -0.13
C LEU D 373 -19.44 40.05 1.31
N LEU D 374 -18.55 39.87 2.29
CA LEU D 374 -18.92 39.87 3.70
C LEU D 374 -18.35 41.05 4.48
N THR D 375 -17.50 41.87 3.87
CA THR D 375 -16.81 42.94 4.57
C THR D 375 -16.92 44.24 3.80
N THR D 376 -16.86 45.35 4.54
CA THR D 376 -16.80 46.66 3.93
C THR D 376 -15.42 46.89 3.31
N GLN D 377 -15.36 47.83 2.35
CA GLN D 377 -14.11 48.07 1.64
C GLN D 377 -12.99 48.47 2.60
N GLU D 378 -13.32 49.29 3.61
CA GLU D 378 -12.32 49.67 4.60
C GLU D 378 -11.88 48.44 5.40
N GLU D 379 -12.83 47.65 5.88
CA GLU D 379 -12.51 46.46 6.66
C GLU D 379 -11.66 45.48 5.86
N LEU D 380 -11.97 45.33 4.56
CA LEU D 380 -11.21 44.40 3.73
C LEU D 380 -9.76 44.85 3.57
N GLN D 381 -9.54 46.15 3.39
CA GLN D 381 -8.18 46.67 3.27
C GLN D 381 -7.42 46.52 4.59
N LYS D 382 -8.08 46.80 5.72
CA LYS D 382 -7.43 46.67 7.02
C LYS D 382 -6.97 45.24 7.24
N MSE D 383 -7.84 44.27 6.95
CA MSE D 383 -7.50 42.86 7.12
C MSE D 383 -6.43 42.44 6.13
O MSE D 383 -5.60 41.58 6.44
CB MSE D 383 -8.75 41.99 6.95
CG MSE D 383 -9.85 42.25 7.96
SE MSE D 383 -11.40 41.12 7.69
CE MSE D 383 -11.67 41.43 5.79
N TRP D 384 -6.43 43.06 4.95
CA TRP D 384 -5.41 42.75 3.95
C TRP D 384 -4.03 43.20 4.41
N ILE D 385 -3.94 44.40 4.98
CA ILE D 385 -2.66 44.88 5.50
C ILE D 385 -2.22 44.05 6.70
N LEU D 386 -3.12 43.89 7.69
CA LEU D 386 -2.83 43.04 8.84
C LEU D 386 -2.46 41.62 8.41
N ARG D 387 -3.03 41.15 7.29
CA ARG D 387 -2.67 39.84 6.76
C ARG D 387 -1.20 39.78 6.36
N LYS D 388 -0.74 40.79 5.64
CA LYS D 388 0.66 40.81 5.19
C LYS D 388 1.62 40.96 6.35
N ILE D 389 1.21 41.64 7.42
CA ILE D 389 2.10 41.87 8.56
C ILE D 389 2.28 40.61 9.38
N ILE D 390 1.20 39.83 9.53
CA ILE D 390 1.23 38.64 10.38
C ILE D 390 1.88 37.46 9.66
N HIS D 391 1.76 37.40 8.33
CA HIS D 391 2.31 36.29 7.56
C HIS D 391 3.77 35.97 7.89
N PRO D 392 4.70 36.93 7.91
CA PRO D 392 6.10 36.55 8.20
C PRO D 392 6.29 35.97 9.59
N MSE D 393 5.47 36.37 10.55
CA MSE D 393 5.60 35.91 11.92
C MSE D 393 5.30 34.41 12.05
O MSE D 393 4.54 33.86 11.25
CB MSE D 393 4.67 36.69 12.84
CG MSE D 393 4.78 38.20 12.71
SE MSE D 393 3.46 39.13 13.82
CE MSE D 393 3.89 40.97 13.32
N GLY D 394 5.92 33.77 13.04
CA GLY D 394 5.55 32.42 13.36
C GLY D 394 4.16 32.34 13.96
N GLU D 395 3.58 31.14 13.94
CA GLU D 395 2.20 30.97 14.39
C GLU D 395 2.03 31.38 15.85
N ILE D 396 3.01 31.04 16.70
CA ILE D 396 2.95 31.44 18.10
C ILE D 396 3.16 32.94 18.24
N ASP D 397 4.23 33.46 17.61
CA ASP D 397 4.49 34.90 17.65
C ASP D 397 3.36 35.69 17.02
N ALA D 398 2.61 35.09 16.09
CA ALA D 398 1.51 35.79 15.45
C ALA D 398 0.38 36.03 16.43
N MSE D 399 -0.04 34.99 17.15
CA MSE D 399 -1.15 35.10 18.08
C MSE D 399 -0.83 36.04 19.23
O MSE D 399 -1.59 36.96 19.51
CB MSE D 399 -1.55 33.72 18.62
CG MSE D 399 -2.55 33.00 17.74
SE MSE D 399 -4.27 33.93 17.56
CE MSE D 399 -3.93 35.08 16.03
N GLU D 400 0.30 35.80 19.89
CA GLU D 400 0.71 36.67 20.99
C GLU D 400 0.81 38.12 20.56
N PHE D 401 1.14 38.36 19.29
CA PHE D 401 1.16 39.73 18.78
C PHE D 401 -0.25 40.28 18.61
N LEU D 402 -1.15 39.50 18.02
CA LEU D 402 -2.51 39.97 17.78
C LEU D 402 -3.30 40.05 19.08
N ILE D 403 -3.10 39.09 19.99
CA ILE D 403 -3.80 39.10 21.26
C ILE D 403 -3.52 40.39 22.01
N ASN D 404 -2.25 40.80 22.06
CA ASN D 404 -1.88 42.00 22.80
C ASN D 404 -2.53 43.24 22.20
N LYS D 405 -2.40 43.42 20.88
CA LYS D 405 -3.00 44.57 20.22
C LYS D 405 -4.51 44.60 20.42
N LEU D 406 -5.17 43.46 20.26
CA LEU D 406 -6.62 43.41 20.46
C LEU D 406 -6.99 43.58 21.93
N ALA D 407 -6.14 43.13 22.85
CA ALA D 407 -6.44 43.30 24.27
C ALA D 407 -6.42 44.76 24.69
N MSE D 408 -5.66 45.59 23.97
CA MSE D 408 -5.58 47.01 24.28
C MSE D 408 -6.92 47.71 24.08
O MSE D 408 -7.18 48.76 24.67
CB MSE D 408 -4.51 47.68 23.41
CG MSE D 408 -3.13 47.08 23.55
SE MSE D 408 -1.85 47.80 22.27
CE MSE D 408 -0.34 46.65 22.66
N THR D 409 -7.77 47.12 23.24
CA THR D 409 -9.05 47.71 22.89
C THR D 409 -10.17 46.73 23.24
N LYS D 410 -11.39 47.28 23.34
CA LYS D 410 -12.58 46.46 23.54
C LYS D 410 -13.13 45.92 22.22
N THR D 411 -13.08 46.71 21.15
CA THR D 411 -13.69 46.33 19.89
C THR D 411 -12.67 46.35 18.76
N ASN D 412 -13.02 45.69 17.65
CA ASN D 412 -12.15 45.66 16.48
C ASN D 412 -12.17 46.98 15.73
N ASP D 413 -13.29 47.71 15.78
CA ASP D 413 -13.38 48.96 15.04
C ASP D 413 -12.35 49.97 15.53
N ASP D 414 -12.22 50.12 16.85
CA ASP D 414 -11.18 51.01 17.38
C ASP D 414 -9.79 50.46 17.10
N PHE D 415 -9.65 49.13 17.02
CA PHE D 415 -8.36 48.54 16.64
C PHE D 415 -7.99 48.93 15.21
N PHE D 416 -8.96 48.91 14.30
CA PHE D 416 -8.73 49.39 12.94
C PHE D 416 -8.28 50.84 12.92
N GLU D 417 -8.67 51.63 13.93
CA GLU D 417 -8.29 53.03 14.00
C GLU D 417 -6.85 53.22 14.46
N MSE D 418 -6.28 52.27 15.17
CA MSE D 418 -4.89 52.34 15.59
C MSE D 418 -3.95 52.16 14.39
O MSE D 418 -2.77 52.55 14.45
CB MSE D 418 -4.58 51.29 16.66
CG MSE D 418 -5.24 51.55 18.01
SE MSE D 418 -4.56 50.38 19.41
CE MSE D 418 -5.59 51.09 20.92
N MSE D 419 -4.46 51.58 13.32
CA MSE D 419 -3.69 51.40 12.11
C MSE D 419 -3.89 52.57 11.15
O MSE D 419 -4.31 53.66 11.56
CB MSE D 419 -4.07 50.08 11.42
CG MSE D 419 -3.74 48.84 12.23
SE MSE D 419 -4.15 47.19 11.26
CE MSE D 419 -6.06 47.46 11.00
N ILE E 52 -27.43 -22.75 53.08
CA ILE E 52 -26.22 -22.68 52.29
C ILE E 52 -26.29 -21.47 51.34
N PHE E 53 -25.20 -20.72 51.24
CA PHE E 53 -25.19 -19.46 50.50
C PHE E 53 -24.03 -19.43 49.50
N GLY E 54 -24.11 -18.48 48.56
CA GLY E 54 -23.07 -18.27 47.57
C GLY E 54 -23.26 -16.94 46.89
N ASP E 55 -22.23 -16.51 46.15
CA ASP E 55 -22.25 -15.19 45.54
C ASP E 55 -21.35 -15.16 44.29
N GLY E 56 -21.43 -14.05 43.58
CA GLY E 56 -20.68 -13.87 42.36
C GLY E 56 -21.20 -12.68 41.58
N VAL E 57 -20.65 -12.50 40.38
CA VAL E 57 -21.02 -11.41 39.48
C VAL E 57 -21.81 -11.99 38.31
N LEU E 58 -22.99 -11.42 38.06
CA LEU E 58 -23.90 -11.95 37.06
C LEU E 58 -23.40 -11.69 35.64
N GLU E 59 -23.62 -12.66 34.76
CA GLU E 59 -23.29 -12.53 33.34
C GLU E 59 -24.42 -13.16 32.53
N ILE E 60 -25.25 -12.31 31.92
CA ILE E 60 -26.41 -12.79 31.17
C ILE E 60 -25.94 -13.38 29.84
N LEU E 61 -26.28 -14.64 29.61
CA LEU E 61 -25.94 -15.31 28.36
C LEU E 61 -26.93 -14.90 27.27
N GLN E 62 -26.87 -15.58 26.13
CA GLN E 62 -27.76 -15.26 25.02
C GLN E 62 -29.11 -15.96 25.16
N ASP E 63 -29.17 -17.10 25.84
CA ASP E 63 -30.43 -17.79 26.07
C ASP E 63 -31.30 -17.07 27.10
N GLY E 64 -30.73 -16.17 27.89
CA GLY E 64 -31.50 -15.46 28.89
C GLY E 64 -30.97 -15.67 30.30
N PHE E 65 -30.62 -16.91 30.62
CA PHE E 65 -30.11 -17.24 31.94
C PHE E 65 -28.65 -16.81 32.08
N GLY E 66 -28.26 -16.48 33.31
CA GLY E 66 -26.93 -15.99 33.59
C GLY E 66 -26.22 -16.82 34.65
N PHE E 67 -24.91 -16.60 34.75
CA PHE E 67 -24.05 -17.30 35.70
C PHE E 67 -23.30 -16.28 36.55
N LEU E 68 -23.26 -16.53 37.86
CA LEU E 68 -22.56 -15.68 38.81
C LEU E 68 -21.08 -16.06 38.79
N ARG E 69 -20.33 -15.42 37.89
CA ARG E 69 -18.91 -15.69 37.77
C ARG E 69 -18.19 -15.35 39.07
N SER E 70 -16.96 -15.87 39.19
CA SER E 70 -16.17 -15.71 40.40
C SER E 70 -14.95 -14.85 40.12
N ALA E 71 -14.65 -13.95 41.06
CA ALA E 71 -13.55 -13.00 40.88
C ALA E 71 -12.20 -13.72 40.84
N ASP E 72 -12.05 -14.78 41.63
CA ASP E 72 -10.79 -15.51 41.64
C ASP E 72 -10.50 -16.14 40.28
N SER E 73 -11.54 -16.65 39.62
CA SER E 73 -11.41 -17.17 38.26
C SER E 73 -11.34 -16.06 37.22
N SER E 74 -11.17 -14.81 37.66
CA SER E 74 -11.12 -13.64 36.77
C SER E 74 -12.39 -13.52 35.95
N TYR E 75 -13.53 -13.86 36.56
CA TYR E 75 -14.84 -13.80 35.91
C TYR E 75 -14.92 -14.69 34.68
N LEU E 76 -14.07 -15.72 34.61
CA LEU E 76 -14.11 -16.68 33.52
C LEU E 76 -15.02 -17.85 33.88
N ALA E 77 -15.60 -18.46 32.83
CA ALA E 77 -16.49 -19.60 32.98
C ALA E 77 -15.90 -20.67 33.89
N GLY E 78 -16.44 -20.78 35.10
CA GLY E 78 -15.97 -21.74 36.06
C GLY E 78 -17.04 -22.74 36.45
N PRO E 79 -16.63 -23.84 37.10
CA PRO E 79 -17.60 -24.85 37.53
C PRO E 79 -18.37 -24.44 38.77
N ASP E 80 -17.82 -23.56 39.61
CA ASP E 80 -18.49 -23.09 40.81
C ASP E 80 -19.50 -21.98 40.54
N ASP E 81 -19.68 -21.59 39.28
CA ASP E 81 -20.63 -20.55 38.95
C ASP E 81 -22.06 -20.99 39.29
N ILE E 82 -22.87 -20.02 39.69
CA ILE E 82 -24.23 -20.28 40.17
C ILE E 82 -25.21 -19.93 39.06
N TYR E 83 -26.00 -20.93 38.65
CA TYR E 83 -27.04 -20.71 37.64
C TYR E 83 -28.06 -19.69 38.14
N VAL E 84 -28.55 -18.86 37.23
CA VAL E 84 -29.51 -17.81 37.56
C VAL E 84 -30.64 -17.85 36.54
N SER E 85 -31.87 -18.04 37.03
CA SER E 85 -33.03 -18.13 36.15
C SER E 85 -33.34 -16.78 35.51
N PRO E 86 -33.75 -16.76 34.24
CA PRO E 86 -34.11 -15.48 33.61
C PRO E 86 -35.27 -14.78 34.29
N SER E 87 -36.19 -15.53 34.90
CA SER E 87 -37.28 -14.92 35.66
C SER E 87 -36.75 -14.07 36.82
N GLN E 88 -35.65 -14.50 37.44
CA GLN E 88 -35.03 -13.71 38.50
C GLN E 88 -34.43 -12.41 37.96
N ILE E 89 -33.95 -12.43 36.71
CA ILE E 89 -33.52 -11.20 36.07
C ILE E 89 -34.70 -10.29 35.80
N ARG E 90 -35.83 -10.89 35.40
CA ARG E 90 -37.04 -10.11 35.11
C ARG E 90 -37.57 -9.42 36.35
N ARG E 91 -37.42 -10.03 37.53
CA ARG E 91 -37.99 -9.47 38.75
C ARG E 91 -37.19 -8.28 39.25
N PHE E 92 -35.87 -8.43 39.36
CA PHE E 92 -35.02 -7.39 39.92
C PHE E 92 -34.29 -6.57 38.85
N ASN E 93 -34.70 -6.70 37.58
CA ASN E 93 -34.12 -5.92 36.48
C ASN E 93 -32.60 -6.04 36.45
N LEU E 94 -32.11 -7.27 36.60
CA LEU E 94 -30.68 -7.51 36.71
C LEU E 94 -30.02 -7.52 35.33
N ARG E 95 -28.78 -7.04 35.27
CA ARG E 95 -28.01 -7.03 34.05
C ARG E 95 -26.57 -7.43 34.35
N THR E 96 -25.80 -7.69 33.29
CA THR E 96 -24.43 -8.14 33.44
C THR E 96 -23.60 -7.10 34.20
N GLY E 97 -22.89 -7.57 35.23
CA GLY E 97 -22.10 -6.71 36.10
C GLY E 97 -22.64 -6.60 37.51
N ASP E 98 -23.90 -6.95 37.73
CA ASP E 98 -24.49 -6.86 39.06
C ASP E 98 -23.88 -7.90 40.00
N THR E 99 -23.63 -7.46 41.23
CA THR E 99 -23.16 -8.36 42.28
C THR E 99 -24.35 -8.94 43.02
N ILE E 100 -24.34 -10.27 43.20
CA ILE E 100 -25.48 -10.99 43.77
C ILE E 100 -24.99 -11.94 44.85
N SER E 101 -25.66 -11.91 46.00
CA SER E 101 -25.34 -12.79 47.13
C SER E 101 -26.64 -13.35 47.70
N GLY E 102 -26.79 -14.67 47.67
CA GLY E 102 -27.98 -15.30 48.20
C GLY E 102 -27.77 -16.79 48.38
N LYS E 103 -28.77 -17.43 48.97
CA LYS E 103 -28.69 -18.86 49.27
C LYS E 103 -28.95 -19.69 48.02
N ILE E 104 -28.16 -20.74 47.84
CA ILE E 104 -28.27 -21.61 46.68
C ILE E 104 -28.58 -23.05 47.08
N PHE E 114 -24.62 -25.68 40.26
CA PHE E 114 -25.35 -25.02 41.35
C PHE E 114 -26.42 -24.09 40.79
N ALA E 115 -27.50 -23.92 41.54
CA ALA E 115 -28.63 -23.09 41.13
C ALA E 115 -28.94 -22.08 42.21
N LEU E 116 -29.28 -20.86 41.80
CA LEU E 116 -29.59 -19.77 42.73
C LEU E 116 -31.05 -19.90 43.16
N LEU E 117 -31.26 -20.18 44.45
CA LEU E 117 -32.62 -20.28 44.98
C LEU E 117 -33.21 -18.90 45.24
N LYS E 118 -32.56 -18.11 46.09
CA LYS E 118 -33.01 -16.78 46.43
C LYS E 118 -31.83 -15.82 46.49
N VAL E 119 -32.12 -14.54 46.28
CA VAL E 119 -31.12 -13.48 46.35
C VAL E 119 -31.37 -12.69 47.64
N ASN E 120 -30.29 -12.42 48.37
CA ASN E 120 -30.37 -11.62 49.59
C ASN E 120 -29.96 -10.18 49.38
N GLU E 121 -28.95 -9.93 48.54
CA GLU E 121 -28.46 -8.59 48.28
C GLU E 121 -28.04 -8.45 46.83
N VAL E 122 -28.37 -7.31 46.22
CA VAL E 122 -27.97 -6.98 44.87
C VAL E 122 -27.16 -5.69 44.94
N ASN E 123 -25.87 -5.77 44.60
CA ASN E 123 -24.94 -4.64 44.67
C ASN E 123 -24.80 -4.14 46.10
N PHE E 124 -24.65 -5.08 47.04
CA PHE E 124 -24.43 -4.75 48.46
C PHE E 124 -25.60 -3.99 49.06
N ASP E 125 -26.81 -4.23 48.56
CA ASP E 125 -27.98 -3.52 49.04
C ASP E 125 -29.23 -4.36 48.79
N LYS E 126 -30.34 -3.91 49.35
CA LYS E 126 -31.57 -4.68 49.29
C LYS E 126 -32.13 -4.69 47.88
N PRO E 127 -32.59 -5.86 47.40
CA PRO E 127 -33.07 -5.93 46.00
C PRO E 127 -34.24 -5.02 45.70
N GLU E 128 -35.05 -4.66 46.71
CA GLU E 128 -36.19 -3.79 46.48
C GLU E 128 -35.77 -2.41 46.02
N ASN E 129 -34.62 -1.93 46.49
CA ASN E 129 -34.06 -0.66 46.05
C ASN E 129 -33.31 -0.76 44.73
N ALA E 130 -32.98 -1.98 44.29
CA ALA E 130 -32.34 -2.18 42.99
C ALA E 130 -33.34 -2.19 41.84
N ARG E 131 -34.60 -2.55 42.11
CA ARG E 131 -35.60 -2.57 41.05
C ARG E 131 -35.87 -1.18 40.50
N ASN E 132 -35.86 -0.17 41.36
CA ASN E 132 -36.15 1.21 40.97
C ASN E 132 -34.84 2.01 40.99
N LYS E 133 -34.24 2.19 39.81
CA LYS E 133 -33.00 2.94 39.70
C LYS E 133 -32.82 3.40 38.27
N ILE E 134 -32.06 4.49 38.12
CA ILE E 134 -31.81 5.08 36.81
C ILE E 134 -30.70 4.28 36.11
N LEU E 135 -30.96 3.88 34.87
CA LEU E 135 -29.98 3.12 34.10
C LEU E 135 -28.74 3.97 33.84
N PHE E 136 -27.59 3.29 33.75
CA PHE E 136 -26.32 3.98 33.52
C PHE E 136 -26.33 4.79 32.24
N GLU E 137 -27.08 4.33 31.23
CA GLU E 137 -27.14 5.04 29.96
C GLU E 137 -27.96 6.33 30.05
N ASN E 138 -28.79 6.46 31.08
CA ASN E 138 -29.62 7.64 31.27
C ASN E 138 -29.03 8.63 32.27
N LEU E 139 -28.00 8.24 33.03
CA LEU E 139 -27.37 9.14 33.98
C LEU E 139 -26.80 10.37 33.27
N THR E 140 -27.01 11.54 33.86
CA THR E 140 -26.60 12.78 33.23
C THR E 140 -25.09 12.97 33.38
N PRO E 141 -24.32 12.98 32.29
CA PRO E 141 -22.87 13.11 32.42
C PRO E 141 -22.46 14.56 32.65
N LEU E 142 -21.34 14.72 33.35
CA LEU E 142 -20.81 16.04 33.67
C LEU E 142 -19.29 15.99 33.73
N HIS E 143 -18.68 17.17 33.67
CA HIS E 143 -17.25 17.29 33.88
C HIS E 143 -16.92 17.09 35.36
N ALA E 144 -15.81 16.40 35.63
CA ALA E 144 -15.42 16.06 36.99
C ALA E 144 -15.39 17.30 37.88
N ASN E 145 -16.28 17.32 38.87
CA ASN E 145 -16.33 18.44 39.82
C ASN E 145 -15.54 18.13 41.09
N SER E 146 -15.77 16.97 41.69
CA SER E 146 -15.02 16.59 42.89
C SER E 146 -13.58 16.26 42.52
N ARG E 147 -12.67 16.54 43.45
CA ARG E 147 -11.24 16.42 43.24
C ARG E 147 -10.69 15.21 43.97
N LEU E 148 -9.77 14.50 43.31
CA LEU E 148 -9.11 13.33 43.89
C LEU E 148 -7.68 13.72 44.23
N ARG E 149 -7.51 14.37 45.38
CA ARG E 149 -6.19 14.75 45.86
C ARG E 149 -5.27 13.53 45.92
N MSE E 150 -4.07 13.70 45.39
CA MSE E 150 -3.09 12.61 45.38
C MSE E 150 -1.94 12.88 46.31
O MSE E 150 -1.27 11.96 46.78
CB MSE E 150 -2.57 12.38 43.96
CG MSE E 150 -3.65 12.17 42.92
SE MSE E 150 -4.56 10.47 43.15
CE MSE E 150 -3.00 9.32 42.94
N ASN E 154 2.72 12.52 53.32
CA ASN E 154 3.56 11.88 54.32
C ASN E 154 4.99 12.41 54.27
N GLY E 155 5.33 13.08 53.16
CA GLY E 155 6.67 13.57 52.95
C GLY E 155 7.66 12.55 52.43
N SER E 156 7.22 11.31 52.19
CA SER E 156 8.10 10.27 51.70
C SER E 156 8.57 10.58 50.28
N THR E 157 9.56 9.81 49.81
CA THR E 157 10.06 9.98 48.46
C THR E 157 9.05 9.51 47.41
N GLU E 158 8.15 8.58 47.77
CA GLU E 158 7.13 8.12 46.85
C GLU E 158 6.05 9.16 46.62
N ASP E 159 5.87 10.09 47.57
CA ASP E 159 4.88 11.15 47.43
C ASP E 159 5.25 12.17 46.37
N LEU E 160 6.50 12.16 45.89
CA LEU E 160 6.92 13.08 44.84
C LEU E 160 6.08 12.91 43.58
N THR E 161 5.90 11.65 43.15
CA THR E 161 5.11 11.39 41.94
C THR E 161 3.67 11.85 42.09
N ALA E 162 3.11 11.69 43.29
CA ALA E 162 1.72 12.08 43.51
C ALA E 162 1.57 13.60 43.61
N ARG E 163 2.54 14.27 44.23
CA ARG E 163 2.47 15.72 44.37
C ARG E 163 2.66 16.42 43.03
N VAL E 164 3.57 15.92 42.20
CA VAL E 164 3.73 16.46 40.86
C VAL E 164 2.49 16.17 40.01
N LEU E 165 1.82 15.05 40.28
CA LEU E 165 0.60 14.72 39.54
C LEU E 165 -0.50 15.74 39.79
N ASP E 166 -0.70 16.13 41.06
CA ASP E 166 -1.69 17.14 41.38
C ASP E 166 -1.41 18.46 40.66
N LEU E 167 -0.14 18.79 40.45
CA LEU E 167 0.21 20.04 39.81
C LEU E 167 0.11 19.94 38.29
N ALA E 168 0.59 18.83 37.72
CA ALA E 168 0.64 18.71 36.26
C ALA E 168 -0.74 18.43 35.68
N SER E 169 -1.48 17.48 36.26
CA SER E 169 -2.77 17.07 35.71
C SER E 169 -3.68 16.60 36.83
N PRO E 170 -4.55 17.47 37.35
CA PRO E 170 -5.49 17.07 38.40
C PRO E 170 -6.45 15.99 37.90
N ILE E 171 -6.91 15.16 38.84
CA ILE E 171 -7.82 14.05 38.54
C ILE E 171 -9.06 14.19 39.40
N GLY E 172 -10.23 14.15 38.76
CA GLY E 172 -11.50 14.25 39.43
C GLY E 172 -12.33 12.98 39.32
N ARG E 173 -13.51 13.03 39.94
CA ARG E 173 -14.41 11.88 39.93
C ARG E 173 -15.04 11.73 38.55
N GLY E 174 -14.96 10.53 38.01
CA GLY E 174 -15.38 10.33 36.63
C GLY E 174 -14.39 10.78 35.60
N GLN E 175 -13.14 11.02 36.00
CA GLN E 175 -12.12 11.50 35.08
C GLN E 175 -11.72 10.42 34.10
N ARG E 176 -11.51 10.83 32.85
CA ARG E 176 -11.23 9.93 31.74
C ARG E 176 -9.83 10.26 31.22
N GLY E 177 -8.81 9.68 31.87
CA GLY E 177 -7.45 10.06 31.62
C GLY E 177 -6.55 8.87 31.29
N LEU E 178 -5.36 9.19 30.76
CA LEU E 178 -4.37 8.22 30.34
C LEU E 178 -3.01 8.56 30.91
N ILE E 179 -2.13 7.56 30.97
CA ILE E 179 -0.75 7.71 31.41
C ILE E 179 0.13 7.26 30.26
N VAL E 180 0.50 8.19 29.39
CA VAL E 180 1.24 7.86 28.17
C VAL E 180 2.74 8.02 28.41
N ALA E 181 3.52 7.05 27.91
CA ALA E 181 4.96 7.06 28.05
C ALA E 181 5.61 5.91 27.29
N PRO E 182 6.88 6.02 26.93
CA PRO E 182 7.59 4.91 26.29
C PRO E 182 7.72 3.73 27.23
N PRO E 183 8.07 2.55 26.72
CA PRO E 183 8.27 1.39 27.59
C PRO E 183 9.39 1.64 28.59
N LYS E 184 9.25 1.00 29.77
CA LYS E 184 10.22 1.12 30.85
C LYS E 184 10.40 2.58 31.30
N ALA E 185 9.33 3.35 31.25
CA ALA E 185 9.35 4.72 31.74
C ALA E 185 8.81 4.86 33.16
N GLY E 186 7.99 3.92 33.60
CA GLY E 186 7.43 4.00 34.94
C GLY E 186 5.92 4.10 34.96
N LYS E 187 5.26 3.66 33.89
CA LYS E 187 3.81 3.74 33.83
C LYS E 187 3.16 2.76 34.80
N THR E 188 3.58 1.48 34.74
CA THR E 188 3.02 0.48 35.64
C THR E 188 3.27 0.87 37.10
N MSE E 189 4.49 1.26 37.43
CA MSE E 189 4.84 1.63 38.79
C MSE E 189 4.13 2.90 39.22
O MSE E 189 3.91 3.13 40.42
CB MSE E 189 6.37 1.79 38.92
CG MSE E 189 6.84 2.05 40.34
SE MSE E 189 8.76 1.84 40.56
CE MSE E 189 8.91 2.37 42.43
N LEU E 190 3.75 3.73 38.24
CA LEU E 190 2.96 4.92 38.57
C LEU E 190 1.53 4.55 38.95
N LEU E 191 0.94 3.58 38.25
CA LEU E 191 -0.39 3.09 38.64
C LEU E 191 -0.36 2.50 40.04
N GLN E 192 0.72 1.81 40.40
CA GLN E 192 0.87 1.30 41.76
C GLN E 192 0.95 2.44 42.76
N ASN E 193 1.60 3.55 42.38
CA ASN E 193 1.67 4.71 43.25
C ASN E 193 0.32 5.43 43.31
N ILE E 194 -0.41 5.47 42.19
CA ILE E 194 -1.74 6.04 42.18
C ILE E 194 -2.68 5.21 43.03
N ALA E 195 -2.71 3.89 42.80
CA ALA E 195 -3.55 3.00 43.59
C ALA E 195 -3.24 3.12 45.08
N GLN E 196 -1.95 3.24 45.41
CA GLN E 196 -1.57 3.41 46.82
C GLN E 196 -2.16 4.69 47.39
N SER E 197 -2.13 5.78 46.62
CA SER E 197 -2.68 7.04 47.09
C SER E 197 -4.21 7.03 47.10
N ILE E 198 -4.82 6.20 46.24
CA ILE E 198 -6.29 6.12 46.21
C ILE E 198 -6.81 5.45 47.48
N ALA E 199 -6.22 4.32 47.86
CA ALA E 199 -6.61 3.65 49.10
C ALA E 199 -6.09 4.36 50.34
N TYR E 200 -5.15 5.29 50.19
CA TYR E 200 -4.59 6.04 51.30
C TYR E 200 -5.40 7.29 51.64
N ASN E 201 -5.99 7.92 50.64
CA ASN E 201 -6.77 9.14 50.83
C ASN E 201 -8.22 9.00 50.43
N HIS E 202 -8.60 7.93 49.73
CA HIS E 202 -9.98 7.70 49.31
C HIS E 202 -10.35 6.23 49.46
N PRO E 203 -10.28 5.68 50.69
CA PRO E 203 -10.73 4.29 50.86
C PRO E 203 -12.20 4.10 50.52
N ASP E 204 -12.98 5.18 50.54
CA ASP E 204 -14.39 5.10 50.18
C ASP E 204 -14.57 4.66 48.73
N CYS E 205 -13.76 5.18 47.82
CA CYS E 205 -13.91 4.86 46.40
C CYS E 205 -13.57 3.39 46.15
N VAL E 206 -14.41 2.72 45.36
CA VAL E 206 -14.21 1.32 45.02
C VAL E 206 -13.04 1.23 44.05
N LEU E 207 -11.95 0.62 44.48
CA LEU E 207 -10.73 0.53 43.68
C LEU E 207 -10.53 -0.92 43.22
N MSE E 208 -10.58 -1.12 41.90
CA MSE E 208 -10.30 -2.42 41.31
C MSE E 208 -9.37 -2.28 40.10
O MSE E 208 -9.66 -1.55 39.16
CB MSE E 208 -11.59 -3.14 40.92
CG MSE E 208 -12.56 -2.29 40.11
SE MSE E 208 -14.28 -3.19 39.88
CE MSE E 208 -15.14 -1.89 38.72
N VAL E 209 -8.25 -2.99 40.14
CA VAL E 209 -7.19 -2.86 39.12
C VAL E 209 -7.39 -3.94 38.07
N LEU E 210 -7.48 -3.52 36.81
CA LEU E 210 -7.60 -4.43 35.67
C LEU E 210 -6.28 -4.50 34.93
N LEU E 211 -5.89 -5.71 34.54
CA LEU E 211 -4.63 -5.95 33.82
C LEU E 211 -4.95 -6.73 32.55
N ILE E 212 -4.54 -6.18 31.41
CA ILE E 212 -4.79 -6.80 30.11
C ILE E 212 -3.45 -7.01 29.42
N ASP E 213 -3.24 -8.23 28.92
CA ASP E 213 -2.01 -8.60 28.21
C ASP E 213 -0.78 -8.37 29.08
N GLU E 214 -0.94 -8.54 30.40
CA GLU E 214 0.10 -8.27 31.37
C GLU E 214 0.96 -9.51 31.59
N ARG E 215 2.16 -9.28 32.10
CA ARG E 215 3.07 -10.39 32.35
C ARG E 215 2.70 -11.10 33.66
N PRO E 216 2.85 -12.42 33.72
CA PRO E 216 2.47 -13.16 34.93
C PRO E 216 3.20 -12.72 36.18
N GLU E 217 4.30 -11.99 36.05
CA GLU E 217 5.06 -11.56 37.23
C GLU E 217 4.50 -10.28 37.83
N GLU E 218 3.90 -9.42 37.00
CA GLU E 218 3.36 -8.16 37.49
C GLU E 218 1.96 -8.30 38.06
N VAL E 219 1.22 -9.36 37.69
CA VAL E 219 -0.09 -9.58 38.30
C VAL E 219 0.07 -10.05 39.74
N THR E 220 1.01 -10.98 39.98
CA THR E 220 1.27 -11.41 41.35
C THR E 220 1.85 -10.28 42.18
N GLU E 221 2.76 -9.49 41.60
CA GLU E 221 3.30 -8.33 42.30
C GLU E 221 2.19 -7.33 42.61
N MSE E 222 1.29 -7.10 41.67
CA MSE E 222 0.19 -6.15 41.84
C MSE E 222 -0.73 -6.58 42.98
O MSE E 222 -1.00 -5.80 43.89
CB MSE E 222 -0.62 -6.01 40.54
CG MSE E 222 -1.63 -4.88 40.56
SE MSE E 222 -0.79 -3.12 40.64
CE MSE E 222 0.20 -3.19 38.97
N GLN E 223 -1.20 -7.84 42.92
CA GLN E 223 -2.15 -8.32 43.91
C GLN E 223 -1.65 -8.18 45.34
N ARG E 224 -0.33 -8.13 45.54
CA ARG E 224 0.23 -8.19 46.88
C ARG E 224 0.46 -6.83 47.52
N LEU E 225 0.64 -5.77 46.72
CA LEU E 225 0.91 -4.45 47.26
C LEU E 225 -0.26 -3.48 47.12
N VAL E 226 -1.33 -3.86 46.44
CA VAL E 226 -2.49 -2.99 46.24
C VAL E 226 -3.60 -3.42 47.17
N LYS E 227 -4.37 -2.45 47.64
CA LYS E 227 -5.52 -2.69 48.53
C LYS E 227 -6.79 -2.60 47.69
N GLY E 228 -7.28 -3.75 47.24
CA GLY E 228 -8.50 -3.80 46.47
C GLY E 228 -8.52 -5.03 45.59
N GLU E 229 -9.55 -5.10 44.74
CA GLU E 229 -9.72 -6.22 43.82
C GLU E 229 -8.79 -6.06 42.62
N VAL E 230 -8.28 -7.19 42.13
CA VAL E 230 -7.34 -7.22 41.01
C VAL E 230 -7.79 -8.28 40.01
N VAL E 231 -8.33 -7.84 38.89
CA VAL E 231 -8.72 -8.72 37.79
C VAL E 231 -7.69 -8.57 36.68
N ALA E 232 -7.07 -9.66 36.27
CA ALA E 232 -5.99 -9.62 35.30
C ALA E 232 -6.22 -10.64 34.19
N SER E 233 -5.45 -10.50 33.12
CA SER E 233 -5.53 -11.40 31.96
C SER E 233 -4.16 -11.35 31.28
N THR E 234 -3.29 -12.31 31.64
CA THR E 234 -1.91 -12.33 31.16
C THR E 234 -1.86 -12.34 29.63
N PHE E 235 -0.73 -11.86 29.09
CA PHE E 235 -0.51 -11.94 27.64
C PHE E 235 -0.57 -13.38 27.13
N ASP E 236 -0.32 -14.35 28.02
CA ASP E 236 -0.44 -15.76 27.69
C ASP E 236 -1.86 -16.15 27.27
N GLU E 237 -2.83 -15.28 27.49
CA GLU E 237 -4.23 -15.53 27.17
C GLU E 237 -4.58 -14.95 25.81
N PRO E 238 -5.60 -15.49 25.14
CA PRO E 238 -5.97 -15.00 23.81
C PRO E 238 -6.59 -13.61 23.87
N ALA E 239 -6.79 -13.03 22.68
CA ALA E 239 -7.36 -11.69 22.58
C ALA E 239 -8.82 -11.67 23.01
N SER E 240 -9.59 -12.68 22.60
CA SER E 240 -10.98 -12.78 23.04
C SER E 240 -11.08 -12.84 24.56
N ARG E 241 -10.06 -13.41 25.21
CA ARG E 241 -10.03 -13.44 26.67
C ARG E 241 -9.86 -12.04 27.25
N HIS E 242 -8.96 -11.24 26.66
CA HIS E 242 -8.76 -9.87 27.14
C HIS E 242 -10.03 -9.04 26.99
N VAL E 243 -10.78 -9.26 25.91
CA VAL E 243 -12.02 -8.51 25.69
C VAL E 243 -13.08 -8.92 26.69
N GLN E 244 -13.23 -10.24 26.92
CA GLN E 244 -14.24 -10.73 27.83
C GLN E 244 -14.02 -10.21 29.25
N VAL E 245 -12.76 -10.23 29.70
CA VAL E 245 -12.43 -9.76 31.05
C VAL E 245 -12.71 -8.27 31.17
N ALA E 246 -12.20 -7.48 30.21
CA ALA E 246 -12.32 -6.03 30.30
C ALA E 246 -13.78 -5.59 30.37
N GLU E 247 -14.65 -6.21 29.57
CA GLU E 247 -16.05 -5.83 29.57
C GLU E 247 -16.77 -6.30 30.83
N MSE E 248 -16.25 -7.31 31.53
CA MSE E 248 -16.86 -7.77 32.78
C MSE E 248 -16.67 -6.74 33.89
O MSE E 248 -17.58 -6.50 34.68
CB MSE E 248 -16.26 -9.11 33.20
CG MSE E 248 -16.87 -10.31 32.51
SE MSE E 248 -18.74 -10.56 33.03
CE MSE E 248 -18.47 -10.82 34.95
N VAL E 249 -15.49 -6.13 33.94
CA VAL E 249 -15.18 -5.16 34.99
C VAL E 249 -15.94 -3.85 34.73
N ILE E 250 -15.91 -3.38 33.48
CA ILE E 250 -16.52 -2.09 33.17
C ILE E 250 -18.02 -2.14 33.39
N GLU E 251 -18.66 -3.28 33.12
CA GLU E 251 -20.09 -3.40 33.36
C GLU E 251 -20.38 -3.45 34.84
N LYS E 252 -19.52 -4.12 35.62
CA LYS E 252 -19.67 -4.11 37.07
C LYS E 252 -19.56 -2.70 37.62
N ALA E 253 -18.68 -1.88 37.04
CA ALA E 253 -18.58 -0.48 37.46
C ALA E 253 -19.85 0.29 37.15
N LYS E 254 -20.41 0.11 35.96
CA LYS E 254 -21.65 0.78 35.60
C LYS E 254 -22.76 0.48 36.60
N ARG E 255 -22.82 -0.77 37.08
CA ARG E 255 -23.83 -1.12 38.08
C ARG E 255 -23.60 -0.39 39.39
N LEU E 256 -22.34 -0.28 39.81
CA LEU E 256 -22.04 0.42 41.06
C LEU E 256 -22.32 1.91 40.93
N VAL E 257 -22.07 2.49 39.76
CA VAL E 257 -22.42 3.89 39.53
C VAL E 257 -23.91 4.10 39.59
N GLU E 258 -24.70 3.11 39.13
CA GLU E 258 -26.16 3.19 39.25
C GLU E 258 -26.60 3.25 40.71
N HIS E 259 -25.77 2.76 41.63
CA HIS E 259 -26.03 2.86 43.06
C HIS E 259 -25.31 4.04 43.70
N LYS E 260 -24.95 5.05 42.90
CA LYS E 260 -24.34 6.28 43.39
C LYS E 260 -23.02 6.02 44.11
N LYS E 261 -22.24 5.08 43.58
CA LYS E 261 -20.94 4.75 44.12
C LYS E 261 -19.84 5.35 43.22
N ASP E 262 -18.71 5.66 43.84
CA ASP E 262 -17.55 6.21 43.14
C ASP E 262 -16.58 5.07 42.84
N VAL E 263 -16.48 4.70 41.57
CA VAL E 263 -15.64 3.59 41.13
C VAL E 263 -14.40 4.13 40.43
N ILE E 264 -13.27 3.46 40.65
CA ILE E 264 -12.00 3.83 40.04
C ILE E 264 -11.36 2.56 39.47
N ILE E 265 -11.04 2.58 38.17
CA ILE E 265 -10.44 1.45 37.47
C ILE E 265 -9.05 1.87 37.00
N LEU E 266 -8.06 1.02 37.28
CA LEU E 266 -6.67 1.24 36.87
C LEU E 266 -6.30 0.10 35.92
N LEU E 267 -6.25 0.40 34.63
CA LEU E 267 -6.00 -0.58 33.59
C LEU E 267 -4.61 -0.39 33.00
N ASP E 268 -3.92 -1.50 32.76
CA ASP E 268 -2.61 -1.50 32.13
C ASP E 268 -2.48 -2.66 31.15
N SER E 269 -2.54 -2.38 29.85
CA SER E 269 -2.71 -1.01 29.37
C SER E 269 -3.88 -0.90 28.39
N ILE E 270 -4.34 0.33 28.16
CA ILE E 270 -5.39 0.55 27.16
C ILE E 270 -4.87 0.27 25.75
N THR E 271 -3.57 0.42 25.54
CA THR E 271 -2.97 0.13 24.24
C THR E 271 -3.10 -1.36 23.91
N ARG E 272 -2.74 -2.22 24.87
CA ARG E 272 -2.90 -3.65 24.67
C ARG E 272 -4.36 -4.03 24.47
N LEU E 273 -5.27 -3.34 25.15
CA LEU E 273 -6.70 -3.61 24.98
C LEU E 273 -7.16 -3.24 23.58
N ALA E 274 -6.64 -2.12 23.04
CA ALA E 274 -7.00 -1.73 21.68
C ALA E 274 -6.49 -2.74 20.66
N ARG E 275 -5.31 -3.33 20.92
CA ARG E 275 -4.83 -4.41 20.06
C ARG E 275 -5.71 -5.63 20.17
N ALA E 276 -6.21 -5.93 21.38
CA ALA E 276 -7.09 -7.08 21.56
C ALA E 276 -8.38 -6.89 20.77
N TYR E 277 -8.95 -5.69 20.79
CA TYR E 277 -10.13 -5.41 19.99
C TYR E 277 -9.80 -5.39 18.50
N ASN E 278 -8.59 -4.96 18.14
CA ASN E 278 -8.18 -4.94 16.74
C ASN E 278 -8.03 -6.36 16.18
N THR E 279 -7.72 -7.32 17.04
CA THR E 279 -7.64 -8.72 16.62
C THR E 279 -9.01 -9.35 16.54
N VAL E 280 -9.93 -8.96 17.43
CA VAL E 280 -11.27 -9.55 17.44
C VAL E 280 -12.15 -8.95 16.36
N VAL E 281 -11.96 -7.67 16.05
CA VAL E 281 -12.91 -6.96 15.17
C VAL E 281 -12.91 -7.61 13.80
N PRO E 282 -14.08 -7.84 13.19
CA PRO E 282 -14.10 -8.40 11.83
C PRO E 282 -13.46 -7.43 10.85
N ALA E 283 -12.70 -8.01 9.90
CA ALA E 283 -12.04 -7.20 8.89
C ALA E 283 -13.06 -6.41 8.07
N SER E 284 -12.89 -5.10 8.05
CA SER E 284 -13.78 -4.22 7.30
C SER E 284 -13.33 -3.97 5.86
N GLY E 285 -12.08 -4.31 5.53
CA GLY E 285 -11.52 -4.03 4.23
C GLY E 285 -10.69 -2.77 4.16
N LYS E 286 -10.80 -1.88 5.14
CA LYS E 286 -10.06 -0.63 5.19
C LYS E 286 -9.15 -0.64 6.41
N VAL E 287 -7.90 -0.24 6.21
CA VAL E 287 -6.89 -0.25 7.26
C VAL E 287 -6.35 1.16 7.42
N LEU E 288 -6.51 1.73 8.61
CA LEU E 288 -5.99 3.05 8.91
C LEU E 288 -4.47 3.01 9.01
N THR E 289 -3.87 4.19 9.14
CA THR E 289 -2.44 4.29 9.33
C THR E 289 -2.02 3.57 10.59
N GLY E 290 -0.85 2.92 10.54
CA GLY E 290 -0.37 2.13 11.65
C GLY E 290 -0.82 0.69 11.65
N GLY E 291 -1.69 0.29 10.73
CA GLY E 291 -2.22 -1.05 10.72
C GLY E 291 -3.47 -1.26 11.54
N VAL E 292 -4.13 -0.18 11.95
CA VAL E 292 -5.34 -0.28 12.78
C VAL E 292 -6.56 -0.39 11.87
N ASP E 293 -7.43 -1.34 12.16
CA ASP E 293 -8.68 -1.46 11.43
C ASP E 293 -9.57 -0.24 11.70
N ALA E 294 -10.40 0.10 10.72
CA ALA E 294 -11.24 1.28 10.83
C ALA E 294 -12.35 1.11 11.86
N ASN E 295 -12.76 -0.11 12.16
CA ASN E 295 -13.80 -0.39 13.14
C ASN E 295 -13.26 -1.00 14.42
N ALA E 296 -11.93 -1.03 14.58
CA ALA E 296 -11.33 -1.68 15.73
C ALA E 296 -11.33 -0.80 16.97
N LEU E 297 -11.35 0.52 16.80
CA LEU E 297 -11.26 1.44 17.92
C LEU E 297 -12.63 1.92 18.41
N HIS E 298 -13.71 1.34 17.91
CA HIS E 298 -15.04 1.72 18.37
C HIS E 298 -15.33 1.14 19.75
N ARG E 299 -15.21 -0.19 19.88
CA ARG E 299 -15.41 -0.83 21.18
C ARG E 299 -14.49 -0.29 22.27
N PRO E 300 -13.18 -0.17 22.07
CA PRO E 300 -12.34 0.42 23.14
C PRO E 300 -12.72 1.86 23.44
N LYS E 301 -13.35 2.56 22.49
CA LYS E 301 -13.79 3.92 22.72
C LYS E 301 -14.99 3.97 23.65
N ARG E 302 -15.83 2.93 23.65
CA ARG E 302 -16.95 2.87 24.58
C ARG E 302 -16.51 2.40 25.96
N PHE E 303 -15.60 1.43 26.02
CA PHE E 303 -15.05 0.99 27.30
C PHE E 303 -14.40 2.16 28.02
N PHE E 304 -13.43 2.81 27.37
CA PHE E 304 -12.78 3.97 27.95
C PHE E 304 -13.75 5.13 28.14
N GLY E 305 -14.67 5.32 27.19
CA GLY E 305 -15.66 6.36 27.30
C GLY E 305 -16.70 6.14 28.39
N ALA E 306 -16.75 4.94 28.97
CA ALA E 306 -17.69 4.70 30.07
C ALA E 306 -17.36 5.55 31.28
N ALA E 307 -16.08 5.88 31.49
CA ALA E 307 -15.68 6.73 32.60
C ALA E 307 -16.32 8.11 32.47
N ARG E 308 -17.07 8.50 33.49
CA ARG E 308 -17.81 9.76 33.44
C ARG E 308 -18.25 10.14 34.85
N ASN E 309 -18.55 11.42 35.01
CA ASN E 309 -19.06 11.97 36.26
C ASN E 309 -20.57 12.14 36.16
N VAL E 310 -21.28 11.73 37.21
CA VAL E 310 -22.74 11.71 37.23
C VAL E 310 -23.23 12.61 38.35
N GLU E 311 -24.16 13.51 38.03
CA GLU E 311 -24.78 14.36 39.04
C GLU E 311 -25.78 13.60 39.90
N GLU E 312 -26.44 12.60 39.33
CA GLU E 312 -27.39 11.80 40.10
C GLU E 312 -26.73 11.17 41.33
N GLY E 313 -25.43 10.93 41.27
CA GLY E 313 -24.70 10.35 42.38
C GLY E 313 -23.66 9.35 41.92
N GLY E 314 -22.45 9.43 42.47
CA GLY E 314 -21.38 8.52 42.08
C GLY E 314 -20.64 8.99 40.84
N SER E 315 -19.66 8.18 40.44
CA SER E 315 -18.84 8.50 39.28
C SER E 315 -18.03 7.27 38.89
N LEU E 316 -17.49 7.30 37.67
CA LEU E 316 -16.69 6.22 37.11
C LEU E 316 -15.38 6.81 36.59
N THR E 317 -14.29 6.52 37.30
CA THR E 317 -12.97 7.01 36.93
C THR E 317 -12.15 5.88 36.30
N ILE E 318 -11.42 6.20 35.23
CA ILE E 318 -10.58 5.23 34.53
C ILE E 318 -9.24 5.87 34.23
N ILE E 319 -8.17 5.26 34.74
CA ILE E 319 -6.79 5.69 34.50
C ILE E 319 -6.09 4.53 33.81
N ALA E 320 -5.99 4.59 32.49
CA ALA E 320 -5.38 3.53 31.70
C ALA E 320 -4.10 4.03 31.06
N THR E 321 -3.03 3.24 31.15
CA THR E 321 -1.76 3.60 30.56
C THR E 321 -1.77 3.36 29.06
N ALA E 322 -1.10 4.24 28.33
CA ALA E 322 -0.96 4.10 26.88
C ALA E 322 0.51 4.23 26.49
N LEU E 323 0.85 3.69 25.33
CA LEU E 323 2.23 3.58 24.88
C LEU E 323 2.47 4.56 23.73
N ILE E 324 3.45 5.44 23.90
CA ILE E 324 3.84 6.42 22.90
C ILE E 324 5.34 6.33 22.71
N ASP E 325 5.82 6.96 21.62
CA ASP E 325 7.24 6.97 21.27
C ASP E 325 7.81 5.55 21.29
N THR E 326 7.02 4.60 20.80
CA THR E 326 7.40 3.20 20.80
C THR E 326 8.02 2.75 19.48
N GLY E 327 8.06 3.63 18.47
CA GLY E 327 8.40 3.24 17.12
C GLY E 327 7.28 2.57 16.36
N SER E 328 6.21 2.16 17.05
CA SER E 328 5.07 1.53 16.40
C SER E 328 4.10 2.62 15.96
N LYS E 329 3.77 2.64 14.67
CA LYS E 329 2.80 3.59 14.15
C LYS E 329 1.40 3.33 14.68
N MSE E 330 1.11 2.10 15.10
CA MSE E 330 -0.20 1.74 15.63
C MSE E 330 -0.48 2.39 16.97
O MSE E 330 -1.59 2.90 17.21
CB MSE E 330 -0.31 0.22 15.75
CG MSE E 330 -1.61 -0.27 16.37
SE MSE E 330 -1.86 -2.19 16.22
CE MSE E 330 -3.66 -2.30 16.96
N ASP E 331 0.52 2.40 17.85
CA ASP E 331 0.32 2.96 19.19
C ASP E 331 0.10 4.47 19.15
N GLU E 332 0.61 5.15 18.12
CA GLU E 332 0.36 6.58 17.99
C GLU E 332 -1.07 6.86 17.53
N VAL E 333 -1.59 6.03 16.63
CA VAL E 333 -2.97 6.18 16.20
C VAL E 333 -3.93 5.85 17.34
N ILE E 334 -3.60 4.82 18.12
CA ILE E 334 -4.40 4.47 19.29
C ILE E 334 -4.37 5.59 20.31
N TYR E 335 -3.17 6.12 20.58
CA TYR E 335 -3.03 7.20 21.56
C TYR E 335 -3.79 8.44 21.13
N GLU E 336 -3.57 8.88 19.88
CA GLU E 336 -4.26 10.07 19.38
C GLU E 336 -5.76 9.87 19.31
N GLU E 337 -6.22 8.62 19.21
CA GLU E 337 -7.66 8.33 19.20
C GLU E 337 -8.25 8.44 20.59
N PHE E 338 -7.64 7.77 21.57
CA PHE E 338 -8.14 7.84 22.94
C PHE E 338 -8.00 9.24 23.52
N LYS E 339 -7.04 10.02 23.02
CA LYS E 339 -6.91 11.40 23.49
C LYS E 339 -8.10 12.25 23.09
N GLY E 340 -8.63 12.03 21.88
CA GLY E 340 -9.89 12.63 21.47
C GLY E 340 -11.11 12.04 22.11
N THR E 341 -10.93 11.06 22.99
CA THR E 341 -11.99 10.45 23.78
C THR E 341 -11.91 10.81 25.25
N GLY E 342 -10.71 10.95 25.80
CA GLY E 342 -10.54 11.29 27.20
C GLY E 342 -10.41 12.78 27.43
N ASN E 343 -9.95 13.12 28.65
CA ASN E 343 -9.82 14.51 29.04
C ASN E 343 -8.70 14.72 30.06
N MSE E 344 -7.70 13.84 30.07
CA MSE E 344 -6.58 13.94 31.00
C MSE E 344 -5.40 13.12 30.49
O MSE E 344 -5.56 11.96 30.11
CB MSE E 344 -7.00 13.47 32.40
CG MSE E 344 -5.89 13.51 33.45
SE MSE E 344 -4.71 11.95 33.42
CE MSE E 344 -3.62 12.36 34.98
N GLU E 345 -4.22 13.72 30.48
CA GLU E 345 -3.02 13.04 29.99
C GLU E 345 -1.83 13.41 30.87
N LEU E 346 -1.04 12.41 31.25
CA LEU E 346 0.16 12.59 32.07
C LEU E 346 1.32 11.91 31.36
N HIS E 347 2.09 12.69 30.61
CA HIS E 347 3.19 12.15 29.82
C HIS E 347 4.41 11.89 30.69
N LEU E 348 5.17 10.86 30.31
CA LEU E 348 6.43 10.53 30.97
C LEU E 348 7.53 10.42 29.93
N SER E 349 8.55 11.25 30.06
CA SER E 349 9.60 11.33 29.05
C SER E 349 10.63 10.21 29.24
N ARG E 350 11.16 9.74 28.11
CA ARG E 350 12.23 8.74 28.13
C ARG E 350 13.58 9.39 28.44
N LYS E 351 13.79 10.62 27.94
CA LYS E 351 15.04 11.33 28.19
C LYS E 351 15.25 11.59 29.68
N ILE E 352 14.15 11.68 30.44
CA ILE E 352 14.25 11.86 31.89
C ILE E 352 14.44 10.52 32.59
N ALA E 353 13.78 9.47 32.09
CA ALA E 353 13.85 8.16 32.73
C ALA E 353 15.26 7.58 32.64
N GLU E 354 15.94 7.79 31.51
CA GLU E 354 17.29 7.25 31.35
C GLU E 354 18.29 7.99 32.23
N LYS E 355 18.05 9.26 32.51
CA LYS E 355 18.86 10.02 33.46
C LYS E 355 18.52 9.68 34.91
N ARG E 356 17.66 8.69 35.14
CA ARG E 356 17.34 8.20 36.48
C ARG E 356 16.65 9.27 37.33
N VAL E 357 15.78 10.06 36.72
CA VAL E 357 15.03 11.10 37.40
C VAL E 357 13.58 10.68 37.44
N PHE E 358 13.08 10.35 38.64
CA PHE E 358 11.70 9.94 38.83
C PHE E 358 10.98 10.84 39.83
N PRO E 359 9.70 11.17 39.53
CA PRO E 359 8.98 10.73 38.34
C PRO E 359 9.43 11.46 37.07
N ALA E 360 9.57 10.72 35.99
CA ALA E 360 10.02 11.29 34.71
C ALA E 360 8.81 11.85 33.97
N ILE E 361 8.29 12.96 34.47
CA ILE E 361 7.04 13.54 33.97
C ILE E 361 7.35 14.67 33.00
N ASP E 362 6.78 14.61 31.80
CA ASP E 362 6.84 15.70 30.84
C ASP E 362 5.75 16.70 31.19
N TYR E 363 6.15 17.74 31.93
CA TYR E 363 5.17 18.69 32.47
C TYR E 363 4.41 19.41 31.35
N ASN E 364 5.11 19.77 30.27
CA ASN E 364 4.47 20.53 29.21
C ASN E 364 3.42 19.70 28.47
N ARG E 365 3.75 18.44 28.15
CA ARG E 365 2.82 17.59 27.44
C ARG E 365 1.65 17.17 28.33
N SER E 366 1.84 17.16 29.64
CA SER E 366 0.76 16.81 30.56
C SER E 366 -0.28 17.93 30.61
N GLY E 367 -1.48 17.56 31.04
CA GLY E 367 -2.57 18.51 31.14
C GLY E 367 -3.93 17.87 31.33
N THR E 368 -4.85 18.61 31.95
CA THR E 368 -6.19 18.11 32.24
C THR E 368 -7.22 19.10 31.74
N ARG E 369 -8.22 18.61 31.03
CA ARG E 369 -9.30 19.46 30.53
C ARG E 369 -10.22 19.88 31.66
N LYS E 370 -10.74 21.10 31.55
CA LYS E 370 -11.64 21.68 32.55
C LYS E 370 -11.04 21.58 33.95
N GLU E 371 -9.74 21.86 34.05
CA GLU E 371 -9.04 21.74 35.31
C GLU E 371 -9.44 22.82 36.31
N GLU E 372 -9.99 23.95 35.82
CA GLU E 372 -10.43 25.01 36.72
C GLU E 372 -11.55 24.55 37.65
N LEU E 373 -12.23 23.46 37.33
CA LEU E 373 -13.26 22.93 38.20
C LEU E 373 -12.69 22.10 39.34
N LEU E 374 -11.60 21.38 39.08
CA LEU E 374 -10.99 20.51 40.06
C LEU E 374 -10.13 21.26 41.07
N THR E 375 -9.88 22.55 40.85
CA THR E 375 -9.01 23.34 41.69
C THR E 375 -9.67 24.68 42.02
N THR E 376 -9.28 25.24 43.16
CA THR E 376 -9.76 26.55 43.56
C THR E 376 -9.08 27.64 42.73
N GLN E 377 -9.56 28.87 42.89
CA GLN E 377 -9.02 29.98 42.12
C GLN E 377 -7.55 30.23 42.46
N GLU E 378 -7.24 30.31 43.75
CA GLU E 378 -5.85 30.51 44.17
C GLU E 378 -4.98 29.36 43.71
N GLU E 379 -5.45 28.11 43.88
CA GLU E 379 -4.69 26.96 43.42
C GLU E 379 -4.50 27.00 41.91
N LEU E 380 -5.50 27.48 41.17
CA LEU E 380 -5.40 27.55 39.72
C LEU E 380 -4.41 28.63 39.29
N GLN E 381 -4.42 29.78 39.95
CA GLN E 381 -3.47 30.84 39.62
C GLN E 381 -2.04 30.41 39.91
N LYS E 382 -1.82 29.70 41.02
CA LYS E 382 -0.49 29.24 41.36
C LYS E 382 -0.02 28.13 40.43
N MSE E 383 -0.96 27.37 39.86
CA MSE E 383 -0.62 26.31 38.91
C MSE E 383 -0.41 26.88 37.52
O MSE E 383 0.42 26.37 36.76
CB MSE E 383 -1.72 25.24 38.89
CG MSE E 383 -1.73 24.33 40.10
SE MSE E 383 -3.12 22.97 40.03
CE MSE E 383 -2.60 21.97 41.62
N TRP E 384 -1.17 27.92 37.18
CA TRP E 384 -1.02 28.55 35.87
C TRP E 384 0.31 29.26 35.75
N ILE E 385 0.71 30.00 36.78
CA ILE E 385 1.99 30.71 36.75
C ILE E 385 3.14 29.72 36.78
N LEU E 386 2.93 28.54 37.37
CA LEU E 386 3.99 27.53 37.43
C LEU E 386 4.29 26.98 36.04
N ARG E 387 3.24 26.59 35.29
CA ARG E 387 3.44 26.04 33.97
C ARG E 387 4.15 27.04 33.05
N LYS E 388 3.86 28.32 33.21
CA LYS E 388 4.52 29.34 32.41
C LYS E 388 6.02 29.38 32.66
N ILE E 389 6.44 29.09 33.90
CA ILE E 389 7.86 29.10 34.23
C ILE E 389 8.56 27.84 33.72
N ILE E 390 7.86 26.70 33.72
CA ILE E 390 8.47 25.44 33.32
C ILE E 390 8.48 25.29 31.80
N HIS E 391 7.49 25.85 31.11
CA HIS E 391 7.41 25.73 29.66
C HIS E 391 8.73 26.01 28.94
N PRO E 392 9.45 27.11 29.19
CA PRO E 392 10.74 27.30 28.50
C PRO E 392 11.77 26.26 28.86
N MSE E 393 11.73 25.73 30.09
CA MSE E 393 12.70 24.75 30.54
C MSE E 393 12.65 23.46 29.73
O MSE E 393 11.64 23.16 29.08
CB MSE E 393 12.48 24.42 32.03
CG MSE E 393 12.48 25.64 32.95
SE MSE E 393 12.11 25.16 34.80
CE MSE E 393 12.21 26.94 35.60
N GLY E 394 13.74 22.70 29.76
CA GLY E 394 13.76 21.41 29.10
C GLY E 394 13.03 20.35 29.89
N GLU E 395 12.84 19.19 29.25
CA GLU E 395 12.14 18.09 29.91
C GLU E 395 12.83 17.67 31.19
N ILE E 396 14.14 17.43 31.12
CA ILE E 396 14.88 16.98 32.29
C ILE E 396 15.00 18.10 33.31
N ASP E 397 15.39 19.30 32.86
CA ASP E 397 15.57 20.42 33.78
C ASP E 397 14.27 20.79 34.48
N ALA E 398 13.13 20.48 33.87
CA ALA E 398 11.84 20.79 34.49
C ALA E 398 11.62 19.94 35.73
N MSE E 399 11.81 18.63 35.61
CA MSE E 399 11.59 17.72 36.73
C MSE E 399 12.68 17.86 37.78
O MSE E 399 12.39 17.87 38.97
CB MSE E 399 11.49 16.28 36.25
CG MSE E 399 10.21 15.96 35.51
SE MSE E 399 8.60 16.51 36.47
CE MSE E 399 8.86 15.51 38.13
N GLU E 400 13.94 17.94 37.34
CA GLU E 400 15.05 18.13 38.27
C GLU E 400 14.81 19.34 39.16
N PHE E 401 14.41 20.46 38.57
CA PHE E 401 14.11 21.64 39.36
C PHE E 401 12.94 21.39 40.30
N LEU E 402 11.92 20.67 39.84
CA LEU E 402 10.71 20.51 40.64
C LEU E 402 10.92 19.49 41.75
N ILE E 403 11.55 18.35 41.45
CA ILE E 403 11.71 17.31 42.46
C ILE E 403 12.59 17.78 43.61
N ASN E 404 13.63 18.56 43.30
CA ASN E 404 14.57 18.96 44.34
C ASN E 404 13.99 20.05 45.22
N LYS E 405 13.22 20.98 44.64
CA LYS E 405 12.63 22.06 45.41
C LYS E 405 11.35 21.64 46.11
N LEU E 406 10.63 20.67 45.55
CA LEU E 406 9.43 20.15 46.21
C LEU E 406 9.77 19.12 47.28
N ALA E 407 10.92 18.45 47.18
CA ALA E 407 11.32 17.51 48.22
C ALA E 407 11.65 18.22 49.53
N MSE E 408 12.13 19.45 49.45
CA MSE E 408 12.42 20.26 50.64
C MSE E 408 11.18 20.43 51.49
O MSE E 408 11.25 20.67 52.70
CB MSE E 408 12.98 21.62 50.23
CG MSE E 408 14.20 21.58 49.33
SE MSE E 408 14.75 23.34 48.70
CE MSE E 408 16.31 22.80 47.65
N THR E 409 10.03 20.31 50.85
CA THR E 409 8.72 20.48 51.48
C THR E 409 8.03 19.12 51.63
N LYS E 410 7.16 19.01 52.63
CA LYS E 410 6.36 17.81 52.84
C LYS E 410 5.08 17.80 52.02
N THR E 411 4.38 18.94 51.91
CA THR E 411 3.12 19.01 51.18
C THR E 411 3.12 20.21 50.25
N ASN E 412 2.51 20.05 49.07
CA ASN E 412 2.46 21.08 48.04
C ASN E 412 2.12 22.46 48.60
N ASP E 413 1.23 22.51 49.57
CA ASP E 413 0.81 23.79 50.14
C ASP E 413 1.99 24.54 50.75
N ASP E 414 2.80 23.86 51.58
CA ASP E 414 3.99 24.49 52.12
C ASP E 414 5.02 24.78 51.04
N PHE E 415 4.96 24.08 49.90
CA PHE E 415 5.86 24.36 48.79
C PHE E 415 5.52 25.69 48.12
N PHE E 416 4.22 26.00 48.02
CA PHE E 416 3.83 27.30 47.46
C PHE E 416 4.15 28.44 48.41
N GLU E 417 3.90 28.25 49.71
CA GLU E 417 4.24 29.27 50.68
C GLU E 417 5.74 29.48 50.75
N MSE E 418 6.52 28.41 50.60
CA MSE E 418 7.97 28.49 50.59
C MSE E 418 8.45 29.28 49.38
O MSE E 418 9.32 30.14 49.50
CB MSE E 418 8.59 27.10 50.58
CG MSE E 418 10.09 27.07 50.31
SE MSE E 418 10.79 25.26 50.24
CE MSE E 418 10.48 24.73 52.08
N MSE E 419 7.86 29.00 48.22
CA MSE E 419 8.26 29.66 46.98
C MSE E 419 7.67 31.06 46.89
O MSE E 419 7.95 31.81 45.96
CB MSE E 419 7.82 28.83 45.77
CG MSE E 419 8.83 28.82 44.64
SE MSE E 419 10.52 28.00 45.17
CE MSE E 419 11.46 28.12 43.47
N MSE F 4 20.05 -55.43 28.02
CA MSE F 4 19.33 -55.34 26.74
C MSE F 4 18.46 -54.09 26.72
O MSE F 4 17.76 -53.79 27.69
CB MSE F 4 18.48 -56.58 26.53
CG MSE F 4 18.04 -56.78 25.10
SE MSE F 4 19.56 -57.03 23.91
CE MSE F 4 18.58 -57.48 22.30
N ASN F 5 18.49 -53.34 25.62
CA ASN F 5 17.74 -52.10 25.54
C ASN F 5 17.50 -51.73 24.08
N LEU F 6 16.28 -51.25 23.80
CA LEU F 6 15.92 -50.87 22.44
C LEU F 6 16.71 -49.65 21.98
N THR F 7 16.64 -48.55 22.74
CA THR F 7 17.35 -47.33 22.36
C THR F 7 18.86 -47.56 22.29
N GLU F 8 19.40 -48.34 23.23
CA GLU F 8 20.82 -48.65 23.22
C GLU F 8 21.21 -49.61 22.11
N LEU F 9 20.25 -50.35 21.56
CA LEU F 9 20.53 -51.28 20.46
C LEU F 9 20.49 -50.60 19.10
N LYS F 10 19.64 -49.59 18.92
CA LYS F 10 19.63 -48.81 17.69
C LYS F 10 20.72 -47.75 17.68
N ASN F 11 21.23 -47.37 18.85
CA ASN F 11 22.34 -46.43 18.93
C ASN F 11 23.67 -47.08 18.56
N THR F 12 23.80 -48.39 18.77
CA THR F 12 25.05 -49.07 18.47
C THR F 12 25.20 -49.31 16.97
N PRO F 13 26.42 -49.25 16.45
CA PRO F 13 26.62 -49.43 15.01
C PRO F 13 26.17 -50.80 14.53
N VAL F 14 25.92 -50.88 13.22
CA VAL F 14 25.49 -52.14 12.60
C VAL F 14 26.53 -53.22 12.80
N SER F 15 27.81 -52.88 12.65
CA SER F 15 28.89 -53.84 12.77
C SER F 15 28.81 -54.60 14.10
N GLU F 16 28.68 -53.87 15.20
CA GLU F 16 28.50 -54.49 16.50
C GLU F 16 27.11 -55.11 16.65
N LEU F 17 26.15 -54.69 15.84
CA LEU F 17 24.79 -55.22 15.93
C LEU F 17 24.66 -56.56 15.21
N ILE F 18 25.23 -56.67 14.01
CA ILE F 18 25.16 -57.92 13.25
C ILE F 18 25.96 -59.01 13.95
N THR F 19 27.21 -58.71 14.31
CA THR F 19 28.06 -59.69 14.99
C THR F 19 27.38 -60.21 16.25
N LEU F 20 26.77 -59.32 17.03
CA LEU F 20 26.00 -59.75 18.19
C LEU F 20 24.79 -60.59 17.78
N GLY F 21 24.19 -60.30 16.64
CA GLY F 21 23.04 -61.07 16.20
C GLY F 21 23.37 -62.45 15.69
N GLU F 22 24.61 -62.65 15.24
CA GLU F 22 25.00 -63.97 14.75
C GLU F 22 25.13 -64.97 15.90
N ASN F 23 25.66 -64.53 17.04
CA ASN F 23 25.77 -65.40 18.20
C ASN F 23 24.40 -65.88 18.66
N MSE F 24 23.37 -65.06 18.52
CA MSE F 24 22.02 -65.42 18.92
C MSE F 24 21.07 -65.43 17.72
O MSE F 24 21.48 -65.78 16.61
CB MSE F 24 21.51 -64.45 19.98
CG MSE F 24 21.53 -63.00 19.54
SE MSE F 24 21.00 -61.77 20.96
CE MSE F 24 22.41 -62.16 22.25
N ARG F 33 18.50 -54.78 6.72
CA ARG F 33 18.48 -53.40 7.18
C ARG F 33 18.62 -53.33 8.70
N LYS F 34 19.32 -52.29 9.17
CA LYS F 34 19.59 -52.13 10.60
C LYS F 34 18.30 -52.14 11.42
N GLN F 35 17.26 -51.45 10.94
CA GLN F 35 16.01 -51.35 11.69
C GLN F 35 15.36 -52.72 11.88
N ASP F 36 15.62 -53.65 10.97
CA ASP F 36 15.13 -55.01 11.11
C ASP F 36 16.13 -55.93 11.82
N ILE F 37 17.42 -55.58 11.82
CA ILE F 37 18.39 -56.33 12.59
C ILE F 37 18.12 -56.18 14.08
N ILE F 38 18.02 -54.93 14.55
CA ILE F 38 17.71 -54.67 15.95
C ILE F 38 16.40 -55.34 16.34
N PHE F 39 15.39 -55.24 15.47
CA PHE F 39 14.10 -55.88 15.75
C PHE F 39 14.23 -57.39 15.83
N ALA F 40 15.01 -57.98 14.92
CA ALA F 40 15.17 -59.44 14.93
C ALA F 40 15.89 -59.89 16.20
N ILE F 41 16.89 -59.14 16.65
CA ILE F 41 17.60 -59.48 17.88
C ILE F 41 16.66 -59.37 19.08
N LEU F 42 15.75 -58.40 19.06
CA LEU F 42 14.80 -58.25 20.16
C LEU F 42 13.75 -59.35 20.15
N LYS F 43 13.28 -59.72 18.95
CA LYS F 43 12.25 -60.76 18.86
C LYS F 43 12.80 -62.12 19.27
N GLN F 44 14.08 -62.40 18.95
CA GLN F 44 14.70 -63.63 19.41
C GLN F 44 15.06 -63.60 20.89
N HIS F 45 15.44 -62.42 21.39
CA HIS F 45 15.74 -62.27 22.81
C HIS F 45 14.48 -62.34 23.67
N ALA F 46 13.30 -62.14 23.08
CA ALA F 46 12.04 -62.33 23.79
C ALA F 46 11.68 -63.81 23.89
N LYS F 47 12.03 -64.60 22.87
CA LYS F 47 11.78 -66.04 22.90
C LYS F 47 12.72 -66.77 23.83
N SER F 48 13.87 -66.17 24.16
CA SER F 48 14.78 -66.74 25.15
C SER F 48 14.27 -66.58 26.58
N GLY F 49 13.15 -65.90 26.78
CA GLY F 49 12.61 -65.69 28.12
C GLY F 49 13.03 -64.37 28.73
N ILE F 52 13.81 -57.32 27.90
CA ILE F 52 13.61 -56.26 26.91
C ILE F 52 13.06 -55.00 27.57
N PHE F 53 13.70 -53.87 27.32
CA PHE F 53 13.31 -52.60 27.92
C PHE F 53 13.36 -51.50 26.86
N GLY F 54 12.51 -50.47 27.04
CA GLY F 54 12.47 -49.35 26.13
C GLY F 54 12.31 -48.04 26.88
N ASP F 55 12.38 -46.95 26.13
CA ASP F 55 12.29 -45.62 26.72
C ASP F 55 12.02 -44.56 25.65
N GLY F 56 11.41 -43.47 26.08
CA GLY F 56 11.09 -42.36 25.19
C GLY F 56 10.14 -41.38 25.85
N VAL F 57 9.86 -40.31 25.12
CA VAL F 57 8.98 -39.24 25.60
C VAL F 57 7.55 -39.52 25.17
N LEU F 58 6.61 -39.41 26.11
CA LEU F 58 5.22 -39.75 25.85
C LEU F 58 4.52 -38.67 25.04
N GLU F 59 3.63 -39.09 24.14
CA GLU F 59 2.81 -38.19 23.34
C GLU F 59 1.40 -38.76 23.24
N ILE F 60 0.46 -38.16 23.97
CA ILE F 60 -0.91 -38.64 24.00
C ILE F 60 -1.64 -38.19 22.75
N LEU F 61 -2.23 -39.13 22.03
CA LEU F 61 -2.96 -38.83 20.81
C LEU F 61 -4.42 -38.48 21.14
N GLN F 62 -5.14 -38.02 20.12
CA GLN F 62 -6.54 -37.66 20.29
C GLN F 62 -7.41 -38.87 20.64
N ASP F 63 -6.99 -40.07 20.27
CA ASP F 63 -7.79 -41.26 20.53
C ASP F 63 -7.76 -41.69 21.99
N GLY F 64 -6.72 -41.32 22.72
CA GLY F 64 -6.60 -41.70 24.11
C GLY F 64 -5.30 -42.41 24.42
N PHE F 65 -4.76 -43.12 23.44
CA PHE F 65 -3.49 -43.82 23.59
C PHE F 65 -2.34 -42.93 23.13
N GLY F 66 -1.13 -43.27 23.61
CA GLY F 66 0.04 -42.51 23.27
C GLY F 66 1.21 -43.41 22.91
N PHE F 67 2.24 -42.80 22.33
CA PHE F 67 3.44 -43.49 21.89
C PHE F 67 4.67 -42.77 22.39
N LEU F 68 5.69 -43.54 22.78
CA LEU F 68 6.94 -42.99 23.28
C LEU F 68 7.83 -42.61 22.10
N ARG F 69 7.95 -41.31 21.84
CA ARG F 69 8.76 -40.83 20.74
C ARG F 69 10.23 -40.81 21.12
N SER F 70 11.09 -41.14 20.16
CA SER F 70 12.52 -41.19 20.39
C SER F 70 13.17 -39.82 20.18
N ALA F 71 14.33 -39.63 20.80
CA ALA F 71 15.02 -38.36 20.70
C ALA F 71 15.70 -38.19 19.35
N ASP F 72 16.29 -39.27 18.82
CA ASP F 72 16.96 -39.19 17.53
C ASP F 72 15.97 -38.90 16.41
N SER F 73 14.73 -39.37 16.54
CA SER F 73 13.68 -39.05 15.60
C SER F 73 13.09 -37.66 15.80
N SER F 74 13.75 -36.83 16.62
CA SER F 74 13.27 -35.49 16.97
C SER F 74 11.84 -35.54 17.53
N TYR F 75 11.53 -36.61 18.27
CA TYR F 75 10.24 -36.77 18.93
C TYR F 75 9.10 -36.87 17.92
N LEU F 76 9.33 -37.60 16.84
CA LEU F 76 8.33 -37.82 15.81
C LEU F 76 8.01 -39.31 15.69
N ALA F 77 7.03 -39.62 14.85
CA ALA F 77 6.60 -40.99 14.66
C ALA F 77 7.74 -41.85 14.11
N GLY F 78 8.01 -42.96 14.76
CA GLY F 78 9.07 -43.85 14.36
C GLY F 78 8.70 -45.31 14.51
N PRO F 79 9.30 -46.17 13.69
CA PRO F 79 9.03 -47.61 13.78
C PRO F 79 9.45 -48.22 15.12
N ASP F 80 10.26 -47.51 15.90
CA ASP F 80 10.72 -47.99 17.20
C ASP F 80 9.90 -47.43 18.36
N ASP F 81 8.85 -46.66 18.08
CA ASP F 81 8.03 -46.08 19.13
C ASP F 81 7.23 -47.15 19.86
N ILE F 82 7.01 -46.93 21.15
CA ILE F 82 6.36 -47.90 22.03
C ILE F 82 4.92 -47.46 22.28
N TYR F 83 3.99 -48.39 22.12
CA TYR F 83 2.59 -48.11 22.40
C TYR F 83 2.33 -48.03 23.90
N VAL F 84 1.44 -47.13 24.30
CA VAL F 84 1.10 -46.92 25.71
C VAL F 84 -0.42 -46.93 25.84
N SER F 85 -0.95 -47.97 26.49
CA SER F 85 -2.38 -48.12 26.64
C SER F 85 -2.96 -46.99 27.49
N PRO F 86 -4.22 -46.61 27.26
CA PRO F 86 -4.84 -45.59 28.12
C PRO F 86 -4.86 -45.97 29.59
N SER F 87 -4.73 -47.25 29.91
CA SER F 87 -4.72 -47.69 31.31
C SER F 87 -3.55 -47.05 32.07
N GLN F 88 -2.33 -47.22 31.56
CA GLN F 88 -1.16 -46.62 32.20
C GLN F 88 -1.28 -45.11 32.29
N ILE F 89 -2.00 -44.49 31.35
CA ILE F 89 -2.20 -43.05 31.38
C ILE F 89 -3.10 -42.65 32.56
N ARG F 90 -4.04 -43.52 32.94
CA ARG F 90 -4.87 -43.21 34.09
C ARG F 90 -4.18 -43.58 35.40
N ARG F 91 -3.44 -44.69 35.40
CA ARG F 91 -2.80 -45.16 36.63
C ARG F 91 -1.82 -44.14 37.17
N PHE F 92 -1.07 -43.47 36.29
CA PHE F 92 -0.06 -42.49 36.70
C PHE F 92 -0.40 -41.08 36.23
N ASN F 93 -1.64 -40.85 35.81
CA ASN F 93 -2.12 -39.57 35.27
C ASN F 93 -1.08 -38.92 34.37
N LEU F 94 -0.48 -39.73 33.49
CA LEU F 94 0.60 -39.25 32.64
C LEU F 94 0.07 -38.30 31.56
N ARG F 95 0.85 -37.26 31.28
CA ARG F 95 0.52 -36.30 30.24
C ARG F 95 1.70 -36.18 29.27
N THR F 96 1.43 -35.58 28.11
CA THR F 96 2.43 -35.45 27.07
C THR F 96 3.66 -34.72 27.58
N GLY F 97 4.84 -35.28 27.33
CA GLY F 97 6.10 -34.76 27.80
C GLY F 97 6.76 -35.59 28.87
N ASP F 98 6.09 -36.62 29.38
CA ASP F 98 6.67 -37.47 30.42
C ASP F 98 7.61 -38.49 29.82
N THR F 99 8.83 -38.55 30.36
CA THR F 99 9.81 -39.55 29.94
C THR F 99 9.55 -40.86 30.68
N ILE F 100 9.44 -41.95 29.92
CA ILE F 100 9.07 -43.25 30.47
C ILE F 100 10.12 -44.29 30.09
N SER F 101 10.42 -45.19 31.01
CA SER F 101 11.39 -46.27 30.79
C SER F 101 10.90 -47.52 31.51
N GLY F 102 10.56 -48.56 30.74
CA GLY F 102 10.08 -49.80 31.33
C GLY F 102 10.29 -50.97 30.40
N LYS F 103 9.68 -52.10 30.77
CA LYS F 103 9.81 -53.35 30.02
C LYS F 103 8.81 -53.40 28.88
N ILE F 104 9.29 -53.71 27.66
CA ILE F 104 8.43 -53.75 26.48
C ILE F 104 8.48 -55.14 25.84
N ARG F 105 7.72 -55.34 24.76
CA ARG F 105 7.69 -56.62 24.07
C ARG F 105 7.30 -56.42 22.61
N PRO F 106 7.73 -57.34 21.73
CA PRO F 106 7.39 -57.20 20.31
C PRO F 106 5.92 -57.47 20.05
N PRO F 107 5.33 -56.83 19.04
CA PRO F 107 3.91 -57.03 18.76
C PRO F 107 3.62 -58.43 18.24
N LYS F 108 2.50 -58.99 18.68
CA LYS F 108 2.09 -60.33 18.26
C LYS F 108 1.15 -60.26 17.05
N PHE F 114 5.55 -52.28 18.90
CA PHE F 114 6.01 -52.58 20.25
C PHE F 114 5.05 -52.02 21.29
N ALA F 115 4.99 -52.68 22.45
CA ALA F 115 4.07 -52.31 23.51
C ALA F 115 4.80 -52.37 24.85
N LEU F 116 4.35 -51.53 25.78
CA LEU F 116 4.95 -51.42 27.10
C LEU F 116 4.11 -52.17 28.13
N LEU F 117 4.77 -53.00 28.93
CA LEU F 117 4.09 -53.81 29.94
C LEU F 117 4.06 -53.09 31.28
N LYS F 118 5.24 -52.76 31.81
CA LYS F 118 5.33 -52.14 33.13
C LYS F 118 6.38 -51.04 33.08
N VAL F 119 6.02 -49.87 33.61
CA VAL F 119 6.95 -48.74 33.68
C VAL F 119 7.80 -48.89 34.93
N ASN F 120 9.09 -48.65 34.79
CA ASN F 120 10.01 -48.71 35.93
C ASN F 120 10.40 -47.33 36.45
N GLU F 121 10.15 -46.27 35.68
CA GLU F 121 10.55 -44.93 36.09
C GLU F 121 9.83 -43.90 35.23
N VAL F 122 9.26 -42.88 35.88
CA VAL F 122 8.56 -41.80 35.20
C VAL F 122 9.28 -40.50 35.54
N ASN F 123 9.77 -39.80 34.51
CA ASN F 123 10.48 -38.54 34.67
C ASN F 123 11.69 -38.70 35.59
N PHE F 124 12.43 -39.79 35.41
CA PHE F 124 13.63 -40.10 36.17
C PHE F 124 13.36 -40.29 37.66
N ASP F 125 12.11 -40.61 38.02
CA ASP F 125 11.73 -40.82 39.40
C ASP F 125 10.79 -42.02 39.50
N LYS F 126 10.51 -42.43 40.73
CA LYS F 126 9.66 -43.60 40.94
C LYS F 126 8.23 -43.29 40.51
N PRO F 127 7.56 -44.23 39.85
CA PRO F 127 6.20 -43.96 39.35
C PRO F 127 5.24 -43.48 40.42
N GLU F 128 5.41 -43.91 41.66
CA GLU F 128 4.46 -43.53 42.71
C GLU F 128 4.69 -42.09 43.19
N ASN F 129 5.93 -41.75 43.52
CA ASN F 129 6.22 -40.42 44.05
C ASN F 129 6.10 -39.33 42.99
N ALA F 130 6.22 -39.68 41.71
CA ALA F 130 6.00 -38.74 40.62
C ALA F 130 4.55 -38.71 40.15
N ARG F 131 3.76 -39.72 40.50
CA ARG F 131 2.37 -39.79 40.07
C ARG F 131 1.58 -38.60 40.61
N ASN F 132 1.73 -38.31 41.90
CA ASN F 132 0.96 -37.25 42.56
C ASN F 132 1.82 -36.01 42.71
N LYS F 133 1.44 -34.94 42.04
CA LYS F 133 2.18 -33.68 42.07
C LYS F 133 1.29 -32.57 41.56
N ILE F 134 1.64 -31.34 41.96
CA ILE F 134 0.87 -30.18 41.53
C ILE F 134 1.15 -29.89 40.06
N LEU F 135 0.11 -29.49 39.32
CA LEU F 135 0.24 -29.27 37.90
C LEU F 135 1.10 -28.06 37.59
N PHE F 136 1.53 -27.97 36.33
CA PHE F 136 2.38 -26.85 35.90
C PHE F 136 1.59 -25.55 35.83
N GLU F 137 0.31 -25.63 35.42
CA GLU F 137 -0.50 -24.43 35.31
C GLU F 137 -0.83 -23.86 36.68
N ASN F 138 -0.89 -24.71 37.70
CA ASN F 138 -1.20 -24.25 39.05
C ASN F 138 -0.02 -23.55 39.74
N LEU F 139 1.19 -23.71 39.21
CA LEU F 139 2.37 -23.09 39.81
C LEU F 139 2.28 -21.57 39.75
N THR F 140 2.76 -20.91 40.80
CA THR F 140 2.62 -19.47 40.90
C THR F 140 3.83 -18.78 40.27
N PRO F 141 3.63 -17.83 39.35
CA PRO F 141 4.76 -17.18 38.68
C PRO F 141 5.31 -16.01 39.47
N LEU F 142 6.63 -15.85 39.43
CA LEU F 142 7.32 -14.77 40.12
C LEU F 142 8.42 -14.21 39.25
N HIS F 143 9.03 -13.12 39.70
CA HIS F 143 10.19 -12.56 39.04
C HIS F 143 11.43 -13.37 39.36
N ALA F 144 12.31 -13.53 38.37
CA ALA F 144 13.54 -14.29 38.58
C ALA F 144 14.34 -13.69 39.72
N ASN F 145 14.57 -14.49 40.76
CA ASN F 145 15.29 -14.02 41.94
C ASN F 145 16.66 -14.66 42.11
N SER F 146 17.00 -15.69 41.34
CA SER F 146 18.27 -16.37 41.43
C SER F 146 19.11 -16.02 40.20
N ARG F 147 20.25 -15.38 40.43
CA ARG F 147 21.10 -14.91 39.34
C ARG F 147 21.84 -16.06 38.68
N LEU F 148 22.01 -15.96 37.35
CA LEU F 148 22.73 -16.94 36.55
C LEU F 148 23.88 -16.22 35.84
N ARG F 149 25.03 -16.15 36.50
CA ARG F 149 26.18 -15.48 35.92
C ARG F 149 26.71 -16.29 34.74
N MSE F 150 26.99 -15.60 33.64
CA MSE F 150 27.40 -16.27 32.41
C MSE F 150 28.92 -16.33 32.27
O MSE F 150 29.45 -17.26 31.65
CB MSE F 150 26.80 -15.56 31.20
CG MSE F 150 25.29 -15.36 31.28
SE MSE F 150 24.30 -17.02 31.48
CE MSE F 150 24.83 -17.88 29.83
N GLU F 151 29.62 -15.35 32.83
CA GLU F 151 31.07 -15.32 32.68
C GLU F 151 31.70 -16.54 33.34
N ARG F 152 32.49 -17.29 32.57
CA ARG F 152 33.15 -18.47 33.11
C ARG F 152 34.35 -18.12 33.97
N GLY F 153 34.91 -16.92 33.80
CA GLY F 153 36.12 -16.55 34.50
C GLY F 153 37.40 -17.11 33.93
N ASN F 154 37.32 -17.89 32.85
CA ASN F 154 38.54 -18.45 32.25
C ASN F 154 39.46 -17.36 31.71
N GLY F 155 38.91 -16.20 31.36
CA GLY F 155 39.67 -15.18 30.66
C GLY F 155 39.78 -15.41 29.16
N SER F 156 39.12 -16.43 28.63
CA SER F 156 39.18 -16.73 27.21
C SER F 156 38.50 -15.65 26.39
N THR F 157 38.72 -15.69 25.07
CA THR F 157 38.11 -14.72 24.17
C THR F 157 36.59 -14.83 24.16
N GLU F 158 36.06 -16.06 24.29
CA GLU F 158 34.63 -16.26 24.31
C GLU F 158 34.00 -15.66 25.55
N ASP F 159 34.75 -15.58 26.64
CA ASP F 159 34.22 -15.05 27.90
C ASP F 159 33.80 -13.59 27.76
N LEU F 160 34.40 -12.86 26.81
CA LEU F 160 34.05 -11.46 26.60
C LEU F 160 32.56 -11.30 26.31
N THR F 161 31.99 -12.21 25.53
CA THR F 161 30.56 -12.17 25.24
C THR F 161 29.74 -12.37 26.51
N ALA F 162 30.14 -13.32 27.34
CA ALA F 162 29.40 -13.58 28.58
C ALA F 162 29.58 -12.45 29.58
N ARG F 163 30.77 -11.84 29.63
CA ARG F 163 31.02 -10.76 30.57
C ARG F 163 30.18 -9.53 30.22
N VAL F 164 30.20 -9.12 28.95
CA VAL F 164 29.36 -8.01 28.49
C VAL F 164 27.89 -8.33 28.72
N LEU F 165 27.51 -9.60 28.61
CA LEU F 165 26.12 -9.99 28.84
C LEU F 165 25.72 -9.76 30.29
N ASP F 166 26.60 -10.13 31.23
CA ASP F 166 26.30 -9.94 32.64
C ASP F 166 26.14 -8.47 32.99
N LEU F 167 26.89 -7.60 32.34
CA LEU F 167 26.82 -6.17 32.62
C LEU F 167 25.63 -5.51 31.92
N ALA F 168 25.24 -6.01 30.75
CA ALA F 168 24.17 -5.41 29.98
C ALA F 168 22.79 -5.95 30.37
N SER F 169 22.63 -7.28 30.40
CA SER F 169 21.33 -7.89 30.67
C SER F 169 21.50 -9.14 31.52
N PRO F 170 21.34 -9.03 32.85
CA PRO F 170 21.47 -10.20 33.72
C PRO F 170 20.35 -11.21 33.47
N ILE F 171 20.68 -12.49 33.62
CA ILE F 171 19.75 -13.59 33.41
C ILE F 171 19.60 -14.38 34.70
N GLY F 172 18.36 -14.78 35.00
CA GLY F 172 18.08 -15.58 36.18
C GLY F 172 17.26 -16.83 35.91
N ARG F 173 16.83 -17.50 36.99
CA ARG F 173 16.03 -18.71 36.87
C ARG F 173 14.58 -18.36 36.58
N GLY F 174 14.02 -18.99 35.54
CA GLY F 174 12.70 -18.62 35.07
C GLY F 174 12.68 -17.39 34.20
N GLN F 175 13.83 -16.96 33.71
CA GLN F 175 13.91 -15.76 32.87
C GLN F 175 13.26 -16.01 31.50
N ARG F 176 12.72 -14.93 30.92
CA ARG F 176 12.06 -14.99 29.62
C ARG F 176 12.64 -13.87 28.75
N GLY F 177 13.76 -14.16 28.09
CA GLY F 177 14.50 -13.17 27.36
C GLY F 177 14.47 -13.38 25.85
N LEU F 178 14.97 -12.38 25.13
CA LEU F 178 14.99 -12.38 23.67
C LEU F 178 16.30 -11.78 23.15
N ILE F 179 16.96 -12.49 22.25
CA ILE F 179 18.21 -12.02 21.63
C ILE F 179 17.80 -11.36 20.32
N VAL F 180 17.45 -10.08 20.40
CA VAL F 180 16.93 -9.36 19.25
C VAL F 180 18.09 -8.82 18.42
N ALA F 181 18.07 -9.05 17.09
CA ALA F 181 19.14 -8.55 16.23
C ALA F 181 18.82 -8.83 14.75
N PRO F 182 19.41 -8.05 13.84
CA PRO F 182 19.28 -8.33 12.40
C PRO F 182 20.04 -9.57 12.01
N PRO F 183 19.87 -10.06 10.77
CA PRO F 183 20.62 -11.25 10.35
C PRO F 183 22.12 -11.02 10.39
N LYS F 184 22.85 -12.09 10.72
CA LYS F 184 24.32 -12.07 10.77
C LYS F 184 24.82 -11.04 11.78
N ALA F 185 24.14 -10.97 12.93
CA ALA F 185 24.56 -10.09 14.00
C ALA F 185 25.16 -10.82 15.20
N GLY F 186 25.13 -12.15 15.19
CA GLY F 186 25.63 -12.93 16.31
C GLY F 186 24.58 -13.47 17.25
N LYS F 187 23.35 -13.72 16.77
CA LYS F 187 22.31 -14.28 17.64
C LYS F 187 22.55 -15.76 17.89
N THR F 188 22.79 -16.53 16.83
CA THR F 188 23.07 -17.95 17.00
C THR F 188 24.38 -18.16 17.75
N MSE F 189 25.38 -17.32 17.48
CA MSE F 189 26.64 -17.36 18.21
C MSE F 189 26.43 -17.04 19.68
O MSE F 189 27.13 -17.56 20.55
CB MSE F 189 27.64 -16.39 17.60
CG MSE F 189 28.21 -16.84 16.27
SE MSE F 189 29.45 -18.33 16.46
CE MSE F 189 30.49 -18.03 14.84
N LEU F 190 25.46 -16.16 19.96
CA LEU F 190 25.14 -15.80 21.33
C LEU F 190 24.65 -17.01 22.12
N LEU F 191 23.73 -17.78 21.53
CA LEU F 191 23.22 -18.97 22.21
C LEU F 191 24.32 -20.01 22.41
N GLN F 192 25.26 -20.10 21.47
CA GLN F 192 26.39 -21.01 21.65
C GLN F 192 27.24 -20.59 22.84
N ASN F 193 27.46 -19.28 23.01
CA ASN F 193 28.21 -18.79 24.16
C ASN F 193 27.41 -18.93 25.45
N ILE F 194 26.08 -18.90 25.35
CA ILE F 194 25.24 -19.09 26.53
C ILE F 194 25.27 -20.56 26.96
N ALA F 195 25.02 -21.48 26.02
CA ALA F 195 25.01 -22.89 26.34
C ALA F 195 26.32 -23.33 26.97
N GLN F 196 27.45 -22.81 26.48
CA GLN F 196 28.74 -23.12 27.08
C GLN F 196 28.83 -22.58 28.49
N SER F 197 28.28 -21.38 28.73
CA SER F 197 28.30 -20.80 30.06
C SER F 197 27.30 -21.47 31.00
N ILE F 198 26.22 -22.02 30.45
CA ILE F 198 25.26 -22.76 31.28
C ILE F 198 25.87 -24.07 31.76
N ALA F 199 26.59 -24.77 30.88
CA ALA F 199 27.19 -26.05 31.27
C ALA F 199 28.39 -25.86 32.18
N TYR F 200 29.12 -24.75 32.02
CA TYR F 200 30.32 -24.51 32.83
C TYR F 200 29.95 -23.97 34.21
N ASN F 201 29.01 -23.03 34.28
CA ASN F 201 28.68 -22.38 35.55
C ASN F 201 27.52 -23.06 36.26
N HIS F 202 26.50 -23.53 35.54
CA HIS F 202 25.31 -24.13 36.13
C HIS F 202 25.03 -25.49 35.51
N PRO F 203 25.91 -26.47 35.74
CA PRO F 203 25.64 -27.82 35.23
C PRO F 203 24.45 -28.48 35.91
N ASP F 204 23.97 -27.92 37.02
CA ASP F 204 22.82 -28.49 37.71
C ASP F 204 21.53 -28.28 36.93
N CYS F 205 21.47 -27.23 36.11
CA CYS F 205 20.26 -26.92 35.37
C CYS F 205 20.13 -27.81 34.14
N VAL F 206 18.90 -28.17 33.81
CA VAL F 206 18.60 -28.97 32.63
C VAL F 206 18.62 -28.06 31.40
N LEU F 207 19.54 -28.34 30.47
CA LEU F 207 19.75 -27.50 29.30
C LEU F 207 19.23 -28.21 28.05
N MSE F 208 18.23 -27.62 27.41
CA MSE F 208 17.71 -28.12 26.15
C MSE F 208 17.81 -27.03 25.07
O MSE F 208 17.44 -25.88 25.32
CB MSE F 208 16.26 -28.57 26.30
CG MSE F 208 16.06 -29.73 27.27
SE MSE F 208 14.20 -30.32 27.35
CE MSE F 208 13.40 -28.64 27.91
N VAL F 209 18.28 -27.39 23.89
CA VAL F 209 18.50 -26.45 22.79
C VAL F 209 17.55 -26.82 21.66
N LEU F 210 16.61 -25.93 21.36
CA LEU F 210 15.63 -26.14 20.30
C LEU F 210 15.97 -25.24 19.12
N LEU F 211 16.20 -25.84 17.95
CA LEU F 211 16.54 -25.11 16.73
C LEU F 211 15.43 -25.34 15.72
N ILE F 212 14.65 -24.30 15.44
CA ILE F 212 13.49 -24.38 14.57
C ILE F 212 13.80 -23.68 13.26
N ASP F 213 13.68 -24.42 12.15
CA ASP F 213 13.75 -23.89 10.80
C ASP F 213 15.03 -23.08 10.58
N GLU F 214 16.16 -23.75 10.72
CA GLU F 214 17.45 -23.09 10.63
C GLU F 214 18.41 -23.94 9.81
N ARG F 215 19.62 -23.41 9.65
CA ARG F 215 20.60 -24.00 8.76
C ARG F 215 21.01 -25.39 9.26
N PRO F 216 21.24 -26.34 8.37
CA PRO F 216 21.65 -27.68 8.81
C PRO F 216 23.07 -27.72 9.36
N GLU F 217 23.92 -26.74 9.04
CA GLU F 217 25.25 -26.69 9.62
C GLU F 217 25.23 -26.19 11.06
N GLU F 218 24.18 -25.46 11.44
CA GLU F 218 24.08 -24.94 12.81
C GLU F 218 23.60 -26.00 13.79
N VAL F 219 22.82 -26.98 13.33
CA VAL F 219 22.37 -28.04 14.23
C VAL F 219 23.49 -29.03 14.50
N THR F 220 24.20 -29.45 13.44
CA THR F 220 25.31 -30.38 13.63
C THR F 220 26.40 -29.76 14.50
N GLU F 221 26.66 -28.46 14.32
CA GLU F 221 27.66 -27.78 15.14
C GLU F 221 27.19 -27.68 16.60
N MSE F 222 25.93 -27.32 16.80
CA MSE F 222 25.37 -27.15 18.14
C MSE F 222 25.45 -28.45 18.94
O MSE F 222 25.68 -28.43 20.15
CB MSE F 222 23.92 -26.68 18.06
CG MSE F 222 23.37 -26.12 19.36
SE MSE F 222 24.26 -24.46 19.88
CE MSE F 222 23.32 -24.10 21.54
N GLN F 223 25.25 -29.57 18.25
CA GLN F 223 25.31 -30.88 18.90
C GLN F 223 26.71 -31.19 19.41
N ARG F 224 27.73 -30.80 18.65
CA ARG F 224 29.12 -31.05 19.03
C ARG F 224 29.69 -29.97 19.94
N LEU F 225 29.03 -28.81 20.04
CA LEU F 225 29.59 -27.69 20.78
C LEU F 225 29.25 -27.76 22.27
N VAL F 226 27.99 -28.05 22.60
CA VAL F 226 27.53 -28.05 23.98
C VAL F 226 27.02 -29.43 24.35
N LYS F 227 27.30 -29.85 25.58
CA LYS F 227 26.87 -31.14 26.10
C LYS F 227 25.47 -30.99 26.69
N GLY F 228 24.54 -31.81 26.20
CA GLY F 228 23.16 -31.76 26.66
C GLY F 228 22.20 -32.40 25.68
N GLU F 229 21.03 -31.79 25.50
CA GLU F 229 20.00 -32.31 24.60
C GLU F 229 19.72 -31.26 23.52
N VAL F 230 20.04 -31.61 22.28
CA VAL F 230 19.88 -30.71 21.13
C VAL F 230 18.75 -31.26 20.29
N VAL F 231 17.58 -30.62 20.36
CA VAL F 231 16.43 -30.95 19.54
C VAL F 231 16.31 -29.89 18.45
N ALA F 232 16.30 -30.30 17.18
CA ALA F 232 16.32 -29.34 16.09
C ALA F 232 15.45 -29.82 14.94
N SER F 233 15.23 -28.91 13.99
CA SER F 233 14.41 -29.18 12.80
C SER F 233 14.83 -28.17 11.73
N THR F 234 15.75 -28.59 10.87
CA THR F 234 16.29 -27.72 9.82
C THR F 234 15.19 -27.22 8.89
N PHE F 235 15.56 -26.26 8.03
CA PHE F 235 14.61 -25.75 7.06
C PHE F 235 14.24 -26.79 5.99
N ASP F 236 14.92 -27.93 5.95
CA ASP F 236 14.52 -29.01 5.08
C ASP F 236 13.20 -29.64 5.51
N GLU F 237 12.76 -29.36 6.72
CA GLU F 237 11.59 -29.98 7.31
C GLU F 237 10.37 -29.08 7.17
N PRO F 238 9.19 -29.68 7.01
CA PRO F 238 7.97 -28.88 6.85
C PRO F 238 7.67 -28.07 8.10
N ALA F 239 6.80 -27.07 7.94
CA ALA F 239 6.38 -26.25 9.07
C ALA F 239 5.59 -27.07 10.08
N SER F 240 4.92 -28.14 9.64
CA SER F 240 4.22 -29.02 10.57
C SER F 240 5.18 -29.73 11.52
N ARG F 241 6.39 -30.05 11.03
CA ARG F 241 7.39 -30.65 11.89
C ARG F 241 7.96 -29.65 12.89
N HIS F 242 8.09 -28.38 12.48
CA HIS F 242 8.57 -27.35 13.38
C HIS F 242 7.67 -27.20 14.59
N VAL F 243 6.35 -27.13 14.36
CA VAL F 243 5.39 -26.99 15.45
C VAL F 243 5.43 -28.22 16.35
N GLN F 244 5.26 -29.40 15.76
CA GLN F 244 5.18 -30.63 16.53
C GLN F 244 6.40 -30.81 17.44
N VAL F 245 7.59 -30.57 16.88
CA VAL F 245 8.81 -30.70 17.66
C VAL F 245 8.82 -29.69 18.81
N ALA F 246 8.44 -28.44 18.53
CA ALA F 246 8.40 -27.44 19.58
C ALA F 246 7.36 -27.76 20.65
N GLU F 247 6.24 -28.36 20.24
CA GLU F 247 5.22 -28.74 21.21
C GLU F 247 5.72 -29.82 22.15
N MSE F 248 6.54 -30.74 21.64
CA MSE F 248 7.05 -31.84 22.45
C MSE F 248 8.05 -31.36 23.48
O MSE F 248 8.05 -31.81 24.63
CB MSE F 248 7.67 -32.91 21.56
CG MSE F 248 7.77 -34.27 22.20
SE MSE F 248 6.02 -35.13 22.34
CE MSE F 248 5.49 -34.93 20.47
N VAL F 249 8.93 -30.45 23.06
CA VAL F 249 9.99 -29.97 23.94
C VAL F 249 9.40 -29.17 25.10
N ILE F 250 8.43 -28.30 24.82
CA ILE F 250 7.90 -27.43 25.86
C ILE F 250 7.14 -28.23 26.90
N GLU F 251 6.40 -29.26 26.47
CA GLU F 251 5.66 -30.10 27.42
C GLU F 251 6.63 -30.87 28.30
N LYS F 252 7.68 -31.44 27.70
CA LYS F 252 8.71 -32.10 28.50
C LYS F 252 9.32 -31.14 29.51
N ALA F 253 9.58 -29.90 29.10
CA ALA F 253 10.10 -28.90 30.03
C ALA F 253 9.15 -28.70 31.20
N LYS F 254 7.86 -28.53 30.92
CA LYS F 254 6.89 -28.32 31.98
C LYS F 254 6.86 -29.50 32.95
N ARG F 255 6.97 -30.73 32.42
CA ARG F 255 6.99 -31.89 33.30
C ARG F 255 8.18 -31.86 34.24
N LEU F 256 9.36 -31.47 33.74
CA LEU F 256 10.53 -31.38 34.59
C LEU F 256 10.37 -30.27 35.63
N VAL F 257 9.78 -29.14 35.23
CA VAL F 257 9.50 -28.06 36.17
C VAL F 257 8.57 -28.52 37.28
N GLU F 258 7.62 -29.41 36.95
CA GLU F 258 6.72 -29.96 37.96
C GLU F 258 7.47 -30.76 39.01
N HIS F 259 8.65 -31.30 38.66
CA HIS F 259 9.53 -31.96 39.62
C HIS F 259 10.50 -30.98 40.28
N LYS F 260 10.21 -29.68 40.24
CA LYS F 260 11.05 -28.64 40.83
C LYS F 260 12.44 -28.60 40.20
N LYS F 261 12.51 -28.85 38.90
CA LYS F 261 13.77 -28.81 38.16
C LYS F 261 13.93 -27.47 37.46
N ASP F 262 15.15 -26.94 37.48
CA ASP F 262 15.46 -25.67 36.83
C ASP F 262 15.80 -25.95 35.37
N VAL F 263 14.83 -25.74 34.49
CA VAL F 263 14.98 -26.01 33.05
C VAL F 263 15.36 -24.72 32.34
N ILE F 264 16.20 -24.83 31.31
CA ILE F 264 16.66 -23.70 30.51
C ILE F 264 16.60 -24.09 29.04
N ILE F 265 15.72 -23.46 28.27
CA ILE F 265 15.55 -23.74 26.85
C ILE F 265 16.14 -22.59 26.05
N LEU F 266 17.00 -22.92 25.10
CA LEU F 266 17.63 -21.94 24.20
C LEU F 266 17.06 -22.17 22.80
N LEU F 267 16.12 -21.32 22.41
CA LEU F 267 15.43 -21.46 21.13
C LEU F 267 16.05 -20.58 20.07
N ASP F 268 16.09 -21.09 18.84
CA ASP F 268 16.64 -20.36 17.70
C ASP F 268 15.96 -20.80 16.40
N SER F 269 14.99 -20.02 15.93
CA SER F 269 14.59 -18.78 16.58
C SER F 269 13.09 -18.74 16.87
N ILE F 270 12.67 -17.74 17.64
CA ILE F 270 11.25 -17.61 17.96
C ILE F 270 10.47 -17.08 16.75
N THR F 271 11.10 -16.26 15.92
CA THR F 271 10.43 -15.74 14.73
C THR F 271 10.13 -16.85 13.73
N ARG F 272 11.08 -17.78 13.56
CA ARG F 272 10.87 -18.90 12.65
C ARG F 272 9.75 -19.81 13.16
N LEU F 273 9.71 -20.04 14.47
CA LEU F 273 8.64 -20.86 15.05
C LEU F 273 7.29 -20.18 14.89
N ALA F 274 7.24 -18.86 15.09
CA ALA F 274 5.99 -18.12 14.92
C ALA F 274 5.53 -18.15 13.47
N ARG F 275 6.46 -18.19 12.52
CA ARG F 275 6.08 -18.33 11.11
C ARG F 275 5.58 -19.73 10.81
N ALA F 276 6.16 -20.75 11.46
CA ALA F 276 5.72 -22.12 11.23
C ALA F 276 4.27 -22.31 11.66
N TYR F 277 3.90 -21.76 12.82
CA TYR F 277 2.53 -21.85 13.28
C TYR F 277 1.56 -21.22 12.29
N ASN F 278 1.87 -20.00 11.83
CA ASN F 278 0.98 -19.29 10.92
C ASN F 278 0.76 -20.07 9.62
N THR F 279 1.73 -20.89 9.23
CA THR F 279 1.57 -21.73 8.05
C THR F 279 0.77 -22.99 8.36
N VAL F 280 0.83 -23.48 9.60
CA VAL F 280 0.15 -24.71 9.97
C VAL F 280 -1.28 -24.46 10.39
N VAL F 281 -1.51 -23.40 11.16
CA VAL F 281 -2.81 -23.19 11.82
C VAL F 281 -3.91 -23.13 10.78
N PRO F 282 -5.03 -23.82 10.99
CA PRO F 282 -6.12 -23.83 10.00
C PRO F 282 -6.72 -22.45 9.84
N ALA F 283 -6.78 -21.99 8.59
CA ALA F 283 -7.39 -20.71 8.22
C ALA F 283 -6.91 -19.55 9.10
N ASP F 293 -4.19 -13.05 10.36
CA ASP F 293 -3.91 -14.06 11.38
C ASP F 293 -3.26 -13.45 12.61
N ALA F 294 -4.01 -12.60 13.30
CA ALA F 294 -3.46 -11.93 14.47
C ALA F 294 -3.39 -12.84 15.68
N ASN F 295 -4.30 -13.80 15.81
CA ASN F 295 -4.27 -14.80 16.87
C ASN F 295 -3.57 -16.09 16.44
N ALA F 296 -3.00 -16.14 15.24
CA ALA F 296 -2.20 -17.29 14.86
C ALA F 296 -0.91 -17.36 15.66
N LEU F 297 -0.42 -16.23 16.14
CA LEU F 297 0.74 -16.17 17.02
C LEU F 297 0.39 -16.42 18.48
N HIS F 298 -0.85 -16.83 18.77
CA HIS F 298 -1.24 -17.16 20.14
C HIS F 298 -0.57 -18.43 20.62
N ARG F 299 -0.51 -19.46 19.77
CA ARG F 299 0.25 -20.66 20.12
C ARG F 299 1.70 -20.37 20.45
N PRO F 300 2.46 -19.60 19.64
CA PRO F 300 3.84 -19.26 20.05
C PRO F 300 3.89 -18.54 21.39
N LYS F 301 2.92 -17.67 21.67
CA LYS F 301 2.91 -16.96 22.95
C LYS F 301 2.77 -17.92 24.12
N ARG F 302 1.98 -18.98 23.95
CA ARG F 302 1.86 -19.99 25.00
C ARG F 302 3.17 -20.74 25.22
N PHE F 303 3.93 -20.95 24.14
CA PHE F 303 5.24 -21.59 24.26
C PHE F 303 6.23 -20.66 24.97
N PHE F 304 6.32 -19.42 24.50
CA PHE F 304 7.27 -18.47 25.08
C PHE F 304 6.81 -17.98 26.45
N GLY F 305 5.51 -17.93 26.68
CA GLY F 305 4.98 -17.57 27.99
C GLY F 305 5.14 -18.65 29.04
N ALA F 306 5.51 -19.87 28.65
CA ALA F 306 5.75 -20.92 29.64
C ALA F 306 6.91 -20.57 30.56
N ALA F 307 7.86 -19.75 30.09
CA ALA F 307 8.97 -19.32 30.93
C ALA F 307 8.45 -18.56 32.13
N ARG F 308 8.85 -19.00 33.33
CA ARG F 308 8.37 -18.41 34.57
C ARG F 308 9.21 -18.91 35.72
N ASN F 309 9.15 -18.20 36.85
CA ASN F 309 9.85 -18.56 38.07
C ASN F 309 8.84 -19.15 39.06
N VAL F 310 9.01 -20.41 39.39
CA VAL F 310 8.07 -21.12 40.25
C VAL F 310 8.43 -20.86 41.71
N GLU F 311 7.42 -20.45 42.50
CA GLU F 311 7.61 -20.26 43.93
C GLU F 311 7.72 -21.59 44.66
N GLU F 312 6.94 -22.58 44.24
CA GLU F 312 6.98 -23.88 44.89
C GLU F 312 8.36 -24.52 44.78
N GLY F 313 9.03 -24.32 43.66
CA GLY F 313 10.36 -24.85 43.43
C GLY F 313 10.61 -25.02 41.94
N GLY F 314 11.89 -24.89 41.56
CA GLY F 314 12.26 -24.99 40.17
C GLY F 314 11.91 -23.73 39.39
N SER F 315 12.18 -23.79 38.09
CA SER F 315 11.92 -22.66 37.19
C SER F 315 12.08 -23.12 35.75
N LEU F 316 11.56 -22.29 34.85
CA LEU F 316 11.62 -22.55 33.41
C LEU F 316 12.16 -21.29 32.71
N THR F 317 13.41 -21.36 32.27
CA THR F 317 14.06 -20.25 31.58
C THR F 317 14.01 -20.48 30.07
N ILE F 318 13.63 -19.44 29.32
CA ILE F 318 13.54 -19.52 27.86
C ILE F 318 14.24 -18.29 27.27
N ILE F 319 15.29 -18.55 26.49
CA ILE F 319 16.08 -17.49 25.85
C ILE F 319 16.04 -17.75 24.35
N ALA F 320 15.06 -17.17 23.67
CA ALA F 320 14.92 -17.29 22.22
C ALA F 320 15.43 -16.04 21.54
N THR F 321 15.82 -16.19 20.27
CA THR F 321 16.37 -15.09 19.48
C THR F 321 15.30 -14.51 18.57
N ALA F 322 15.14 -13.18 18.63
CA ALA F 322 14.18 -12.47 17.80
C ALA F 322 14.90 -11.78 16.65
N LEU F 323 14.27 -11.80 15.47
CA LEU F 323 14.85 -11.27 14.26
C LEU F 323 14.11 -10.01 13.84
N ILE F 324 14.87 -8.95 13.51
CA ILE F 324 14.31 -7.65 13.17
C ILE F 324 15.06 -7.09 11.97
N ASP F 325 14.50 -6.02 11.42
CA ASP F 325 15.10 -5.27 10.31
C ASP F 325 15.46 -6.20 9.14
N THR F 326 14.52 -7.05 8.78
CA THR F 326 14.70 -7.97 7.66
C THR F 326 13.95 -7.54 6.42
N GLY F 327 13.33 -6.37 6.43
CA GLY F 327 12.45 -5.99 5.34
C GLY F 327 11.15 -6.77 5.27
N SER F 328 10.81 -7.53 6.31
CA SER F 328 9.61 -8.35 6.34
C SER F 328 8.66 -7.81 7.39
N LYS F 329 7.44 -7.49 6.97
CA LYS F 329 6.44 -6.97 7.92
C LYS F 329 6.12 -7.99 9.00
N MSE F 330 6.02 -9.27 8.61
CA MSE F 330 5.67 -10.33 9.55
C MSE F 330 6.69 -10.45 10.68
O MSE F 330 6.31 -10.60 11.84
CB MSE F 330 5.55 -11.67 8.81
CG MSE F 330 5.04 -12.81 9.67
SE MSE F 330 4.72 -14.44 8.67
CE MSE F 330 4.06 -15.52 10.14
N ASP F 331 7.97 -10.35 10.33
CA ASP F 331 9.01 -10.37 11.36
C ASP F 331 8.90 -9.19 12.30
N GLU F 332 8.48 -8.02 11.79
CA GLU F 332 8.25 -6.88 12.65
C GLU F 332 6.98 -7.05 13.47
N VAL F 333 5.97 -7.72 12.91
CA VAL F 333 4.74 -7.99 13.67
C VAL F 333 5.01 -9.00 14.78
N ILE F 334 5.75 -10.08 14.46
CA ILE F 334 6.11 -11.07 15.47
C ILE F 334 6.88 -10.41 16.61
N TYR F 335 7.79 -9.48 16.27
CA TYR F 335 8.56 -8.78 17.30
C TYR F 335 7.67 -7.85 18.12
N GLU F 336 6.68 -7.22 17.47
CA GLU F 336 5.77 -6.34 18.19
C GLU F 336 4.96 -7.12 19.23
N GLU F 337 4.51 -8.33 18.87
CA GLU F 337 3.70 -9.11 19.78
C GLU F 337 4.52 -9.72 20.91
N PHE F 338 5.80 -9.98 20.66
CA PHE F 338 6.70 -10.54 21.66
C PHE F 338 7.60 -9.49 22.30
N LYS F 339 7.38 -8.21 22.00
CA LYS F 339 8.19 -7.14 22.57
C LYS F 339 7.95 -7.00 24.07
N GLY F 340 6.76 -6.51 24.45
CA GLY F 340 6.42 -6.38 25.85
C GLY F 340 6.10 -7.70 26.52
N THR F 341 6.38 -8.79 25.81
CA THR F 341 6.15 -10.13 26.34
C THR F 341 7.26 -10.53 27.31
N GLY F 342 8.51 -10.51 26.85
CA GLY F 342 9.61 -10.94 27.67
C GLY F 342 9.99 -9.92 28.72
N ASN F 343 10.82 -10.38 29.66
CA ASN F 343 11.35 -9.53 30.73
C ASN F 343 12.85 -9.34 30.62
N MSE F 344 13.46 -9.78 29.51
CA MSE F 344 14.90 -9.65 29.30
C MSE F 344 15.15 -9.45 27.81
O MSE F 344 14.57 -10.15 26.98
CB MSE F 344 15.63 -10.88 29.83
CG MSE F 344 17.13 -10.93 29.56
SE MSE F 344 17.64 -11.58 27.80
CE MSE F 344 19.57 -11.49 28.00
N GLU F 345 15.99 -8.49 27.45
CA GLU F 345 16.24 -8.19 26.04
C GLU F 345 17.72 -7.90 25.82
N LEU F 346 18.31 -8.60 24.85
CA LEU F 346 19.71 -8.42 24.50
C LEU F 346 19.78 -8.10 23.00
N HIS F 347 19.93 -6.82 22.69
CA HIS F 347 19.96 -6.35 21.32
C HIS F 347 21.38 -6.43 20.75
N LEU F 348 21.46 -6.73 19.46
CA LEU F 348 22.74 -6.76 18.75
C LEU F 348 22.62 -5.88 17.51
N SER F 349 23.68 -5.14 17.22
CA SER F 349 23.69 -4.18 16.13
C SER F 349 24.40 -4.76 14.90
N ARG F 350 23.82 -4.51 13.72
CA ARG F 350 24.47 -4.91 12.48
C ARG F 350 25.66 -4.02 12.16
N LYS F 351 25.60 -2.73 12.53
CA LYS F 351 26.73 -1.84 12.31
C LYS F 351 27.99 -2.33 13.01
N ILE F 352 27.84 -2.80 14.26
CA ILE F 352 28.97 -3.35 14.99
C ILE F 352 29.44 -4.66 14.36
N ALA F 353 28.52 -5.44 13.80
CA ALA F 353 28.89 -6.70 13.17
C ALA F 353 29.63 -6.46 11.86
N GLU F 354 29.21 -5.44 11.10
CA GLU F 354 29.90 -5.11 9.85
C GLU F 354 31.33 -4.65 10.10
N LYS F 355 31.57 -3.96 11.22
CA LYS F 355 32.91 -3.60 11.63
C LYS F 355 33.66 -4.77 12.27
N ARG F 356 33.03 -5.94 12.35
CA ARG F 356 33.65 -7.17 12.87
C ARG F 356 34.13 -6.99 14.31
N VAL F 357 33.32 -6.31 15.12
CA VAL F 357 33.61 -6.08 16.53
C VAL F 357 32.64 -6.94 17.32
N PHE F 358 33.14 -8.06 17.84
CA PHE F 358 32.30 -8.97 18.62
C PHE F 358 32.68 -8.96 20.10
N PRO F 359 31.67 -9.13 20.97
CA PRO F 359 30.26 -9.30 20.62
C PRO F 359 29.59 -8.00 20.18
N ALA F 360 28.88 -8.06 19.06
CA ALA F 360 28.23 -6.88 18.49
C ALA F 360 26.93 -6.63 19.23
N ILE F 361 27.04 -6.08 20.43
CA ILE F 361 25.90 -5.88 21.32
C ILE F 361 25.52 -4.41 21.33
N ASP F 362 24.22 -4.13 21.43
CA ASP F 362 23.71 -2.77 21.61
C ASP F 362 23.48 -2.58 23.11
N TYR F 363 24.49 -2.01 23.78
CA TYR F 363 24.45 -1.90 25.24
C TYR F 363 23.30 -1.02 25.71
N ASN F 364 22.92 -0.02 24.91
CA ASN F 364 21.91 0.95 25.36
C ASN F 364 20.52 0.33 25.39
N ARG F 365 20.14 -0.37 24.32
CA ARG F 365 18.81 -0.96 24.25
C ARG F 365 18.69 -2.23 25.09
N SER F 366 19.81 -2.85 25.46
CA SER F 366 19.77 -4.06 26.26
C SER F 366 19.48 -3.74 27.72
N GLY F 367 18.77 -4.66 28.38
CA GLY F 367 18.40 -4.49 29.77
C GLY F 367 17.38 -5.50 30.23
N THR F 368 17.20 -5.64 31.55
CA THR F 368 16.29 -6.63 32.11
C THR F 368 15.37 -5.97 33.13
N ARG F 369 14.23 -6.61 33.36
CA ARG F 369 13.26 -6.13 34.33
C ARG F 369 13.64 -6.60 35.72
N LYS F 370 13.42 -5.73 36.71
CA LYS F 370 13.66 -6.02 38.11
C LYS F 370 15.03 -6.66 38.29
N GLU F 371 16.04 -6.07 37.66
CA GLU F 371 17.39 -6.61 37.73
C GLU F 371 18.02 -6.44 39.11
N GLU F 372 17.43 -5.62 39.98
CA GLU F 372 17.89 -5.51 41.35
C GLU F 372 17.68 -6.79 42.16
N LEU F 373 16.88 -7.73 41.64
CA LEU F 373 16.69 -9.02 42.28
C LEU F 373 17.74 -10.03 41.87
N LEU F 374 18.47 -9.75 40.79
CA LEU F 374 19.49 -10.64 40.26
C LEU F 374 20.90 -10.13 40.50
N THR F 375 21.04 -8.98 41.18
CA THR F 375 22.34 -8.37 41.42
C THR F 375 22.38 -7.82 42.83
N THR F 376 23.60 -7.70 43.35
CA THR F 376 23.79 -7.07 44.66
C THR F 376 23.63 -5.55 44.54
N GLN F 377 23.43 -4.90 45.69
CA GLN F 377 23.20 -3.46 45.71
C GLN F 377 24.35 -2.72 45.05
N GLU F 378 25.58 -2.98 45.49
CA GLU F 378 26.73 -2.30 44.89
C GLU F 378 26.87 -2.63 43.42
N GLU F 379 26.66 -3.90 43.05
CA GLU F 379 26.75 -4.29 41.64
C GLU F 379 25.77 -3.49 40.79
N LEU F 380 24.51 -3.42 41.22
CA LEU F 380 23.50 -2.65 40.48
C LEU F 380 23.91 -1.19 40.37
N GLN F 381 24.50 -0.63 41.43
CA GLN F 381 24.91 0.77 41.39
C GLN F 381 26.06 0.99 40.42
N LYS F 382 27.04 0.09 40.41
CA LYS F 382 28.16 0.22 39.47
C LYS F 382 27.72 -0.06 38.04
N MSE F 383 26.64 -0.80 37.84
CA MSE F 383 26.08 -0.99 36.51
C MSE F 383 25.32 0.26 36.07
O MSE F 383 25.32 0.63 34.90
CB MSE F 383 25.15 -2.22 36.47
CG MSE F 383 25.87 -3.53 36.74
SE MSE F 383 24.76 -5.11 36.44
CE MSE F 383 23.20 -4.60 37.48
N TRP F 384 24.69 0.93 37.05
CA TRP F 384 24.05 2.21 36.76
C TRP F 384 25.06 3.24 36.28
N ILE F 385 26.22 3.30 36.94
CA ILE F 385 27.27 4.24 36.53
C ILE F 385 27.78 3.89 35.15
N LEU F 386 28.03 2.60 34.90
CA LEU F 386 28.58 2.18 33.61
C LEU F 386 27.61 2.51 32.47
N ARG F 387 26.31 2.32 32.69
CA ARG F 387 25.33 2.61 31.65
C ARG F 387 25.20 4.11 31.40
N LYS F 388 25.43 4.94 32.43
CA LYS F 388 25.39 6.39 32.23
C LYS F 388 26.56 6.87 31.39
N ILE F 389 27.74 6.28 31.60
CA ILE F 389 28.93 6.66 30.83
C ILE F 389 28.80 6.20 29.39
N ILE F 390 28.15 5.05 29.16
CA ILE F 390 28.04 4.48 27.83
C ILE F 390 26.88 5.10 27.05
N HIS F 391 25.82 5.53 27.74
CA HIS F 391 24.65 6.10 27.08
C HIS F 391 24.98 7.14 26.02
N PRO F 392 25.79 8.18 26.28
CA PRO F 392 26.02 9.18 25.22
C PRO F 392 26.73 8.62 24.01
N MSE F 393 27.64 7.66 24.19
CA MSE F 393 28.41 7.11 23.09
C MSE F 393 27.54 6.44 22.04
O MSE F 393 26.41 6.03 22.34
CB MSE F 393 29.44 6.11 23.62
CG MSE F 393 30.28 6.62 24.78
SE MSE F 393 31.48 5.25 25.49
CE MSE F 393 32.24 6.24 26.99
N GLY F 394 28.03 6.33 20.81
CA GLY F 394 27.36 5.55 19.80
C GLY F 394 27.44 4.07 20.12
N GLU F 395 26.71 3.27 19.34
CA GLU F 395 26.65 1.84 19.63
C GLU F 395 27.96 1.14 19.26
N ILE F 396 28.66 1.63 18.24
CA ILE F 396 29.96 1.07 17.89
C ILE F 396 31.03 1.56 18.87
N ASP F 397 31.02 2.85 19.19
CA ASP F 397 31.97 3.38 20.16
C ASP F 397 31.75 2.80 21.55
N ALA F 398 30.49 2.49 21.89
CA ALA F 398 30.19 1.97 23.22
C ALA F 398 30.77 0.58 23.43
N MSE F 399 30.68 -0.26 22.41
CA MSE F 399 31.12 -1.64 22.54
C MSE F 399 32.63 -1.75 22.52
O MSE F 399 33.23 -2.46 23.34
CB MSE F 399 30.49 -2.52 21.46
CG MSE F 399 30.55 -4.00 21.73
SE MSE F 399 30.02 -4.49 23.55
CE MSE F 399 28.33 -3.52 23.68
N GLU F 400 33.27 -1.04 21.59
CA GLU F 400 34.73 -1.01 21.56
C GLU F 400 35.29 -0.44 22.85
N PHE F 401 34.60 0.55 23.44
CA PHE F 401 35.01 1.09 24.72
C PHE F 401 34.86 0.06 25.83
N LEU F 402 33.76 -0.70 25.80
CA LEU F 402 33.53 -1.69 26.86
C LEU F 402 34.48 -2.87 26.72
N ILE F 403 34.68 -3.37 25.50
CA ILE F 403 35.63 -4.46 25.28
C ILE F 403 37.02 -4.07 25.73
N ASN F 404 37.41 -2.82 25.49
CA ASN F 404 38.73 -2.34 25.88
C ASN F 404 38.91 -2.38 27.39
N LYS F 405 37.94 -1.85 28.14
CA LYS F 405 38.03 -1.84 29.60
C LYS F 405 38.02 -3.25 30.16
N LEU F 406 37.26 -4.17 29.54
CA LEU F 406 37.20 -5.54 30.03
C LEU F 406 38.41 -6.36 29.60
N ALA F 407 39.07 -5.99 28.50
CA ALA F 407 40.24 -6.72 28.06
C ALA F 407 41.36 -6.64 29.09
N MSE F 408 41.46 -5.53 29.81
CA MSE F 408 42.47 -5.36 30.84
C MSE F 408 42.33 -6.39 31.95
O MSE F 408 43.30 -6.95 32.45
CB MSE F 408 42.38 -3.95 31.43
CG MSE F 408 42.48 -2.83 30.41
SE MSE F 408 41.83 -1.14 31.14
CE MSE F 408 42.93 -1.06 32.76
N THR F 409 41.08 -6.63 32.33
CA THR F 409 40.76 -7.49 33.46
C THR F 409 40.45 -8.91 33.00
N LYS F 410 40.62 -9.87 33.93
CA LYS F 410 40.27 -11.26 33.70
C LYS F 410 38.84 -11.60 34.12
N THR F 411 38.34 -10.96 35.18
CA THR F 411 37.00 -11.22 35.69
C THR F 411 36.27 -9.90 35.91
N ASN F 412 34.94 -9.93 35.78
CA ASN F 412 34.15 -8.72 35.96
C ASN F 412 34.36 -8.12 37.34
N ASP F 413 34.52 -8.96 38.36
CA ASP F 413 34.67 -8.47 39.73
C ASP F 413 35.85 -7.51 39.84
N ASP F 414 37.04 -7.94 39.41
CA ASP F 414 38.20 -7.06 39.47
C ASP F 414 37.98 -5.81 38.62
N PHE F 415 37.16 -5.92 37.57
CA PHE F 415 36.80 -4.74 36.79
C PHE F 415 35.94 -3.78 37.60
N PHE F 416 35.05 -4.33 38.44
CA PHE F 416 34.20 -3.49 39.28
C PHE F 416 35.02 -2.72 40.29
N GLU F 417 35.98 -3.39 40.95
CA GLU F 417 36.77 -2.76 42.00
C GLU F 417 37.53 -1.53 41.48
N MSE F 418 37.93 -1.55 40.21
CA MSE F 418 38.63 -0.42 39.61
C MSE F 418 37.79 0.85 39.67
O MSE F 418 38.31 1.94 39.88
CB MSE F 418 39.02 -0.74 38.18
CG MSE F 418 40.09 -1.81 38.03
SE MSE F 418 40.63 -2.11 36.18
CE MSE F 418 42.09 -3.36 36.47
N MSE F 419 36.48 0.70 39.47
CA MSE F 419 35.56 1.83 39.52
C MSE F 419 35.32 2.30 40.95
O MSE F 419 34.85 3.41 41.19
CB MSE F 419 34.24 1.48 38.85
CG MSE F 419 34.37 1.10 37.38
SE MSE F 419 32.66 0.64 36.58
CE MSE F 419 32.21 -0.90 37.68
PB ADP H . 23.19 -7.33 -13.62
O1B ADP H . 23.57 -8.77 -13.90
O2B ADP H . 22.07 -6.81 -14.48
O3B ADP H . 23.05 -7.00 -12.15
PA ADP H . 25.29 -6.91 -15.41
O1A ADP H . 24.31 -7.41 -16.44
O2A ADP H . 26.45 -7.79 -14.99
O3A ADP H . 24.48 -6.49 -14.09
O5' ADP H . 25.88 -5.51 -15.93
C5' ADP H . 26.45 -5.42 -17.23
C4' ADP H . 27.18 -4.09 -17.37
O4' ADP H . 27.85 -3.75 -16.16
C3' ADP H . 28.24 -4.17 -18.47
O3' ADP H . 27.90 -3.32 -19.57
C2' ADP H . 29.52 -3.66 -17.84
O2' ADP H . 29.97 -2.50 -18.54
C1' ADP H . 29.19 -3.33 -16.40
N9 ADP H . 30.10 -4.11 -15.54
C8 ADP H . 29.73 -5.02 -14.63
N7 ADP H . 30.81 -5.56 -14.00
C5 ADP H . 31.91 -4.97 -14.51
C6 ADP H . 33.36 -5.07 -14.30
N6 ADP H . 33.88 -5.93 -13.38
N1 ADP H . 34.17 -4.29 -15.06
C2 ADP H . 33.67 -3.44 -15.97
N3 ADP H . 32.36 -3.29 -16.22
C4 ADP H . 31.44 -4.01 -15.53
MG MG I . 22.33 -10.16 -15.13
BE BEF J . 20.51 -7.61 -14.37
F1 BEF J . 19.76 -6.68 -15.37
F2 BEF J . 19.67 -7.84 -13.07
F3 BEF J . 20.81 -8.94 -15.10
PB ADP K . 7.46 13.19 -23.04
O1B ADP K . 7.50 12.42 -24.34
O2B ADP K . 6.06 13.54 -22.59
O3B ADP K . 8.35 12.64 -21.96
PA ADP K . 7.84 15.31 -24.82
O1A ADP K . 8.96 14.94 -25.76
O2A ADP K . 6.40 15.05 -25.21
O3A ADP K . 8.13 14.61 -23.40
O5' ADP K . 7.98 16.88 -24.47
C5' ADP K . 7.54 17.86 -25.40
C4' ADP K . 8.02 19.23 -24.98
O4' ADP K . 9.34 19.15 -24.44
C3' ADP K . 8.08 20.17 -26.17
O3' ADP K . 7.11 21.22 -26.03
C2' ADP K . 9.46 20.78 -26.16
O2' ADP K . 9.37 22.20 -25.99
C1' ADP K . 10.19 20.16 -24.98
N9 ADP K . 11.43 19.53 -25.49
C8 ADP K . 11.72 18.22 -25.40
N7 ADP K . 12.93 17.97 -25.98
C5 ADP K . 13.42 19.13 -26.44
C6 ADP K . 14.64 19.57 -27.15
N6 ADP K . 15.61 18.69 -27.48
N1 ADP K . 14.76 20.88 -27.45
C2 ADP K . 13.81 21.78 -27.12
N3 ADP K . 12.67 21.45 -26.48
C4 ADP K . 12.42 20.16 -26.12
MG MG L . 5.74 11.49 -25.30
BE BEF M . 4.96 12.23 -22.26
F1 BEF M . 3.76 13.10 -21.80
F2 BEF M . 5.19 11.03 -21.28
F3 BEF M . 4.65 11.73 -23.69
PB ADP N . -9.79 26.34 -6.14
O1B ADP N . -8.42 25.79 -6.46
O2B ADP N . -10.71 26.44 -7.34
O3B ADP N . -10.45 25.75 -4.92
PA ADP N . -10.68 28.97 -5.83
O1A ADP N . -10.58 29.66 -7.17
O2A ADP N . -11.98 28.31 -5.41
O3A ADP N . -9.51 27.87 -5.74
O5' ADP N . -10.27 30.02 -4.68
C5' ADP N . -11.19 31.01 -4.26
C4' ADP N . -10.50 32.04 -3.40
O4' ADP N . -9.18 32.30 -3.89
C3' ADP N . -11.26 33.36 -3.40
O3' ADP N . -11.79 33.63 -2.10
C2' ADP N . -10.24 34.42 -3.74
O2' ADP N . -10.12 35.35 -2.66
C1' ADP N . -8.92 33.70 -3.96
N9 ADP N . -8.44 34.05 -5.32
C8 ADP N . -8.22 33.17 -6.31
N7 ADP N . -7.79 33.80 -7.43
C5 ADP N . -7.72 35.11 -7.15
C6 ADP N . -7.34 36.34 -7.88
N6 ADP N . -6.92 36.29 -9.17
N1 ADP N . -7.41 37.52 -7.22
C2 ADP N . -7.81 37.59 -5.94
N3 ADP N . -8.17 36.52 -5.22
C4 ADP N . -8.15 35.28 -5.75
MG MG O . -12.68 25.42 -7.48
BE BEF P . -11.04 24.10 -5.03
F1 BEF P . -11.52 24.00 -3.55
F2 BEF P . -10.24 22.84 -5.46
F3 BEF P . -12.30 24.31 -5.90
PB ADP Q . -10.71 19.96 20.79
O1B ADP Q . -9.90 20.36 19.57
O2B ADP Q . -12.19 20.22 20.68
O3B ADP Q . -10.36 18.61 21.34
PA ADP Q . -11.13 21.28 23.21
O1A ADP Q . -11.95 22.53 22.93
O2A ADP Q . -11.81 20.00 23.62
O3A ADP Q . -10.22 20.99 21.92
O5' ADP Q . -10.05 21.64 24.35
C5' ADP Q . -10.44 21.70 25.71
C4' ADP Q . -9.33 22.33 26.54
O4' ADP Q . -8.70 23.38 25.82
C3' ADP Q . -9.88 22.93 27.82
O3' ADP Q . -9.41 22.20 28.96
C2' ADP Q . -9.36 24.34 27.89
O2' ADP Q . -8.55 24.50 29.05
C1' ADP Q . -8.54 24.54 26.63
N9 ADP Q . -9.10 25.71 25.91
C8 ADP Q . -9.61 25.69 24.68
N7 ADP Q . -10.04 26.93 24.31
C5 ADP Q . -9.79 27.77 25.33
C6 ADP Q . -10.00 29.21 25.61
N6 ADP Q . -10.56 30.02 24.68
N1 ADP Q . -9.59 29.68 26.81
C2 ADP Q . -9.03 28.88 27.73
N3 ADP Q . -8.81 27.56 27.55
C4 ADP Q . -9.17 26.96 26.39
MG MG R . -13.74 18.64 20.85
BE BEF S . -10.88 17.20 20.45
F1 BEF S . -10.25 16.14 21.38
F2 BEF S . -10.58 16.88 18.94
F3 BEF S . -12.40 17.22 20.73
PB ADP T . 6.46 0.55 31.86
O1B ADP T . 7.11 -0.61 31.13
O2B ADP T . 5.26 0.16 32.68
O3B ADP T . 6.28 1.79 31.02
PA ADP T . 7.69 0.18 34.34
O1A ADP T . 7.45 -1.29 34.07
O2A ADP T . 6.87 0.91 35.39
O3A ADP T . 7.56 0.98 32.96
O5' ADP T . 9.25 0.36 34.71
C5' ADP T . 9.83 -0.43 35.74
C4' ADP T . 11.20 0.11 36.09
O4' ADP T . 11.21 1.53 36.05
C3' ADP T . 11.60 -0.31 37.50
O3' ADP T . 12.72 -1.20 37.46
C2' ADP T . 12.02 0.96 38.21
O2' ADP T . 13.40 0.88 38.59
C1' ADP T . 11.84 2.09 37.20
N9 ADP T . 10.93 3.08 37.82
C8 ADP T . 9.74 3.46 37.34
N7 ADP T . 9.15 4.39 38.13
C5 ADP T . 10.00 4.63 39.15
C6 ADP T . 10.00 5.50 40.35
N6 ADP T . 8.96 6.33 40.62
N1 ADP T . 11.08 5.45 41.17
C2 ADP T . 12.12 4.63 40.91
N3 ADP T . 12.18 3.81 39.84
C4 ADP T . 11.17 3.77 38.94
MG MG U . 4.21 -1.79 32.52
BE BEF V . 6.13 -1.46 29.95
F1 BEF V . 7.24 -2.45 29.49
F2 BEF V . 5.39 -0.83 28.72
F3 BEF V . 5.17 -2.23 30.87
PB ADP W . 22.52 -14.47 13.32
O1B ADP W . 22.20 -14.67 11.85
O2B ADP W . 22.28 -15.70 14.17
O3B ADP W . 21.98 -13.19 13.90
PA ADP W . 25.10 -15.54 13.31
O1A ADP W . 24.49 -16.58 12.39
O2A ADP W . 25.46 -15.90 14.73
O3A ADP W . 24.11 -14.27 13.34
O5' ADP W . 26.41 -14.94 12.59
C5' ADP W . 27.42 -15.83 12.12
C4' ADP W . 28.67 -15.04 11.74
O4' ADP W . 28.87 -13.96 12.66
C3' ADP W . 29.90 -15.93 11.79
O3' ADP W . 30.45 -16.09 10.48
C2' ADP W . 30.91 -15.18 12.64
O2' ADP W . 32.08 -14.87 11.86
C1' ADP W . 30.23 -13.91 13.09
N9 ADP W . 30.26 -13.87 14.57
C8 ADP W . 29.19 -13.84 15.38
N7 ADP W . 29.56 -13.82 16.68
C5 ADP W . 30.90 -13.83 16.73
C6 ADP W . 31.95 -13.82 17.77
N6 ADP W . 31.61 -13.78 19.09
N1 ADP W . 33.24 -13.84 17.39
C2 ADP W . 33.59 -13.86 16.09
N3 ADP W . 32.70 -13.88 15.08
C4 ADP W . 31.36 -13.86 15.33
MG MG X . 21.15 -17.48 13.49
BE BEF Y . 20.56 -15.08 11.43
F1 BEF Y . 20.77 -15.11 9.89
F2 BEF Y . 19.26 -14.27 11.81
F3 BEF Y . 20.48 -16.54 11.91
#